data_7D4P
#
_entry.id   7D4P
#
loop_
_entity.id
_entity.type
_entity.pdbx_description
1 polymer 'Short transient receptor potential channel 5'
2 non-polymer 1-[(4-chlorophenyl)methyl]-2-(pyrrolidin-1-ylmethyl)benzimidazole
3 non-polymer PHOSPHATIDYLETHANOLAMINE
4 non-polymer '(2S)-3-(hexadecanoyloxy)-2-[(9Z)-octadec-9-enoyloxy]propyl 2-(trimethylammonio)ethyl phosphate'
5 non-polymer 'CHOLESTEROL HEMISUCCINATE'
6 non-polymer 'ZINC ION'
7 non-polymer 'CALCIUM ION'
8 non-polymer '(2S)-2-(hexadecanoyloxy)-3-hydroxypropyl (9Z)-octadec-9-enoate'
#
_entity_poly.entity_id   1
_entity_poly.type   'polypeptide(L)'
_entity_poly.pdbx_seq_one_letter_code
;MAQLYYKKVNYSPYRDRIPLQIVRAETELSAEEKAFLNAVEKGDYATVKQALQEAEIYYNVNINCMDPLGRSALLIAIEN
ENLEIMELLLNHSVYVGDALLYAIRKEVVGAVELLLSYRRPSGEKQVPTLMMDTQFSEFTPDITPIMLAAHTNNYEIIKL
LVQKRVTIPRPHQIRCNCVECVSSSEVDSLRHSRSRLNIYKALASPSLIALSSEDPILTAFRLGWELKELSKVENEFKAE
YEELSQQCKLFAKDLLDQARSSRELEIILNHRDDHSEELDPQKYHDLAKLKVAIKYHQKEFVAQPNCQQLLATLWYDGFP
GWRRKHWVVKLLTCMTIGFLFPMLSIAYLISPRSNLGLFIKKPFIKFICHTASYLTFLFMLLLASQHIVRTDLHVQGPPP
TVVEWMILPWVLGFIWGEIKEMWDGGFTEYIHDWWNLMDFAMNSLYLATISLKIVAYVKYNGSRPREEWEMWHPTLIAEA
LFAISNILSSLRLISLFTANSHLGPLQISLGRMLLDILKFLFIYCLVLLAFANGLNQLYFYYETRAIDEPNNCKGIRCEK
QNNAFSTLFETLQSLFWSVFGLLNLYVTNVKARHEFTEFVGATMFGTYNVISLVVLLNMLIAMMNNSYQLIADHADIEWK
FARTKLWMSYFDEGGTLPPPFNIIPSPKSFLYLGNWFNNTFCPKRDPDGRRRRRNLRSFTERNADSLIQNQHYQEVIRNL
VKRYVAAMIRNSKTHEGLTEENFKELKQDISSFRYEVLDLLGNR
;
_entity_poly.pdbx_strand_id   A,B,C,D
#
# COMPACT_ATOMS: atom_id res chain seq x y z
N ARG A 17 -39.14 -22.57 16.69
CA ARG A 17 -37.95 -22.80 17.49
C ARG A 17 -37.05 -23.88 16.88
N ILE A 18 -35.75 -23.75 17.09
CA ILE A 18 -34.77 -24.74 16.62
C ILE A 18 -34.36 -25.58 17.81
N PRO A 19 -34.74 -26.86 17.88
CA PRO A 19 -34.27 -27.71 18.98
C PRO A 19 -32.78 -27.99 18.84
N LEU A 20 -32.05 -27.82 19.93
CA LEU A 20 -30.61 -28.05 19.97
C LEU A 20 -30.31 -29.23 20.87
N GLN A 21 -29.66 -30.24 20.31
CA GLN A 21 -29.31 -31.45 21.05
C GLN A 21 -27.91 -31.88 20.61
N ILE A 22 -27.51 -33.08 21.00
CA ILE A 22 -26.18 -33.60 20.65
C ILE A 22 -26.40 -34.65 19.55
N VAL A 23 -26.14 -34.24 18.30
CA VAL A 23 -26.29 -35.16 17.18
C VAL A 23 -25.26 -36.28 17.25
N ARG A 24 -24.01 -35.95 17.56
CA ARG A 24 -22.93 -36.93 17.68
C ARG A 24 -22.65 -37.12 19.16
N ALA A 25 -23.42 -38.01 19.79
CA ALA A 25 -23.29 -38.23 21.22
C ALA A 25 -22.01 -38.99 21.56
N GLU A 26 -21.52 -38.78 22.78
CA GLU A 26 -20.37 -39.52 23.28
C GLU A 26 -20.69 -40.13 24.64
N THR A 27 -19.69 -40.69 25.31
CA THR A 27 -19.88 -41.29 26.63
C THR A 27 -19.55 -40.25 27.69
N GLU A 28 -20.55 -39.86 28.47
CA GLU A 28 -20.34 -38.87 29.52
C GLU A 28 -19.58 -39.48 30.69
N LEU A 29 -18.89 -38.62 31.43
CA LEU A 29 -18.17 -39.04 32.62
C LEU A 29 -19.11 -39.13 33.82
N SER A 30 -18.72 -39.95 34.79
CA SER A 30 -19.46 -40.03 36.04
C SER A 30 -19.08 -38.85 36.94
N ALA A 31 -19.75 -38.74 38.08
CA ALA A 31 -19.45 -37.64 39.01
C ALA A 31 -18.03 -37.78 39.55
N GLU A 32 -17.63 -39.00 39.93
CA GLU A 32 -16.30 -39.19 40.49
C GLU A 32 -15.21 -38.97 39.45
N GLU A 33 -15.43 -39.40 38.21
CA GLU A 33 -14.45 -39.15 37.15
C GLU A 33 -14.30 -37.66 36.88
N LYS A 34 -15.41 -36.93 36.85
CA LYS A 34 -15.34 -35.48 36.66
C LYS A 34 -14.61 -34.81 37.82
N ALA A 35 -14.88 -35.25 39.05
CA ALA A 35 -14.18 -34.70 40.21
C ALA A 35 -12.68 -34.98 40.13
N PHE A 36 -12.31 -36.20 39.72
CA PHE A 36 -10.90 -36.55 39.58
C PHE A 36 -10.22 -35.71 38.52
N LEU A 37 -10.88 -35.51 37.38
CA LEU A 37 -10.30 -34.68 36.32
C LEU A 37 -10.19 -33.23 36.75
N ASN A 38 -11.17 -32.74 37.50
CA ASN A 38 -11.08 -31.38 38.03
C ASN A 38 -9.92 -31.24 39.01
N ALA A 39 -9.72 -32.26 39.85
CA ALA A 39 -8.58 -32.25 40.78
C ALA A 39 -7.26 -32.25 40.01
N VAL A 40 -7.18 -33.04 38.94
CA VAL A 40 -5.97 -33.05 38.12
C VAL A 40 -5.74 -31.68 37.47
N GLU A 41 -6.81 -31.06 36.96
CA GLU A 41 -6.68 -29.74 36.34
C GLU A 41 -6.21 -28.70 37.36
N LYS A 42 -6.77 -28.73 38.56
CA LYS A 42 -6.38 -27.77 39.59
C LYS A 42 -5.00 -28.05 40.17
N GLY A 43 -4.44 -29.22 39.93
CA GLY A 43 -3.12 -29.54 40.41
C GLY A 43 -3.03 -30.00 41.85
N ASP A 44 -4.16 -30.32 42.48
CA ASP A 44 -4.16 -30.79 43.86
C ASP A 44 -3.55 -32.18 43.91
N TYR A 45 -2.29 -32.27 44.33
CA TYR A 45 -1.58 -33.55 44.31
C TYR A 45 -2.21 -34.55 45.29
N ALA A 46 -2.61 -34.09 46.47
CA ALA A 46 -3.09 -35.00 47.50
C ALA A 46 -4.37 -35.71 47.08
N THR A 47 -5.33 -34.95 46.53
CA THR A 47 -6.60 -35.55 46.14
C THR A 47 -6.43 -36.49 44.96
N VAL A 48 -5.55 -36.15 44.01
CA VAL A 48 -5.29 -37.04 42.88
C VAL A 48 -4.65 -38.34 43.35
N LYS A 49 -3.68 -38.24 44.27
CA LYS A 49 -3.04 -39.43 44.82
C LYS A 49 -4.06 -40.31 45.56
N GLN A 50 -4.92 -39.67 46.36
CA GLN A 50 -5.96 -40.42 47.06
C GLN A 50 -6.91 -41.10 46.08
N ALA A 51 -7.27 -40.39 45.00
CA ALA A 51 -8.18 -40.96 44.01
C ALA A 51 -7.55 -42.16 43.33
N LEU A 52 -6.26 -42.09 42.99
CA LEU A 52 -5.59 -43.23 42.38
C LEU A 52 -5.51 -44.42 43.33
N GLN A 53 -5.13 -44.15 44.59
CA GLN A 53 -5.03 -45.24 45.56
C GLN A 53 -6.39 -45.89 45.81
N GLU A 54 -7.46 -45.08 45.79
CA GLU A 54 -8.81 -45.62 45.98
C GLU A 54 -9.31 -46.35 44.74
N ALA A 55 -8.91 -45.91 43.55
CA ALA A 55 -9.28 -46.62 42.33
C ALA A 55 -8.60 -47.97 42.25
N GLU A 56 -7.40 -48.09 42.83
CA GLU A 56 -6.76 -49.40 42.88
C GLU A 56 -7.57 -50.42 43.68
N ILE A 57 -8.29 -49.97 44.70
CA ILE A 57 -9.00 -50.86 45.62
C ILE A 57 -10.45 -51.06 45.22
N TYR A 58 -11.17 -49.96 44.95
CA TYR A 58 -12.60 -50.02 44.70
C TYR A 58 -12.96 -50.08 43.22
N TYR A 59 -12.06 -49.70 42.33
CA TYR A 59 -12.29 -49.71 40.89
C TYR A 59 -13.52 -48.89 40.51
N ASN A 60 -13.68 -47.74 41.17
CA ASN A 60 -14.83 -46.87 40.92
C ASN A 60 -14.54 -45.75 39.93
N VAL A 61 -13.27 -45.40 39.71
CA VAL A 61 -12.90 -44.31 38.82
C VAL A 61 -11.99 -44.88 37.74
N ASN A 62 -12.32 -44.58 36.48
CA ASN A 62 -11.48 -44.96 35.35
C ASN A 62 -10.38 -43.93 35.18
N ILE A 63 -9.13 -44.34 35.40
CA ILE A 63 -8.01 -43.39 35.34
C ILE A 63 -7.72 -42.94 33.92
N ASN A 64 -8.23 -43.66 32.91
CA ASN A 64 -7.97 -43.34 31.52
C ASN A 64 -9.14 -42.60 30.86
N CYS A 65 -10.11 -42.14 31.64
CA CYS A 65 -11.27 -41.46 31.08
C CYS A 65 -10.88 -40.14 30.44
N MET A 66 -11.53 -39.80 29.33
CA MET A 66 -11.28 -38.55 28.63
C MET A 66 -12.07 -37.42 29.30
N ASP A 67 -12.06 -36.24 28.68
CA ASP A 67 -12.86 -35.12 29.12
C ASP A 67 -13.74 -34.68 27.96
N PRO A 68 -14.63 -33.69 28.11
CA PRO A 68 -15.40 -33.22 26.95
C PRO A 68 -14.54 -32.72 25.81
N LEU A 69 -13.27 -32.39 26.05
CA LEU A 69 -12.34 -31.98 25.00
C LEU A 69 -11.47 -33.13 24.50
N GLY A 70 -11.64 -34.34 25.02
CA GLY A 70 -10.88 -35.49 24.58
C GLY A 70 -9.60 -35.76 25.34
N ARG A 71 -9.18 -34.84 26.21
CA ARG A 71 -7.94 -35.02 26.96
C ARG A 71 -8.15 -35.96 28.14
N SER A 72 -7.15 -36.79 28.41
CA SER A 72 -7.17 -37.68 29.55
C SER A 72 -6.45 -37.01 30.72
N ALA A 73 -6.28 -37.73 31.84
CA ALA A 73 -5.58 -37.15 32.97
C ALA A 73 -4.12 -36.87 32.64
N LEU A 74 -3.47 -37.79 31.92
CA LEU A 74 -2.07 -37.58 31.55
C LEU A 74 -1.91 -36.39 30.63
N LEU A 75 -2.82 -36.23 29.67
CA LEU A 75 -2.74 -35.09 28.76
C LEU A 75 -2.99 -33.78 29.49
N ILE A 76 -3.91 -33.79 30.48
CA ILE A 76 -4.13 -32.60 31.29
C ILE A 76 -2.87 -32.25 32.08
N ALA A 77 -2.23 -33.26 32.67
CA ALA A 77 -1.02 -33.01 33.44
C ALA A 77 0.10 -32.47 32.54
N ILE A 78 0.23 -33.03 31.33
CA ILE A 78 1.25 -32.55 30.39
C ILE A 78 0.98 -31.12 29.98
N GLU A 79 -0.29 -30.80 29.70
CA GLU A 79 -0.64 -29.47 29.21
C GLU A 79 -0.43 -28.40 30.28
N ASN A 80 -0.48 -28.76 31.55
CA ASN A 80 -0.25 -27.82 32.65
C ASN A 80 1.20 -27.79 33.11
N GLU A 81 2.09 -28.55 32.47
CA GLU A 81 3.49 -28.65 32.88
C GLU A 81 3.62 -29.07 34.34
N ASN A 82 2.74 -29.96 34.78
CA ASN A 82 2.76 -30.47 36.15
C ASN A 82 3.55 -31.76 36.15
N LEU A 83 4.86 -31.65 36.42
CA LEU A 83 5.73 -32.82 36.39
C LEU A 83 5.43 -33.77 37.55
N GLU A 84 5.06 -33.24 38.72
CA GLU A 84 4.77 -34.10 39.86
C GLU A 84 3.56 -34.98 39.59
N ILE A 85 2.46 -34.38 39.12
CA ILE A 85 1.26 -35.16 38.81
C ILE A 85 1.52 -36.08 37.62
N MET A 86 2.31 -35.63 36.65
CA MET A 86 2.70 -36.49 35.53
C MET A 86 3.38 -37.75 36.04
N GLU A 87 4.37 -37.59 36.92
CA GLU A 87 5.10 -38.74 37.45
C GLU A 87 4.20 -39.62 38.31
N LEU A 88 3.29 -39.00 39.07
CA LEU A 88 2.35 -39.77 39.87
C LEU A 88 1.45 -40.63 38.99
N LEU A 89 0.95 -40.06 37.89
CA LEU A 89 0.13 -40.83 36.97
C LEU A 89 0.93 -41.94 36.29
N LEU A 90 2.18 -41.64 35.90
CA LEU A 90 3.02 -42.65 35.25
C LEU A 90 3.32 -43.80 36.20
N ASN A 91 3.54 -43.50 37.49
CA ASN A 91 3.81 -44.56 38.46
C ASN A 91 2.60 -45.46 38.68
N HIS A 92 1.39 -45.00 38.36
CA HIS A 92 0.18 -45.81 38.48
C HIS A 92 -0.18 -46.49 37.17
N SER A 93 0.68 -46.42 36.16
CA SER A 93 0.50 -47.14 34.89
C SER A 93 -0.80 -46.73 34.20
N VAL A 94 -0.87 -45.45 33.82
CA VAL A 94 -1.97 -44.96 33.02
C VAL A 94 -1.62 -45.14 31.54
N TYR A 95 -2.64 -45.07 30.68
CA TYR A 95 -2.42 -45.18 29.25
C TYR A 95 -1.54 -44.03 28.77
N VAL A 96 -0.50 -44.36 28.00
CA VAL A 96 0.52 -43.40 27.62
C VAL A 96 0.62 -43.22 26.11
N GLY A 97 -0.24 -43.87 25.34
CA GLY A 97 -0.18 -43.79 23.89
C GLY A 97 -0.27 -42.38 23.34
N ASP A 98 0.70 -42.01 22.50
CA ASP A 98 0.80 -40.70 21.86
C ASP A 98 1.00 -39.56 22.85
N ALA A 99 1.22 -39.86 24.13
CA ALA A 99 1.49 -38.80 25.10
C ALA A 99 2.84 -38.13 24.81
N LEU A 100 3.81 -38.89 24.30
CA LEU A 100 5.10 -38.31 23.98
C LEU A 100 4.98 -37.25 22.89
N LEU A 101 4.08 -37.46 21.92
CA LEU A 101 3.87 -36.47 20.88
C LEU A 101 3.33 -35.17 21.47
N TYR A 102 2.37 -35.28 22.40
CA TYR A 102 1.84 -34.07 23.04
C TYR A 102 2.91 -33.38 23.87
N ALA A 103 3.74 -34.14 24.57
CA ALA A 103 4.83 -33.54 25.33
C ALA A 103 5.81 -32.81 24.42
N ILE A 104 6.14 -33.40 23.27
CA ILE A 104 7.05 -32.76 22.34
C ILE A 104 6.44 -31.50 21.75
N ARG A 105 5.17 -31.56 21.35
CA ARG A 105 4.51 -30.39 20.77
C ARG A 105 4.41 -29.27 21.79
N LYS A 106 4.16 -29.61 23.05
CA LYS A 106 4.14 -28.62 24.12
C LYS A 106 5.52 -27.99 24.35
N GLU A 107 6.57 -28.64 23.85
CA GLU A 107 7.95 -28.17 24.02
C GLU A 107 8.32 -28.05 25.49
N VAL A 108 8.09 -29.13 26.23
CA VAL A 108 8.43 -29.21 27.64
C VAL A 108 9.49 -30.30 27.81
N VAL A 109 10.69 -29.89 28.24
CA VAL A 109 11.81 -30.83 28.34
C VAL A 109 11.54 -31.87 29.42
N GLY A 110 11.01 -31.42 30.57
CA GLY A 110 10.76 -32.35 31.67
C GLY A 110 9.79 -33.45 31.30
N ALA A 111 8.70 -33.09 30.60
CA ALA A 111 7.74 -34.10 30.16
C ALA A 111 8.37 -35.09 29.20
N VAL A 112 9.18 -34.58 28.26
CA VAL A 112 9.82 -35.46 27.29
C VAL A 112 10.75 -36.44 27.98
N GLU A 113 11.55 -35.96 28.93
CA GLU A 113 12.47 -36.84 29.64
C GLU A 113 11.72 -37.87 30.48
N LEU A 114 10.66 -37.43 31.17
CA LEU A 114 9.84 -38.36 31.96
C LEU A 114 9.25 -39.45 31.08
N LEU A 115 8.73 -39.09 29.90
CA LEU A 115 8.09 -40.09 29.06
C LEU A 115 9.12 -40.97 28.36
N LEU A 116 10.32 -40.44 28.08
CA LEU A 116 11.37 -41.26 27.48
C LEU A 116 11.88 -42.29 28.47
N SER A 117 11.96 -41.94 29.75
CA SER A 117 12.36 -42.93 30.74
C SER A 117 11.23 -43.87 31.14
N TYR A 118 9.99 -43.56 30.76
CA TYR A 118 8.82 -44.38 31.10
C TYR A 118 8.70 -44.63 32.61
N THR A 134 -8.45 -47.77 17.75
CA THR A 134 -7.79 -46.54 17.30
C THR A 134 -8.48 -45.31 17.89
N GLN A 135 -7.93 -44.80 18.98
CA GLN A 135 -8.49 -43.63 19.63
C GLN A 135 -8.20 -42.38 18.80
N PHE A 136 -8.93 -41.31 19.14
CA PHE A 136 -8.70 -40.02 18.49
C PHE A 136 -7.33 -39.47 18.86
N SER A 137 -6.66 -38.86 17.88
CA SER A 137 -5.37 -38.26 18.09
C SER A 137 -5.27 -36.97 17.28
N GLU A 138 -4.55 -35.99 17.82
CA GLU A 138 -4.31 -34.73 17.13
C GLU A 138 -3.15 -34.82 16.14
N PHE A 139 -2.48 -35.96 16.07
CA PHE A 139 -1.33 -36.16 15.20
C PHE A 139 -1.63 -37.27 14.20
N THR A 140 -1.22 -37.07 12.96
CA THR A 140 -1.45 -38.06 11.91
C THR A 140 -0.62 -39.31 12.20
N PRO A 141 -1.06 -40.47 11.70
CA PRO A 141 -0.34 -41.72 12.02
C PRO A 141 1.12 -41.73 11.59
N ASP A 142 1.48 -40.99 10.54
CA ASP A 142 2.86 -41.00 10.07
C ASP A 142 3.81 -40.18 10.94
N ILE A 143 3.28 -39.37 11.86
CA ILE A 143 4.14 -38.55 12.71
C ILE A 143 4.85 -39.44 13.71
N THR A 144 6.16 -39.26 13.82
CA THR A 144 7.02 -39.96 14.77
C THR A 144 7.63 -38.95 15.74
N PRO A 145 8.12 -39.39 16.90
CA PRO A 145 8.66 -38.43 17.87
C PRO A 145 9.78 -37.55 17.31
N ILE A 146 10.73 -38.13 16.58
CA ILE A 146 11.83 -37.34 16.03
C ILE A 146 11.30 -36.38 14.96
N MET A 147 10.35 -36.83 14.15
CA MET A 147 9.76 -35.97 13.13
C MET A 147 9.01 -34.81 13.77
N LEU A 148 8.24 -35.08 14.83
CA LEU A 148 7.52 -33.99 15.49
C LEU A 148 8.48 -33.01 16.16
N ALA A 149 9.54 -33.53 16.79
CA ALA A 149 10.54 -32.65 17.39
C ALA A 149 11.20 -31.77 16.34
N ALA A 150 11.50 -32.34 15.17
CA ALA A 150 12.04 -31.52 14.08
C ALA A 150 11.03 -30.47 13.63
N HIS A 151 9.74 -30.84 13.59
CA HIS A 151 8.72 -29.86 13.23
C HIS A 151 8.66 -28.71 14.23
N THR A 152 8.84 -29.01 15.52
CA THR A 152 8.85 -27.95 16.53
C THR A 152 10.14 -27.16 16.52
N ASN A 153 11.20 -27.68 15.90
CA ASN A 153 12.49 -27.00 15.79
C ASN A 153 13.04 -26.63 17.17
N ASN A 154 12.82 -27.51 18.15
CA ASN A 154 13.29 -27.30 19.51
C ASN A 154 14.61 -28.04 19.68
N TYR A 155 15.70 -27.28 19.86
CA TYR A 155 17.04 -27.88 19.85
C TYR A 155 17.22 -28.88 20.98
N GLU A 156 16.67 -28.57 22.16
CA GLU A 156 16.86 -29.46 23.31
C GLU A 156 16.22 -30.83 23.06
N ILE A 157 14.95 -30.84 22.65
CA ILE A 157 14.25 -32.10 22.45
C ILE A 157 14.79 -32.85 21.24
N ILE A 158 15.13 -32.12 20.17
CA ILE A 158 15.73 -32.77 19.01
C ILE A 158 17.04 -33.44 19.41
N LYS A 159 17.87 -32.75 20.19
CA LYS A 159 19.13 -33.34 20.64
C LYS A 159 18.87 -34.56 21.53
N LEU A 160 17.87 -34.47 22.41
CA LEU A 160 17.56 -35.61 23.27
C LEU A 160 17.16 -36.83 22.46
N LEU A 161 16.33 -36.63 21.43
CA LEU A 161 15.89 -37.76 20.61
C LEU A 161 17.01 -38.28 19.72
N VAL A 162 17.87 -37.40 19.22
CA VAL A 162 19.00 -37.84 18.41
C VAL A 162 20.07 -38.53 19.25
N GLN A 163 20.07 -38.30 20.57
CA GLN A 163 20.97 -39.04 21.45
C GLN A 163 20.75 -40.55 21.34
N LYS A 164 19.52 -40.98 21.09
CA LYS A 164 19.22 -42.38 20.85
C LYS A 164 19.48 -42.70 19.38
N ARG A 165 19.05 -43.88 18.93
CA ARG A 165 19.21 -44.29 17.54
C ARG A 165 17.87 -44.08 16.83
N VAL A 166 17.68 -42.88 16.29
CA VAL A 166 16.47 -42.52 15.59
C VAL A 166 16.80 -42.26 14.12
N THR A 167 15.83 -42.57 13.26
CA THR A 167 16.00 -42.42 11.82
C THR A 167 14.76 -41.78 11.22
N ILE A 168 14.95 -41.13 10.07
CA ILE A 168 13.87 -40.52 9.31
C ILE A 168 13.88 -41.16 7.93
N PRO A 169 12.74 -41.65 7.43
CA PRO A 169 12.75 -42.31 6.11
C PRO A 169 13.18 -41.36 5.00
N ARG A 170 13.90 -41.91 4.02
CA ARG A 170 14.39 -41.11 2.91
C ARG A 170 13.27 -40.86 1.91
N PRO A 171 12.95 -39.60 1.59
CA PRO A 171 12.02 -39.35 0.49
C PRO A 171 12.63 -39.76 -0.84
N HIS A 172 11.79 -40.23 -1.75
CA HIS A 172 12.25 -40.70 -3.05
C HIS A 172 12.53 -39.50 -3.94
N GLN A 173 12.85 -39.77 -5.21
CA GLN A 173 13.12 -38.72 -6.16
C GLN A 173 11.86 -37.89 -6.42
N ILE A 174 12.07 -36.62 -6.79
CA ILE A 174 10.95 -35.73 -7.06
C ILE A 174 10.08 -36.28 -8.19
N ARG A 175 10.72 -36.86 -9.21
CA ARG A 175 10.02 -37.47 -10.33
C ARG A 175 10.25 -38.99 -10.34
N CYS A 176 10.24 -39.61 -9.16
CA CYS A 176 10.45 -41.05 -9.06
C CYS A 176 9.26 -41.80 -9.66
N ASN A 177 9.55 -42.92 -10.32
CA ASN A 177 8.52 -43.73 -10.98
C ASN A 177 8.62 -45.19 -10.57
N CYS A 178 9.08 -45.47 -9.35
CA CYS A 178 9.16 -46.84 -8.88
C CYS A 178 7.77 -47.36 -8.54
N VAL A 179 7.68 -48.68 -8.32
CA VAL A 179 6.40 -49.31 -8.05
C VAL A 179 5.81 -48.82 -6.73
N GLU A 180 6.66 -48.62 -5.72
CA GLU A 180 6.16 -48.22 -4.40
C GLU A 180 5.52 -46.84 -4.46
N CYS A 181 6.15 -45.89 -5.14
CA CYS A 181 5.62 -44.53 -5.17
C CYS A 181 4.27 -44.48 -5.89
N VAL A 182 4.17 -45.14 -7.05
CA VAL A 182 2.91 -45.10 -7.80
C VAL A 182 1.83 -45.88 -7.06
N SER A 183 2.20 -46.99 -6.41
CA SER A 183 1.22 -47.74 -5.63
C SER A 183 0.68 -46.92 -4.47
N SER A 184 1.56 -46.22 -3.74
CA SER A 184 1.11 -45.39 -2.63
C SER A 184 0.27 -44.22 -3.13
N SER A 185 0.66 -43.61 -4.26
CA SER A 185 -0.12 -42.50 -4.80
C SER A 185 -1.51 -42.94 -5.23
N GLU A 186 -1.62 -44.11 -5.87
CA GLU A 186 -2.93 -44.57 -6.32
C GLU A 186 -3.79 -45.04 -5.16
N VAL A 187 -3.18 -45.72 -4.17
CA VAL A 187 -3.96 -46.22 -3.04
C VAL A 187 -4.49 -45.06 -2.19
N ASP A 188 -3.62 -44.10 -1.85
CA ASP A 188 -4.03 -42.95 -1.05
C ASP A 188 -3.10 -41.79 -1.40
N SER A 189 -3.57 -40.90 -2.28
CA SER A 189 -2.76 -39.74 -2.66
C SER A 189 -2.62 -38.76 -1.49
N LEU A 190 -3.70 -38.57 -0.73
CA LEU A 190 -3.67 -37.62 0.38
C LEU A 190 -2.66 -38.05 1.43
N ARG A 191 -2.69 -39.33 1.83
CA ARG A 191 -1.76 -39.82 2.84
C ARG A 191 -0.33 -39.74 2.36
N HIS A 192 -0.07 -40.12 1.11
CA HIS A 192 1.29 -40.08 0.57
C HIS A 192 1.83 -38.66 0.53
N SER A 193 1.02 -37.72 0.04
CA SER A 193 1.45 -36.33 -0.01
C SER A 193 1.68 -35.76 1.38
N ARG A 194 0.80 -36.09 2.33
CA ARG A 194 0.97 -35.61 3.69
C ARG A 194 2.25 -36.16 4.32
N SER A 195 2.54 -37.44 4.10
CA SER A 195 3.75 -38.04 4.65
C SER A 195 5.00 -37.42 4.02
N ARG A 196 4.99 -37.18 2.71
CA ARG A 196 6.13 -36.53 2.07
C ARG A 196 6.35 -35.13 2.64
N LEU A 197 5.28 -34.37 2.80
CA LEU A 197 5.40 -33.03 3.36
C LEU A 197 5.92 -33.08 4.79
N ASN A 198 5.46 -34.04 5.59
CA ASN A 198 5.95 -34.14 6.97
C ASN A 198 7.43 -34.48 7.00
N ILE A 199 7.86 -35.40 6.13
CA ILE A 199 9.28 -35.75 6.08
C ILE A 199 10.12 -34.55 5.70
N TYR A 200 9.68 -33.78 4.71
CA TYR A 200 10.46 -32.62 4.29
C TYR A 200 10.42 -31.50 5.31
N LYS A 201 9.33 -31.39 6.08
CA LYS A 201 9.31 -30.47 7.21
C LYS A 201 10.31 -30.88 8.27
N ALA A 202 10.43 -32.19 8.52
CA ALA A 202 11.39 -32.67 9.50
C ALA A 202 12.83 -32.39 9.06
N LEU A 203 13.15 -32.75 7.81
CA LEU A 203 14.53 -32.62 7.34
C LEU A 203 14.96 -31.15 7.26
N ALA A 204 14.06 -30.27 6.86
CA ALA A 204 14.38 -28.85 6.71
C ALA A 204 14.36 -28.10 8.04
N SER A 205 14.41 -28.81 9.16
CA SER A 205 14.47 -28.15 10.46
C SER A 205 15.87 -27.58 10.70
N PRO A 206 16.01 -26.28 10.97
CA PRO A 206 17.36 -25.74 11.19
C PRO A 206 18.10 -26.41 12.34
N SER A 207 17.41 -26.76 13.42
CA SER A 207 18.07 -27.46 14.52
C SER A 207 18.50 -28.86 14.09
N LEU A 208 17.67 -29.55 13.31
CA LEU A 208 18.04 -30.88 12.85
C LEU A 208 19.15 -30.84 11.82
N ILE A 209 19.33 -29.71 11.14
CA ILE A 209 20.47 -29.57 10.23
C ILE A 209 21.72 -29.20 11.01
N ALA A 210 21.57 -28.40 12.09
CA ALA A 210 22.73 -28.06 12.91
C ALA A 210 23.38 -29.30 13.50
N LEU A 211 22.57 -30.22 14.00
CA LEU A 211 23.05 -31.55 14.35
C LEU A 211 22.94 -32.46 13.13
N SER A 212 23.51 -33.66 13.26
CA SER A 212 23.27 -34.76 12.31
C SER A 212 23.47 -34.34 10.86
N SER A 213 24.53 -33.57 10.60
CA SER A 213 24.82 -33.12 9.24
C SER A 213 26.30 -32.79 9.14
N GLU A 214 27.00 -33.43 8.21
CA GLU A 214 28.43 -33.19 8.03
C GLU A 214 28.69 -31.74 7.64
N ASP A 215 27.99 -31.25 6.61
CA ASP A 215 28.14 -29.89 6.10
C ASP A 215 26.78 -29.21 6.16
N PRO A 216 26.48 -28.49 7.24
CA PRO A 216 25.16 -27.83 7.33
C PRO A 216 24.90 -26.84 6.21
N ILE A 217 25.93 -26.14 5.73
CA ILE A 217 25.72 -25.15 4.68
C ILE A 217 25.34 -25.82 3.37
N LEU A 218 26.10 -26.84 2.96
CA LEU A 218 25.78 -27.54 1.72
C LEU A 218 24.45 -28.27 1.82
N THR A 219 24.17 -28.87 2.99
CA THR A 219 22.89 -29.51 3.21
C THR A 219 21.75 -28.52 3.05
N ALA A 220 21.90 -27.33 3.64
CA ALA A 220 20.87 -26.31 3.51
C ALA A 220 20.69 -25.89 2.05
N PHE A 221 21.81 -25.70 1.33
CA PHE A 221 21.71 -25.32 -0.07
C PHE A 221 20.92 -26.35 -0.87
N ARG A 222 21.33 -27.63 -0.80
CA ARG A 222 20.69 -28.64 -1.63
C ARG A 222 19.27 -28.94 -1.18
N LEU A 223 19.01 -28.89 0.13
CA LEU A 223 17.65 -29.09 0.62
C LEU A 223 16.73 -27.97 0.17
N GLY A 224 17.20 -26.72 0.21
CA GLY A 224 16.39 -25.63 -0.31
C GLY A 224 16.13 -25.76 -1.79
N TRP A 225 17.16 -26.17 -2.56
CA TRP A 225 16.95 -26.38 -3.99
C TRP A 225 15.91 -27.46 -4.25
N GLU A 226 16.00 -28.57 -3.53
CA GLU A 226 15.05 -29.66 -3.72
C GLU A 226 13.64 -29.24 -3.32
N LEU A 227 13.51 -28.46 -2.25
CA LEU A 227 12.20 -27.97 -1.83
C LEU A 227 11.61 -27.02 -2.89
N LYS A 228 12.45 -26.18 -3.49
CA LYS A 228 11.97 -25.32 -4.58
C LYS A 228 11.51 -26.16 -5.76
N GLU A 229 12.25 -27.22 -6.10
CA GLU A 229 11.83 -28.10 -7.20
C GLU A 229 10.51 -28.78 -6.88
N LEU A 230 10.34 -29.23 -5.63
CA LEU A 230 9.07 -29.83 -5.22
C LEU A 230 7.92 -28.83 -5.30
N SER A 231 8.18 -27.58 -4.92
CA SER A 231 7.18 -26.54 -5.05
C SER A 231 6.77 -26.34 -6.50
N LYS A 232 7.74 -26.35 -7.41
CA LYS A 232 7.42 -26.28 -8.83
C LYS A 232 6.57 -27.47 -9.27
N VAL A 233 6.99 -28.68 -8.87
CA VAL A 233 6.31 -29.89 -9.32
C VAL A 233 4.92 -29.99 -8.70
N GLU A 234 4.83 -29.78 -7.39
CA GLU A 234 3.56 -29.92 -6.67
C GLU A 234 2.75 -28.64 -6.85
N ASN A 235 1.73 -28.71 -7.71
CA ASN A 235 0.86 -27.55 -7.91
C ASN A 235 0.15 -27.17 -6.62
N GLU A 236 -0.36 -28.16 -5.90
CA GLU A 236 -0.85 -27.95 -4.55
C GLU A 236 0.30 -28.12 -3.56
N PHE A 237 0.10 -27.58 -2.36
CA PHE A 237 1.15 -27.50 -1.32
C PHE A 237 2.34 -26.67 -1.78
N LYS A 238 2.14 -25.79 -2.77
CA LYS A 238 3.24 -24.98 -3.29
C LYS A 238 3.75 -24.00 -2.25
N ALA A 239 2.85 -23.38 -1.49
CA ALA A 239 3.26 -22.37 -0.52
C ALA A 239 4.08 -22.98 0.61
N GLU A 240 3.71 -24.17 1.07
CA GLU A 240 4.44 -24.80 2.17
C GLU A 240 5.87 -25.17 1.75
N TYR A 241 6.04 -25.73 0.55
CA TYR A 241 7.39 -26.03 0.08
C TYR A 241 8.18 -24.75 -0.16
N GLU A 242 7.52 -23.70 -0.66
CA GLU A 242 8.23 -22.43 -0.85
C GLU A 242 8.72 -21.87 0.48
N GLU A 243 7.89 -21.94 1.52
CA GLU A 243 8.32 -21.40 2.81
C GLU A 243 9.38 -22.29 3.46
N LEU A 244 9.32 -23.61 3.26
CA LEU A 244 10.38 -24.47 3.75
C LEU A 244 11.72 -24.18 3.07
N SER A 245 11.69 -23.98 1.74
CA SER A 245 12.91 -23.61 1.02
C SER A 245 13.45 -22.27 1.50
N GLN A 246 12.55 -21.29 1.71
CA GLN A 246 12.99 -19.99 2.21
C GLN A 246 13.59 -20.12 3.60
N GLN A 247 13.04 -21.01 4.43
CA GLN A 247 13.58 -21.25 5.76
C GLN A 247 14.98 -21.84 5.69
N CYS A 248 15.21 -22.77 4.77
CA CYS A 248 16.56 -23.33 4.60
C CYS A 248 17.54 -22.26 4.13
N LYS A 249 17.11 -21.41 3.19
CA LYS A 249 17.97 -20.32 2.73
C LYS A 249 18.32 -19.39 3.87
N LEU A 250 17.33 -19.05 4.70
CA LEU A 250 17.58 -18.17 5.84
C LEU A 250 18.52 -18.83 6.84
N PHE A 251 18.40 -20.14 7.06
CA PHE A 251 19.31 -20.82 7.97
C PHE A 251 20.74 -20.76 7.48
N ALA A 252 20.95 -20.97 6.17
CA ALA A 252 22.29 -20.84 5.62
C ALA A 252 22.82 -19.41 5.80
N LYS A 253 21.97 -18.42 5.54
CA LYS A 253 22.40 -17.03 5.70
C LYS A 253 22.78 -16.70 7.14
N ASP A 254 22.00 -17.21 8.11
CA ASP A 254 22.29 -16.93 9.52
C ASP A 254 23.57 -17.65 9.97
N LEU A 255 23.76 -18.90 9.55
CA LEU A 255 25.02 -19.58 9.81
C LEU A 255 26.20 -18.78 9.30
N LEU A 256 26.07 -18.20 8.10
CA LEU A 256 27.12 -17.31 7.60
C LEU A 256 27.23 -16.06 8.47
N ASP A 257 26.09 -15.54 8.94
CA ASP A 257 26.08 -14.34 9.79
C ASP A 257 26.88 -14.54 11.07
N GLN A 258 26.98 -15.79 11.54
CA GLN A 258 27.67 -16.00 12.81
C GLN A 258 29.20 -15.93 12.72
N ALA A 259 29.76 -15.72 11.53
CA ALA A 259 31.22 -15.62 11.42
C ALA A 259 31.73 -14.35 12.09
N ARG A 260 32.86 -14.47 12.79
CA ARG A 260 33.39 -13.37 13.59
C ARG A 260 34.77 -12.89 13.16
N SER A 261 35.36 -13.47 12.11
CA SER A 261 36.66 -13.03 11.63
C SER A 261 36.75 -13.32 10.14
N SER A 262 37.65 -12.60 9.47
CA SER A 262 37.84 -12.79 8.04
C SER A 262 38.45 -14.15 7.74
N ARG A 263 39.26 -14.70 8.65
CA ARG A 263 39.81 -16.03 8.45
C ARG A 263 38.70 -17.07 8.36
N GLU A 264 37.73 -16.99 9.28
CA GLU A 264 36.61 -17.92 9.24
C GLU A 264 35.82 -17.78 7.96
N LEU A 265 35.55 -16.54 7.52
CA LEU A 265 34.77 -16.32 6.31
C LEU A 265 35.50 -16.88 5.09
N GLU A 266 36.80 -16.65 5.01
CA GLU A 266 37.58 -17.20 3.89
C GLU A 266 37.58 -18.72 3.92
N ILE A 267 37.70 -19.32 5.11
CA ILE A 267 37.66 -20.77 5.22
C ILE A 267 36.32 -21.30 4.73
N ILE A 268 35.23 -20.64 5.11
CA ILE A 268 33.90 -21.08 4.71
C ILE A 268 33.74 -20.99 3.20
N LEU A 269 34.06 -19.83 2.63
CA LEU A 269 33.76 -19.61 1.21
C LEU A 269 34.71 -20.36 0.28
N ASN A 270 35.88 -20.77 0.77
CA ASN A 270 36.86 -21.45 -0.07
C ASN A 270 36.82 -22.97 0.08
N HIS A 271 35.88 -23.51 0.85
CA HIS A 271 35.87 -24.95 1.10
C HIS A 271 35.46 -25.72 -0.15
N ARG A 272 36.16 -26.83 -0.38
CA ARG A 272 35.87 -27.74 -1.49
C ARG A 272 35.17 -28.98 -0.95
N ASP A 273 34.02 -29.31 -1.52
CA ASP A 273 33.28 -30.49 -1.10
C ASP A 273 33.85 -31.74 -1.77
N ASP A 286 39.39 -20.51 -6.42
CA ASP A 286 38.96 -20.28 -5.04
C ASP A 286 37.49 -19.89 -4.99
N LEU A 287 37.00 -19.58 -3.79
CA LEU A 287 35.59 -19.25 -3.57
C LEU A 287 34.67 -20.36 -4.06
N ALA A 288 35.04 -21.60 -3.78
CA ALA A 288 34.30 -22.75 -4.30
C ALA A 288 32.89 -22.81 -3.72
N LYS A 289 32.77 -22.69 -2.39
CA LYS A 289 31.45 -22.73 -1.78
C LYS A 289 30.61 -21.54 -2.18
N LEU A 290 31.25 -20.39 -2.45
CA LEU A 290 30.52 -19.25 -3.00
C LEU A 290 29.96 -19.57 -4.37
N LYS A 291 30.75 -20.24 -5.21
CA LYS A 291 30.26 -20.67 -6.52
C LYS A 291 29.10 -21.64 -6.38
N VAL A 292 29.18 -22.56 -5.41
CA VAL A 292 28.08 -23.50 -5.18
C VAL A 292 26.82 -22.75 -4.75
N ALA A 293 26.97 -21.76 -3.85
CA ALA A 293 25.84 -20.96 -3.42
C ALA A 293 25.22 -20.22 -4.61
N ILE A 294 26.06 -19.70 -5.51
CA ILE A 294 25.54 -19.05 -6.71
C ILE A 294 24.78 -20.05 -7.57
N LYS A 295 25.28 -21.29 -7.63
CA LYS A 295 24.63 -22.32 -8.44
C LYS A 295 23.22 -22.62 -7.95
N TYR A 296 23.03 -22.70 -6.63
CA TYR A 296 21.74 -23.01 -6.04
C TYR A 296 20.86 -21.78 -5.83
N HIS A 297 21.23 -20.64 -6.40
CA HIS A 297 20.43 -19.41 -6.32
C HIS A 297 20.17 -19.01 -4.87
N GLN A 298 21.23 -19.05 -4.05
CA GLN A 298 21.15 -18.63 -2.65
C GLN A 298 21.44 -17.13 -2.59
N LYS A 299 20.42 -16.35 -2.96
CA LYS A 299 20.61 -14.91 -3.11
C LYS A 299 20.95 -14.25 -1.77
N GLU A 300 20.27 -14.65 -0.70
CA GLU A 300 20.54 -14.05 0.60
C GLU A 300 21.94 -14.40 1.10
N PHE A 301 22.39 -15.64 0.86
CA PHE A 301 23.72 -16.04 1.27
C PHE A 301 24.79 -15.25 0.51
N VAL A 302 24.59 -15.05 -0.78
CA VAL A 302 25.57 -14.34 -1.60
C VAL A 302 25.62 -12.86 -1.23
N ALA A 303 24.44 -12.25 -1.01
CA ALA A 303 24.36 -10.83 -0.70
C ALA A 303 24.67 -10.52 0.76
N GLN A 304 25.31 -11.45 1.47
CA GLN A 304 25.72 -11.21 2.84
C GLN A 304 26.71 -10.04 2.87
N PRO A 305 26.56 -9.11 3.82
CA PRO A 305 27.47 -7.95 3.86
C PRO A 305 28.94 -8.32 3.98
N ASN A 306 29.27 -9.36 4.76
CA ASN A 306 30.67 -9.76 4.87
C ASN A 306 31.14 -10.45 3.60
N CYS A 307 30.29 -11.28 3.00
CA CYS A 307 30.61 -11.87 1.71
C CYS A 307 30.80 -10.79 0.65
N GLN A 308 29.92 -9.79 0.64
CA GLN A 308 30.06 -8.69 -0.31
C GLN A 308 31.33 -7.89 -0.05
N GLN A 309 31.70 -7.69 1.21
CA GLN A 309 32.93 -6.97 1.53
C GLN A 309 34.15 -7.73 1.04
N LEU A 310 34.19 -9.05 1.25
CA LEU A 310 35.30 -9.84 0.75
C LEU A 310 35.36 -9.81 -0.78
N LEU A 311 34.21 -9.92 -1.44
CA LEU A 311 34.18 -9.86 -2.90
C LEU A 311 34.62 -8.49 -3.39
N ALA A 312 34.28 -7.43 -2.66
CA ALA A 312 34.72 -6.09 -3.06
C ALA A 312 36.22 -5.94 -2.92
N THR A 313 36.80 -6.50 -1.85
CA THR A 313 38.26 -6.45 -1.73
C THR A 313 38.92 -7.22 -2.87
N LEU A 314 38.34 -8.35 -3.26
CA LEU A 314 38.87 -9.07 -4.42
C LEU A 314 38.67 -8.30 -5.72
N TRP A 315 37.59 -7.52 -5.81
CA TRP A 315 37.24 -6.83 -7.05
C TRP A 315 38.18 -5.66 -7.32
N TYR A 316 38.50 -4.87 -6.30
CA TYR A 316 39.44 -3.77 -6.43
C TYR A 316 40.83 -4.23 -5.99
N ASP A 317 41.39 -5.17 -6.76
CA ASP A 317 42.70 -5.72 -6.43
C ASP A 317 43.79 -4.65 -6.52
N GLY A 318 43.78 -3.86 -7.60
CA GLY A 318 44.81 -2.86 -7.79
C GLY A 318 44.71 -1.70 -6.82
N PHE A 319 43.51 -1.18 -6.62
CA PHE A 319 43.31 0.01 -5.81
C PHE A 319 42.98 -0.38 -4.38
N PRO A 320 43.83 -0.08 -3.39
CA PRO A 320 43.53 -0.48 -2.02
C PRO A 320 42.51 0.44 -1.35
N GLY A 321 42.45 1.69 -1.79
CA GLY A 321 41.58 2.67 -1.17
C GLY A 321 40.50 3.21 -2.07
N TRP A 322 39.95 2.36 -2.95
CA TRP A 322 38.85 2.80 -3.81
C TRP A 322 37.58 3.08 -3.03
N ARG A 323 37.44 2.50 -1.84
CA ARG A 323 36.23 2.70 -1.05
C ARG A 323 36.07 4.16 -0.62
N ARG A 324 37.17 4.80 -0.23
CA ARG A 324 37.17 6.18 0.26
C ARG A 324 37.85 7.06 -0.78
N LYS A 325 37.08 7.51 -1.77
CA LYS A 325 37.58 8.41 -2.81
C LYS A 325 36.44 9.30 -3.27
N HIS A 326 36.80 10.45 -3.83
CA HIS A 326 35.81 11.36 -4.35
C HIS A 326 35.31 10.90 -5.71
N TRP A 327 34.14 11.41 -6.11
CA TRP A 327 33.55 11.02 -7.38
C TRP A 327 34.45 11.42 -8.55
N VAL A 328 35.04 12.62 -8.49
CA VAL A 328 35.88 13.09 -9.58
C VAL A 328 37.13 12.22 -9.72
N VAL A 329 37.71 11.80 -8.59
CA VAL A 329 38.91 10.96 -8.65
C VAL A 329 38.59 9.62 -9.30
N LYS A 330 37.48 9.00 -8.89
CA LYS A 330 37.09 7.72 -9.48
C LYS A 330 36.79 7.86 -10.96
N LEU A 331 36.09 8.94 -11.35
CA LEU A 331 35.76 9.15 -12.75
C LEU A 331 37.03 9.34 -13.58
N LEU A 332 37.98 10.14 -13.07
CA LEU A 332 39.22 10.36 -13.80
C LEU A 332 40.03 9.07 -13.92
N THR A 333 40.09 8.27 -12.86
CA THR A 333 40.81 7.00 -12.93
C THR A 333 40.17 6.06 -13.93
N CYS A 334 38.83 5.96 -13.92
CA CYS A 334 38.15 5.10 -14.88
C CYS A 334 38.39 5.56 -16.30
N MET A 335 38.32 6.87 -16.56
CA MET A 335 38.58 7.39 -17.90
C MET A 335 40.01 7.10 -18.34
N THR A 336 40.98 7.27 -17.42
CA THR A 336 42.37 7.00 -17.75
C THR A 336 42.59 5.53 -18.11
N ILE A 337 42.03 4.63 -17.30
CA ILE A 337 42.21 3.20 -17.58
C ILE A 337 41.50 2.82 -18.88
N GLY A 338 40.32 3.39 -19.13
CA GLY A 338 39.63 3.11 -20.37
C GLY A 338 40.38 3.59 -21.60
N PHE A 339 40.97 4.78 -21.52
CA PHE A 339 41.75 5.29 -22.64
C PHE A 339 43.06 4.53 -22.84
N LEU A 340 43.57 3.89 -21.79
CA LEU A 340 44.81 3.13 -21.87
C LEU A 340 44.58 1.64 -22.07
N PHE A 341 43.34 1.22 -22.34
CA PHE A 341 43.06 -0.21 -22.50
C PHE A 341 43.87 -0.86 -23.63
N PRO A 342 44.08 -0.25 -24.81
CA PRO A 342 44.90 -0.94 -25.82
C PRO A 342 46.33 -1.18 -25.35
N MET A 343 46.89 -0.23 -24.60
CA MET A 343 48.24 -0.41 -24.07
C MET A 343 48.30 -1.58 -23.10
N LEU A 344 47.30 -1.70 -22.22
CA LEU A 344 47.27 -2.82 -21.28
C LEU A 344 47.11 -4.14 -22.01
N SER A 345 46.25 -4.19 -23.03
CA SER A 345 46.08 -5.42 -23.80
C SER A 345 47.36 -5.82 -24.50
N ILE A 346 48.05 -4.84 -25.11
CA ILE A 346 49.31 -5.14 -25.80
C ILE A 346 50.37 -5.60 -24.80
N ALA A 347 50.43 -4.96 -23.63
CA ALA A 347 51.39 -5.36 -22.62
C ALA A 347 51.14 -6.78 -22.14
N TYR A 348 49.87 -7.15 -21.95
CA TYR A 348 49.55 -8.52 -21.58
C TYR A 348 49.93 -9.49 -22.69
N LEU A 349 49.70 -9.10 -23.96
CA LEU A 349 50.07 -9.96 -25.07
C LEU A 349 51.58 -10.20 -25.13
N ILE A 350 52.37 -9.15 -24.92
CA ILE A 350 53.82 -9.26 -25.08
C ILE A 350 54.45 -9.96 -23.88
N SER A 351 54.33 -9.36 -22.70
CA SER A 351 54.94 -9.89 -21.48
C SER A 351 53.92 -9.85 -20.36
N PRO A 352 53.26 -10.97 -20.05
CA PRO A 352 52.29 -10.97 -18.94
C PRO A 352 52.90 -10.68 -17.58
N ARG A 353 54.20 -10.87 -17.42
CA ARG A 353 54.87 -10.69 -16.12
C ARG A 353 55.59 -9.35 -16.13
N SER A 354 54.82 -8.29 -15.83
CA SER A 354 55.35 -6.95 -15.73
C SER A 354 54.34 -6.09 -14.98
N ASN A 355 54.74 -4.84 -14.71
CA ASN A 355 53.83 -3.92 -14.04
C ASN A 355 52.59 -3.63 -14.87
N LEU A 356 52.69 -3.74 -16.19
CA LEU A 356 51.55 -3.55 -17.08
C LEU A 356 51.00 -4.86 -17.63
N GLY A 357 51.83 -5.91 -17.70
CA GLY A 357 51.36 -7.17 -18.26
C GLY A 357 50.26 -7.81 -17.43
N LEU A 358 50.46 -7.86 -16.11
CA LEU A 358 49.49 -8.45 -15.21
C LEU A 358 48.54 -7.42 -14.61
N PHE A 359 48.68 -6.14 -14.97
CA PHE A 359 47.77 -5.12 -14.47
C PHE A 359 46.37 -5.28 -15.03
N ILE A 360 46.22 -5.96 -16.17
CA ILE A 360 44.90 -6.16 -16.75
C ILE A 360 44.19 -7.36 -16.14
N LYS A 361 44.92 -8.30 -15.53
CA LYS A 361 44.30 -9.46 -14.91
C LYS A 361 43.48 -9.10 -13.67
N LYS A 362 43.64 -7.89 -13.14
CA LYS A 362 42.83 -7.46 -12.01
C LYS A 362 41.37 -7.32 -12.44
N PRO A 363 40.42 -7.76 -11.61
CA PRO A 363 39.01 -7.82 -12.07
C PRO A 363 38.43 -6.47 -12.47
N PHE A 364 38.60 -5.45 -11.65
CA PHE A 364 38.05 -4.13 -11.99
C PHE A 364 38.74 -3.55 -13.23
N ILE A 365 40.06 -3.70 -13.32
CA ILE A 365 40.78 -3.21 -14.50
C ILE A 365 40.33 -3.97 -15.74
N LYS A 366 40.16 -5.29 -15.63
CA LYS A 366 39.68 -6.07 -16.76
C LYS A 366 38.30 -5.62 -17.20
N PHE A 367 37.41 -5.36 -16.25
CA PHE A 367 36.07 -4.87 -16.58
C PHE A 367 36.14 -3.52 -17.28
N ILE A 368 37.00 -2.63 -16.78
CA ILE A 368 37.14 -1.30 -17.40
C ILE A 368 37.64 -1.45 -18.83
N CYS A 369 38.63 -2.30 -19.05
CA CYS A 369 39.19 -2.47 -20.39
C CYS A 369 38.17 -3.07 -21.34
N HIS A 370 37.40 -4.07 -20.90
CA HIS A 370 36.37 -4.64 -21.76
C HIS A 370 35.29 -3.62 -22.09
N THR A 371 34.86 -2.83 -21.10
CA THR A 371 33.87 -1.79 -21.35
C THR A 371 34.40 -0.76 -22.34
N ALA A 372 35.67 -0.37 -22.19
CA ALA A 372 36.26 0.60 -23.10
C ALA A 372 36.33 0.05 -24.51
N SER A 373 36.70 -1.22 -24.66
CA SER A 373 36.75 -1.85 -25.97
C SER A 373 35.37 -1.86 -26.63
N TYR A 374 34.34 -2.23 -25.86
CA TYR A 374 32.99 -2.24 -26.43
C TYR A 374 32.54 -0.83 -26.78
N LEU A 375 32.92 0.17 -25.97
CA LEU A 375 32.55 1.55 -26.27
C LEU A 375 33.22 2.04 -27.55
N THR A 376 34.49 1.68 -27.76
CA THR A 376 35.15 2.04 -29.02
C THR A 376 34.49 1.34 -30.20
N PHE A 377 34.07 0.09 -30.01
CA PHE A 377 33.33 -0.61 -31.06
C PHE A 377 32.04 0.12 -31.42
N LEU A 378 31.29 0.56 -30.41
CA LEU A 378 30.06 1.30 -30.66
C LEU A 378 30.34 2.65 -31.31
N PHE A 379 31.44 3.30 -30.92
CA PHE A 379 31.82 4.56 -31.55
C PHE A 379 32.13 4.36 -33.03
N MET A 380 32.82 3.26 -33.36
CA MET A 380 33.07 2.95 -34.77
C MET A 380 31.77 2.62 -35.51
N LEU A 381 30.83 1.96 -34.83
CA LEU A 381 29.52 1.72 -35.45
C LEU A 381 28.82 3.03 -35.76
N LEU A 382 28.89 3.99 -34.84
CA LEU A 382 28.32 5.31 -35.10
C LEU A 382 29.03 6.00 -36.27
N LEU A 383 30.36 5.90 -36.31
CA LEU A 383 31.11 6.54 -37.40
C LEU A 383 30.88 5.87 -38.74
N ALA A 384 30.45 4.61 -38.76
CA ALA A 384 30.24 3.87 -39.99
C ALA A 384 29.09 4.42 -40.84
N SER A 385 28.38 5.46 -40.38
CA SER A 385 27.28 6.04 -41.14
C SER A 385 27.54 7.51 -41.50
N GLN A 386 28.80 7.93 -41.55
CA GLN A 386 29.13 9.31 -41.85
C GLN A 386 29.54 9.47 -43.32
N ASP A 392 30.57 7.31 -52.27
CA ASP A 392 29.72 6.83 -53.35
C ASP A 392 28.84 5.68 -52.88
N LEU A 393 27.54 5.79 -53.11
CA LEU A 393 26.58 4.78 -52.70
C LEU A 393 25.96 4.02 -53.87
N HIS A 394 26.33 4.36 -55.10
CA HIS A 394 25.76 3.71 -56.28
C HIS A 394 26.49 2.44 -56.67
N VAL A 395 27.60 2.11 -56.01
CA VAL A 395 28.35 0.90 -56.33
C VAL A 395 27.62 -0.32 -55.79
N GLN A 396 27.36 -1.28 -56.67
CA GLN A 396 26.72 -2.53 -56.28
C GLN A 396 27.79 -3.46 -55.71
N GLY A 397 27.69 -3.75 -54.41
CA GLY A 397 28.69 -4.54 -53.73
C GLY A 397 30.03 -3.86 -53.68
N PRO A 398 30.12 -2.75 -52.94
CA PRO A 398 31.38 -2.01 -52.85
C PRO A 398 32.36 -2.73 -51.94
N PRO A 399 33.67 -2.49 -52.11
CA PRO A 399 34.62 -3.04 -51.15
C PRO A 399 34.45 -2.39 -49.79
N PRO A 400 34.74 -3.11 -48.71
CA PRO A 400 34.57 -2.53 -47.37
C PRO A 400 35.47 -1.31 -47.18
N THR A 401 34.94 -0.31 -46.47
CA THR A 401 35.67 0.92 -46.24
C THR A 401 36.64 0.76 -45.06
N VAL A 402 37.33 1.84 -44.73
CA VAL A 402 38.29 1.80 -43.63
C VAL A 402 37.56 1.55 -42.31
N VAL A 403 36.40 2.19 -42.12
CA VAL A 403 35.64 1.98 -40.88
C VAL A 403 35.17 0.54 -40.79
N GLU A 404 34.69 -0.03 -41.90
CA GLU A 404 34.28 -1.44 -41.89
C GLU A 404 35.46 -2.36 -41.66
N TRP A 405 36.61 -2.03 -42.24
CA TRP A 405 37.81 -2.84 -41.99
C TRP A 405 38.24 -2.78 -40.53
N MET A 406 38.01 -1.64 -39.86
CA MET A 406 38.30 -1.57 -38.43
C MET A 406 37.24 -2.30 -37.61
N ILE A 407 35.99 -2.32 -38.10
CA ILE A 407 34.92 -3.00 -37.37
C ILE A 407 35.11 -4.52 -37.42
N LEU A 408 35.59 -5.04 -38.56
CA LEU A 408 35.67 -6.49 -38.75
C LEU A 408 36.42 -7.24 -37.65
N PRO A 409 37.61 -6.82 -37.19
CA PRO A 409 38.26 -7.57 -36.11
C PRO A 409 37.45 -7.62 -34.83
N TRP A 410 36.69 -6.58 -34.51
CA TRP A 410 35.84 -6.62 -33.32
C TRP A 410 34.75 -7.69 -33.46
N VAL A 411 34.15 -7.80 -34.65
CA VAL A 411 33.13 -8.82 -34.89
C VAL A 411 33.74 -10.21 -34.78
N LEU A 412 34.91 -10.39 -35.38
CA LEU A 412 35.59 -11.69 -35.28
C LEU A 412 35.92 -12.02 -33.83
N GLY A 413 36.38 -11.03 -33.07
CA GLY A 413 36.65 -11.26 -31.66
C GLY A 413 35.42 -11.61 -30.87
N PHE A 414 34.29 -10.97 -31.18
CA PHE A 414 33.04 -11.30 -30.51
C PHE A 414 32.64 -12.75 -30.80
N ILE A 415 32.73 -13.17 -32.06
CA ILE A 415 32.37 -14.54 -32.40
C ILE A 415 33.31 -15.54 -31.73
N TRP A 416 34.61 -15.26 -31.76
CA TRP A 416 35.58 -16.15 -31.14
C TRP A 416 35.38 -16.24 -29.64
N GLY A 417 35.10 -15.10 -28.99
CA GLY A 417 34.85 -15.12 -27.56
C GLY A 417 33.59 -15.87 -27.21
N GLU A 418 32.54 -15.73 -28.02
CA GLU A 418 31.32 -16.48 -27.78
C GLU A 418 31.55 -17.98 -27.86
N ILE A 419 32.24 -18.43 -28.92
CA ILE A 419 32.47 -19.87 -29.05
C ILE A 419 33.44 -20.37 -27.98
N LYS A 420 34.41 -19.54 -27.58
CA LYS A 420 35.33 -19.94 -26.52
C LYS A 420 34.61 -20.07 -25.19
N GLU A 421 33.72 -19.14 -24.87
CA GLU A 421 32.90 -19.27 -23.67
C GLU A 421 32.01 -20.51 -23.74
N MET A 422 31.45 -20.78 -24.93
CA MET A 422 30.63 -21.97 -25.12
C MET A 422 31.43 -23.24 -24.83
N TRP A 423 32.67 -23.29 -25.30
CA TRP A 423 33.51 -24.47 -25.07
C TRP A 423 33.92 -24.59 -23.61
N ASP A 424 34.38 -23.49 -23.01
CA ASP A 424 34.96 -23.56 -21.67
C ASP A 424 33.89 -23.77 -20.60
N GLY A 425 32.78 -23.05 -20.70
CA GLY A 425 31.73 -23.16 -19.69
C GLY A 425 30.89 -24.40 -19.81
N GLY A 426 30.36 -24.67 -21.00
CA GLY A 426 29.51 -25.80 -21.25
C GLY A 426 28.30 -25.38 -22.06
N PHE A 427 27.35 -26.30 -22.19
CA PHE A 427 26.14 -26.05 -22.96
C PHE A 427 25.01 -25.51 -22.08
N THR A 428 24.67 -26.24 -21.00
CA THR A 428 23.55 -25.84 -20.17
C THR A 428 23.77 -24.49 -19.52
N GLU A 429 24.98 -24.24 -19.01
CA GLU A 429 25.28 -22.94 -18.43
C GLU A 429 25.20 -21.84 -19.47
N TYR A 430 25.68 -22.10 -20.68
CA TYR A 430 25.62 -21.11 -21.75
C TYR A 430 24.18 -20.78 -22.13
N ILE A 431 23.33 -21.81 -22.26
CA ILE A 431 21.95 -21.57 -22.66
C ILE A 431 21.09 -21.04 -21.52
N HIS A 432 21.55 -21.18 -20.27
CA HIS A 432 20.76 -20.64 -19.16
C HIS A 432 20.85 -19.12 -19.10
N ASP A 433 21.93 -18.53 -19.59
CA ASP A 433 22.06 -17.07 -19.63
C ASP A 433 21.23 -16.53 -20.79
N TRP A 434 20.27 -15.66 -20.47
CA TRP A 434 19.39 -15.14 -21.51
C TRP A 434 20.11 -14.11 -22.39
N TRP A 435 21.05 -13.36 -21.83
CA TRP A 435 21.80 -12.38 -22.63
C TRP A 435 22.50 -13.05 -23.80
N ASN A 436 22.97 -14.28 -23.61
CA ASN A 436 23.63 -15.02 -24.69
C ASN A 436 22.74 -15.06 -25.92
N LEU A 437 21.42 -15.20 -25.74
CA LEU A 437 20.51 -15.20 -26.88
C LEU A 437 20.73 -13.98 -27.74
N MET A 438 20.71 -12.79 -27.11
CA MET A 438 20.98 -11.56 -27.85
C MET A 438 22.33 -11.65 -28.56
N ASP A 439 23.35 -12.09 -27.82
CA ASP A 439 24.67 -12.25 -28.43
C ASP A 439 24.57 -13.11 -29.67
N PHE A 440 23.93 -14.27 -29.55
CA PHE A 440 23.78 -15.15 -30.70
C PHE A 440 23.16 -14.38 -31.86
N ALA A 441 22.04 -13.71 -31.60
CA ALA A 441 21.38 -12.94 -32.65
C ALA A 441 22.37 -11.99 -33.30
N MET A 442 23.04 -11.17 -32.48
CA MET A 442 23.99 -10.22 -33.03
C MET A 442 24.99 -10.93 -33.93
N ASN A 443 25.64 -11.96 -33.40
CA ASN A 443 26.67 -12.63 -34.18
C ASN A 443 26.08 -13.14 -35.49
N SER A 444 24.93 -13.82 -35.42
CA SER A 444 24.33 -14.36 -36.63
C SER A 444 24.10 -13.23 -37.63
N LEU A 445 23.48 -12.15 -37.19
CA LEU A 445 23.21 -11.05 -38.11
C LEU A 445 24.51 -10.55 -38.72
N TYR A 446 25.53 -10.32 -37.89
CA TYR A 446 26.80 -9.85 -38.42
C TYR A 446 27.35 -10.83 -39.45
N LEU A 447 27.32 -12.12 -39.13
CA LEU A 447 27.79 -13.11 -40.10
C LEU A 447 26.99 -12.98 -41.39
N ALA A 448 25.66 -12.92 -41.28
CA ALA A 448 24.82 -12.73 -42.46
C ALA A 448 25.28 -11.52 -43.24
N THR A 449 25.49 -10.40 -42.55
CA THR A 449 25.94 -9.18 -43.22
C THR A 449 27.19 -9.48 -44.04
N ILE A 450 28.20 -10.07 -43.39
CA ILE A 450 29.45 -10.35 -44.10
C ILE A 450 29.16 -11.19 -45.33
N SER A 451 28.39 -12.28 -45.15
CA SER A 451 28.09 -13.14 -46.27
C SER A 451 27.50 -12.34 -47.41
N LEU A 452 26.44 -11.56 -47.10
CA LEU A 452 25.77 -10.83 -48.17
C LEU A 452 26.73 -9.86 -48.84
N LYS A 453 27.54 -9.15 -48.05
CA LYS A 453 28.51 -8.25 -48.64
C LYS A 453 29.38 -8.98 -49.64
N ILE A 454 29.93 -10.13 -49.22
CA ILE A 454 30.78 -10.90 -50.13
C ILE A 454 30.01 -11.25 -51.40
N VAL A 455 28.77 -11.72 -51.24
CA VAL A 455 27.97 -12.05 -52.41
C VAL A 455 27.84 -10.83 -53.31
N ALA A 456 27.45 -9.69 -52.73
CA ALA A 456 27.27 -8.50 -53.55
C ALA A 456 28.58 -8.05 -54.19
N TYR A 457 29.70 -8.34 -53.54
CA TYR A 457 30.99 -7.98 -54.13
C TYR A 457 31.32 -8.86 -55.32
N VAL A 458 30.97 -10.14 -55.27
CA VAL A 458 31.39 -11.05 -56.33
C VAL A 458 30.38 -11.13 -57.47
N LYS A 459 29.11 -10.88 -57.18
CA LYS A 459 28.05 -11.01 -58.17
C LYS A 459 27.79 -9.74 -58.96
N TYR A 460 28.28 -8.60 -58.49
CA TYR A 460 28.02 -7.32 -59.13
C TYR A 460 29.32 -6.53 -59.29
N ASN A 461 29.47 -5.88 -60.44
CA ASN A 461 30.65 -5.08 -60.71
C ASN A 461 30.25 -3.67 -61.15
N GLY A 462 29.13 -3.56 -61.86
CA GLY A 462 28.71 -2.27 -62.36
C GLY A 462 28.17 -1.37 -61.26
N SER A 463 28.11 -0.08 -61.58
CA SER A 463 27.64 0.95 -60.65
C SER A 463 26.30 1.47 -61.18
N ARG A 464 25.22 0.81 -60.75
CA ARG A 464 23.84 1.16 -61.09
C ARG A 464 23.21 1.96 -59.95
N PRO A 465 22.49 3.03 -60.26
CA PRO A 465 21.87 3.84 -59.19
C PRO A 465 20.89 3.03 -58.37
N ARG A 466 20.83 3.34 -57.07
CA ARG A 466 20.01 2.58 -56.14
C ARG A 466 18.53 2.67 -56.46
N GLU A 467 18.10 3.68 -57.22
CA GLU A 467 16.67 3.84 -57.51
C GLU A 467 16.12 2.64 -58.27
N GLU A 468 16.89 2.10 -59.21
CA GLU A 468 16.44 0.99 -60.04
C GLU A 468 16.97 -0.36 -59.58
N TRP A 469 17.50 -0.45 -58.37
CA TRP A 469 17.92 -1.74 -57.82
C TRP A 469 16.70 -2.62 -57.55
N GLU A 470 16.95 -3.93 -57.49
CA GLU A 470 15.92 -4.87 -57.11
C GLU A 470 15.54 -4.66 -55.64
N MET A 471 14.30 -5.01 -55.30
CA MET A 471 13.86 -4.94 -53.91
C MET A 471 14.70 -5.84 -53.02
N TRP A 472 15.00 -7.05 -53.49
CA TRP A 472 15.78 -8.02 -52.74
C TRP A 472 17.24 -8.05 -53.18
N HIS A 473 17.78 -6.90 -53.54
CA HIS A 473 19.19 -6.80 -53.90
C HIS A 473 20.04 -7.14 -52.67
N PRO A 474 21.16 -7.85 -52.86
CA PRO A 474 21.96 -8.25 -51.69
C PRO A 474 22.45 -7.08 -50.84
N THR A 475 22.78 -5.95 -51.47
CA THR A 475 23.29 -4.81 -50.71
C THR A 475 22.23 -4.27 -49.75
N LEU A 476 20.98 -4.16 -50.22
CA LEU A 476 19.92 -3.63 -49.37
C LEU A 476 19.67 -4.53 -48.16
N ILE A 477 19.64 -5.85 -48.39
CA ILE A 477 19.43 -6.79 -47.29
C ILE A 477 20.60 -6.72 -46.32
N ALA A 478 21.82 -6.64 -46.85
CA ALA A 478 23.00 -6.55 -45.99
C ALA A 478 22.95 -5.30 -45.13
N GLU A 479 22.57 -4.17 -45.71
CA GLU A 479 22.50 -2.92 -44.96
C GLU A 479 21.41 -2.98 -43.89
N ALA A 480 20.25 -3.56 -44.22
CA ALA A 480 19.20 -3.71 -43.22
C ALA A 480 19.67 -4.59 -42.06
N LEU A 481 20.31 -5.71 -42.37
CA LEU A 481 20.82 -6.59 -41.32
C LEU A 481 21.87 -5.89 -40.47
N PHE A 482 22.75 -5.11 -41.10
CA PHE A 482 23.77 -4.38 -40.35
C PHE A 482 23.14 -3.34 -39.44
N ALA A 483 22.07 -2.67 -39.91
CA ALA A 483 21.38 -1.71 -39.06
C ALA A 483 20.74 -2.38 -37.85
N ILE A 484 20.10 -3.53 -38.06
CA ILE A 484 19.52 -4.27 -36.95
C ILE A 484 20.61 -4.69 -35.96
N SER A 485 21.75 -5.13 -36.50
CA SER A 485 22.88 -5.52 -35.64
C SER A 485 23.38 -4.34 -34.83
N ASN A 486 23.44 -3.15 -35.44
CA ASN A 486 23.85 -1.96 -34.71
C ASN A 486 22.88 -1.65 -33.57
N ILE A 487 21.57 -1.77 -33.84
CA ILE A 487 20.58 -1.54 -32.79
C ILE A 487 20.82 -2.50 -31.63
N LEU A 488 20.98 -3.80 -31.94
CA LEU A 488 21.17 -4.79 -30.88
C LEU A 488 22.49 -4.57 -30.15
N SER A 489 23.55 -4.20 -30.86
CA SER A 489 24.84 -3.96 -30.22
C SER A 489 24.76 -2.81 -29.24
N SER A 490 24.09 -1.71 -29.63
CA SER A 490 23.95 -0.60 -28.70
C SER A 490 23.02 -0.96 -27.54
N LEU A 491 22.01 -1.79 -27.79
CA LEU A 491 21.09 -2.21 -26.72
C LEU A 491 21.75 -3.19 -25.77
N ARG A 492 22.86 -3.81 -26.17
CA ARG A 492 23.56 -4.76 -25.29
C ARG A 492 24.15 -4.08 -24.06
N LEU A 493 24.25 -2.74 -24.06
CA LEU A 493 24.84 -2.03 -22.92
C LEU A 493 23.98 -2.08 -21.67
N ILE A 494 22.74 -2.58 -21.76
CA ILE A 494 21.88 -2.65 -20.58
C ILE A 494 22.51 -3.55 -19.51
N SER A 495 23.18 -4.62 -19.94
CA SER A 495 23.76 -5.57 -19.00
C SER A 495 24.83 -4.94 -18.11
N LEU A 496 25.42 -3.82 -18.53
CA LEU A 496 26.41 -3.14 -17.70
C LEU A 496 25.79 -2.31 -16.59
N PHE A 497 24.47 -2.11 -16.60
CA PHE A 497 23.83 -1.40 -15.50
C PHE A 497 23.96 -2.14 -14.19
N THR A 498 24.28 -3.44 -14.23
CA THR A 498 24.46 -4.21 -13.01
C THR A 498 25.64 -3.72 -12.20
N ALA A 499 26.70 -3.25 -12.86
CA ALA A 499 27.91 -2.81 -12.18
C ALA A 499 27.72 -1.52 -11.40
N ASN A 500 26.58 -0.83 -11.56
CA ASN A 500 26.34 0.46 -10.93
C ASN A 500 25.36 0.32 -9.77
N SER A 501 25.59 1.10 -8.72
CA SER A 501 24.74 1.06 -7.54
C SER A 501 23.37 1.66 -7.82
N HIS A 502 23.31 2.75 -8.60
CA HIS A 502 22.06 3.43 -8.86
C HIS A 502 21.29 2.80 -10.02
N LEU A 503 21.99 2.17 -10.96
CA LEU A 503 21.35 1.59 -12.13
C LEU A 503 21.05 0.10 -12.00
N GLY A 504 21.68 -0.59 -11.06
CA GLY A 504 21.52 -2.01 -10.92
C GLY A 504 20.12 -2.44 -10.51
N PRO A 505 19.68 -2.02 -9.31
CA PRO A 505 18.32 -2.39 -8.87
C PRO A 505 17.23 -1.88 -9.79
N LEU A 506 17.44 -0.75 -10.46
CA LEU A 506 16.48 -0.29 -11.45
C LEU A 506 16.37 -1.28 -12.61
N GLN A 507 17.51 -1.77 -13.10
CA GLN A 507 17.47 -2.78 -14.15
C GLN A 507 16.81 -4.07 -13.67
N ILE A 508 17.06 -4.45 -12.42
CA ILE A 508 16.39 -5.63 -11.85
C ILE A 508 14.88 -5.44 -11.88
N SER A 509 14.42 -4.26 -11.45
CA SER A 509 12.98 -3.98 -11.41
C SER A 509 12.38 -4.03 -12.81
N LEU A 510 13.04 -3.41 -13.79
CA LEU A 510 12.51 -3.40 -15.15
C LEU A 510 12.50 -4.81 -15.74
N GLY A 511 13.55 -5.59 -15.50
CA GLY A 511 13.56 -6.96 -15.98
C GLY A 511 12.45 -7.80 -15.38
N ARG A 512 12.16 -7.58 -14.10
CA ARG A 512 11.07 -8.34 -13.48
C ARG A 512 9.71 -7.90 -14.01
N MET A 513 9.54 -6.60 -14.30
CA MET A 513 8.29 -6.14 -14.87
C MET A 513 8.10 -6.58 -16.32
N LEU A 514 9.19 -6.91 -17.01
CA LEU A 514 9.06 -7.47 -18.36
C LEU A 514 8.22 -8.74 -18.37
N LEU A 515 8.20 -9.48 -17.26
CA LEU A 515 7.35 -10.67 -17.18
C LEU A 515 5.87 -10.31 -17.22
N ASP A 516 5.47 -9.28 -16.47
CA ASP A 516 4.09 -8.81 -16.54
C ASP A 516 3.77 -8.28 -17.93
N ILE A 517 4.72 -7.59 -18.56
CA ILE A 517 4.51 -7.11 -19.93
C ILE A 517 4.27 -8.28 -20.87
N LEU A 518 5.07 -9.34 -20.75
CA LEU A 518 4.90 -10.52 -21.58
C LEU A 518 3.54 -11.17 -21.35
N LYS A 519 3.12 -11.24 -20.08
CA LYS A 519 1.82 -11.81 -19.78
C LYS A 519 0.69 -11.02 -20.43
N PHE A 520 0.76 -9.69 -20.37
CA PHE A 520 -0.27 -8.85 -20.96
C PHE A 520 -0.26 -8.91 -22.49
N LEU A 521 0.92 -9.12 -23.08
CA LEU A 521 1.04 -9.12 -24.53
C LEU A 521 0.21 -10.22 -25.17
N PHE A 522 0.02 -11.35 -24.47
CA PHE A 522 -0.75 -12.46 -25.05
C PHE A 522 -2.21 -12.06 -25.28
N ILE A 523 -2.86 -11.49 -24.26
CA ILE A 523 -4.25 -11.08 -24.41
C ILE A 523 -4.36 -9.90 -25.37
N TYR A 524 -3.38 -9.00 -25.34
CA TYR A 524 -3.43 -7.91 -26.33
C TYR A 524 -3.37 -8.47 -27.75
N CYS A 525 -2.50 -9.44 -27.99
CA CYS A 525 -2.38 -10.00 -29.33
C CYS A 525 -3.64 -10.75 -29.73
N LEU A 526 -4.29 -11.43 -28.78
CA LEU A 526 -5.56 -12.08 -29.09
C LEU A 526 -6.59 -11.05 -29.55
N VAL A 527 -6.73 -9.95 -28.81
CA VAL A 527 -7.69 -8.92 -29.17
C VAL A 527 -7.34 -8.31 -30.52
N LEU A 528 -6.06 -8.03 -30.74
CA LEU A 528 -5.60 -7.43 -31.99
C LEU A 528 -5.90 -8.34 -33.17
N LEU A 529 -5.63 -9.64 -33.03
CA LEU A 529 -5.90 -10.57 -34.12
C LEU A 529 -7.39 -10.68 -34.40
N ALA A 530 -8.21 -10.69 -33.34
CA ALA A 530 -9.66 -10.74 -33.54
C ALA A 530 -10.14 -9.54 -34.36
N PHE A 531 -9.77 -8.33 -33.93
CA PHE A 531 -10.24 -7.16 -34.66
C PHE A 531 -9.63 -7.05 -36.04
N ALA A 532 -8.39 -7.52 -36.22
CA ALA A 532 -7.79 -7.52 -37.56
C ALA A 532 -8.56 -8.44 -38.49
N ASN A 533 -8.94 -9.63 -38.00
CA ASN A 533 -9.75 -10.54 -38.80
C ASN A 533 -11.06 -9.90 -39.18
N GLY A 534 -11.73 -9.25 -38.23
CA GLY A 534 -13.02 -8.62 -38.53
C GLY A 534 -12.90 -7.49 -39.53
N LEU A 535 -11.94 -6.59 -39.33
CA LEU A 535 -11.77 -5.46 -40.23
C LEU A 535 -11.37 -5.90 -41.63
N ASN A 536 -10.47 -6.88 -41.74
CA ASN A 536 -10.10 -7.40 -43.05
C ASN A 536 -11.29 -8.05 -43.73
N GLN A 537 -12.06 -8.85 -42.99
CA GLN A 537 -13.26 -9.46 -43.55
C GLN A 537 -14.21 -8.41 -44.10
N LEU A 538 -14.34 -7.28 -43.39
CA LEU A 538 -15.26 -6.24 -43.83
C LEU A 538 -14.72 -5.47 -45.03
N TYR A 539 -13.42 -5.18 -45.06
CA TYR A 539 -12.89 -4.21 -46.01
C TYR A 539 -12.18 -4.80 -47.21
N PHE A 540 -11.95 -6.12 -47.26
CA PHE A 540 -11.13 -6.64 -48.35
C PHE A 540 -11.81 -6.55 -49.71
N TYR A 541 -13.11 -6.24 -49.76
CA TYR A 541 -13.79 -6.12 -51.04
C TYR A 541 -13.39 -4.85 -51.79
N TYR A 542 -13.03 -3.79 -51.07
CA TYR A 542 -12.75 -2.49 -51.69
C TYR A 542 -11.26 -2.25 -51.87
N GLU A 543 -10.48 -3.32 -52.10
CA GLU A 543 -9.05 -3.16 -52.34
C GLU A 543 -8.81 -2.48 -53.68
N THR A 544 -7.92 -1.49 -53.70
CA THR A 544 -7.63 -0.71 -54.89
C THR A 544 -6.17 -0.88 -55.28
N ARG A 545 -5.91 -0.79 -56.59
CA ARG A 545 -4.55 -0.93 -57.09
C ARG A 545 -3.73 0.31 -56.76
N ALA A 546 -2.41 0.11 -56.71
CA ALA A 546 -1.50 1.22 -56.40
C ALA A 546 -1.53 2.31 -57.46
N ILE A 547 -1.85 1.95 -58.70
CA ILE A 547 -1.92 2.95 -59.77
C ILE A 547 -3.03 3.94 -59.50
N ASP A 548 -4.18 3.46 -59.00
CA ASP A 548 -5.31 4.33 -58.71
C ASP A 548 -5.02 5.33 -57.60
N GLU A 549 -4.00 5.08 -56.78
CA GLU A 549 -3.67 5.99 -55.69
C GLU A 549 -3.08 7.29 -56.25
N PRO A 550 -3.25 8.41 -55.53
CA PRO A 550 -2.82 9.71 -56.08
C PRO A 550 -1.34 9.79 -56.38
N ASN A 551 -0.49 9.13 -55.60
CA ASN A 551 0.96 9.20 -55.77
C ASN A 551 1.57 7.84 -56.09
N ASN A 552 0.76 6.89 -56.59
CA ASN A 552 1.18 5.52 -56.87
C ASN A 552 1.70 4.81 -55.63
N CYS A 553 1.30 5.25 -54.45
CA CYS A 553 1.70 4.66 -53.19
C CYS A 553 0.51 3.99 -52.54
N LYS A 554 0.66 2.72 -52.19
CA LYS A 554 -0.40 1.94 -51.56
C LYS A 554 0.04 1.53 -50.16
N GLY A 555 -0.88 1.59 -49.21
CA GLY A 555 -0.62 1.23 -47.84
C GLY A 555 -0.80 2.42 -46.91
N ILE A 556 -0.41 2.22 -45.65
CA ILE A 556 -0.56 3.26 -44.63
C ILE A 556 0.67 4.14 -44.47
N ARG A 557 1.80 3.77 -45.07
CA ARG A 557 3.01 4.57 -44.99
C ARG A 557 3.10 5.60 -46.10
N CYS A 558 1.98 5.95 -46.71
CA CYS A 558 1.91 7.01 -47.71
C CYS A 558 1.42 8.31 -47.05
N GLU A 559 1.63 9.42 -47.76
CA GLU A 559 1.20 10.72 -47.22
C GLU A 559 -0.30 10.74 -47.00
N LYS A 560 -1.06 10.22 -47.96
CA LYS A 560 -2.49 9.94 -47.77
C LYS A 560 -2.64 8.44 -47.56
N GLN A 561 -3.01 8.05 -46.35
CA GLN A 561 -3.14 6.62 -46.03
C GLN A 561 -4.31 6.01 -46.80
N ASN A 562 -4.08 4.80 -47.31
CA ASN A 562 -5.10 4.11 -48.10
C ASN A 562 -4.89 2.61 -47.95
N ASN A 563 -5.96 1.85 -48.23
CA ASN A 563 -5.94 0.39 -48.13
C ASN A 563 -5.43 -0.06 -46.76
N ALA A 564 -5.93 0.60 -45.71
CA ALA A 564 -5.48 0.28 -44.36
C ALA A 564 -5.91 -1.12 -43.94
N PHE A 565 -7.08 -1.59 -44.39
CA PHE A 565 -7.64 -2.87 -43.96
C PHE A 565 -7.87 -3.81 -45.13
N SER A 566 -7.14 -3.66 -46.24
CA SER A 566 -7.41 -4.48 -47.41
C SER A 566 -6.90 -5.91 -47.22
N THR A 567 -5.70 -6.07 -46.67
CA THR A 567 -5.13 -7.39 -46.45
C THR A 567 -4.90 -7.59 -44.95
N LEU A 568 -4.77 -8.87 -44.56
CA LEU A 568 -4.62 -9.20 -43.15
C LEU A 568 -3.32 -8.62 -42.58
N PHE A 569 -2.24 -8.69 -43.36
CA PHE A 569 -0.97 -8.11 -42.92
C PHE A 569 -1.08 -6.60 -42.77
N GLU A 570 -1.67 -5.94 -43.77
CA GLU A 570 -1.86 -4.49 -43.69
C GLU A 570 -2.83 -4.12 -42.58
N THR A 571 -3.86 -4.95 -42.34
CA THR A 571 -4.77 -4.69 -41.24
C THR A 571 -4.05 -4.79 -39.90
N LEU A 572 -3.18 -5.79 -39.74
CA LEU A 572 -2.40 -5.90 -38.52
C LEU A 572 -1.53 -4.67 -38.33
N GLN A 573 -0.86 -4.21 -39.39
CA GLN A 573 -0.02 -3.02 -39.27
C GLN A 573 -0.85 -1.78 -38.94
N SER A 574 -2.02 -1.64 -39.56
CA SER A 574 -2.87 -0.48 -39.27
C SER A 574 -3.33 -0.48 -37.83
N LEU A 575 -3.77 -1.65 -37.33
CA LEU A 575 -4.23 -1.72 -35.94
C LEU A 575 -3.08 -1.50 -34.97
N PHE A 576 -1.87 -1.93 -35.33
CA PHE A 576 -0.72 -1.64 -34.49
C PHE A 576 -0.46 -0.13 -34.44
N TRP A 577 -0.39 0.52 -35.61
CA TRP A 577 -0.07 1.94 -35.63
C TRP A 577 -1.18 2.80 -35.05
N SER A 578 -2.41 2.30 -35.00
CA SER A 578 -3.49 3.04 -34.35
C SER A 578 -3.28 3.15 -32.84
N VAL A 579 -2.50 2.24 -32.25
CA VAL A 579 -2.20 2.35 -30.82
C VAL A 579 -1.46 3.64 -30.54
N PHE A 580 -0.58 4.06 -31.45
CA PHE A 580 0.19 5.28 -31.29
C PHE A 580 -0.44 6.46 -32.02
N GLY A 581 -1.62 6.29 -32.60
CA GLY A 581 -2.34 7.38 -33.21
C GLY A 581 -1.88 7.78 -34.59
N LEU A 582 -0.98 7.02 -35.21
CA LEU A 582 -0.47 7.39 -36.53
C LEU A 582 -1.38 6.98 -37.66
N LEU A 583 -2.46 6.27 -37.38
CA LEU A 583 -3.46 5.89 -38.38
C LEU A 583 -4.59 6.91 -38.37
N ASN A 584 -4.81 7.54 -39.52
CA ASN A 584 -5.84 8.57 -39.62
C ASN A 584 -7.22 7.94 -39.76
N LEU A 585 -8.24 8.75 -39.47
CA LEU A 585 -9.61 8.22 -39.41
C LEU A 585 -10.17 7.94 -40.79
N TYR A 586 -9.83 8.78 -41.78
CA TYR A 586 -10.41 8.63 -43.11
C TYR A 586 -10.05 7.30 -43.77
N VAL A 587 -9.20 6.48 -43.15
CA VAL A 587 -8.91 5.16 -43.69
C VAL A 587 -10.11 4.23 -43.56
N THR A 588 -11.06 4.55 -42.68
CA THR A 588 -12.28 3.75 -42.59
C THR A 588 -13.33 4.18 -43.62
N ASN A 589 -12.91 4.86 -44.67
CA ASN A 589 -13.81 5.38 -45.69
C ASN A 589 -13.55 4.66 -47.00
N VAL A 590 -14.61 4.40 -47.76
CA VAL A 590 -14.49 3.70 -49.04
C VAL A 590 -15.07 4.58 -50.13
N LYS A 591 -14.60 4.33 -51.36
CA LYS A 591 -15.00 5.16 -52.50
C LYS A 591 -16.49 5.02 -52.80
N ALA A 592 -17.03 3.81 -52.66
CA ALA A 592 -18.46 3.61 -52.87
C ALA A 592 -19.25 4.32 -51.77
N ARG A 593 -20.54 4.51 -52.03
CA ARG A 593 -21.43 5.17 -51.07
C ARG A 593 -22.11 4.16 -50.14
N HIS A 594 -21.29 3.30 -49.52
CA HIS A 594 -21.78 2.29 -48.58
C HIS A 594 -21.60 2.84 -47.17
N GLU A 595 -22.53 3.71 -46.78
CA GLU A 595 -22.41 4.38 -45.48
C GLU A 595 -22.57 3.39 -44.33
N PHE A 596 -23.41 2.37 -44.48
CA PHE A 596 -23.52 1.36 -43.42
C PHE A 596 -22.22 0.60 -43.24
N THR A 597 -21.58 0.21 -44.34
CA THR A 597 -20.29 -0.49 -44.24
C THR A 597 -19.23 0.40 -43.61
N GLU A 598 -19.17 1.67 -44.02
CA GLU A 598 -18.20 2.59 -43.44
C GLU A 598 -18.46 2.78 -41.95
N PHE A 599 -19.73 2.91 -41.56
CA PHE A 599 -20.04 3.09 -40.14
C PHE A 599 -19.67 1.85 -39.34
N VAL A 600 -19.94 0.65 -39.87
CA VAL A 600 -19.61 -0.57 -39.15
C VAL A 600 -18.10 -0.71 -39.02
N GLY A 601 -17.35 -0.42 -40.09
CA GLY A 601 -15.90 -0.46 -40.00
C GLY A 601 -15.36 0.55 -39.01
N ALA A 602 -15.92 1.76 -39.00
CA ALA A 602 -15.50 2.78 -38.05
C ALA A 602 -15.83 2.35 -36.61
N THR A 603 -16.97 1.68 -36.43
CA THR A 603 -17.33 1.20 -35.10
C THR A 603 -16.38 0.10 -34.63
N MET A 604 -16.00 -0.82 -35.53
CA MET A 604 -15.01 -1.82 -35.18
C MET A 604 -13.69 -1.17 -34.80
N PHE A 605 -13.26 -0.18 -35.59
CA PHE A 605 -12.02 0.54 -35.28
C PHE A 605 -12.11 1.24 -33.93
N GLY A 606 -13.26 1.86 -33.65
CA GLY A 606 -13.43 2.56 -32.38
C GLY A 606 -13.47 1.61 -31.20
N THR A 607 -14.12 0.46 -31.36
CA THR A 607 -14.13 -0.54 -30.29
C THR A 607 -12.71 -1.06 -30.04
N TYR A 608 -11.95 -1.31 -31.10
CA TYR A 608 -10.56 -1.70 -30.92
C TYR A 608 -9.78 -0.64 -30.17
N ASN A 609 -9.97 0.64 -30.54
CA ASN A 609 -9.29 1.72 -29.84
C ASN A 609 -9.65 1.74 -28.37
N VAL A 610 -10.95 1.64 -28.07
CA VAL A 610 -11.41 1.68 -26.68
C VAL A 610 -10.77 0.56 -25.88
N ILE A 611 -10.82 -0.67 -26.41
CA ILE A 611 -10.27 -1.82 -25.70
C ILE A 611 -8.77 -1.64 -25.49
N SER A 612 -8.03 -1.45 -26.59
CA SER A 612 -6.58 -1.48 -26.52
C SER A 612 -6.04 -0.33 -25.67
N LEU A 613 -6.65 0.86 -25.75
CA LEU A 613 -6.09 1.99 -25.04
C LEU A 613 -6.73 2.21 -23.68
N VAL A 614 -8.05 2.34 -23.63
CA VAL A 614 -8.71 2.68 -22.38
C VAL A 614 -8.65 1.51 -21.40
N VAL A 615 -8.88 0.29 -21.89
CA VAL A 615 -9.00 -0.87 -21.01
C VAL A 615 -7.66 -1.55 -20.82
N LEU A 616 -7.08 -2.06 -21.92
CA LEU A 616 -5.90 -2.90 -21.81
C LEU A 616 -4.69 -2.13 -21.29
N LEU A 617 -4.49 -0.89 -21.75
CA LEU A 617 -3.31 -0.13 -21.35
C LEU A 617 -3.36 0.26 -19.88
N ASN A 618 -4.54 0.65 -19.38
CA ASN A 618 -4.66 0.99 -17.97
C ASN A 618 -4.50 -0.25 -17.09
N MET A 619 -5.03 -1.39 -17.54
CA MET A 619 -4.83 -2.64 -16.81
C MET A 619 -3.36 -3.01 -16.77
N LEU A 620 -2.64 -2.78 -17.87
CA LEU A 620 -1.20 -3.00 -17.89
C LEU A 620 -0.50 -2.09 -16.90
N ILE A 621 -0.91 -0.82 -16.82
CA ILE A 621 -0.32 0.10 -15.85
C ILE A 621 -0.56 -0.39 -14.43
N ALA A 622 -1.79 -0.84 -14.14
CA ALA A 622 -2.09 -1.34 -12.81
C ALA A 622 -1.25 -2.58 -12.46
N MET A 623 -1.10 -3.50 -13.42
CA MET A 623 -0.28 -4.67 -13.20
C MET A 623 1.17 -4.28 -12.93
N MET A 624 1.70 -3.33 -13.70
CA MET A 624 3.08 -2.89 -13.49
C MET A 624 3.25 -2.24 -12.13
N ASN A 625 2.26 -1.44 -11.70
CA ASN A 625 2.31 -0.86 -10.36
C ASN A 625 2.39 -1.94 -9.29
N ASN A 626 1.49 -2.92 -9.38
CA ASN A 626 1.46 -3.98 -8.37
C ASN A 626 2.77 -4.75 -8.35
N SER A 627 3.28 -5.12 -9.54
CA SER A 627 4.51 -5.90 -9.60
C SER A 627 5.71 -5.12 -9.10
N TYR A 628 5.79 -3.82 -9.44
CA TYR A 628 6.91 -3.01 -8.98
C TYR A 628 6.88 -2.84 -7.46
N GLN A 629 5.69 -2.61 -6.90
CA GLN A 629 5.59 -2.54 -5.44
C GLN A 629 5.99 -3.87 -4.80
N LEU A 630 5.60 -4.99 -5.42
CA LEU A 630 5.94 -6.30 -4.88
C LEU A 630 7.45 -6.53 -4.89
N ILE A 631 8.13 -6.12 -5.97
CA ILE A 631 9.54 -6.44 -6.13
C ILE A 631 10.46 -5.35 -5.60
N ALA A 632 9.91 -4.24 -5.10
CA ALA A 632 10.76 -3.18 -4.56
C ALA A 632 11.47 -3.62 -3.28
N ASP A 633 10.88 -4.54 -2.51
CA ASP A 633 11.46 -4.95 -1.25
C ASP A 633 12.76 -5.71 -1.44
N HIS A 634 12.80 -6.62 -2.42
CA HIS A 634 13.94 -7.51 -2.62
C HIS A 634 14.86 -7.04 -3.74
N ALA A 635 14.74 -5.77 -4.16
CA ALA A 635 15.56 -5.27 -5.25
C ALA A 635 17.04 -5.28 -4.91
N ASP A 636 17.38 -4.94 -3.66
CA ASP A 636 18.79 -4.88 -3.28
C ASP A 636 19.44 -6.25 -3.30
N ILE A 637 18.77 -7.28 -2.78
CA ILE A 637 19.36 -8.61 -2.76
C ILE A 637 19.51 -9.16 -4.17
N GLU A 638 18.49 -8.97 -5.01
CA GLU A 638 18.59 -9.41 -6.40
C GLU A 638 19.72 -8.69 -7.12
N TRP A 639 19.84 -7.38 -6.91
CA TRP A 639 20.91 -6.64 -7.57
C TRP A 639 22.27 -7.10 -7.10
N LYS A 640 22.43 -7.35 -5.80
CA LYS A 640 23.73 -7.77 -5.29
C LYS A 640 24.09 -9.16 -5.80
N PHE A 641 23.10 -10.06 -5.92
CA PHE A 641 23.37 -11.35 -6.51
C PHE A 641 23.81 -11.22 -7.97
N ALA A 642 23.11 -10.38 -8.74
CA ALA A 642 23.48 -10.18 -10.14
C ALA A 642 24.87 -9.56 -10.26
N ARG A 643 25.17 -8.57 -9.43
CA ARG A 643 26.48 -7.93 -9.46
C ARG A 643 27.58 -8.89 -9.03
N THR A 644 27.27 -9.77 -8.07
CA THR A 644 28.25 -10.79 -7.68
C THR A 644 28.54 -11.72 -8.85
N LYS A 645 27.51 -12.11 -9.59
CA LYS A 645 27.76 -12.94 -10.77
C LYS A 645 28.61 -12.19 -11.79
N LEU A 646 28.33 -10.89 -12.00
CA LEU A 646 29.12 -10.09 -12.93
C LEU A 646 30.58 -10.03 -12.48
N TRP A 647 30.81 -9.79 -11.19
CA TRP A 647 32.17 -9.73 -10.67
C TRP A 647 32.89 -11.06 -10.81
N MET A 648 32.20 -12.16 -10.51
CA MET A 648 32.80 -13.49 -10.63
C MET A 648 33.16 -13.79 -12.08
N SER A 649 32.37 -13.29 -13.03
CA SER A 649 32.70 -13.52 -14.44
C SER A 649 34.05 -12.93 -14.83
N TYR A 650 34.55 -11.95 -14.08
CA TYR A 650 35.83 -11.32 -14.37
C TYR A 650 36.96 -11.84 -13.50
N PHE A 651 36.72 -12.88 -12.70
CA PHE A 651 37.79 -13.46 -11.88
C PHE A 651 38.60 -14.51 -12.62
N ASP A 652 38.08 -15.06 -13.72
CA ASP A 652 38.73 -16.17 -14.40
C ASP A 652 39.87 -15.67 -15.30
N GLU A 653 40.85 -16.56 -15.51
CA GLU A 653 41.95 -16.24 -16.42
C GLU A 653 41.47 -16.13 -17.86
N GLY A 654 40.57 -17.02 -18.28
CA GLY A 654 40.10 -17.00 -19.65
C GLY A 654 39.30 -15.75 -19.97
N GLY A 655 39.44 -15.30 -21.21
CA GLY A 655 38.76 -14.09 -21.64
C GLY A 655 39.34 -12.80 -21.08
N THR A 656 40.61 -12.81 -20.70
CA THR A 656 41.23 -11.60 -20.15
C THR A 656 41.27 -10.49 -21.20
N LEU A 657 41.71 -10.81 -22.41
CA LEU A 657 41.85 -9.81 -23.46
C LEU A 657 40.50 -9.54 -24.11
N PRO A 658 40.05 -8.29 -24.16
CA PRO A 658 38.81 -7.97 -24.87
C PRO A 658 39.04 -7.97 -26.37
N PRO A 659 37.97 -8.04 -27.17
CA PRO A 659 38.14 -7.96 -28.63
C PRO A 659 38.67 -6.59 -29.02
N PRO A 660 39.47 -6.50 -30.08
CA PRO A 660 39.84 -7.60 -30.97
C PRO A 660 41.11 -8.35 -30.55
N PHE A 661 41.64 -8.03 -29.37
CA PHE A 661 42.90 -8.63 -28.95
C PHE A 661 42.78 -10.10 -28.57
N ASN A 662 41.57 -10.63 -28.45
CA ASN A 662 41.39 -12.03 -28.07
C ASN A 662 41.70 -13.00 -29.21
N ILE A 663 41.74 -12.52 -30.46
CA ILE A 663 42.01 -13.39 -31.60
C ILE A 663 43.47 -13.35 -32.03
N ILE A 664 44.25 -12.38 -31.56
CA ILE A 664 45.66 -12.27 -31.94
C ILE A 664 46.47 -13.41 -31.35
N SER A 706 43.82 -31.50 1.56
CA SER A 706 42.38 -31.65 1.57
C SER A 706 41.87 -32.02 2.96
N LEU A 707 42.60 -32.92 3.64
CA LEU A 707 42.21 -33.34 4.98
C LEU A 707 42.31 -32.18 5.97
N ILE A 708 43.38 -31.40 5.89
CA ILE A 708 43.53 -30.26 6.80
C ILE A 708 42.49 -29.20 6.50
N GLN A 709 42.18 -28.98 5.22
CA GLN A 709 41.10 -28.07 4.86
C GLN A 709 39.77 -28.54 5.43
N ASN A 710 39.51 -29.85 5.34
CA ASN A 710 38.27 -30.39 5.90
C ASN A 710 38.21 -30.20 7.41
N GLN A 711 39.34 -30.41 8.10
CA GLN A 711 39.37 -30.22 9.55
C GLN A 711 39.13 -28.76 9.93
N HIS A 712 39.77 -27.83 9.21
CA HIS A 712 39.54 -26.41 9.47
C HIS A 712 38.09 -26.03 9.24
N TYR A 713 37.50 -26.54 8.14
CA TYR A 713 36.10 -26.24 7.86
C TYR A 713 35.19 -26.82 8.94
N GLN A 714 35.48 -28.03 9.41
CA GLN A 714 34.67 -28.64 10.46
C GLN A 714 34.76 -27.84 11.76
N GLU A 715 35.96 -27.38 12.11
CA GLU A 715 36.12 -26.57 13.32
C GLU A 715 35.34 -25.26 13.21
N VAL A 716 35.45 -24.58 12.06
CA VAL A 716 34.72 -23.33 11.86
C VAL A 716 33.22 -23.59 11.88
N ILE A 717 32.77 -24.70 11.30
CA ILE A 717 31.36 -25.03 11.28
C ILE A 717 30.84 -25.32 12.69
N ARG A 718 31.65 -26.00 13.51
CA ARG A 718 31.26 -26.24 14.90
C ARG A 718 31.08 -24.93 15.65
N ASN A 719 32.04 -24.01 15.48
CA ASN A 719 31.91 -22.70 16.12
C ASN A 719 30.65 -21.98 15.65
N LEU A 720 30.41 -21.99 14.33
CA LEU A 720 29.24 -21.31 13.77
C LEU A 720 27.94 -21.92 14.29
N VAL A 721 27.89 -23.25 14.39
CA VAL A 721 26.69 -23.92 14.87
C VAL A 721 26.42 -23.56 16.32
N LYS A 722 27.46 -23.55 17.17
CA LYS A 722 27.25 -23.16 18.55
C LYS A 722 26.72 -21.73 18.65
N ARG A 723 27.35 -20.81 17.91
CA ARG A 723 26.92 -19.41 17.96
C ARG A 723 25.49 -19.26 17.44
N TYR A 724 25.15 -19.97 16.37
CA TYR A 724 23.81 -19.87 15.80
C TYR A 724 22.77 -20.41 16.77
N VAL A 725 23.04 -21.54 17.41
CA VAL A 725 22.10 -22.10 18.38
C VAL A 725 21.88 -21.13 19.53
N ALA A 726 22.97 -20.59 20.08
CA ALA A 726 22.83 -19.64 21.17
C ALA A 726 22.05 -18.40 20.75
N ALA A 727 22.35 -17.86 19.56
CA ALA A 727 21.68 -16.66 19.10
C ALA A 727 20.20 -16.90 18.87
N MET A 728 19.84 -18.04 18.29
CA MET A 728 18.43 -18.32 18.02
C MET A 728 17.65 -18.59 19.30
N ILE A 729 18.28 -19.25 20.28
CA ILE A 729 17.64 -19.42 21.58
C ILE A 729 17.41 -18.06 22.23
N ARG A 730 18.41 -17.18 22.17
CA ARG A 730 18.25 -15.84 22.72
C ARG A 730 17.14 -15.08 22.03
N ASN A 731 17.07 -15.16 20.70
CA ASN A 731 16.02 -14.46 19.96
C ASN A 731 14.64 -15.00 20.29
N SER A 732 14.51 -16.32 20.41
CA SER A 732 13.21 -16.91 20.76
C SER A 732 12.79 -16.49 22.17
N LYS A 733 13.73 -16.48 23.12
CA LYS A 733 13.40 -16.07 24.47
C LYS A 733 13.05 -14.59 24.54
N THR A 734 13.77 -13.74 23.81
CA THR A 734 13.50 -12.32 23.78
C THR A 734 12.44 -11.98 22.73
N THR A 739 1.50 -15.88 25.46
CA THR A 739 0.48 -16.86 25.11
C THR A 739 -0.42 -17.18 26.31
N GLU A 740 -1.62 -17.70 26.03
CA GLU A 740 -2.54 -18.08 27.08
C GLU A 740 -2.02 -19.27 27.89
N GLU A 741 -1.28 -20.17 27.25
CA GLU A 741 -0.77 -21.34 27.95
C GLU A 741 0.23 -20.96 29.04
N ASN A 742 0.97 -19.87 28.85
CA ASN A 742 1.87 -19.41 29.91
C ASN A 742 1.09 -18.98 31.15
N PHE A 743 -0.02 -18.26 30.97
CA PHE A 743 -0.85 -17.88 32.11
C PHE A 743 -1.50 -19.10 32.73
N LYS A 744 -1.88 -20.08 31.91
CA LYS A 744 -2.43 -21.33 32.46
C LYS A 744 -1.40 -22.04 33.32
N GLU A 745 -0.15 -22.08 32.86
CA GLU A 745 0.92 -22.69 33.65
C GLU A 745 1.18 -21.93 34.94
N LEU A 746 1.14 -20.60 34.88
CA LEU A 746 1.30 -19.79 36.09
C LEU A 746 0.20 -20.08 37.10
N LYS A 747 -1.05 -20.15 36.62
CA LYS A 747 -2.16 -20.49 37.51
C LYS A 747 -1.98 -21.89 38.09
N GLN A 748 -1.52 -22.83 37.27
CA GLN A 748 -1.29 -24.19 37.74
C GLN A 748 -0.24 -24.23 38.85
N ASP A 749 0.86 -23.50 38.66
CA ASP A 749 1.90 -23.47 39.68
C ASP A 749 1.38 -22.85 40.98
N ILE A 750 0.64 -21.74 40.86
CA ILE A 750 0.11 -21.08 42.05
C ILE A 750 -0.86 -22.00 42.79
N SER A 751 -1.74 -22.67 42.04
CA SER A 751 -2.71 -23.56 42.67
C SER A 751 -2.02 -24.75 43.34
N SER A 752 -1.01 -25.32 42.69
CA SER A 752 -0.29 -26.44 43.30
C SER A 752 0.41 -26.01 44.58
N PHE A 753 1.05 -24.84 44.57
CA PHE A 753 1.66 -24.31 45.78
C PHE A 753 0.63 -24.08 46.88
N ARG A 754 -0.53 -23.54 46.50
CA ARG A 754 -1.58 -23.28 47.48
C ARG A 754 -2.08 -24.58 48.12
N TYR A 755 -2.32 -25.60 47.30
CA TYR A 755 -2.77 -26.87 47.84
C TYR A 755 -1.72 -27.51 48.73
N GLU A 756 -0.45 -27.44 48.33
CA GLU A 756 0.61 -27.98 49.17
C GLU A 756 0.68 -27.28 50.52
N VAL A 757 0.59 -25.95 50.52
CA VAL A 757 0.64 -25.20 51.78
C VAL A 757 -0.56 -25.54 52.65
N LEU A 758 -1.76 -25.58 52.06
CA LEU A 758 -2.95 -25.88 52.84
C LEU A 758 -2.90 -27.29 53.43
N ASP A 759 -2.38 -28.25 52.67
CA ASP A 759 -2.21 -29.60 53.21
C ASP A 759 -1.18 -29.64 54.32
N LEU A 760 -0.06 -28.93 54.15
CA LEU A 760 1.00 -28.96 55.15
C LEU A 760 0.55 -28.33 56.46
N LEU A 761 -0.12 -27.19 56.37
CA LEU A 761 -0.60 -26.48 57.55
C LEU A 761 -1.75 -27.22 58.21
N GLY A 762 -2.92 -27.18 57.56
CA GLY A 762 -4.10 -27.86 58.08
C GLY A 762 -3.85 -29.31 58.39
N ARG B 17 -13.90 29.69 35.29
CA ARG B 17 -13.78 28.30 35.71
C ARG B 17 -15.01 27.48 35.32
N ILE B 18 -14.81 26.19 35.06
CA ILE B 18 -15.89 25.27 34.72
C ILE B 18 -16.18 24.43 35.97
N PRO B 19 -17.31 24.61 36.63
CA PRO B 19 -17.64 23.75 37.78
C PRO B 19 -17.94 22.33 37.31
N LEU B 20 -17.34 21.36 37.97
CA LEU B 20 -17.53 19.95 37.64
C LEU B 20 -18.24 19.27 38.80
N GLN B 21 -19.39 18.66 38.50
CA GLN B 21 -20.20 17.97 39.51
C GLN B 21 -20.75 16.70 38.86
N ILE B 22 -21.69 16.06 39.54
CA ILE B 22 -22.31 14.83 39.04
C ILE B 22 -23.70 15.21 38.54
N VAL B 23 -23.85 15.36 37.23
CA VAL B 23 -25.14 15.71 36.65
C VAL B 23 -26.14 14.57 36.84
N ARG B 24 -25.71 13.33 36.59
CA ARG B 24 -26.55 12.15 36.74
C ARG B 24 -26.12 11.44 38.02
N ALA B 25 -26.67 11.87 39.14
CA ALA B 25 -26.29 11.33 40.43
C ALA B 25 -26.85 9.93 40.62
N GLU B 26 -26.15 9.14 41.45
CA GLU B 26 -26.60 7.80 41.82
C GLU B 26 -26.61 7.66 43.33
N THR B 27 -26.85 6.45 43.83
CA THR B 27 -26.87 6.17 45.26
C THR B 27 -25.48 5.70 45.68
N GLU B 28 -24.80 6.49 46.52
CA GLU B 28 -23.48 6.12 46.99
C GLU B 28 -23.55 5.00 48.01
N LEU B 29 -22.47 4.23 48.11
CA LEU B 29 -22.35 3.16 49.07
C LEU B 29 -21.95 3.71 50.44
N SER B 30 -22.30 2.98 51.49
CA SER B 30 -21.86 3.31 52.82
C SER B 30 -20.42 2.85 53.02
N ALA B 31 -19.85 3.19 54.18
CA ALA B 31 -18.48 2.77 54.47
C ALA B 31 -18.37 1.26 54.57
N GLU B 32 -19.34 0.61 55.23
CA GLU B 32 -19.28 -0.83 55.41
C GLU B 32 -19.49 -1.56 54.08
N GLU B 33 -20.39 -1.04 53.23
CA GLU B 33 -20.59 -1.65 51.92
C GLU B 33 -19.35 -1.53 51.04
N LYS B 34 -18.69 -0.36 51.08
CA LYS B 34 -17.45 -0.19 50.33
C LYS B 34 -16.36 -1.12 50.86
N ALA B 35 -16.27 -1.28 52.18
CA ALA B 35 -15.29 -2.20 52.75
C ALA B 35 -15.57 -3.64 52.34
N PHE B 36 -16.84 -4.03 52.34
CA PHE B 36 -17.21 -5.38 51.93
C PHE B 36 -16.88 -5.61 50.46
N LEU B 37 -17.17 -4.64 49.59
CA LEU B 37 -16.85 -4.79 48.18
C LEU B 37 -15.34 -4.83 47.96
N ASN B 38 -14.58 -4.05 48.72
CA ASN B 38 -13.12 -4.11 48.63
C ASN B 38 -12.61 -5.47 49.08
N ALA B 39 -13.19 -6.03 50.14
CA ALA B 39 -12.80 -7.37 50.58
C ALA B 39 -13.11 -8.42 49.52
N VAL B 40 -14.27 -8.30 48.86
CA VAL B 40 -14.60 -9.21 47.78
C VAL B 40 -13.63 -9.07 46.61
N GLU B 41 -13.27 -7.84 46.26
CA GLU B 41 -12.32 -7.62 45.18
C GLU B 41 -10.96 -8.20 45.50
N LYS B 42 -10.47 -8.02 46.74
CA LYS B 42 -9.18 -8.54 47.14
C LYS B 42 -9.19 -10.06 47.32
N GLY B 43 -10.38 -10.68 47.41
CA GLY B 43 -10.46 -12.12 47.53
C GLY B 43 -10.29 -12.66 48.93
N ASP B 44 -10.33 -11.80 49.95
CA ASP B 44 -10.18 -12.25 51.33
C ASP B 44 -11.44 -13.01 51.73
N TYR B 45 -11.35 -14.35 51.74
CA TYR B 45 -12.51 -15.18 52.01
C TYR B 45 -13.04 -14.99 53.43
N ALA B 46 -12.14 -14.87 54.41
CA ALA B 46 -12.55 -14.82 55.81
C ALA B 46 -13.36 -13.57 56.10
N THR B 47 -12.89 -12.41 55.63
CA THR B 47 -13.61 -11.17 55.90
C THR B 47 -14.96 -11.13 55.19
N VAL B 48 -15.02 -11.66 53.96
CA VAL B 48 -16.31 -11.70 53.25
C VAL B 48 -17.29 -12.61 53.98
N LYS B 49 -16.82 -13.78 54.43
CA LYS B 49 -17.68 -14.68 55.18
C LYS B 49 -18.18 -14.04 56.47
N GLN B 50 -17.28 -13.36 57.19
CA GLN B 50 -17.68 -12.66 58.41
C GLN B 50 -18.70 -11.57 58.10
N ALA B 51 -18.50 -10.83 57.01
CA ALA B 51 -19.43 -9.78 56.65
C ALA B 51 -20.81 -10.32 56.32
N LEU B 52 -20.87 -11.45 55.60
CA LEU B 52 -22.15 -12.06 55.30
C LEU B 52 -22.85 -12.56 56.57
N GLN B 53 -22.10 -13.23 57.45
CA GLN B 53 -22.68 -13.75 58.69
C GLN B 53 -23.18 -12.61 59.58
N GLU B 54 -22.46 -11.49 59.58
CA GLU B 54 -22.88 -10.33 60.36
C GLU B 54 -24.05 -9.59 59.72
N ALA B 55 -24.13 -9.58 58.39
CA ALA B 55 -25.28 -8.98 57.71
C ALA B 55 -26.54 -9.79 57.97
N GLU B 56 -26.41 -11.09 58.16
CA GLU B 56 -27.59 -11.89 58.50
C GLU B 56 -28.20 -11.47 59.83
N ILE B 57 -27.37 -11.01 60.77
CA ILE B 57 -27.81 -10.71 62.14
C ILE B 57 -28.16 -9.24 62.32
N TYR B 58 -27.27 -8.35 61.88
CA TYR B 58 -27.43 -6.91 62.12
C TYR B 58 -28.09 -6.17 60.97
N TYR B 59 -28.10 -6.74 59.77
CA TYR B 59 -28.71 -6.11 58.58
C TYR B 59 -28.10 -4.72 58.33
N ASN B 60 -26.79 -4.61 58.49
CA ASN B 60 -26.10 -3.34 58.30
C ASN B 60 -25.48 -3.19 56.92
N VAL B 61 -25.25 -4.28 56.21
CA VAL B 61 -24.62 -4.26 54.88
C VAL B 61 -25.57 -4.89 53.88
N ASN B 62 -25.82 -4.20 52.78
CA ASN B 62 -26.63 -4.72 51.69
C ASN B 62 -25.75 -5.58 50.80
N ILE B 63 -26.02 -6.89 50.77
CA ILE B 63 -25.19 -7.81 50.01
C ILE B 63 -25.36 -7.63 48.51
N ASN B 64 -26.42 -6.96 48.07
CA ASN B 64 -26.70 -6.77 46.65
C ASN B 64 -26.30 -5.38 46.15
N CYS B 65 -25.56 -4.62 46.95
CA CYS B 65 -25.17 -3.27 46.55
C CYS B 65 -24.22 -3.30 45.36
N MET B 66 -24.37 -2.32 44.48
CA MET B 66 -23.52 -2.20 43.30
C MET B 66 -22.22 -1.50 43.68
N ASP B 67 -21.40 -1.19 42.69
CA ASP B 67 -20.18 -0.41 42.89
C ASP B 67 -20.27 0.82 41.97
N PRO B 68 -19.30 1.73 42.00
CA PRO B 68 -19.36 2.86 41.04
C PRO B 68 -19.36 2.42 39.58
N LEU B 69 -18.96 1.19 39.28
CA LEU B 69 -19.01 0.66 37.93
C LEU B 69 -20.26 -0.18 37.67
N GLY B 70 -21.15 -0.32 38.65
CA GLY B 70 -22.38 -1.06 38.48
C GLY B 70 -22.31 -2.53 38.84
N ARG B 71 -21.12 -3.06 39.11
CA ARG B 71 -20.96 -4.47 39.45
C ARG B 71 -21.34 -4.72 40.90
N SER B 72 -21.99 -5.85 41.15
CA SER B 72 -22.34 -6.26 42.50
C SER B 72 -21.24 -7.19 43.04
N ALA B 73 -21.44 -7.76 44.23
CA ALA B 73 -20.44 -8.67 44.78
C ALA B 73 -20.33 -9.93 43.93
N LEU B 74 -21.46 -10.46 43.46
CA LEU B 74 -21.42 -11.66 42.64
C LEU B 74 -20.71 -11.41 41.32
N LEU B 75 -20.95 -10.25 40.70
CA LEU B 75 -20.28 -9.92 39.44
C LEU B 75 -18.79 -9.72 39.66
N ILE B 76 -18.40 -9.14 40.78
CA ILE B 76 -16.98 -8.99 41.11
C ILE B 76 -16.34 -10.37 41.28
N ALA B 77 -17.02 -11.27 41.99
CA ALA B 77 -16.47 -12.62 42.17
C ALA B 77 -16.35 -13.36 40.85
N ILE B 78 -17.34 -13.21 39.96
CA ILE B 78 -17.28 -13.86 38.66
C ILE B 78 -16.14 -13.29 37.82
N GLU B 79 -15.97 -11.97 37.85
CA GLU B 79 -14.96 -11.34 37.01
C GLU B 79 -13.55 -11.71 37.46
N ASN B 80 -13.36 -12.06 38.73
CA ASN B 80 -12.06 -12.45 39.24
C ASN B 80 -11.83 -13.96 39.18
N GLU B 81 -12.78 -14.72 38.65
CA GLU B 81 -12.70 -16.19 38.60
C GLU B 81 -12.49 -16.77 40.00
N ASN B 82 -13.13 -16.17 41.00
CA ASN B 82 -13.02 -16.63 42.38
C ASN B 82 -14.21 -17.56 42.64
N LEU B 83 -13.99 -18.86 42.43
CA LEU B 83 -15.06 -19.83 42.60
C LEU B 83 -15.46 -20.00 44.06
N GLU B 84 -14.50 -19.90 44.98
CA GLU B 84 -14.83 -20.05 46.39
C GLU B 84 -15.73 -18.93 46.88
N ILE B 85 -15.39 -17.68 46.58
CA ILE B 85 -16.22 -16.56 46.97
C ILE B 85 -17.54 -16.58 46.22
N MET B 86 -17.53 -17.01 44.95
CA MET B 86 -18.77 -17.17 44.21
C MET B 86 -19.72 -18.14 44.91
N GLU B 87 -19.21 -19.29 45.32
CA GLU B 87 -20.04 -20.28 46.00
C GLU B 87 -20.49 -19.78 47.36
N LEU B 88 -19.62 -19.05 48.07
CA LEU B 88 -20.01 -18.49 49.36
C LEU B 88 -21.15 -17.48 49.20
N LEU B 89 -21.08 -16.63 48.18
CA LEU B 89 -22.16 -15.68 47.92
C LEU B 89 -23.45 -16.41 47.51
N LEU B 90 -23.33 -17.45 46.69
CA LEU B 90 -24.51 -18.19 46.25
C LEU B 90 -25.18 -18.90 47.43
N ASN B 91 -24.38 -19.42 48.36
CA ASN B 91 -24.94 -20.08 49.54
C ASN B 91 -25.68 -19.12 50.45
N HIS B 92 -25.39 -17.82 50.36
CA HIS B 92 -26.08 -16.80 51.15
C HIS B 92 -27.25 -16.17 50.40
N SER B 93 -27.60 -16.70 49.22
CA SER B 93 -28.76 -16.27 48.45
C SER B 93 -28.69 -14.79 48.08
N VAL B 94 -27.68 -14.45 47.29
CA VAL B 94 -27.55 -13.12 46.73
C VAL B 94 -28.32 -13.06 45.41
N TYR B 95 -28.60 -11.84 44.96
CA TYR B 95 -29.30 -11.67 43.68
C TYR B 95 -28.43 -12.22 42.56
N VAL B 96 -29.04 -13.04 41.70
CA VAL B 96 -28.33 -13.78 40.67
C VAL B 96 -28.77 -13.43 39.27
N GLY B 97 -29.69 -12.48 39.10
CA GLY B 97 -30.21 -12.12 37.80
C GLY B 97 -29.14 -11.71 36.81
N ASP B 98 -29.15 -12.34 35.63
CA ASP B 98 -28.21 -12.09 34.53
C ASP B 98 -26.77 -12.41 34.90
N ALA B 99 -26.52 -13.02 36.05
CA ALA B 99 -25.15 -13.42 36.40
C ALA B 99 -24.65 -14.52 35.48
N LEU B 100 -25.55 -15.41 35.03
CA LEU B 100 -25.16 -16.47 34.12
C LEU B 100 -24.63 -15.90 32.81
N LEU B 101 -25.22 -14.82 32.32
CA LEU B 101 -24.73 -14.20 31.10
C LEU B 101 -23.32 -13.67 31.27
N TYR B 102 -23.03 -13.04 32.42
CA TYR B 102 -21.68 -12.56 32.68
C TYR B 102 -20.69 -13.72 32.79
N ALA B 103 -21.10 -14.81 33.44
CA ALA B 103 -20.25 -15.98 33.54
C ALA B 103 -19.95 -16.56 32.15
N ILE B 104 -20.96 -16.63 31.30
CA ILE B 104 -20.76 -17.16 29.95
C ILE B 104 -19.84 -16.25 29.14
N ARG B 105 -20.07 -14.93 29.21
CA ARG B 105 -19.24 -14.00 28.45
C ARG B 105 -17.79 -14.05 28.93
N LYS B 106 -17.59 -14.19 30.25
CA LYS B 106 -16.25 -14.34 30.79
C LYS B 106 -15.59 -15.64 30.32
N GLU B 107 -16.37 -16.60 29.82
CA GLU B 107 -15.87 -17.89 29.35
C GLU B 107 -15.16 -18.64 30.47
N VAL B 108 -15.85 -18.77 31.61
CA VAL B 108 -15.35 -19.49 32.77
C VAL B 108 -16.26 -20.68 33.01
N VAL B 109 -15.72 -21.89 32.84
CA VAL B 109 -16.53 -23.10 32.95
C VAL B 109 -17.02 -23.29 34.38
N GLY B 110 -16.16 -23.05 35.37
CA GLY B 110 -16.56 -23.24 36.75
C GLY B 110 -17.72 -22.35 37.16
N ALA B 111 -17.67 -21.08 36.76
CA ALA B 111 -18.77 -20.17 37.06
C ALA B 111 -20.07 -20.62 36.41
N VAL B 112 -20.00 -21.06 35.15
CA VAL B 112 -21.20 -21.51 34.45
C VAL B 112 -21.80 -22.72 35.14
N GLU B 113 -20.96 -23.69 35.53
CA GLU B 113 -21.48 -24.88 36.20
C GLU B 113 -22.07 -24.53 37.57
N LEU B 114 -21.40 -23.66 38.32
CA LEU B 114 -21.92 -23.21 39.62
C LEU B 114 -23.28 -22.55 39.47
N LEU B 115 -23.43 -21.68 38.47
CA LEU B 115 -24.69 -20.96 38.30
C LEU B 115 -25.78 -21.86 37.73
N LEU B 116 -25.41 -22.85 36.91
CA LEU B 116 -26.39 -23.79 36.40
C LEU B 116 -26.94 -24.69 37.50
N SER B 117 -26.09 -25.08 38.45
CA SER B 117 -26.58 -25.86 39.57
C SER B 117 -27.28 -25.02 40.63
N TYR B 118 -27.16 -23.69 40.56
CA TYR B 118 -27.76 -22.77 41.53
C TYR B 118 -27.38 -23.12 42.97
N THR B 134 -36.38 -3.04 36.55
CA THR B 134 -35.44 -3.38 35.49
C THR B 134 -34.07 -2.74 35.72
N GLN B 135 -33.16 -3.50 36.32
CA GLN B 135 -31.82 -3.00 36.59
C GLN B 135 -31.01 -2.88 35.31
N PHE B 136 -29.91 -2.16 35.40
CA PHE B 136 -29.00 -2.02 34.27
C PHE B 136 -28.33 -3.36 33.96
N SER B 137 -28.19 -3.64 32.66
CA SER B 137 -27.54 -4.86 32.21
C SER B 137 -26.70 -4.55 30.98
N GLU B 138 -25.58 -5.26 30.85
CA GLU B 138 -24.72 -5.13 29.68
C GLU B 138 -25.20 -5.98 28.50
N PHE B 139 -26.27 -6.75 28.68
CA PHE B 139 -26.80 -7.62 27.64
C PHE B 139 -28.22 -7.20 27.31
N THR B 140 -28.54 -7.21 26.01
CA THR B 140 -29.87 -6.82 25.57
C THR B 140 -30.90 -7.86 26.04
N PRO B 141 -32.16 -7.46 26.19
CA PRO B 141 -33.17 -8.38 26.74
C PRO B 141 -33.35 -9.65 25.92
N ASP B 142 -33.10 -9.62 24.61
CA ASP B 142 -33.30 -10.79 23.78
C ASP B 142 -32.20 -11.83 23.92
N ILE B 143 -31.08 -11.49 24.57
CA ILE B 143 -29.98 -12.43 24.72
C ILE B 143 -30.38 -13.51 25.73
N THR B 144 -30.17 -14.77 25.35
CA THR B 144 -30.42 -15.93 26.18
C THR B 144 -29.10 -16.65 26.43
N PRO B 145 -29.02 -17.50 27.47
CA PRO B 145 -27.75 -18.17 27.76
C PRO B 145 -27.18 -18.95 26.60
N ILE B 146 -28.00 -19.74 25.90
CA ILE B 146 -27.49 -20.52 24.78
C ILE B 146 -27.05 -19.60 23.65
N MET B 147 -27.81 -18.52 23.41
CA MET B 147 -27.44 -17.57 22.37
C MET B 147 -26.12 -16.89 22.69
N LEU B 148 -25.92 -16.48 23.95
CA LEU B 148 -24.67 -15.84 24.34
C LEU B 148 -23.51 -16.82 24.25
N ALA B 149 -23.72 -18.07 24.66
CA ALA B 149 -22.67 -19.08 24.54
C ALA B 149 -22.29 -19.30 23.09
N ALA B 150 -23.27 -19.33 22.19
CA ALA B 150 -22.98 -19.42 20.76
C ALA B 150 -22.20 -18.21 20.28
N HIS B 151 -22.55 -17.02 20.77
CA HIS B 151 -21.83 -15.82 20.40
C HIS B 151 -20.36 -15.91 20.83
N THR B 152 -20.11 -16.46 22.02
CA THR B 152 -18.73 -16.62 22.49
C THR B 152 -18.00 -17.75 21.78
N ASN B 153 -18.74 -18.65 21.11
CA ASN B 153 -18.15 -19.76 20.35
C ASN B 153 -17.26 -20.63 21.24
N ASN B 154 -17.66 -20.80 22.50
CA ASN B 154 -16.91 -21.60 23.46
C ASN B 154 -17.51 -23.00 23.49
N TYR B 155 -16.74 -23.99 23.01
CA TYR B 155 -17.28 -25.32 22.82
C TYR B 155 -17.73 -25.95 24.14
N GLU B 156 -16.97 -25.73 25.21
CA GLU B 156 -17.32 -26.33 26.50
C GLU B 156 -18.66 -25.83 27.01
N ILE B 157 -18.85 -24.51 27.04
CA ILE B 157 -20.08 -23.94 27.59
C ILE B 157 -21.26 -24.22 26.66
N ILE B 158 -21.04 -24.15 25.34
CA ILE B 158 -22.09 -24.49 24.39
C ILE B 158 -22.55 -25.92 24.59
N LYS B 159 -21.59 -26.85 24.75
CA LYS B 159 -21.93 -28.24 25.00
C LYS B 159 -22.69 -28.40 26.31
N LEU B 160 -22.25 -27.69 27.35
CA LEU B 160 -22.94 -27.78 28.64
C LEU B 160 -24.39 -27.32 28.53
N LEU B 161 -24.63 -26.23 27.80
CA LEU B 161 -25.99 -25.72 27.67
C LEU B 161 -26.84 -26.60 26.76
N VAL B 162 -26.23 -27.18 25.71
CA VAL B 162 -26.97 -28.07 24.83
C VAL B 162 -27.24 -29.43 25.51
N GLN B 163 -26.50 -29.76 26.57
CA GLN B 163 -26.81 -30.96 27.34
C GLN B 163 -28.23 -30.92 27.90
N LYS B 164 -28.72 -29.71 28.22
CA LYS B 164 -30.11 -29.54 28.64
C LYS B 164 -31.00 -29.42 27.41
N ARG B 165 -32.26 -29.04 27.62
CA ARG B 165 -33.21 -28.86 26.52
C ARG B 165 -33.30 -27.37 26.23
N VAL B 166 -32.43 -26.88 25.36
CA VAL B 166 -32.39 -25.48 24.98
C VAL B 166 -32.76 -25.35 23.51
N THR B 167 -33.39 -24.23 23.17
CA THR B 167 -33.84 -23.98 21.80
C THR B 167 -33.50 -22.54 21.42
N ILE B 168 -33.37 -22.31 20.12
CA ILE B 168 -33.14 -21.00 19.55
C ILE B 168 -34.29 -20.70 18.59
N PRO B 169 -34.94 -19.55 18.69
CA PRO B 169 -36.08 -19.26 17.80
C PRO B 169 -35.67 -19.25 16.34
N ARG B 170 -36.56 -19.72 15.48
CA ARG B 170 -36.29 -19.77 14.05
C ARG B 170 -36.48 -18.39 13.44
N PRO B 171 -35.46 -17.84 12.77
CA PRO B 171 -35.68 -16.62 12.00
C PRO B 171 -36.59 -16.89 10.81
N HIS B 172 -37.40 -15.89 10.47
CA HIS B 172 -38.36 -16.02 9.38
C HIS B 172 -37.63 -15.88 8.04
N GLN B 173 -38.39 -15.87 6.95
CA GLN B 173 -37.82 -15.72 5.63
C GLN B 173 -37.17 -14.35 5.48
N ILE B 174 -36.16 -14.28 4.60
CA ILE B 174 -35.46 -13.03 4.36
C ILE B 174 -36.42 -11.96 3.86
N ARG B 175 -37.36 -12.34 3.00
CA ARG B 175 -38.39 -11.46 2.49
C ARG B 175 -39.78 -11.86 2.98
N CYS B 176 -39.86 -12.26 4.25
CA CYS B 176 -41.14 -12.67 4.83
C CYS B 176 -42.07 -11.47 4.98
N ASN B 177 -43.36 -11.70 4.75
CA ASN B 177 -44.37 -10.65 4.81
C ASN B 177 -45.54 -11.04 5.70
N CYS B 178 -45.29 -11.86 6.73
CA CYS B 178 -46.35 -12.24 7.64
C CYS B 178 -46.69 -11.08 8.57
N VAL B 179 -47.80 -11.23 9.29
CA VAL B 179 -48.28 -10.16 10.16
C VAL B 179 -47.29 -9.91 11.31
N GLU B 180 -46.69 -10.97 11.85
CA GLU B 180 -45.79 -10.81 12.98
C GLU B 180 -44.55 -10.01 12.61
N CYS B 181 -43.97 -10.30 11.45
CA CYS B 181 -42.74 -9.61 11.05
C CYS B 181 -42.99 -8.12 10.83
N VAL B 182 -44.06 -7.78 10.11
CA VAL B 182 -44.34 -6.38 9.83
C VAL B 182 -44.75 -5.65 11.11
N SER B 183 -45.50 -6.32 11.99
CA SER B 183 -45.87 -5.70 13.25
C SER B 183 -44.65 -5.41 14.11
N SER B 184 -43.71 -6.37 14.20
CA SER B 184 -42.50 -6.14 14.97
C SER B 184 -41.64 -5.05 14.35
N SER B 185 -41.55 -5.03 13.02
CA SER B 185 -40.75 -3.99 12.35
C SER B 185 -41.33 -2.61 12.58
N GLU B 186 -42.66 -2.47 12.52
CA GLU B 186 -43.27 -1.16 12.70
C GLU B 186 -43.23 -0.72 14.15
N VAL B 187 -43.43 -1.66 15.08
CA VAL B 187 -43.44 -1.31 16.51
C VAL B 187 -42.03 -0.90 16.96
N ASP B 188 -41.03 -1.69 16.61
CA ASP B 188 -39.64 -1.38 16.99
C ASP B 188 -38.73 -2.01 15.95
N SER B 189 -38.28 -1.21 14.99
CA SER B 189 -37.37 -1.73 13.96
C SER B 189 -36.00 -2.06 14.55
N LEU B 190 -35.51 -1.22 15.47
CA LEU B 190 -34.19 -1.44 16.05
C LEU B 190 -34.15 -2.75 16.83
N ARG B 191 -35.16 -2.99 17.66
CA ARG B 191 -35.19 -4.22 18.46
C ARG B 191 -35.31 -5.45 17.56
N HIS B 192 -36.16 -5.38 16.55
CA HIS B 192 -36.35 -6.53 15.66
C HIS B 192 -35.07 -6.84 14.89
N SER B 193 -34.41 -5.82 14.36
CA SER B 193 -33.16 -6.03 13.64
C SER B 193 -32.07 -6.57 14.56
N ARG B 194 -31.99 -6.04 15.78
CA ARG B 194 -30.99 -6.52 16.73
C ARG B 194 -31.23 -7.99 17.08
N SER B 195 -32.49 -8.36 17.31
CA SER B 195 -32.81 -9.74 17.64
C SER B 195 -32.49 -10.68 16.48
N ARG B 196 -32.81 -10.26 15.25
CA ARG B 196 -32.48 -11.10 14.10
C ARG B 196 -30.97 -11.29 13.97
N LEU B 197 -30.20 -10.21 14.16
CA LEU B 197 -28.75 -10.30 14.08
C LEU B 197 -28.21 -11.21 15.18
N ASN B 198 -28.76 -11.12 16.39
CA ASN B 198 -28.30 -11.98 17.47
C ASN B 198 -28.59 -13.45 17.18
N ILE B 199 -29.78 -13.74 16.65
CA ILE B 199 -30.12 -15.11 16.31
C ILE B 199 -29.16 -15.65 15.24
N TYR B 200 -28.88 -14.85 14.21
CA TYR B 200 -27.99 -15.34 13.16
C TYR B 200 -26.55 -15.44 13.64
N LYS B 201 -26.14 -14.60 14.59
CA LYS B 201 -24.84 -14.78 15.22
C LYS B 201 -24.77 -16.09 16.00
N ALA B 202 -25.87 -16.43 16.68
CA ALA B 202 -25.91 -17.68 17.43
C ALA B 202 -25.83 -18.89 16.50
N LEU B 203 -26.66 -18.90 15.45
CA LEU B 203 -26.73 -20.05 14.56
C LEU B 203 -25.43 -20.26 13.79
N ALA B 204 -24.78 -19.18 13.38
CA ALA B 204 -23.55 -19.26 12.61
C ALA B 204 -22.32 -19.51 13.47
N SER B 205 -22.50 -19.96 14.70
CA SER B 205 -21.37 -20.30 15.57
C SER B 205 -20.76 -21.63 15.13
N PRO B 206 -19.46 -21.67 14.80
CA PRO B 206 -18.87 -22.95 14.37
C PRO B 206 -19.01 -24.06 15.39
N SER B 207 -18.89 -23.75 16.69
CA SER B 207 -19.08 -24.77 17.71
C SER B 207 -20.52 -25.24 17.75
N LEU B 208 -21.48 -24.32 17.60
CA LEU B 208 -22.89 -24.72 17.61
C LEU B 208 -23.27 -25.47 16.34
N ILE B 209 -22.51 -25.32 15.25
CA ILE B 209 -22.75 -26.14 14.06
C ILE B 209 -22.08 -27.50 14.22
N ALA B 210 -20.93 -27.55 14.89
CA ALA B 210 -20.26 -28.83 15.11
C ALA B 210 -21.15 -29.77 15.91
N LEU B 211 -21.80 -29.27 16.95
CA LEU B 211 -22.87 -29.98 17.62
C LEU B 211 -24.20 -29.66 16.94
N SER B 212 -25.24 -30.39 17.35
CA SER B 212 -26.63 -30.05 17.02
C SER B 212 -26.84 -29.77 15.53
N SER B 213 -26.24 -30.62 14.69
CA SER B 213 -26.38 -30.45 13.25
C SER B 213 -26.11 -31.78 12.57
N GLU B 214 -27.09 -32.27 11.80
CA GLU B 214 -26.93 -33.55 11.11
C GLU B 214 -25.76 -33.50 10.12
N ASP B 215 -25.74 -32.49 9.26
CA ASP B 215 -24.70 -32.32 8.24
C ASP B 215 -24.06 -30.95 8.46
N PRO B 216 -22.96 -30.87 9.21
CA PRO B 216 -22.32 -29.56 9.43
C PRO B 216 -21.89 -28.87 8.16
N ILE B 217 -21.45 -29.63 7.14
CA ILE B 217 -20.96 -29.01 5.92
C ILE B 217 -22.11 -28.36 5.15
N LEU B 218 -23.21 -29.11 4.96
CA LEU B 218 -24.36 -28.55 4.25
C LEU B 218 -24.99 -27.40 5.04
N THR B 219 -25.06 -27.54 6.36
CA THR B 219 -25.56 -26.46 7.20
C THR B 219 -24.71 -25.21 7.03
N ALA B 220 -23.39 -25.36 7.04
CA ALA B 220 -22.51 -24.21 6.84
C ALA B 220 -22.73 -23.59 5.47
N PHE B 221 -22.85 -24.42 4.42
CA PHE B 221 -23.08 -23.89 3.08
C PHE B 221 -24.35 -23.04 3.03
N ARG B 222 -25.48 -23.61 3.47
CA ARG B 222 -26.75 -22.90 3.33
C ARG B 222 -26.84 -21.72 4.28
N LEU B 223 -26.26 -21.83 5.47
CA LEU B 223 -26.25 -20.71 6.41
C LEU B 223 -25.41 -19.55 5.86
N GLY B 224 -24.25 -19.85 5.27
CA GLY B 224 -23.48 -18.79 4.63
C GLY B 224 -24.20 -18.15 3.47
N TRP B 225 -24.88 -18.97 2.65
CA TRP B 225 -25.65 -18.40 1.55
C TRP B 225 -26.75 -17.47 2.07
N GLU B 226 -27.47 -17.91 3.10
CA GLU B 226 -28.55 -17.08 3.64
C GLU B 226 -28.01 -15.80 4.27
N LEU B 227 -26.85 -15.88 4.94
CA LEU B 227 -26.24 -14.68 5.50
C LEU B 227 -25.81 -13.71 4.41
N LYS B 228 -25.28 -14.23 3.29
CA LYS B 228 -24.95 -13.36 2.17
C LYS B 228 -26.19 -12.69 1.60
N GLU B 229 -27.29 -13.44 1.49
CA GLU B 229 -28.54 -12.85 1.02
C GLU B 229 -29.05 -11.77 1.97
N LEU B 230 -28.94 -12.01 3.27
CA LEU B 230 -29.33 -10.99 4.25
C LEU B 230 -28.45 -9.76 4.14
N SER B 231 -27.16 -9.95 3.92
CA SER B 231 -26.26 -8.82 3.71
C SER B 231 -26.68 -8.00 2.49
N LYS B 232 -27.05 -8.68 1.40
CA LYS B 232 -27.57 -7.96 0.24
C LYS B 232 -28.84 -7.18 0.58
N VAL B 233 -29.78 -7.85 1.27
CA VAL B 233 -31.07 -7.23 1.55
C VAL B 233 -30.91 -6.10 2.57
N GLU B 234 -30.19 -6.35 3.65
CA GLU B 234 -30.03 -5.36 4.72
C GLU B 234 -28.93 -4.37 4.31
N ASN B 235 -29.35 -3.17 3.90
CA ASN B 235 -28.38 -2.14 3.55
C ASN B 235 -27.50 -1.78 4.75
N GLU B 236 -28.11 -1.63 5.91
CA GLU B 236 -27.37 -1.50 7.15
C GLU B 236 -27.11 -2.89 7.73
N PHE B 237 -26.14 -2.98 8.63
CA PHE B 237 -25.64 -4.24 9.16
C PHE B 237 -25.06 -5.15 8.09
N LYS B 238 -24.67 -4.57 6.94
CA LYS B 238 -24.14 -5.37 5.83
C LYS B 238 -22.81 -6.02 6.21
N ALA B 239 -21.93 -5.29 6.90
CA ALA B 239 -20.61 -5.82 7.23
C ALA B 239 -20.71 -7.00 8.18
N GLU B 240 -21.62 -6.93 9.17
CA GLU B 240 -21.74 -8.01 10.14
C GLU B 240 -22.24 -9.30 9.48
N TYR B 241 -23.24 -9.19 8.60
CA TYR B 241 -23.69 -10.38 7.89
C TYR B 241 -22.63 -10.91 6.94
N GLU B 242 -21.88 -10.01 6.30
CA GLU B 242 -20.79 -10.46 5.43
C GLU B 242 -19.74 -11.24 6.22
N GLU B 243 -19.38 -10.74 7.41
CA GLU B 243 -18.36 -11.45 8.19
C GLU B 243 -18.90 -12.75 8.78
N LEU B 244 -20.19 -12.81 9.12
CA LEU B 244 -20.77 -14.07 9.57
C LEU B 244 -20.78 -15.11 8.44
N SER B 245 -21.14 -14.69 7.23
CA SER B 245 -21.09 -15.60 6.09
C SER B 245 -19.67 -16.07 5.81
N GLN B 246 -18.70 -15.15 5.88
CA GLN B 246 -17.31 -15.54 5.68
C GLN B 246 -16.85 -16.52 6.76
N GLN B 247 -17.33 -16.33 7.99
CA GLN B 247 -16.99 -17.26 9.07
C GLN B 247 -17.57 -18.65 8.81
N CYS B 248 -18.79 -18.73 8.30
CA CYS B 248 -19.36 -20.03 7.96
C CYS B 248 -18.58 -20.70 6.83
N LYS B 249 -18.19 -19.92 5.81
CA LYS B 249 -17.38 -20.47 4.73
C LYS B 249 -16.05 -21.00 5.25
N LEU B 250 -15.41 -20.24 6.15
CA LEU B 250 -14.14 -20.70 6.72
C LEU B 250 -14.33 -21.95 7.55
N PHE B 251 -15.44 -22.06 8.29
CA PHE B 251 -15.69 -23.27 9.07
C PHE B 251 -15.83 -24.49 8.17
N ALA B 252 -16.56 -24.34 7.05
CA ALA B 252 -16.66 -25.45 6.11
C ALA B 252 -15.28 -25.83 5.56
N LYS B 253 -14.48 -24.82 5.21
CA LYS B 253 -13.15 -25.09 4.67
C LYS B 253 -12.26 -25.81 5.68
N ASP B 254 -12.33 -25.41 6.95
CA ASP B 254 -11.50 -26.05 7.98
C ASP B 254 -11.96 -27.47 8.27
N LEU B 255 -13.27 -27.70 8.32
CA LEU B 255 -13.78 -29.06 8.43
C LEU B 255 -13.25 -29.94 7.31
N LEU B 256 -13.23 -29.41 6.08
CA LEU B 256 -12.60 -30.14 4.98
C LEU B 256 -11.11 -30.34 5.22
N ASP B 257 -10.45 -29.31 5.78
CA ASP B 257 -9.02 -29.39 6.05
C ASP B 257 -8.67 -30.53 7.00
N GLN B 258 -9.62 -30.93 7.86
CA GLN B 258 -9.29 -31.96 8.83
C GLN B 258 -9.26 -33.38 8.25
N ALA B 259 -9.54 -33.57 6.97
CA ALA B 259 -9.50 -34.90 6.39
C ALA B 259 -8.06 -35.42 6.31
N ARG B 260 -7.88 -36.70 6.62
CA ARG B 260 -6.55 -37.29 6.73
C ARG B 260 -6.29 -38.41 5.74
N SER B 261 -7.24 -38.76 4.88
CA SER B 261 -7.03 -39.80 3.89
C SER B 261 -7.90 -39.52 2.68
N SER B 262 -7.52 -40.09 1.53
CA SER B 262 -8.28 -39.89 0.31
C SER B 262 -9.65 -40.56 0.39
N ARG B 263 -9.76 -41.67 1.14
CA ARG B 263 -11.06 -42.31 1.32
C ARG B 263 -12.05 -41.35 1.99
N GLU B 264 -11.60 -40.67 3.05
CA GLU B 264 -12.47 -39.71 3.73
C GLU B 264 -12.87 -38.58 2.80
N LEU B 265 -11.92 -38.05 2.02
CA LEU B 265 -12.22 -36.94 1.13
C LEU B 265 -13.22 -37.36 0.06
N GLU B 266 -13.04 -38.55 -0.51
CA GLU B 266 -13.99 -39.05 -1.50
C GLU B 266 -15.38 -39.26 -0.89
N ILE B 267 -15.44 -39.78 0.34
CA ILE B 267 -16.72 -39.96 1.01
C ILE B 267 -17.40 -38.61 1.21
N ILE B 268 -16.64 -37.59 1.62
CA ILE B 268 -17.22 -36.27 1.85
C ILE B 268 -17.75 -35.69 0.55
N LEU B 269 -16.93 -35.69 -0.50
CA LEU B 269 -17.30 -34.97 -1.72
C LEU B 269 -18.36 -35.72 -2.53
N ASN B 270 -18.54 -37.02 -2.31
CA ASN B 270 -19.50 -37.80 -3.06
C ASN B 270 -20.83 -38.00 -2.34
N HIS B 271 -21.00 -37.39 -1.17
CA HIS B 271 -22.21 -37.63 -0.39
C HIS B 271 -23.44 -37.00 -1.05
N ARG B 272 -24.54 -37.74 -1.04
CA ARG B 272 -25.82 -37.27 -1.55
C ARG B 272 -26.73 -36.91 -0.40
N ASP B 273 -27.27 -35.70 -0.42
CA ASP B 273 -28.19 -35.27 0.64
C ASP B 273 -29.60 -35.79 0.37
N ASP B 286 -21.23 -38.32 -9.73
CA ASP B 286 -20.45 -38.26 -8.49
C ASP B 286 -20.08 -36.83 -8.14
N LEU B 287 -19.31 -36.66 -7.07
CA LEU B 287 -18.92 -35.33 -6.58
C LEU B 287 -20.13 -34.46 -6.29
N ALA B 288 -21.16 -35.06 -5.68
CA ALA B 288 -22.42 -34.35 -5.46
C ALA B 288 -22.24 -33.18 -4.50
N LYS B 289 -21.58 -33.43 -3.35
CA LYS B 289 -21.38 -32.35 -2.39
C LYS B 289 -20.46 -31.28 -2.96
N LEU B 290 -19.52 -31.67 -3.82
CA LEU B 290 -18.70 -30.66 -4.52
C LEU B 290 -19.56 -29.79 -5.42
N LYS B 291 -20.52 -30.40 -6.12
CA LYS B 291 -21.44 -29.63 -6.95
C LYS B 291 -22.27 -28.68 -6.09
N VAL B 292 -22.72 -29.15 -4.93
CA VAL B 292 -23.48 -28.28 -4.02
C VAL B 292 -22.63 -27.12 -3.54
N ALA B 293 -21.36 -27.38 -3.20
CA ALA B 293 -20.45 -26.32 -2.79
C ALA B 293 -20.26 -25.30 -3.91
N ILE B 294 -20.15 -25.78 -5.15
CA ILE B 294 -20.05 -24.87 -6.29
C ILE B 294 -21.32 -24.04 -6.42
N LYS B 295 -22.47 -24.65 -6.14
CA LYS B 295 -23.75 -23.93 -6.25
C LYS B 295 -23.83 -22.78 -5.27
N TYR B 296 -23.36 -22.97 -4.04
CA TYR B 296 -23.41 -21.95 -3.01
C TYR B 296 -22.20 -21.01 -3.03
N HIS B 297 -21.39 -21.06 -4.09
CA HIS B 297 -20.24 -20.16 -4.25
C HIS B 297 -19.28 -20.27 -3.06
N GLN B 298 -18.98 -21.51 -2.66
CA GLN B 298 -18.02 -21.77 -1.58
C GLN B 298 -16.63 -21.87 -2.19
N LYS B 299 -16.07 -20.70 -2.51
CA LYS B 299 -14.82 -20.66 -3.25
C LYS B 299 -13.67 -21.27 -2.46
N GLU B 300 -13.60 -20.97 -1.16
CA GLU B 300 -12.51 -21.52 -0.35
C GLU B 300 -12.63 -23.03 -0.20
N PHE B 301 -13.85 -23.54 -0.07
CA PHE B 301 -14.05 -24.99 0.03
C PHE B 301 -13.64 -25.69 -1.26
N VAL B 302 -13.99 -25.11 -2.40
CA VAL B 302 -13.67 -25.73 -3.69
C VAL B 302 -12.17 -25.68 -3.96
N ALA B 303 -11.52 -24.55 -3.64
CA ALA B 303 -10.10 -24.37 -3.90
C ALA B 303 -9.22 -25.04 -2.84
N GLN B 304 -9.78 -25.95 -2.06
CA GLN B 304 -8.99 -26.70 -1.09
C GLN B 304 -7.91 -27.51 -1.82
N PRO B 305 -6.67 -27.50 -1.31
CA PRO B 305 -5.59 -28.24 -2.01
C PRO B 305 -5.88 -29.72 -2.21
N ASN B 306 -6.51 -30.38 -1.23
CA ASN B 306 -6.83 -31.79 -1.41
C ASN B 306 -7.98 -31.99 -2.40
N CYS B 307 -8.98 -31.10 -2.33
CA CYS B 307 -10.04 -31.13 -3.32
C CYS B 307 -9.49 -30.87 -4.72
N GLN B 308 -8.58 -29.91 -4.85
CA GLN B 308 -7.97 -29.62 -6.14
C GLN B 308 -7.13 -30.81 -6.63
N GLN B 309 -6.43 -31.48 -5.72
CA GLN B 309 -5.65 -32.65 -6.09
C GLN B 309 -6.53 -33.78 -6.60
N LEU B 310 -7.65 -34.04 -5.92
CA LEU B 310 -8.58 -35.06 -6.38
C LEU B 310 -9.16 -34.69 -7.75
N LEU B 311 -9.54 -33.42 -7.92
CA LEU B 311 -10.08 -32.98 -9.20
C LEU B 311 -9.03 -33.08 -10.30
N ALA B 312 -7.76 -32.82 -9.97
CA ALA B 312 -6.71 -32.97 -10.97
C ALA B 312 -6.51 -34.41 -11.38
N THR B 313 -6.58 -35.34 -10.41
CA THR B 313 -6.48 -36.75 -10.76
C THR B 313 -7.64 -37.16 -11.66
N LEU B 314 -8.84 -36.63 -11.40
CA LEU B 314 -9.97 -36.91 -12.27
C LEU B 314 -9.79 -36.26 -13.64
N TRP B 315 -9.13 -35.10 -13.70
CA TRP B 315 -9.01 -34.34 -14.93
C TRP B 315 -8.04 -35.01 -15.90
N TYR B 316 -6.90 -35.50 -15.42
CA TYR B 316 -5.95 -36.22 -16.25
C TYR B 316 -6.18 -37.72 -16.12
N ASP B 317 -7.36 -38.16 -16.59
CA ASP B 317 -7.72 -39.57 -16.50
C ASP B 317 -6.78 -40.44 -17.33
N GLY B 318 -6.51 -40.03 -18.56
CA GLY B 318 -5.67 -40.84 -19.44
C GLY B 318 -4.21 -40.86 -19.02
N PHE B 319 -3.66 -39.69 -18.67
CA PHE B 319 -2.24 -39.59 -18.36
C PHE B 319 -2.01 -39.72 -16.87
N PRO B 320 -1.34 -40.76 -16.40
CA PRO B 320 -1.13 -40.92 -14.95
C PRO B 320 -0.03 -40.02 -14.41
N GLY B 321 0.93 -39.68 -15.27
CA GLY B 321 2.07 -38.89 -14.83
C GLY B 321 2.21 -37.55 -15.50
N TRP B 322 1.07 -36.89 -15.76
CA TRP B 322 1.10 -35.55 -16.34
C TRP B 322 1.68 -34.51 -15.37
N ARG B 323 1.64 -34.78 -14.07
CA ARG B 323 2.14 -33.83 -13.09
C ARG B 323 3.65 -33.62 -13.25
N ARG B 324 4.40 -34.69 -13.49
CA ARG B 324 5.85 -34.64 -13.60
C ARG B 324 6.24 -34.90 -15.06
N LYS B 325 6.24 -33.83 -15.85
CA LYS B 325 6.64 -33.90 -17.25
C LYS B 325 7.27 -32.57 -17.65
N HIS B 326 8.07 -32.62 -18.70
CA HIS B 326 8.70 -31.40 -19.20
C HIS B 326 7.71 -30.60 -20.05
N TRP B 327 8.02 -29.32 -20.23
CA TRP B 327 7.15 -28.45 -21.01
C TRP B 327 7.03 -28.92 -22.46
N VAL B 328 8.15 -29.35 -23.04
CA VAL B 328 8.14 -29.79 -24.44
C VAL B 328 7.29 -31.05 -24.59
N VAL B 329 7.37 -31.97 -23.63
CA VAL B 329 6.58 -33.20 -23.73
C VAL B 329 5.10 -32.89 -23.67
N LYS B 330 4.69 -32.03 -22.74
CA LYS B 330 3.29 -31.65 -22.63
C LYS B 330 2.81 -30.94 -23.89
N LEU B 331 3.62 -30.02 -24.42
CA LEU B 331 3.24 -29.29 -25.63
C LEU B 331 3.08 -30.24 -26.81
N LEU B 332 4.02 -31.18 -26.97
CA LEU B 332 3.93 -32.14 -28.07
C LEU B 332 2.71 -33.02 -27.93
N THR B 333 2.41 -33.49 -26.71
CA THR B 333 1.23 -34.33 -26.50
C THR B 333 -0.05 -33.55 -26.80
N CYS B 334 -0.13 -32.30 -26.36
CA CYS B 334 -1.32 -31.49 -26.63
C CYS B 334 -1.48 -31.26 -28.14
N MET B 335 -0.38 -30.96 -28.84
CA MET B 335 -0.45 -30.77 -30.28
C MET B 335 -0.89 -32.04 -30.99
N THR B 336 -0.36 -33.19 -30.55
CA THR B 336 -0.73 -34.46 -31.17
C THR B 336 -2.22 -34.75 -30.98
N ILE B 337 -2.72 -34.56 -29.75
CA ILE B 337 -4.13 -34.84 -29.51
C ILE B 337 -5.02 -33.86 -30.26
N GLY B 338 -4.60 -32.59 -30.34
CA GLY B 338 -5.37 -31.61 -31.09
C GLY B 338 -5.44 -31.94 -32.57
N PHE B 339 -4.31 -32.36 -33.16
CA PHE B 339 -4.30 -32.72 -34.57
C PHE B 339 -5.06 -34.02 -34.84
N LEU B 340 -5.23 -34.86 -33.84
CA LEU B 340 -5.95 -36.12 -33.99
C LEU B 340 -7.39 -36.04 -33.51
N PHE B 341 -7.89 -34.85 -33.21
CA PHE B 341 -9.27 -34.71 -32.72
C PHE B 341 -10.31 -35.25 -33.68
N PRO B 342 -10.24 -35.04 -35.01
CA PRO B 342 -11.27 -35.63 -35.88
C PRO B 342 -11.30 -37.15 -35.81
N MET B 343 -10.12 -37.77 -35.70
CA MET B 343 -10.07 -39.22 -35.59
C MET B 343 -10.75 -39.70 -34.30
N LEU B 344 -10.49 -39.02 -33.19
CA LEU B 344 -11.12 -39.39 -31.93
C LEU B 344 -12.64 -39.20 -32.00
N SER B 345 -13.10 -38.11 -32.60
CA SER B 345 -14.53 -37.88 -32.74
C SER B 345 -15.18 -38.97 -33.60
N ILE B 346 -14.55 -39.33 -34.71
CA ILE B 346 -15.08 -40.37 -35.59
C ILE B 346 -15.10 -41.71 -34.87
N ALA B 347 -14.04 -42.02 -34.12
CA ALA B 347 -13.99 -43.28 -33.37
C ALA B 347 -15.09 -43.35 -32.33
N TYR B 348 -15.34 -42.24 -31.63
CA TYR B 348 -16.45 -42.21 -30.69
C TYR B 348 -17.79 -42.38 -31.38
N LEU B 349 -17.95 -41.77 -32.57
CA LEU B 349 -19.18 -41.92 -33.31
C LEU B 349 -19.42 -43.36 -33.74
N ILE B 350 -18.38 -44.05 -34.21
CA ILE B 350 -18.54 -45.39 -34.75
C ILE B 350 -18.69 -46.41 -33.63
N SER B 351 -17.66 -46.55 -32.80
CA SER B 351 -17.64 -47.54 -31.72
C SER B 351 -17.14 -46.88 -30.44
N PRO B 352 -18.05 -46.48 -29.54
CA PRO B 352 -17.60 -45.86 -28.28
C PRO B 352 -16.77 -46.79 -27.41
N ARG B 353 -16.89 -48.11 -27.58
CA ARG B 353 -16.20 -49.08 -26.74
C ARG B 353 -14.96 -49.59 -27.48
N SER B 354 -13.88 -48.81 -27.39
CA SER B 354 -12.60 -49.16 -28.00
C SER B 354 -11.51 -48.30 -27.37
N ASN B 355 -10.27 -48.58 -27.74
CA ASN B 355 -9.15 -47.80 -27.23
C ASN B 355 -9.23 -46.35 -27.68
N LEU B 356 -9.87 -46.09 -28.83
CA LEU B 356 -10.07 -44.74 -29.31
C LEU B 356 -11.48 -44.23 -29.11
N GLY B 357 -12.47 -45.12 -29.02
CA GLY B 357 -13.85 -44.69 -28.88
C GLY B 357 -14.09 -43.96 -27.57
N LEU B 358 -13.61 -44.53 -26.46
CA LEU B 358 -13.78 -43.92 -25.15
C LEU B 358 -12.60 -43.05 -24.73
N PHE B 359 -11.59 -42.93 -25.59
CA PHE B 359 -10.44 -42.07 -25.28
C PHE B 359 -10.82 -40.60 -25.28
N ILE B 360 -11.91 -40.23 -25.95
CA ILE B 360 -12.34 -38.83 -25.97
C ILE B 360 -13.19 -38.47 -24.75
N LYS B 361 -13.78 -39.47 -24.08
CA LYS B 361 -14.59 -39.19 -22.91
C LYS B 361 -13.77 -38.72 -21.73
N LYS B 362 -12.45 -38.87 -21.77
CA LYS B 362 -11.60 -38.35 -20.70
C LYS B 362 -11.65 -36.83 -20.69
N PRO B 363 -11.71 -36.20 -19.51
CA PRO B 363 -11.96 -34.75 -19.45
C PRO B 363 -10.89 -33.92 -20.14
N PHE B 364 -9.62 -34.17 -19.88
CA PHE B 364 -8.56 -33.39 -20.52
C PHE B 364 -8.53 -33.62 -22.02
N ILE B 365 -8.70 -34.87 -22.46
CA ILE B 365 -8.74 -35.16 -23.89
C ILE B 365 -9.93 -34.49 -24.54
N LYS B 366 -11.09 -34.52 -23.87
CA LYS B 366 -12.27 -33.85 -24.40
C LYS B 366 -12.05 -32.35 -24.54
N PHE B 367 -11.43 -31.73 -23.53
CA PHE B 367 -11.12 -30.31 -23.61
C PHE B 367 -10.17 -30.01 -24.76
N ILE B 368 -9.15 -30.85 -24.95
CA ILE B 368 -8.19 -30.63 -26.03
C ILE B 368 -8.90 -30.74 -27.38
N CYS B 369 -9.77 -31.74 -27.54
CA CYS B 369 -10.47 -31.91 -28.81
C CYS B 369 -11.41 -30.74 -29.09
N HIS B 370 -12.14 -30.27 -28.08
CA HIS B 370 -13.03 -29.12 -28.28
C HIS B 370 -12.23 -27.86 -28.64
N THR B 371 -11.10 -27.64 -27.96
CA THR B 371 -10.27 -26.49 -28.27
C THR B 371 -9.71 -26.58 -29.69
N ALA B 372 -9.29 -27.79 -30.10
CA ALA B 372 -8.78 -27.97 -31.46
C ALA B 372 -9.87 -27.71 -32.50
N SER B 373 -11.09 -28.19 -32.23
CA SER B 373 -12.19 -27.95 -33.15
C SER B 373 -12.48 -26.45 -33.29
N TYR B 374 -12.50 -25.73 -32.16
CA TYR B 374 -12.74 -24.30 -32.24
C TYR B 374 -11.60 -23.58 -32.97
N LEU B 375 -10.36 -24.04 -32.75
CA LEU B 375 -9.22 -23.43 -33.44
C LEU B 375 -9.30 -23.66 -34.94
N THR B 376 -9.71 -24.85 -35.37
CA THR B 376 -9.89 -25.08 -36.82
C THR B 376 -11.02 -24.21 -37.36
N PHE B 377 -12.08 -24.01 -36.58
CA PHE B 377 -13.16 -23.12 -37.00
C PHE B 377 -12.63 -21.69 -37.20
N LEU B 378 -11.82 -21.21 -36.26
CA LEU B 378 -11.26 -19.87 -36.39
C LEU B 378 -10.28 -19.78 -37.57
N PHE B 379 -9.53 -20.85 -37.81
CA PHE B 379 -8.64 -20.88 -38.97
C PHE B 379 -9.42 -20.78 -40.27
N MET B 380 -10.56 -21.48 -40.34
CA MET B 380 -11.42 -21.36 -41.52
C MET B 380 -12.02 -19.97 -41.64
N LEU B 381 -12.36 -19.36 -40.50
CA LEU B 381 -12.83 -17.97 -40.54
C LEU B 381 -11.76 -17.04 -41.11
N LEU B 382 -10.51 -17.24 -40.71
CA LEU B 382 -9.41 -16.45 -41.28
C LEU B 382 -9.26 -16.72 -42.77
N LEU B 383 -9.36 -17.98 -43.18
CA LEU B 383 -9.22 -18.32 -44.60
C LEU B 383 -10.39 -17.80 -45.44
N ALA B 384 -11.54 -17.54 -44.82
CA ALA B 384 -12.72 -17.09 -45.56
C ALA B 384 -12.57 -15.69 -46.14
N SER B 385 -11.44 -15.02 -45.93
CA SER B 385 -11.21 -13.68 -46.48
C SER B 385 -10.03 -13.64 -47.44
N GLN B 386 -9.66 -14.78 -48.03
CA GLN B 386 -8.53 -14.83 -48.93
C GLN B 386 -8.97 -14.78 -50.39
N ASP B 392 -14.59 -13.54 -57.65
CA ASP B 392 -15.48 -12.49 -58.15
C ASP B 392 -16.34 -11.94 -57.01
N LEU B 393 -16.33 -10.62 -56.86
CA LEU B 393 -17.09 -9.94 -55.82
C LEU B 393 -18.27 -9.13 -56.35
N HIS B 394 -18.46 -9.09 -57.66
CA HIS B 394 -19.53 -8.30 -58.25
C HIS B 394 -20.86 -9.06 -58.33
N VAL B 395 -20.88 -10.33 -57.97
CA VAL B 395 -22.11 -11.11 -58.01
C VAL B 395 -23.01 -10.73 -56.85
N GLN B 396 -24.24 -10.36 -57.16
CA GLN B 396 -25.22 -10.02 -56.13
C GLN B 396 -25.84 -11.31 -55.61
N GLY B 397 -25.58 -11.62 -54.34
CA GLY B 397 -26.02 -12.86 -53.75
C GLY B 397 -25.36 -14.07 -54.38
N PRO B 398 -24.06 -14.21 -54.20
CA PRO B 398 -23.34 -15.35 -54.79
C PRO B 398 -23.62 -16.62 -54.02
N PRO B 399 -23.46 -17.78 -54.66
CA PRO B 399 -23.57 -19.03 -53.91
C PRO B 399 -22.42 -19.17 -52.92
N PRO B 400 -22.64 -19.84 -51.79
CA PRO B 400 -21.56 -19.98 -50.81
C PRO B 400 -20.37 -20.73 -51.39
N THR B 401 -19.17 -20.30 -51.00
CA THR B 401 -17.94 -20.90 -51.50
C THR B 401 -17.61 -22.17 -50.71
N VAL B 402 -16.49 -22.79 -51.07
CA VAL B 402 -16.07 -24.01 -50.38
C VAL B 402 -15.76 -23.72 -48.91
N VAL B 403 -15.11 -22.59 -48.63
CA VAL B 403 -14.80 -22.23 -47.25
C VAL B 403 -16.08 -21.99 -46.46
N GLU B 404 -17.05 -21.30 -47.06
CA GLU B 404 -18.32 -21.09 -46.38
C GLU B 404 -19.08 -22.40 -46.18
N TRP B 405 -19.01 -23.30 -47.17
CA TRP B 405 -19.63 -24.60 -47.01
C TRP B 405 -18.98 -25.41 -45.90
N MET B 406 -17.68 -25.24 -45.68
CA MET B 406 -17.03 -25.90 -44.56
C MET B 406 -17.35 -25.21 -43.24
N ILE B 407 -17.57 -23.90 -43.27
CA ILE B 407 -17.91 -23.17 -42.04
C ILE B 407 -19.31 -23.53 -41.55
N LEU B 408 -20.25 -23.73 -42.49
CA LEU B 408 -21.65 -23.95 -42.13
C LEU B 408 -21.88 -25.06 -41.10
N PRO B 409 -21.31 -26.26 -41.23
CA PRO B 409 -21.56 -27.29 -40.20
C PRO B 409 -21.08 -26.88 -38.82
N TRP B 410 -20.00 -26.12 -38.71
CA TRP B 410 -19.56 -25.63 -37.40
C TRP B 410 -20.60 -24.70 -36.78
N VAL B 411 -21.17 -23.80 -37.58
CA VAL B 411 -22.20 -22.90 -37.08
C VAL B 411 -23.43 -23.69 -36.63
N LEU B 412 -23.83 -24.67 -37.45
CA LEU B 412 -24.98 -25.50 -37.07
C LEU B 412 -24.70 -26.27 -35.78
N GLY B 413 -23.48 -26.78 -35.64
CA GLY B 413 -23.11 -27.48 -34.41
C GLY B 413 -23.11 -26.56 -33.20
N PHE B 414 -22.65 -25.32 -33.38
CA PHE B 414 -22.69 -24.35 -32.28
C PHE B 414 -24.12 -24.09 -31.85
N ILE B 415 -25.03 -23.88 -32.82
CA ILE B 415 -26.42 -23.61 -32.47
C ILE B 415 -27.05 -24.82 -31.78
N TRP B 416 -26.81 -26.01 -32.32
CA TRP B 416 -27.37 -27.22 -31.73
C TRP B 416 -26.82 -27.46 -30.32
N GLY B 417 -25.52 -27.24 -30.13
CA GLY B 417 -24.95 -27.40 -28.80
C GLY B 417 -25.50 -26.39 -27.81
N GLU B 418 -25.72 -25.15 -28.25
CA GLU B 418 -26.30 -24.15 -27.37
C GLU B 418 -27.71 -24.54 -26.94
N ILE B 419 -28.55 -24.95 -27.89
CA ILE B 419 -29.91 -25.32 -27.52
C ILE B 419 -29.92 -26.61 -26.69
N LYS B 420 -29.01 -27.53 -26.96
CA LYS B 420 -28.93 -28.76 -26.17
C LYS B 420 -28.51 -28.48 -24.73
N GLU B 421 -27.54 -27.58 -24.54
CA GLU B 421 -27.17 -27.17 -23.20
C GLU B 421 -28.32 -26.45 -22.52
N MET B 422 -29.05 -25.63 -23.26
CA MET B 422 -30.23 -24.95 -22.72
C MET B 422 -31.26 -25.95 -22.22
N TRP B 423 -31.50 -27.00 -23.00
CA TRP B 423 -32.49 -28.01 -22.60
C TRP B 423 -31.99 -28.82 -21.40
N ASP B 424 -30.73 -29.30 -21.45
CA ASP B 424 -30.25 -30.23 -20.43
C ASP B 424 -30.01 -29.54 -19.10
N GLY B 425 -29.40 -28.36 -19.12
CA GLY B 425 -29.09 -27.66 -17.89
C GLY B 425 -30.28 -26.99 -17.25
N GLY B 426 -31.00 -26.19 -18.01
CA GLY B 426 -32.14 -25.45 -17.53
C GLY B 426 -32.10 -24.02 -18.03
N PHE B 427 -32.99 -23.20 -17.49
CA PHE B 427 -33.08 -21.79 -17.88
C PHE B 427 -32.23 -20.90 -16.97
N THR B 428 -32.46 -20.98 -15.66
CA THR B 428 -31.76 -20.08 -14.74
C THR B 428 -30.26 -20.30 -14.77
N GLU B 429 -29.83 -21.57 -14.80
CA GLU B 429 -28.40 -21.85 -14.89
C GLU B 429 -27.82 -21.33 -16.19
N TYR B 430 -28.55 -21.49 -17.30
CA TYR B 430 -28.08 -21.01 -18.59
C TYR B 430 -27.95 -19.49 -18.59
N ILE B 431 -28.93 -18.77 -18.06
CA ILE B 431 -28.89 -17.32 -18.07
C ILE B 431 -27.93 -16.75 -17.03
N HIS B 432 -27.55 -17.54 -16.02
CA HIS B 432 -26.60 -17.05 -15.03
C HIS B 432 -25.19 -16.94 -15.59
N ASP B 433 -24.85 -17.77 -16.58
CA ASP B 433 -23.54 -17.70 -17.21
C ASP B 433 -23.51 -16.52 -18.18
N TRP B 434 -22.60 -15.57 -17.94
CA TRP B 434 -22.54 -14.38 -18.78
C TRP B 434 -21.97 -14.69 -20.16
N TRP B 435 -21.04 -15.65 -20.25
CA TRP B 435 -20.48 -16.00 -21.56
C TRP B 435 -21.57 -16.43 -22.53
N ASN B 436 -22.62 -17.09 -22.04
CA ASN B 436 -23.73 -17.50 -22.89
C ASN B 436 -24.28 -16.33 -23.67
N LEU B 437 -24.34 -15.14 -23.04
CA LEU B 437 -24.80 -13.95 -23.75
C LEU B 437 -24.03 -13.76 -25.05
N MET B 438 -22.69 -13.77 -24.96
CA MET B 438 -21.87 -13.66 -26.17
C MET B 438 -22.23 -14.76 -27.15
N ASP B 439 -22.33 -16.00 -26.66
CA ASP B 439 -22.72 -17.10 -27.54
C ASP B 439 -24.01 -16.77 -28.26
N PHE B 440 -25.03 -16.35 -27.50
CA PHE B 440 -26.30 -15.99 -28.11
C PHE B 440 -26.07 -14.98 -29.22
N ALA B 441 -25.36 -13.89 -28.91
CA ALA B 441 -25.09 -12.88 -29.92
C ALA B 441 -24.48 -13.52 -31.15
N MET B 442 -23.40 -14.28 -30.97
CA MET B 442 -22.75 -14.91 -32.11
C MET B 442 -23.76 -15.70 -32.92
N ASN B 443 -24.49 -16.60 -32.26
CA ASN B 443 -25.43 -17.44 -32.99
C ASN B 443 -26.41 -16.58 -33.76
N SER B 444 -27.02 -15.60 -33.08
CA SER B 444 -28.00 -14.75 -33.74
C SER B 444 -27.39 -14.12 -34.97
N LEU B 445 -26.21 -13.50 -34.81
CA LEU B 445 -25.58 -12.86 -35.95
C LEU B 445 -25.37 -13.85 -37.09
N TYR B 446 -24.82 -15.03 -36.77
CA TYR B 446 -24.61 -16.03 -37.81
C TYR B 446 -25.92 -16.38 -38.49
N LEU B 447 -26.97 -16.61 -37.70
CA LEU B 447 -28.27 -16.91 -38.30
C LEU B 447 -28.68 -15.79 -39.23
N ALA B 448 -28.58 -14.53 -38.74
CA ALA B 448 -28.89 -13.39 -39.58
C ALA B 448 -28.11 -13.46 -40.88
N THR B 449 -26.79 -13.70 -40.77
CA THR B 449 -25.96 -13.78 -41.97
C THR B 449 -26.57 -14.77 -42.95
N ILE B 450 -26.85 -15.99 -42.47
CA ILE B 450 -27.38 -17.02 -43.36
C ILE B 450 -28.65 -16.51 -44.01
N SER B 451 -29.56 -15.97 -43.20
CA SER B 451 -30.83 -15.48 -43.75
C SER B 451 -30.55 -14.49 -44.86
N LEU B 452 -29.72 -13.48 -44.58
CA LEU B 452 -29.48 -12.45 -45.58
C LEU B 452 -28.87 -13.05 -46.82
N LYS B 453 -27.90 -13.95 -46.65
CA LYS B 453 -27.31 -14.59 -47.83
C LYS B 453 -28.40 -15.24 -48.67
N ILE B 454 -29.27 -16.02 -48.05
CA ILE B 454 -30.34 -16.67 -48.78
C ILE B 454 -31.17 -15.64 -49.52
N VAL B 455 -31.55 -14.56 -48.82
CA VAL B 455 -32.33 -13.51 -49.46
C VAL B 455 -31.59 -12.99 -50.68
N ALA B 456 -30.31 -12.62 -50.50
CA ALA B 456 -29.56 -12.07 -51.62
C ALA B 456 -29.41 -13.08 -52.74
N TYR B 457 -29.40 -14.38 -52.42
CA TYR B 457 -29.31 -15.38 -53.46
C TYR B 457 -30.61 -15.47 -54.26
N VAL B 458 -31.75 -15.32 -53.61
CA VAL B 458 -33.01 -15.55 -54.31
C VAL B 458 -33.55 -14.26 -54.95
N LYS B 459 -33.20 -13.11 -54.40
CA LYS B 459 -33.74 -11.85 -54.89
C LYS B 459 -32.90 -11.21 -55.99
N TYR B 460 -31.66 -11.66 -56.18
CA TYR B 460 -30.75 -11.07 -57.15
C TYR B 460 -30.10 -12.17 -57.99
N ASN B 461 -29.98 -11.91 -59.29
CA ASN B 461 -29.35 -12.85 -60.20
C ASN B 461 -28.25 -12.17 -61.00
N GLY B 462 -28.44 -10.89 -61.32
CA GLY B 462 -27.47 -10.18 -62.13
C GLY B 462 -26.20 -9.85 -61.36
N SER B 463 -25.15 -9.55 -62.12
CA SER B 463 -23.84 -9.23 -61.56
C SER B 463 -23.58 -7.74 -61.80
N ARG B 464 -24.01 -6.91 -60.85
CA ARG B 464 -23.83 -5.46 -60.86
C ARG B 464 -22.63 -5.08 -59.99
N PRO B 465 -21.78 -4.16 -60.45
CA PRO B 465 -20.62 -3.78 -59.65
C PRO B 465 -21.03 -3.17 -58.32
N ARG B 466 -20.20 -3.44 -57.29
CA ARG B 466 -20.53 -3.02 -55.93
C ARG B 466 -20.57 -1.51 -55.78
N GLU B 467 -19.97 -0.76 -56.70
CA GLU B 467 -19.95 0.70 -56.58
C GLU B 467 -21.35 1.29 -56.61
N GLU B 468 -22.23 0.74 -57.45
CA GLU B 468 -23.58 1.27 -57.60
C GLU B 468 -24.63 0.45 -56.85
N TRP B 469 -24.20 -0.40 -55.91
CA TRP B 469 -25.16 -1.11 -55.08
C TRP B 469 -25.85 -0.14 -54.12
N GLU B 470 -27.02 -0.56 -53.64
CA GLU B 470 -27.72 0.20 -52.63
C GLU B 470 -26.94 0.16 -51.31
N MET B 471 -27.13 1.21 -50.50
CA MET B 471 -26.49 1.25 -49.19
C MET B 471 -26.96 0.08 -48.32
N TRP B 472 -28.25 -0.22 -48.36
CA TRP B 472 -28.83 -1.31 -47.56
C TRP B 472 -29.03 -2.57 -48.39
N HIS B 473 -28.12 -2.83 -49.31
CA HIS B 473 -28.17 -4.07 -50.09
C HIS B 473 -27.98 -5.26 -49.16
N PRO B 474 -28.70 -6.37 -49.39
CA PRO B 474 -28.58 -7.52 -48.47
C PRO B 474 -27.18 -8.06 -48.33
N THR B 475 -26.39 -8.05 -49.41
CA THR B 475 -25.04 -8.60 -49.36
C THR B 475 -24.16 -7.80 -48.42
N LEU B 476 -24.25 -6.46 -48.46
CA LEU B 476 -23.42 -5.62 -47.61
C LEU B 476 -23.76 -5.83 -46.14
N ILE B 477 -25.05 -5.91 -45.81
CA ILE B 477 -25.47 -6.14 -44.43
C ILE B 477 -25.01 -7.52 -43.97
N ALA B 478 -25.15 -8.52 -44.84
CA ALA B 478 -24.70 -9.87 -44.49
C ALA B 478 -23.21 -9.90 -44.21
N GLU B 479 -22.42 -9.23 -45.04
CA GLU B 479 -20.97 -9.21 -44.84
C GLU B 479 -20.59 -8.48 -43.56
N ALA B 480 -21.26 -7.36 -43.26
CA ALA B 480 -20.99 -6.66 -42.02
C ALA B 480 -21.31 -7.54 -40.81
N LEU B 481 -22.46 -8.23 -40.85
CA LEU B 481 -22.83 -9.11 -39.75
C LEU B 481 -21.85 -10.25 -39.60
N PHE B 482 -21.39 -10.82 -40.73
CA PHE B 482 -20.42 -11.90 -40.67
C PHE B 482 -19.09 -11.41 -40.09
N ALA B 483 -18.67 -10.20 -40.43
CA ALA B 483 -17.45 -9.65 -39.85
C ALA B 483 -17.57 -9.46 -38.34
N ILE B 484 -18.72 -8.93 -37.88
CA ILE B 484 -18.93 -8.79 -36.44
C ILE B 484 -18.92 -10.16 -35.77
N SER B 485 -19.53 -11.16 -36.41
CA SER B 485 -19.53 -12.51 -35.86
C SER B 485 -18.12 -13.07 -35.77
N ASN B 486 -17.28 -12.79 -36.78
CA ASN B 486 -15.90 -13.24 -36.73
C ASN B 486 -15.15 -12.60 -35.57
N ILE B 487 -15.37 -11.30 -35.35
CA ILE B 487 -14.75 -10.61 -34.22
C ILE B 487 -15.15 -11.29 -32.91
N LEU B 488 -16.45 -11.52 -32.73
CA LEU B 488 -16.93 -12.13 -31.49
C LEU B 488 -16.41 -13.56 -31.34
N SER B 489 -16.37 -14.33 -32.43
CA SER B 489 -15.89 -15.70 -32.36
C SER B 489 -14.44 -15.74 -31.93
N SER B 490 -13.60 -14.87 -32.49
CA SER B 490 -12.20 -14.85 -32.07
C SER B 490 -12.07 -14.34 -30.63
N LEU B 491 -12.93 -13.40 -30.21
CA LEU B 491 -12.88 -12.89 -28.85
C LEU B 491 -13.37 -13.91 -27.84
N ARG B 492 -14.11 -14.93 -28.29
CA ARG B 492 -14.61 -15.95 -27.37
C ARG B 492 -13.48 -16.78 -26.75
N LEU B 493 -12.27 -16.70 -27.29
CA LEU B 493 -11.15 -17.49 -26.77
C LEU B 493 -10.68 -17.02 -25.39
N ILE B 494 -11.17 -15.89 -24.90
CA ILE B 494 -10.77 -15.41 -23.58
C ILE B 494 -11.15 -16.42 -22.50
N SER B 495 -12.30 -17.08 -22.66
CA SER B 495 -12.78 -18.02 -21.65
C SER B 495 -11.83 -19.20 -21.45
N LEU B 496 -10.98 -19.49 -22.43
CA LEU B 496 -10.02 -20.59 -22.29
C LEU B 496 -8.81 -20.20 -21.45
N PHE B 497 -8.63 -18.92 -21.12
CA PHE B 497 -7.54 -18.52 -20.25
C PHE B 497 -7.68 -19.11 -18.86
N THR B 498 -8.89 -19.57 -18.50
CA THR B 498 -9.10 -20.17 -17.19
C THR B 498 -8.30 -21.47 -17.04
N ALA B 499 -8.14 -22.22 -18.12
CA ALA B 499 -7.45 -23.51 -18.09
C ALA B 499 -5.96 -23.38 -17.83
N ASN B 500 -5.41 -22.16 -17.89
CA ASN B 500 -3.97 -21.95 -17.78
C ASN B 500 -3.63 -21.36 -16.41
N SER B 501 -2.48 -21.78 -15.88
CA SER B 501 -2.04 -21.29 -14.57
C SER B 501 -1.61 -19.83 -14.63
N HIS B 502 -0.93 -19.43 -15.71
CA HIS B 502 -0.42 -18.07 -15.80
C HIS B 502 -1.47 -17.10 -16.34
N LEU B 503 -2.44 -17.58 -17.12
CA LEU B 503 -3.44 -16.71 -17.72
C LEU B 503 -4.75 -16.66 -16.94
N GLY B 504 -4.99 -17.62 -16.05
CA GLY B 504 -6.24 -17.68 -15.32
C GLY B 504 -6.47 -16.52 -14.36
N PRO B 505 -5.59 -16.38 -13.36
CA PRO B 505 -5.75 -15.27 -12.41
C PRO B 505 -5.66 -13.90 -13.07
N LEU B 506 -4.91 -13.77 -14.16
CA LEU B 506 -4.90 -12.52 -14.90
C LEU B 506 -6.27 -12.22 -15.49
N GLN B 507 -6.92 -13.22 -16.08
CA GLN B 507 -8.27 -13.03 -16.59
C GLN B 507 -9.25 -12.70 -15.47
N ILE B 508 -9.08 -13.33 -14.31
CA ILE B 508 -9.93 -13.00 -13.16
C ILE B 508 -9.77 -11.54 -12.79
N SER B 509 -8.52 -11.06 -12.73
CA SER B 509 -8.26 -9.68 -12.36
C SER B 509 -8.87 -8.72 -13.37
N LEU B 510 -8.71 -9.00 -14.67
CA LEU B 510 -9.25 -8.11 -15.69
C LEU B 510 -10.78 -8.10 -15.66
N GLY B 511 -11.39 -9.28 -15.46
CA GLY B 511 -12.84 -9.33 -15.35
C GLY B 511 -13.36 -8.55 -14.17
N ARG B 512 -12.65 -8.60 -13.04
CA ARG B 512 -13.08 -7.84 -11.88
C ARG B 512 -12.90 -6.34 -12.10
N MET B 513 -11.83 -5.93 -12.79
CA MET B 513 -11.65 -4.52 -13.09
C MET B 513 -12.65 -3.99 -14.12
N LEU B 514 -13.24 -4.88 -14.92
CA LEU B 514 -14.29 -4.45 -15.84
C LEU B 514 -15.46 -3.82 -15.09
N LEU B 515 -15.68 -4.20 -13.83
CA LEU B 515 -16.74 -3.56 -13.05
C LEU B 515 -16.42 -2.10 -12.77
N ASP B 516 -15.18 -1.79 -12.40
CA ASP B 516 -14.79 -0.40 -12.22
C ASP B 516 -14.88 0.36 -13.53
N ILE B 517 -14.50 -0.28 -14.64
CA ILE B 517 -14.62 0.37 -15.94
C ILE B 517 -16.07 0.71 -16.23
N LEU B 518 -16.98 -0.22 -15.97
CA LEU B 518 -18.41 0.02 -16.18
C LEU B 518 -18.90 1.17 -15.30
N LYS B 519 -18.46 1.21 -14.05
CA LYS B 519 -18.86 2.29 -13.15
C LYS B 519 -18.41 3.65 -13.68
N PHE B 520 -17.16 3.72 -14.17
CA PHE B 520 -16.64 4.98 -14.70
C PHE B 520 -17.32 5.39 -16.01
N LEU B 521 -17.75 4.40 -16.80
CA LEU B 521 -18.35 4.70 -18.09
C LEU B 521 -19.62 5.53 -17.96
N PHE B 522 -20.36 5.37 -16.87
CA PHE B 522 -21.60 6.11 -16.70
C PHE B 522 -21.33 7.62 -16.61
N ILE B 523 -20.40 8.02 -15.74
CA ILE B 523 -20.11 9.45 -15.61
C ILE B 523 -19.43 9.97 -16.86
N TYR B 524 -18.57 9.15 -17.49
CA TYR B 524 -17.99 9.60 -18.75
C TYR B 524 -19.07 9.88 -19.79
N CYS B 525 -20.06 9.00 -19.89
CA CYS B 525 -21.13 9.18 -20.87
C CYS B 525 -21.97 10.40 -20.54
N LEU B 526 -22.20 10.66 -19.26
CA LEU B 526 -22.93 11.88 -18.88
C LEU B 526 -22.18 13.12 -19.35
N VAL B 527 -20.87 13.18 -19.10
CA VAL B 527 -20.08 14.34 -19.52
C VAL B 527 -20.07 14.45 -21.04
N LEU B 528 -19.90 13.33 -21.73
CA LEU B 528 -19.87 13.31 -23.19
C LEU B 528 -21.19 13.81 -23.78
N LEU B 529 -22.30 13.35 -23.23
CA LEU B 529 -23.61 13.79 -23.72
C LEU B 529 -23.82 15.27 -23.47
N ALA B 530 -23.41 15.76 -22.30
CA ALA B 530 -23.53 17.19 -22.00
C ALA B 530 -22.78 18.03 -23.03
N PHE B 531 -21.50 17.72 -23.25
CA PHE B 531 -20.72 18.52 -24.18
C PHE B 531 -21.19 18.33 -25.62
N ALA B 532 -21.69 17.15 -25.98
CA ALA B 532 -22.23 16.95 -27.31
C ALA B 532 -23.46 17.82 -27.52
N ASN B 533 -24.34 17.89 -26.52
CA ASN B 533 -25.50 18.76 -26.62
C ASN B 533 -25.08 20.21 -26.80
N GLY B 534 -24.10 20.66 -26.01
CA GLY B 534 -23.65 22.04 -26.13
C GLY B 534 -23.03 22.37 -27.48
N LEU B 535 -22.12 21.51 -27.95
CA LEU B 535 -21.45 21.75 -29.21
C LEU B 535 -22.43 21.70 -30.39
N ASN B 536 -23.37 20.75 -30.37
CA ASN B 536 -24.37 20.70 -31.43
C ASN B 536 -25.25 21.94 -31.41
N GLN B 537 -25.68 22.36 -30.21
CA GLN B 537 -26.48 23.58 -30.10
C GLN B 537 -25.74 24.76 -30.68
N LEU B 538 -24.42 24.83 -30.47
CA LEU B 538 -23.66 25.97 -30.97
C LEU B 538 -23.44 25.89 -32.48
N TYR B 539 -23.18 24.71 -33.02
CA TYR B 539 -22.67 24.59 -34.38
C TYR B 539 -23.71 24.16 -35.42
N PHE B 540 -24.94 23.80 -35.01
CA PHE B 540 -25.85 23.25 -36.01
C PHE B 540 -26.32 24.29 -37.02
N TYR B 541 -26.06 25.58 -36.78
CA TYR B 541 -26.48 26.60 -37.73
C TYR B 541 -25.64 26.59 -39.00
N TYR B 542 -24.36 26.19 -38.90
CA TYR B 542 -23.43 26.25 -40.02
C TYR B 542 -23.29 24.92 -40.73
N GLU B 543 -24.34 24.11 -40.76
CA GLU B 543 -24.29 22.84 -41.47
C GLU B 543 -24.22 23.07 -42.97
N THR B 544 -23.33 22.35 -43.64
CA THR B 544 -23.10 22.51 -45.07
C THR B 544 -23.42 21.21 -45.80
N ARG B 545 -23.87 21.33 -47.04
CA ARG B 545 -24.19 20.17 -47.84
C ARG B 545 -22.93 19.45 -48.29
N ALA B 546 -23.08 18.16 -48.58
CA ALA B 546 -21.94 17.34 -49.01
C ALA B 546 -21.38 17.81 -50.35
N ILE B 547 -22.21 18.42 -51.20
CA ILE B 547 -21.74 18.91 -52.48
C ILE B 547 -20.71 20.03 -52.30
N ASP B 548 -20.96 20.91 -51.32
CA ASP B 548 -20.05 22.01 -51.06
C ASP B 548 -18.69 21.56 -50.57
N GLU B 549 -18.58 20.32 -50.08
CA GLU B 549 -17.31 19.83 -49.59
C GLU B 549 -16.34 19.59 -50.76
N PRO B 550 -15.03 19.69 -50.51
CA PRO B 550 -14.06 19.60 -51.63
C PRO B 550 -14.11 18.28 -52.37
N ASN B 551 -14.39 17.18 -51.70
CA ASN B 551 -14.39 15.85 -52.32
C ASN B 551 -15.76 15.19 -52.26
N ASN B 552 -16.82 15.98 -52.08
CA ASN B 552 -18.20 15.48 -51.92
C ASN B 552 -18.34 14.54 -50.73
N CYS B 553 -17.45 14.66 -49.75
CA CYS B 553 -17.48 13.83 -48.55
C CYS B 553 -17.83 14.71 -47.36
N LYS B 554 -18.85 14.31 -46.60
CA LYS B 554 -19.30 15.04 -45.43
C LYS B 554 -19.10 14.17 -44.19
N GLY B 555 -18.65 14.80 -43.11
CA GLY B 555 -18.42 14.12 -41.85
C GLY B 555 -16.96 14.18 -41.46
N ILE B 556 -16.63 13.43 -40.40
CA ILE B 556 -15.27 13.43 -39.87
C ILE B 556 -14.39 12.33 -40.45
N ARG B 557 -14.96 11.38 -41.18
CA ARG B 557 -14.20 10.30 -41.78
C ARG B 557 -13.71 10.66 -43.18
N CYS B 558 -13.64 11.94 -43.51
CA CYS B 558 -13.08 12.42 -44.76
C CYS B 558 -11.65 12.86 -44.55
N GLU B 559 -10.91 13.01 -45.65
CA GLU B 559 -9.52 13.43 -45.56
C GLU B 559 -9.40 14.80 -44.91
N LYS B 560 -10.28 15.72 -45.30
CA LYS B 560 -10.46 16.99 -44.60
C LYS B 560 -11.74 16.89 -43.79
N GLN B 561 -11.60 16.85 -42.47
CA GLN B 561 -12.76 16.70 -41.60
C GLN B 561 -13.65 17.94 -41.67
N ASN B 562 -14.96 17.72 -41.71
CA ASN B 562 -15.92 18.82 -41.82
C ASN B 562 -17.23 18.39 -41.17
N ASN B 563 -18.03 19.39 -40.79
CA ASN B 563 -19.32 19.15 -40.14
C ASN B 563 -19.17 18.23 -38.93
N ALA B 564 -18.15 18.49 -38.12
CA ALA B 564 -17.89 17.66 -36.97
C ALA B 564 -19.00 17.76 -35.93
N PHE B 565 -19.60 18.94 -35.78
CA PHE B 565 -20.59 19.18 -34.74
C PHE B 565 -21.95 19.62 -35.31
N SER B 566 -22.25 19.25 -36.55
CA SER B 566 -23.49 19.73 -37.18
C SER B 566 -24.71 19.01 -36.62
N THR B 567 -24.63 17.70 -36.44
CA THR B 567 -25.73 16.91 -35.91
C THR B 567 -25.32 16.26 -34.61
N LEU B 568 -26.31 15.87 -33.81
CA LEU B 568 -26.03 15.27 -32.50
C LEU B 568 -25.28 13.96 -32.64
N PHE B 569 -25.65 13.14 -33.62
CA PHE B 569 -24.95 11.88 -33.85
C PHE B 569 -23.50 12.14 -34.28
N GLU B 570 -23.30 13.06 -35.22
CA GLU B 570 -21.96 13.40 -35.64
C GLU B 570 -21.17 14.07 -34.53
N THR B 571 -21.83 14.88 -33.68
CA THR B 571 -21.14 15.47 -32.54
C THR B 571 -20.68 14.40 -31.55
N LEU B 572 -21.53 13.39 -31.30
CA LEU B 572 -21.14 12.29 -30.44
C LEU B 572 -19.92 11.57 -31.01
N GLN B 573 -19.94 11.29 -32.32
CA GLN B 573 -18.81 10.61 -32.95
C GLN B 573 -17.54 11.45 -32.89
N SER B 574 -17.66 12.76 -33.12
CA SER B 574 -16.50 13.65 -33.05
C SER B 574 -15.91 13.68 -31.65
N LEU B 575 -16.76 13.81 -30.64
CA LEU B 575 -16.27 13.86 -29.26
C LEU B 575 -15.67 12.52 -28.86
N PHE B 576 -16.20 11.41 -29.37
CA PHE B 576 -15.58 10.11 -29.12
C PHE B 576 -14.19 10.04 -29.73
N TRP B 577 -14.07 10.39 -31.02
CA TRP B 577 -12.78 10.28 -31.69
C TRP B 577 -11.77 11.28 -31.18
N SER B 578 -12.21 12.38 -30.56
CA SER B 578 -11.28 13.32 -29.95
C SER B 578 -10.55 12.71 -28.75
N VAL B 579 -11.13 11.69 -28.12
CA VAL B 579 -10.46 11.00 -27.02
C VAL B 579 -9.15 10.40 -27.50
N PHE B 580 -9.15 9.87 -28.72
CA PHE B 580 -7.97 9.24 -29.30
C PHE B 580 -7.18 10.19 -30.20
N GLY B 581 -7.58 11.46 -30.27
CA GLY B 581 -6.84 12.46 -31.00
C GLY B 581 -7.03 12.45 -32.50
N LEU B 582 -7.98 11.67 -33.02
CA LEU B 582 -8.17 11.60 -34.46
C LEU B 582 -9.03 12.74 -35.00
N LEU B 583 -9.56 13.60 -34.15
CA LEU B 583 -10.32 14.76 -34.57
C LEU B 583 -9.39 15.97 -34.61
N ASN B 584 -9.28 16.60 -35.78
CA ASN B 584 -8.39 17.73 -35.96
C ASN B 584 -9.02 19.01 -35.41
N LEU B 585 -8.16 20.00 -35.15
CA LEU B 585 -8.62 21.21 -34.47
C LEU B 585 -9.44 22.10 -35.40
N TYR B 586 -9.09 22.16 -36.68
CA TYR B 586 -9.78 23.06 -37.61
C TYR B 586 -11.25 22.73 -37.76
N VAL B 587 -11.74 21.65 -37.18
CA VAL B 587 -13.17 21.36 -37.23
C VAL B 587 -13.97 22.34 -36.37
N THR B 588 -13.32 23.04 -35.45
CA THR B 588 -14.01 24.08 -34.68
C THR B 588 -14.06 25.41 -35.42
N ASN B 589 -13.84 25.39 -36.73
CA ASN B 589 -13.79 26.61 -37.54
C ASN B 589 -14.99 26.62 -38.49
N VAL B 590 -15.55 27.82 -38.72
CA VAL B 590 -16.70 27.98 -39.59
C VAL B 590 -16.35 28.94 -40.70
N LYS B 591 -17.07 28.80 -41.82
CA LYS B 591 -16.78 29.62 -43.01
C LYS B 591 -17.04 31.09 -42.75
N ALA B 592 -18.09 31.42 -42.00
CA ALA B 592 -18.36 32.80 -41.66
C ALA B 592 -17.27 33.34 -40.73
N ARG B 593 -17.20 34.67 -40.64
CA ARG B 593 -16.22 35.33 -39.79
C ARG B 593 -16.76 35.58 -38.39
N HIS B 594 -17.29 34.53 -37.77
CA HIS B 594 -17.83 34.60 -36.41
C HIS B 594 -16.75 34.10 -35.45
N GLU B 595 -15.79 34.99 -35.15
CA GLU B 595 -14.66 34.60 -34.33
C GLU B 595 -15.08 34.31 -32.89
N PHE B 596 -16.08 35.01 -32.36
CA PHE B 596 -16.56 34.70 -31.03
C PHE B 596 -17.18 33.31 -30.97
N THR B 597 -17.99 32.96 -31.98
CA THR B 597 -18.58 31.62 -32.02
C THR B 597 -17.52 30.54 -32.14
N GLU B 598 -16.52 30.76 -33.00
CA GLU B 598 -15.44 29.80 -33.15
C GLU B 598 -14.65 29.65 -31.85
N PHE B 599 -14.39 30.76 -31.17
CA PHE B 599 -13.65 30.69 -29.91
C PHE B 599 -14.45 29.95 -28.85
N VAL B 600 -15.75 30.21 -28.76
CA VAL B 600 -16.57 29.53 -27.76
C VAL B 600 -16.64 28.04 -28.05
N GLY B 601 -16.81 27.67 -29.33
CA GLY B 601 -16.81 26.26 -29.68
C GLY B 601 -15.48 25.58 -29.39
N ALA B 602 -14.38 26.27 -29.68
CA ALA B 602 -13.05 25.74 -29.36
C ALA B 602 -12.87 25.59 -27.86
N THR B 603 -13.40 26.54 -27.08
CA THR B 603 -13.31 26.45 -25.63
C THR B 603 -14.11 25.29 -25.09
N MET B 604 -15.31 25.05 -25.64
CA MET B 604 -16.08 23.89 -25.25
C MET B 604 -15.33 22.60 -25.57
N PHE B 605 -14.75 22.54 -26.77
CA PHE B 605 -13.97 21.37 -27.17
C PHE B 605 -12.76 21.17 -26.24
N GLY B 606 -12.08 22.26 -25.88
CA GLY B 606 -10.94 22.16 -24.99
C GLY B 606 -11.31 21.75 -23.58
N THR B 607 -12.44 22.26 -23.07
CA THR B 607 -12.92 21.84 -21.76
C THR B 607 -13.28 20.36 -21.77
N TYR B 608 -13.94 19.90 -22.84
CA TYR B 608 -14.22 18.48 -22.96
C TYR B 608 -12.93 17.66 -22.96
N ASN B 609 -11.93 18.11 -23.72
CA ASN B 609 -10.65 17.40 -23.74
C ASN B 609 -10.03 17.34 -22.35
N VAL B 610 -10.00 18.47 -21.65
CA VAL B 610 -9.41 18.53 -20.33
C VAL B 610 -10.10 17.56 -19.39
N ILE B 611 -11.43 17.59 -19.37
CA ILE B 611 -12.18 16.72 -18.47
C ILE B 611 -11.94 15.27 -18.81
N SER B 612 -12.22 14.89 -20.07
CA SER B 612 -12.20 13.48 -20.44
C SER B 612 -10.81 12.87 -20.31
N LEU B 613 -9.77 13.63 -20.65
CA LEU B 613 -8.43 13.04 -20.66
C LEU B 613 -7.68 13.30 -19.36
N VAL B 614 -7.54 14.57 -18.96
CA VAL B 614 -6.72 14.88 -17.79
C VAL B 614 -7.39 14.40 -16.51
N VAL B 615 -8.71 14.61 -16.40
CA VAL B 615 -9.40 14.33 -15.15
C VAL B 615 -9.95 12.91 -15.14
N LEU B 616 -10.85 12.60 -16.07
CA LEU B 616 -11.57 11.33 -16.01
C LEU B 616 -10.65 10.14 -16.23
N LEU B 617 -9.71 10.24 -17.17
CA LEU B 617 -8.86 9.10 -17.48
C LEU B 617 -7.90 8.79 -16.33
N ASN B 618 -7.35 9.82 -15.70
CA ASN B 618 -6.45 9.58 -14.57
C ASN B 618 -7.23 9.04 -13.37
N MET B 619 -8.46 9.52 -13.16
CA MET B 619 -9.29 8.95 -12.09
C MET B 619 -9.62 7.50 -12.36
N LEU B 620 -9.85 7.15 -13.64
CA LEU B 620 -10.05 5.76 -14.01
C LEU B 620 -8.82 4.92 -13.72
N ILE B 621 -7.63 5.46 -14.02
CA ILE B 621 -6.39 4.74 -13.71
C ILE B 621 -6.25 4.52 -12.21
N ALA B 622 -6.55 5.54 -11.42
CA ALA B 622 -6.47 5.40 -9.96
C ALA B 622 -7.45 4.35 -9.44
N MET B 623 -8.68 4.36 -9.96
CA MET B 623 -9.66 3.35 -9.56
C MET B 623 -9.19 1.95 -9.94
N MET B 624 -8.63 1.78 -11.14
CA MET B 624 -8.14 0.48 -11.55
C MET B 624 -6.99 0.02 -10.67
N ASN B 625 -6.09 0.94 -10.30
CA ASN B 625 -5.01 0.59 -9.38
C ASN B 625 -5.56 0.08 -8.05
N ASN B 626 -6.50 0.83 -7.47
CA ASN B 626 -7.04 0.44 -6.18
C ASN B 626 -7.74 -0.91 -6.27
N SER B 627 -8.56 -1.11 -7.31
CA SER B 627 -9.29 -2.36 -7.44
C SER B 627 -8.37 -3.54 -7.67
N TYR B 628 -7.33 -3.37 -8.50
CA TYR B 628 -6.39 -4.46 -8.76
C TYR B 628 -5.62 -4.82 -7.50
N GLN B 629 -5.18 -3.82 -6.73
CA GLN B 629 -4.53 -4.12 -5.46
C GLN B 629 -5.47 -4.85 -4.51
N LEU B 630 -6.76 -4.45 -4.49
CA LEU B 630 -7.72 -5.10 -3.62
C LEU B 630 -7.93 -6.56 -4.01
N ILE B 631 -8.01 -6.84 -5.30
CA ILE B 631 -8.35 -8.19 -5.76
C ILE B 631 -7.14 -9.07 -6.01
N ALA B 632 -5.92 -8.55 -5.83
CA ALA B 632 -4.74 -9.38 -6.04
C ALA B 632 -4.61 -10.46 -4.97
N ASP B 633 -5.15 -10.22 -3.76
CA ASP B 633 -4.99 -11.20 -2.69
C ASP B 633 -5.77 -12.47 -2.96
N HIS B 634 -6.99 -12.35 -3.47
CA HIS B 634 -7.89 -13.49 -3.65
C HIS B 634 -7.90 -14.00 -5.09
N ALA B 635 -6.92 -13.61 -5.90
CA ALA B 635 -6.92 -14.00 -7.30
C ALA B 635 -6.78 -15.51 -7.45
N ASP B 636 -5.95 -16.15 -6.60
CA ASP B 636 -5.74 -17.59 -6.73
C ASP B 636 -7.00 -18.38 -6.42
N ILE B 637 -7.72 -18.02 -5.36
CA ILE B 637 -8.94 -18.75 -5.00
C ILE B 637 -10.01 -18.57 -6.06
N GLU B 638 -10.18 -17.34 -6.56
CA GLU B 638 -11.15 -17.10 -7.62
C GLU B 638 -10.78 -17.89 -8.88
N TRP B 639 -9.51 -17.89 -9.24
CA TRP B 639 -9.09 -18.63 -10.43
C TRP B 639 -9.32 -20.12 -10.26
N LYS B 640 -9.02 -20.66 -9.08
CA LYS B 640 -9.18 -22.10 -8.88
C LYS B 640 -10.66 -22.48 -8.89
N PHE B 641 -11.53 -21.62 -8.35
CA PHE B 641 -12.95 -21.87 -8.44
C PHE B 641 -13.43 -21.87 -9.89
N ALA B 642 -12.97 -20.88 -10.67
CA ALA B 642 -13.37 -20.81 -12.08
C ALA B 642 -12.85 -22.02 -12.86
N ARG B 643 -11.60 -22.41 -12.61
CA ARG B 643 -11.02 -23.57 -13.29
C ARG B 643 -11.72 -24.85 -12.87
N THR B 644 -12.14 -24.96 -11.61
CA THR B 644 -12.90 -26.12 -11.18
C THR B 644 -14.23 -26.19 -11.92
N LYS B 645 -14.90 -25.05 -12.09
CA LYS B 645 -16.13 -25.05 -12.87
C LYS B 645 -15.86 -25.49 -14.31
N LEU B 646 -14.76 -25.00 -14.91
CA LEU B 646 -14.41 -25.40 -16.27
C LEU B 646 -14.17 -26.90 -16.36
N TRP B 647 -13.42 -27.45 -15.40
CA TRP B 647 -13.14 -28.88 -15.39
C TRP B 647 -14.42 -29.69 -15.22
N MET B 648 -15.30 -29.26 -14.31
CA MET B 648 -16.56 -29.97 -14.10
C MET B 648 -17.43 -29.95 -15.34
N SER B 649 -17.36 -28.87 -16.12
CA SER B 649 -18.14 -28.81 -17.35
C SER B 649 -17.76 -29.92 -18.34
N TYR B 650 -16.56 -30.47 -18.22
CA TYR B 650 -16.10 -31.53 -19.11
C TYR B 650 -16.22 -32.92 -18.50
N PHE B 651 -16.84 -33.05 -17.33
CA PHE B 651 -17.04 -34.36 -16.72
C PHE B 651 -18.29 -35.06 -17.20
N ASP B 652 -19.24 -34.33 -17.78
CA ASP B 652 -20.53 -34.91 -18.15
C ASP B 652 -20.43 -35.67 -19.47
N GLU B 653 -21.33 -36.66 -19.62
CA GLU B 653 -21.41 -37.41 -20.87
C GLU B 653 -21.89 -36.54 -22.01
N GLY B 654 -22.88 -35.67 -21.75
CA GLY B 654 -23.42 -34.85 -22.81
C GLY B 654 -22.42 -33.83 -23.33
N GLY B 655 -22.51 -33.56 -24.62
CA GLY B 655 -21.58 -32.64 -25.25
C GLY B 655 -20.18 -33.18 -25.45
N THR B 656 -20.02 -34.50 -25.50
CA THR B 656 -18.70 -35.09 -25.69
C THR B 656 -18.11 -34.70 -27.04
N LEU B 657 -18.90 -34.82 -28.10
CA LEU B 657 -18.42 -34.53 -29.45
C LEU B 657 -18.45 -33.02 -29.70
N PRO B 658 -17.33 -32.42 -30.10
CA PRO B 658 -17.33 -31.00 -30.45
C PRO B 658 -17.94 -30.80 -31.83
N PRO B 659 -18.34 -29.56 -32.17
CA PRO B 659 -18.84 -29.31 -33.51
C PRO B 659 -17.75 -29.52 -34.55
N PRO B 660 -18.11 -29.99 -35.76
CA PRO B 660 -19.47 -30.23 -36.21
C PRO B 660 -19.98 -31.64 -35.94
N PHE B 661 -19.21 -32.45 -35.21
CA PHE B 661 -19.57 -33.84 -34.99
C PHE B 661 -20.77 -34.02 -34.06
N ASN B 662 -21.20 -32.97 -33.37
CA ASN B 662 -22.33 -33.09 -32.45
C ASN B 662 -23.68 -33.18 -33.16
N ILE B 663 -23.75 -32.81 -34.44
CA ILE B 663 -25.01 -32.86 -35.18
C ILE B 663 -25.14 -34.12 -36.02
N ILE B 664 -24.06 -34.87 -36.22
CA ILE B 664 -24.11 -36.08 -37.03
C ILE B 664 -24.92 -37.17 -36.33
N SER B 706 -27.98 -46.18 0.11
CA SER B 706 -28.12 -44.82 0.61
C SER B 706 -27.89 -44.78 2.13
N LEU B 707 -28.44 -45.77 2.83
CA LEU B 707 -28.27 -45.83 4.28
C LEU B 707 -26.81 -46.05 4.67
N ILE B 708 -26.12 -46.95 3.96
CA ILE B 708 -24.71 -47.21 4.26
C ILE B 708 -23.87 -45.99 3.91
N GLN B 709 -24.20 -45.31 2.80
CA GLN B 709 -23.51 -44.06 2.47
C GLN B 709 -23.72 -43.02 3.56
N ASN B 710 -24.94 -42.91 4.07
CA ASN B 710 -25.21 -41.96 5.15
C ASN B 710 -24.42 -42.31 6.40
N GLN B 711 -24.33 -43.60 6.74
CA GLN B 711 -23.57 -44.00 7.92
C GLN B 711 -22.08 -43.70 7.75
N HIS B 712 -21.53 -43.99 6.57
CA HIS B 712 -20.12 -43.66 6.31
C HIS B 712 -19.88 -42.16 6.41
N TYR B 713 -20.79 -41.36 5.84
CA TYR B 713 -20.64 -39.91 5.91
C TYR B 713 -20.73 -39.43 7.35
N GLN B 714 -21.64 -39.99 8.14
CA GLN B 714 -21.75 -39.59 9.54
C GLN B 714 -20.50 -39.93 10.33
N GLU B 715 -19.93 -41.11 10.09
CA GLU B 715 -18.70 -41.49 10.77
C GLU B 715 -17.55 -40.55 10.41
N VAL B 716 -17.40 -40.25 9.11
CA VAL B 716 -16.35 -39.35 8.68
C VAL B 716 -16.57 -37.95 9.26
N ILE B 717 -17.83 -37.52 9.32
CA ILE B 717 -18.14 -36.20 9.88
C ILE B 717 -17.83 -36.15 11.36
N ARG B 718 -18.12 -37.23 12.09
CA ARG B 718 -17.77 -37.27 13.51
C ARG B 718 -16.27 -37.15 13.72
N ASN B 719 -15.49 -37.89 12.92
CA ASN B 719 -14.03 -37.77 13.01
C ASN B 719 -13.58 -36.35 12.70
N LEU B 720 -14.13 -35.75 11.63
CA LEU B 720 -13.73 -34.40 11.25
C LEU B 720 -14.09 -33.39 12.33
N VAL B 721 -15.26 -33.54 12.95
CA VAL B 721 -15.68 -32.62 13.99
C VAL B 721 -14.75 -32.72 15.20
N LYS B 722 -14.40 -33.94 15.61
CA LYS B 722 -13.47 -34.09 16.72
C LYS B 722 -12.13 -33.43 16.42
N ARG B 723 -11.59 -33.70 15.22
CA ARG B 723 -10.30 -33.13 14.86
C ARG B 723 -10.38 -31.60 14.79
N TYR B 724 -11.47 -31.07 14.24
CA TYR B 724 -11.62 -29.62 14.12
C TYR B 724 -11.71 -28.97 15.49
N VAL B 725 -12.47 -29.56 16.40
CA VAL B 725 -12.60 -29.00 17.75
C VAL B 725 -11.25 -28.98 18.44
N ALA B 726 -10.53 -30.11 18.37
CA ALA B 726 -9.21 -30.16 19.00
C ALA B 726 -8.25 -29.14 18.39
N ALA B 727 -8.25 -29.03 17.06
CA ALA B 727 -7.33 -28.11 16.39
C ALA B 727 -7.66 -26.66 16.74
N MET B 728 -8.94 -26.30 16.79
CA MET B 728 -9.30 -24.93 17.09
C MET B 728 -9.03 -24.58 18.55
N ILE B 729 -9.24 -25.53 19.46
CA ILE B 729 -8.86 -25.31 20.86
C ILE B 729 -7.36 -25.09 20.97
N ARG B 730 -6.57 -25.92 20.27
CA ARG B 730 -5.12 -25.76 20.27
C ARG B 730 -4.71 -24.39 19.72
N ASN B 731 -5.33 -23.97 18.62
CA ASN B 731 -4.99 -22.68 18.03
C ASN B 731 -5.36 -21.52 18.94
N SER B 732 -6.51 -21.60 19.60
CA SER B 732 -6.91 -20.55 20.53
C SER B 732 -5.96 -20.48 21.73
N LYS B 733 -5.56 -21.64 22.26
CA LYS B 733 -4.63 -21.65 23.38
C LYS B 733 -3.24 -21.14 22.97
N THR B 734 -2.78 -21.52 21.79
CA THR B 734 -1.49 -21.07 21.30
C THR B 734 -1.61 -19.73 20.57
N THR B 739 -4.09 -10.58 27.82
CA THR B 739 -5.13 -9.64 28.22
C THR B 739 -4.92 -9.15 29.65
N GLU B 740 -5.53 -8.00 29.98
CA GLU B 740 -5.44 -7.47 31.33
C GLU B 740 -6.19 -8.34 32.33
N GLU B 741 -7.28 -8.99 31.89
CA GLU B 741 -8.06 -9.82 32.80
C GLU B 741 -7.27 -11.02 33.29
N ASN B 742 -6.34 -11.54 32.48
CA ASN B 742 -5.48 -12.63 32.94
C ASN B 742 -4.59 -12.18 34.09
N PHE B 743 -4.00 -10.98 33.99
CA PHE B 743 -3.20 -10.46 35.09
C PHE B 743 -4.06 -10.16 36.31
N LYS B 744 -5.30 -9.70 36.10
CA LYS B 744 -6.21 -9.49 37.23
C LYS B 744 -6.51 -10.81 37.93
N GLU B 745 -6.73 -11.88 37.16
CA GLU B 745 -6.97 -13.19 37.76
C GLU B 745 -5.73 -13.71 38.50
N LEU B 746 -4.54 -13.47 37.95
CA LEU B 746 -3.31 -13.86 38.63
C LEU B 746 -3.18 -13.13 39.96
N LYS B 747 -3.42 -11.83 39.96
CA LYS B 747 -3.39 -11.06 41.20
C LYS B 747 -4.43 -11.56 42.19
N GLN B 748 -5.62 -11.90 41.71
CA GLN B 748 -6.67 -12.42 42.59
C GLN B 748 -6.25 -13.73 43.23
N ASP B 749 -5.66 -14.64 42.45
CA ASP B 749 -5.19 -15.91 42.99
C ASP B 749 -4.11 -15.70 44.04
N ILE B 750 -3.15 -14.82 43.73
CA ILE B 750 -2.06 -14.56 44.68
C ILE B 750 -2.59 -13.96 45.97
N SER B 751 -3.52 -13.00 45.86
CA SER B 751 -4.08 -12.37 47.05
C SER B 751 -4.88 -13.36 47.88
N SER B 752 -5.68 -14.22 47.22
CA SER B 752 -6.44 -15.22 47.96
C SER B 752 -5.52 -16.19 48.70
N PHE B 753 -4.45 -16.64 48.04
CA PHE B 753 -3.48 -17.50 48.70
C PHE B 753 -2.83 -16.79 49.88
N ARG B 754 -2.48 -15.51 49.70
CA ARG B 754 -1.85 -14.75 50.78
C ARG B 754 -2.78 -14.63 51.98
N TYR B 755 -4.05 -14.30 51.74
CA TYR B 755 -5.00 -14.17 52.84
C TYR B 755 -5.21 -15.52 53.54
N GLU B 756 -5.29 -16.60 52.77
CA GLU B 756 -5.45 -17.92 53.38
C GLU B 756 -4.25 -18.26 54.27
N VAL B 757 -3.04 -18.00 53.78
CA VAL B 757 -1.85 -18.30 54.57
C VAL B 757 -1.80 -17.46 55.84
N LEU B 758 -2.08 -16.16 55.70
CA LEU B 758 -2.04 -15.28 56.86
C LEU B 758 -3.08 -15.67 57.90
N ASP B 759 -4.27 -16.09 57.45
CA ASP B 759 -5.28 -16.55 58.39
C ASP B 759 -4.86 -17.86 59.06
N LEU B 760 -4.28 -18.78 58.30
CA LEU B 760 -3.89 -20.08 58.85
C LEU B 760 -2.78 -19.94 59.88
N LEU B 761 -1.78 -19.12 59.56
CA LEU B 761 -0.66 -18.91 60.46
C LEU B 761 -1.07 -18.09 61.68
N GLY B 762 -1.29 -16.80 61.47
CA GLY B 762 -1.70 -15.91 62.54
C GLY B 762 -2.92 -16.42 63.28
N ARG C 17 41.47 7.17 23.42
CA ARG C 17 40.38 6.76 24.29
C ARG C 17 39.47 7.93 24.64
N ILE C 18 38.18 7.65 24.85
CA ILE C 18 37.21 8.65 25.25
C ILE C 18 36.95 8.47 26.75
N PRO C 19 37.39 9.39 27.61
CA PRO C 19 37.06 9.27 29.04
C PRO C 19 35.58 9.52 29.26
N LEU C 20 34.95 8.63 30.03
CA LEU C 20 33.53 8.72 30.36
C LEU C 20 33.38 8.99 31.84
N GLN C 21 32.71 10.09 32.18
CA GLN C 21 32.48 10.48 33.56
C GLN C 21 31.07 11.02 33.67
N ILE C 22 30.75 11.66 34.80
CA ILE C 22 29.43 12.22 35.02
C ILE C 22 29.56 13.73 34.88
N VAL C 23 29.16 14.26 33.72
CA VAL C 23 29.24 15.70 33.49
C VAL C 23 28.27 16.44 34.39
N ARG C 24 27.04 15.95 34.52
CA ARG C 24 26.02 16.56 35.38
C ARG C 24 25.90 15.68 36.63
N ALA C 25 26.74 15.96 37.61
CA ALA C 25 26.78 15.17 38.82
C ALA C 25 25.57 15.47 39.70
N GLU C 26 25.20 14.47 40.51
CA GLU C 26 24.14 14.63 41.49
C GLU C 26 24.62 14.19 42.86
N THR C 27 23.71 14.12 43.83
CA THR C 27 24.06 13.70 45.19
C THR C 27 23.80 12.20 45.31
N GLU C 28 24.85 11.44 45.53
CA GLU C 28 24.71 9.99 45.67
C GLU C 28 24.10 9.63 47.02
N LEU C 29 23.46 8.48 47.05
CA LEU C 29 22.88 7.97 48.29
C LEU C 29 23.93 7.26 49.14
N SER C 30 23.68 7.22 50.43
CA SER C 30 24.54 6.46 51.34
C SER C 30 24.21 4.98 51.25
N ALA C 31 24.99 4.16 51.95
CA ALA C 31 24.73 2.71 51.93
C ALA C 31 23.39 2.39 52.57
N GLU C 32 23.08 3.04 53.70
CA GLU C 32 21.82 2.75 54.39
C GLU C 32 20.62 3.23 53.58
N GLU C 33 20.74 4.39 52.92
CA GLU C 33 19.64 4.87 52.08
C GLU C 33 19.41 3.94 50.89
N LYS C 34 20.48 3.46 50.27
CA LYS C 34 20.34 2.50 49.17
C LYS C 34 19.70 1.21 49.65
N ALA C 35 20.11 0.73 50.83
CA ALA C 35 19.50 -0.49 51.39
C ALA C 35 18.03 -0.28 51.68
N PHE C 36 17.66 0.89 52.22
CA PHE C 36 16.25 1.18 52.50
C PHE C 36 15.44 1.24 51.21
N LEU C 37 15.98 1.88 50.17
CA LEU C 37 15.26 1.95 48.90
C LEU C 37 15.13 0.58 48.26
N ASN C 38 16.17 -0.25 48.39
CA ASN C 38 16.09 -1.63 47.88
C ASN C 38 15.02 -2.43 48.64
N ALA C 39 14.94 -2.24 49.96
CA ALA C 39 13.91 -2.90 50.74
C ALA C 39 12.52 -2.44 50.32
N VAL C 40 12.36 -1.15 50.06
CA VAL C 40 11.07 -0.63 49.58
C VAL C 40 10.72 -1.23 48.21
N GLU C 41 11.71 -1.31 47.32
CA GLU C 41 11.47 -1.88 45.99
C GLU C 41 11.07 -3.35 46.09
N LYS C 42 11.75 -4.12 46.94
CA LYS C 42 11.43 -5.53 47.10
C LYS C 42 10.13 -5.76 47.85
N GLY C 43 9.59 -4.75 48.52
CA GLY C 43 8.34 -4.89 49.22
C GLY C 43 8.42 -5.51 50.58
N ASP C 44 9.61 -5.65 51.16
CA ASP C 44 9.76 -6.22 52.48
C ASP C 44 9.22 -5.24 53.52
N TYR C 45 8.02 -5.50 54.01
CA TYR C 45 7.36 -4.58 54.93
C TYR C 45 8.12 -4.45 56.24
N ALA C 46 8.61 -5.56 56.77
CA ALA C 46 9.23 -5.56 58.10
C ALA C 46 10.50 -4.71 58.12
N THR C 47 11.36 -4.86 57.12
CA THR C 47 12.61 -4.10 57.09
C THR C 47 12.34 -2.62 56.87
N VAL C 48 11.37 -2.27 56.03
CA VAL C 48 11.04 -0.87 55.82
C VAL C 48 10.49 -0.25 57.11
N LYS C 49 9.62 -0.97 57.81
CA LYS C 49 9.09 -0.47 59.08
C LYS C 49 10.20 -0.29 60.10
N GLN C 50 11.13 -1.26 60.19
CA GLN C 50 12.25 -1.12 61.10
C GLN C 50 13.13 0.07 60.73
N ALA C 51 13.35 0.28 59.43
CA ALA C 51 14.17 1.40 58.99
C ALA C 51 13.53 2.73 59.34
N LEU C 52 12.21 2.84 59.17
CA LEU C 52 11.52 4.08 59.55
C LEU C 52 11.59 4.32 61.06
N GLN C 53 11.33 3.27 61.84
CA GLN C 53 11.37 3.42 63.30
C GLN C 53 12.76 3.78 63.78
N GLU C 54 13.80 3.25 63.13
CA GLU C 54 15.17 3.58 63.49
C GLU C 54 15.58 4.96 63.01
N ALA C 55 15.04 5.41 61.87
CA ALA C 55 15.32 6.77 61.40
C ALA C 55 14.68 7.80 62.32
N GLU C 56 13.56 7.46 62.96
CA GLU C 56 12.96 8.37 63.92
C GLU C 56 13.90 8.64 65.10
N ILE C 57 14.70 7.64 65.49
CA ILE C 57 15.53 7.73 66.70
C ILE C 57 16.95 8.19 66.39
N TYR C 58 17.59 7.58 65.39
CA TYR C 58 18.99 7.85 65.09
C TYR C 58 19.20 8.89 64.00
N TYR C 59 18.19 9.17 63.18
CA TYR C 59 18.28 10.16 62.10
C TYR C 59 19.44 9.84 61.16
N ASN C 60 19.62 8.56 60.85
CA ASN C 60 20.69 8.11 59.98
C ASN C 60 20.28 7.93 58.53
N VAL C 61 18.98 7.76 58.26
CA VAL C 61 18.47 7.54 56.91
C VAL C 61 17.48 8.65 56.58
N ASN C 62 17.67 9.28 55.42
CA ASN C 62 16.74 10.29 54.93
C ASN C 62 15.58 9.58 54.22
N ILE C 63 14.37 9.69 54.79
CA ILE C 63 13.23 8.99 54.23
C ILE C 63 12.78 9.60 52.90
N ASN C 64 13.21 10.81 52.59
CA ASN C 64 12.80 11.50 51.37
C ASN C 64 13.86 11.44 50.27
N CYS C 65 14.89 10.61 50.44
CA CYS C 65 15.96 10.53 49.46
C CYS C 65 15.45 9.95 48.14
N MET C 66 15.98 10.46 47.04
CA MET C 66 15.61 9.99 45.71
C MET C 66 16.42 8.74 45.37
N ASP C 67 16.30 8.27 44.13
CA ASP C 67 17.09 7.17 43.62
C ASP C 67 17.83 7.67 42.38
N PRO C 68 18.69 6.85 41.75
CA PRO C 68 19.32 7.31 40.50
C PRO C 68 18.33 7.67 39.40
N LEU C 69 17.08 7.22 39.50
CA LEU C 69 16.04 7.57 38.55
C LEU C 69 15.16 8.72 39.03
N GLY C 70 15.44 9.28 40.20
CA GLY C 70 14.69 10.41 40.72
C GLY C 70 13.49 10.05 41.59
N ARG C 71 13.12 8.77 41.67
CA ARG C 71 11.98 8.35 42.46
C ARG C 71 12.35 8.27 43.93
N SER C 72 11.41 8.68 44.79
CA SER C 72 11.58 8.57 46.23
C SER C 72 10.96 7.26 46.71
N ALA C 73 10.93 7.05 48.03
CA ALA C 73 10.32 5.83 48.56
C ALA C 73 8.83 5.79 48.27
N LEU C 74 8.15 6.93 48.42
CA LEU C 74 6.71 6.97 48.16
C LEU C 74 6.41 6.69 46.70
N LEU C 75 7.21 7.25 45.78
CA LEU C 75 6.99 7.00 44.36
C LEU C 75 7.27 5.55 44.01
N ILE C 76 8.28 4.94 44.64
CA ILE C 76 8.54 3.51 44.43
C ILE C 76 7.36 2.68 44.91
N ALA C 77 6.82 3.01 46.08
CA ALA C 77 5.67 2.27 46.60
C ALA C 77 4.45 2.42 45.70
N ILE C 78 4.22 3.64 45.19
CA ILE C 78 3.09 3.87 44.28
C ILE C 78 3.27 3.08 42.99
N GLU C 79 4.49 3.09 42.44
CA GLU C 79 4.73 2.43 41.16
C GLU C 79 4.59 0.92 41.25
N ASN C 80 4.77 0.35 42.44
CA ASN C 80 4.63 -1.08 42.63
C ASN C 80 3.24 -1.48 43.10
N GLU C 81 2.31 -0.53 43.22
CA GLU C 81 0.96 -0.78 43.73
C GLU C 81 0.99 -1.45 45.10
N ASN C 82 1.96 -1.04 45.93
CA ASN C 82 2.10 -1.58 47.28
C ASN C 82 1.36 -0.65 48.22
N LEU C 83 0.08 -0.97 48.48
CA LEU C 83 -0.75 -0.11 49.34
C LEU C 83 -0.29 -0.16 50.79
N GLU C 84 0.18 -1.32 51.26
CA GLU C 84 0.61 -1.43 52.65
C GLU C 84 1.83 -0.55 52.91
N ILE C 85 2.84 -0.64 52.06
CA ILE C 85 4.03 0.18 52.23
C ILE C 85 3.70 1.66 51.99
N MET C 86 2.79 1.93 51.05
CA MET C 86 2.33 3.31 50.85
C MET C 86 1.75 3.89 52.12
N GLU C 87 0.85 3.14 52.77
CA GLU C 87 0.22 3.61 53.99
C GLU C 87 1.24 3.72 55.12
N LEU C 88 2.19 2.79 55.19
CA LEU C 88 3.24 2.87 56.21
C LEU C 88 4.08 4.13 56.04
N LEU C 89 4.44 4.46 54.79
CA LEU C 89 5.20 5.69 54.54
C LEU C 89 4.36 6.92 54.85
N LEU C 90 3.09 6.91 54.50
CA LEU C 90 2.22 8.07 54.78
C LEU C 90 2.06 8.28 56.28
N ASN C 91 1.96 7.19 57.05
CA ASN C 91 1.84 7.31 58.50
C ASN C 91 3.09 7.88 59.15
N HIS C 92 4.24 7.80 58.48
CA HIS C 92 5.48 8.36 58.98
C HIS C 92 5.75 9.77 58.44
N SER C 93 4.78 10.36 57.72
CA SER C 93 4.85 11.74 57.25
C SER C 93 6.07 11.96 56.33
N VAL C 94 6.05 11.26 55.21
CA VAL C 94 7.04 11.47 54.16
C VAL C 94 6.55 12.57 53.24
N TYR C 95 7.48 13.14 52.46
CA TYR C 95 7.11 14.16 51.50
C TYR C 95 6.15 13.59 50.46
N VAL C 96 5.06 14.31 50.22
CA VAL C 96 3.95 13.81 49.40
C VAL C 96 3.70 14.68 48.17
N GLY C 97 4.51 15.72 47.95
CA GLY C 97 4.29 16.62 46.83
C GLY C 97 4.27 15.94 45.48
N ASP C 98 3.21 16.19 44.71
CA ASP C 98 2.99 15.65 43.37
C ASP C 98 2.85 14.13 43.36
N ALA C 99 2.78 13.48 44.54
CA ALA C 99 2.56 12.04 44.56
C ALA C 99 1.17 11.68 44.05
N LEU C 100 0.18 12.55 44.28
CA LEU C 100 -1.16 12.29 43.77
C LEU C 100 -1.19 12.22 42.26
N LEU C 101 -0.39 13.07 41.59
CA LEU C 101 -0.32 13.03 40.13
C LEU C 101 0.23 11.69 39.65
N TYR C 102 1.27 11.18 40.31
CA TYR C 102 1.83 9.88 39.93
C TYR C 102 0.82 8.78 40.17
N ALA C 103 0.09 8.84 41.29
CA ALA C 103 -0.94 7.85 41.57
C ALA C 103 -2.03 7.87 40.50
N ILE C 104 -2.45 9.06 40.09
CA ILE C 104 -3.48 9.18 39.07
C ILE C 104 -2.99 8.66 37.72
N ARG C 105 -1.75 9.02 37.34
CA ARG C 105 -1.21 8.55 36.06
C ARG C 105 -1.04 7.04 36.05
N LYS C 106 -0.65 6.47 37.19
CA LYS C 106 -0.56 5.02 37.31
C LYS C 106 -1.94 4.35 37.21
N GLU C 107 -3.01 5.12 37.38
CA GLU C 107 -4.38 4.61 37.32
C GLU C 107 -4.60 3.52 38.37
N VAL C 108 -4.26 3.84 39.61
CA VAL C 108 -4.45 2.94 40.75
C VAL C 108 -5.44 3.60 41.70
N VAL C 109 -6.61 2.97 41.86
CA VAL C 109 -7.67 3.56 42.67
C VAL C 109 -7.27 3.60 44.15
N GLY C 110 -6.63 2.53 44.64
CA GLY C 110 -6.24 2.50 46.04
C GLY C 110 -5.27 3.60 46.40
N ALA C 111 -4.27 3.84 45.55
CA ALA C 111 -3.32 4.92 45.80
C ALA C 111 -4.00 6.28 45.80
N VAL C 112 -4.92 6.50 44.86
CA VAL C 112 -5.62 7.78 44.79
C VAL C 112 -6.44 8.00 46.05
N GLU C 113 -7.17 6.98 46.51
CA GLU C 113 -7.97 7.13 47.71
C GLU C 113 -7.09 7.36 48.95
N LEU C 114 -5.99 6.61 49.06
CA LEU C 114 -5.07 6.81 50.17
C LEU C 114 -4.52 8.23 50.20
N LEU C 115 -4.14 8.76 49.04
CA LEU C 115 -3.56 10.10 49.00
C LEU C 115 -4.61 11.18 49.19
N LEU C 116 -5.85 10.93 48.75
CA LEU C 116 -6.92 11.90 48.97
C LEU C 116 -7.29 11.98 50.44
N SER C 117 -7.26 10.86 51.15
CA SER C 117 -7.52 10.92 52.58
C SER C 117 -6.31 11.40 53.40
N TYR C 118 -5.12 11.47 52.78
CA TYR C 118 -3.90 11.90 53.46
C TYR C 118 -3.62 11.09 54.73
N THR C 134 12.05 24.00 44.12
CA THR C 134 11.31 23.36 43.04
C THR C 134 12.00 22.08 42.58
N GLN C 135 11.54 20.95 43.11
CA GLN C 135 12.12 19.67 42.74
C GLN C 135 11.71 19.28 41.33
N PHE C 136 12.42 18.28 40.79
CA PHE C 136 12.08 17.75 39.48
C PHE C 136 10.73 17.05 39.52
N SER C 137 9.95 17.23 38.46
CA SER C 137 8.65 16.58 38.34
C SER C 137 8.42 16.16 36.89
N GLU C 138 7.73 15.04 36.72
CA GLU C 138 7.37 14.57 35.39
C GLU C 138 6.11 15.25 34.83
N PHE C 139 5.48 16.11 35.62
CA PHE C 139 4.26 16.80 35.21
C PHE C 139 4.50 18.30 35.19
N THR C 140 3.96 18.96 34.17
CA THR C 140 4.13 20.40 34.05
C THR C 140 3.37 21.12 35.17
N PRO C 141 3.81 22.34 35.54
CA PRO C 141 3.18 23.01 36.68
C PRO C 141 1.68 23.26 36.52
N ASP C 142 1.19 23.39 35.29
CA ASP C 142 -0.24 23.66 35.09
C ASP C 142 -1.12 22.44 35.27
N ILE C 143 -0.54 21.23 35.36
CA ILE C 143 -1.33 20.02 35.53
C ILE C 143 -1.91 19.98 36.93
N THR C 144 -3.20 19.73 37.03
CA THR C 144 -3.93 19.58 38.28
C THR C 144 -4.49 18.17 38.38
N PRO C 145 -4.84 17.70 39.58
CA PRO C 145 -5.31 16.31 39.71
C PRO C 145 -6.51 15.99 38.83
N ILE C 146 -7.51 16.88 38.77
CA ILE C 146 -8.68 16.60 37.94
C ILE C 146 -8.31 16.62 36.46
N MET C 147 -7.43 17.55 36.07
CA MET C 147 -6.98 17.61 34.68
C MET C 147 -6.21 16.34 34.29
N LEU C 148 -5.33 15.87 35.17
CA LEU C 148 -4.59 14.65 34.88
C LEU C 148 -5.51 13.44 34.82
N ALA C 149 -6.49 13.36 35.74
CA ALA C 149 -7.46 12.27 35.70
C ALA C 149 -8.24 12.28 34.40
N ALA C 150 -8.64 13.47 33.93
CA ALA C 150 -9.31 13.57 32.65
C ALA C 150 -8.40 13.13 31.51
N HIS C 151 -7.11 13.48 31.58
CA HIS C 151 -6.16 13.03 30.57
C HIS C 151 -6.06 11.52 30.53
N THR C 152 -6.09 10.87 31.70
CA THR C 152 -6.04 9.41 31.75
C THR C 152 -7.35 8.77 31.35
N ASN C 153 -8.45 9.54 31.35
CA ASN C 153 -9.77 9.04 30.94
C ASN C 153 -10.19 7.83 31.76
N ASN C 154 -9.84 7.85 33.05
CA ASN C 154 -10.18 6.76 33.96
C ASN C 154 -11.44 7.15 34.72
N TYR C 155 -12.54 6.42 34.45
CA TYR C 155 -13.84 6.82 34.97
C TYR C 155 -13.88 6.80 36.49
N GLU C 156 -13.23 5.81 37.12
CA GLU C 156 -13.26 5.69 38.57
C GLU C 156 -12.60 6.90 39.22
N ILE C 157 -11.38 7.23 38.80
CA ILE C 157 -10.65 8.33 39.43
C ILE C 157 -11.28 9.68 39.10
N ILE C 158 -11.76 9.84 37.86
CA ILE C 158 -12.44 11.07 37.49
C ILE C 158 -13.68 11.25 38.36
N LYS C 159 -14.45 10.18 38.55
CA LYS C 159 -15.63 10.26 39.42
C LYS C 159 -15.24 10.59 40.85
N LEU C 160 -14.16 9.98 41.36
CA LEU C 160 -13.72 10.26 42.71
C LEU C 160 -13.35 11.73 42.88
N LEU C 161 -12.65 12.30 41.91
CA LEU C 161 -12.25 13.70 42.02
C LEU C 161 -13.43 14.65 41.82
N VAL C 162 -14.38 14.30 40.95
CA VAL C 162 -15.56 15.12 40.76
C VAL C 162 -16.51 15.02 41.95
N GLN C 163 -16.39 13.98 42.77
CA GLN C 163 -17.17 13.91 44.00
C GLN C 163 -16.89 15.10 44.91
N LYS C 164 -15.68 15.64 44.88
CA LYS C 164 -15.35 16.85 45.61
C LYS C 164 -15.74 18.06 44.77
N ARG C 165 -15.32 19.25 45.19
CA ARG C 165 -15.60 20.48 44.44
C ARG C 165 -14.35 20.85 43.65
N VAL C 166 -14.27 20.33 42.43
CA VAL C 166 -13.14 20.58 41.55
C VAL C 166 -13.62 21.35 40.33
N THR C 167 -12.74 22.19 39.79
CA THR C 167 -13.07 23.03 38.66
C THR C 167 -11.92 23.01 37.66
N ILE C 168 -12.25 23.27 36.39
CA ILE C 168 -11.28 23.38 35.32
C ILE C 168 -11.40 24.78 34.73
N PRO C 169 -10.31 25.52 34.57
CA PRO C 169 -10.41 26.89 34.04
C PRO C 169 -11.00 26.91 32.63
N ARG C 170 -11.78 27.93 32.34
CA ARG C 170 -12.42 28.07 31.04
C ARG C 170 -11.40 28.59 30.02
N PRO C 171 -11.17 27.89 28.92
CA PRO C 171 -10.38 28.47 27.84
C PRO C 171 -11.10 29.63 27.20
N HIS C 172 -10.33 30.62 26.77
CA HIS C 172 -10.91 31.82 26.16
C HIS C 172 -11.32 31.52 24.72
N GLN C 173 -11.76 32.55 24.01
CA GLN C 173 -12.16 32.39 22.62
C GLN C 173 -10.97 32.00 21.75
N ILE C 174 -11.26 31.29 20.66
CA ILE C 174 -10.21 30.85 19.75
C ILE C 174 -9.44 32.05 19.20
N ARG C 175 -10.15 33.14 18.89
CA ARG C 175 -9.55 34.37 18.41
C ARG C 175 -9.72 35.50 19.43
N CYS C 176 -9.57 35.17 20.71
CA CYS C 176 -9.71 36.17 21.77
C CYS C 176 -8.56 37.17 21.71
N ASN C 177 -8.87 38.43 22.00
CA ASN C 177 -7.89 39.51 21.95
C ASN C 177 -7.88 40.32 23.25
N CYS C 178 -8.21 39.70 24.37
CA CYS C 178 -8.19 40.41 25.64
C CYS C 178 -6.75 40.61 26.10
N VAL C 179 -6.59 41.45 27.13
CA VAL C 179 -5.26 41.80 27.62
C VAL C 179 -4.56 40.58 28.20
N GLU C 180 -5.31 39.71 28.91
CA GLU C 180 -4.70 38.56 29.56
C GLU C 180 -4.11 37.58 28.54
N CYS C 181 -4.85 37.31 27.46
CA CYS C 181 -4.38 36.34 26.47
C CYS C 181 -3.12 36.84 25.78
N VAL C 182 -3.10 38.10 25.35
CA VAL C 182 -1.93 38.63 24.64
C VAL C 182 -0.75 38.75 25.60
N SER C 183 -1.01 39.13 26.85
CA SER C 183 0.07 39.21 27.83
C SER C 183 0.70 37.84 28.08
N SER C 184 -0.13 36.81 28.25
CA SER C 184 0.40 35.47 28.47
C SER C 184 1.13 34.96 27.23
N SER C 185 0.61 35.25 26.03
CA SER C 185 1.28 34.81 24.82
C SER C 185 2.64 35.48 24.65
N GLU C 186 2.73 36.78 24.95
CA GLU C 186 4.00 37.47 24.79
C GLU C 186 4.99 37.08 25.88
N VAL C 187 4.52 36.90 27.11
CA VAL C 187 5.42 36.55 28.20
C VAL C 187 5.99 35.15 28.01
N ASP C 188 5.12 34.18 27.71
CA ASP C 188 5.57 32.80 27.48
C ASP C 188 4.56 32.14 26.55
N SER C 189 4.90 32.08 25.26
CA SER C 189 4.02 31.43 24.29
C SER C 189 3.96 29.93 24.51
N LEU C 190 5.10 29.31 24.83
CA LEU C 190 5.14 27.87 25.01
C LEU C 190 4.26 27.44 26.19
N ARG C 191 4.38 28.13 27.33
CA ARG C 191 3.58 27.79 28.49
C ARG C 191 2.10 27.99 28.24
N HIS C 192 1.74 29.09 27.59
CA HIS C 192 0.33 29.37 27.31
C HIS C 192 -0.26 28.32 26.38
N SER C 193 0.46 27.98 25.31
CA SER C 193 -0.03 26.97 24.38
C SER C 193 -0.14 25.61 25.06
N ARG C 194 0.84 25.25 25.89
CA ARG C 194 0.79 23.98 26.59
C ARG C 194 -0.40 23.92 27.55
N SER C 195 -0.65 25.01 28.28
CA SER C 195 -1.78 25.04 29.19
C SER C 195 -3.11 24.94 28.45
N ARG C 196 -3.24 25.64 27.32
CA ARG C 196 -4.47 25.55 26.54
C ARG C 196 -4.69 24.12 26.04
N LEU C 197 -3.62 23.48 25.54
CA LEU C 197 -3.74 22.10 25.08
C LEU C 197 -4.11 21.16 26.21
N ASN C 198 -3.54 21.36 27.40
CA ASN C 198 -3.88 20.50 28.53
C ASN C 198 -5.34 20.68 28.94
N ILE C 199 -5.82 21.93 28.95
CA ILE C 199 -7.22 22.17 29.29
C ILE C 199 -8.14 21.48 28.29
N TYR C 200 -7.84 21.60 27.00
CA TYR C 200 -8.70 20.99 26.00
C TYR C 200 -8.60 19.47 26.00
N LYS C 201 -7.45 18.92 26.39
CA LYS C 201 -7.34 17.48 26.60
C LYS C 201 -8.22 17.05 27.76
N ALA C 202 -8.26 17.84 28.83
CA ALA C 202 -9.10 17.51 29.97
C ALA C 202 -10.58 17.55 29.60
N LEU C 203 -11.01 18.63 28.95
CA LEU C 203 -12.43 18.79 28.65
C LEU C 203 -12.93 17.74 27.67
N ALA C 204 -12.10 17.38 26.68
CA ALA C 204 -12.49 16.42 25.66
C ALA C 204 -12.38 14.98 26.13
N SER C 205 -12.28 14.74 27.44
CA SER C 205 -12.23 13.38 27.97
C SER C 205 -13.62 12.75 27.92
N PRO C 206 -13.79 11.60 27.26
CA PRO C 206 -15.12 10.99 27.19
C PRO C 206 -15.72 10.71 28.55
N SER C 207 -14.91 10.26 29.51
CA SER C 207 -15.43 10.03 30.86
C SER C 207 -15.85 11.33 31.53
N LEU C 208 -15.07 12.40 31.33
CA LEU C 208 -15.43 13.68 31.92
C LEU C 208 -16.64 14.30 31.24
N ILE C 209 -16.94 13.90 30.00
CA ILE C 209 -18.17 14.37 29.36
C ILE C 209 -19.35 13.51 29.81
N ALA C 210 -19.12 12.22 30.06
CA ALA C 210 -20.20 11.36 30.54
C ALA C 210 -20.74 11.86 31.88
N LEU C 211 -19.85 12.25 32.79
CA LEU C 211 -20.23 12.98 33.98
C LEU C 211 -20.22 14.49 33.68
N SER C 212 -20.73 15.27 34.63
CA SER C 212 -20.54 16.72 34.64
C SER C 212 -20.90 17.38 33.30
N SER C 213 -22.01 16.94 32.72
CA SER C 213 -22.45 17.50 31.43
C SER C 213 -23.95 17.25 31.29
N GLU C 214 -24.71 18.34 31.10
CA GLU C 214 -26.16 18.21 30.95
C GLU C 214 -26.51 17.38 29.72
N ASP C 215 -25.95 17.74 28.57
CA ASP C 215 -26.20 17.06 27.30
C ASP C 215 -24.86 16.57 26.75
N PRO C 216 -24.48 15.32 27.03
CA PRO C 216 -23.19 14.82 26.53
C PRO C 216 -23.09 14.85 25.02
N ILE C 217 -24.18 14.61 24.30
CA ILE C 217 -24.12 14.58 22.83
C ILE C 217 -23.84 15.97 22.28
N LEU C 218 -24.61 16.97 22.74
CA LEU C 218 -24.39 18.33 22.26
C LEU C 218 -23.03 18.86 22.69
N THR C 219 -22.61 18.54 23.91
CA THR C 219 -21.28 18.92 24.38
C THR C 219 -20.21 18.33 23.49
N ALA C 220 -20.34 17.04 23.14
CA ALA C 220 -19.37 16.40 22.25
C ALA C 220 -19.36 17.07 20.89
N PHE C 221 -20.54 17.38 20.35
CA PHE C 221 -20.61 18.04 19.05
C PHE C 221 -19.87 19.36 19.06
N ARG C 222 -20.21 20.25 20.01
CA ARG C 222 -19.62 21.59 20.00
C ARG C 222 -18.15 21.56 20.39
N LEU C 223 -17.76 20.65 21.30
CA LEU C 223 -16.35 20.52 21.66
C LEU C 223 -15.53 20.04 20.49
N GLY C 224 -16.04 19.06 19.73
CA GLY C 224 -15.33 18.63 18.54
C GLY C 224 -15.22 19.72 17.50
N TRP C 225 -16.30 20.50 17.32
CA TRP C 225 -16.23 21.62 16.38
C TRP C 225 -15.18 22.63 16.80
N GLU C 226 -15.15 22.98 18.09
CA GLU C 226 -14.18 23.95 18.57
C GLU C 226 -12.76 23.43 18.45
N LEU C 227 -12.56 22.14 18.70
CA LEU C 227 -11.23 21.55 18.54
C LEU C 227 -10.79 21.57 17.08
N LYS C 228 -11.72 21.31 16.16
CA LYS C 228 -11.38 21.42 14.74
C LYS C 228 -11.01 22.85 14.37
N GLU C 229 -11.74 23.83 14.90
CA GLU C 229 -11.40 25.24 14.65
C GLU C 229 -10.02 25.58 15.20
N LEU C 230 -9.71 25.09 16.40
CA LEU C 230 -8.38 25.31 16.98
C LEU C 230 -7.30 24.66 16.14
N SER C 231 -7.56 23.47 15.61
CA SER C 231 -6.61 22.82 14.72
C SER C 231 -6.36 23.66 13.47
N LYS C 232 -7.43 24.23 12.90
CA LYS C 232 -7.25 25.15 11.77
C LYS C 232 -6.40 26.35 12.17
N VAL C 233 -6.73 26.98 13.30
CA VAL C 233 -6.05 28.20 13.71
C VAL C 233 -4.61 27.92 14.10
N GLU C 234 -4.39 26.89 14.92
CA GLU C 234 -3.05 26.56 15.41
C GLU C 234 -2.32 25.77 14.34
N ASN C 235 -1.38 26.42 13.65
CA ASN C 235 -0.59 25.73 12.64
C ASN C 235 0.23 24.62 13.27
N GLU C 236 0.85 24.89 14.41
CA GLU C 236 1.47 23.85 15.22
C GLU C 236 0.44 23.27 16.17
N PHE C 237 0.73 22.08 16.69
CA PHE C 237 -0.20 21.29 17.50
C PHE C 237 -1.47 20.93 16.73
N LYS C 238 -1.41 20.95 15.39
CA LYS C 238 -2.59 20.65 14.58
C LYS C 238 -3.02 19.20 14.75
N ALA C 239 -2.07 18.26 14.78
CA ALA C 239 -2.41 16.85 14.88
C ALA C 239 -3.10 16.52 16.20
N GLU C 240 -2.64 17.12 17.30
CA GLU C 240 -3.24 16.83 18.60
C GLU C 240 -4.68 17.32 18.68
N TYR C 241 -4.95 18.53 18.20
CA TYR C 241 -6.33 19.02 18.17
C TYR C 241 -7.19 18.20 17.22
N GLU C 242 -6.63 17.78 16.08
CA GLU C 242 -7.39 16.92 15.18
C GLU C 242 -7.77 15.60 15.83
N GLU C 243 -6.83 14.99 16.56
CA GLU C 243 -7.16 13.72 17.21
C GLU C 243 -8.11 13.89 18.38
N LEU C 244 -8.02 15.02 19.10
CA LEU C 244 -8.99 15.29 20.16
C LEU C 244 -10.40 15.47 19.58
N SER C 245 -10.51 16.21 18.48
CA SER C 245 -11.81 16.37 17.82
C SER C 245 -12.35 15.03 17.33
N GLN C 246 -11.48 14.20 16.74
CA GLN C 246 -11.91 12.89 16.28
C GLN C 246 -12.37 12.03 17.46
N GLN C 247 -11.70 12.16 18.61
CA GLN C 247 -12.09 11.43 19.80
C GLN C 247 -13.47 11.86 20.28
N CYS C 248 -13.76 13.16 20.25
CA CYS C 248 -15.09 13.63 20.64
C CYS C 248 -16.16 13.11 19.68
N LYS C 249 -15.86 13.13 18.38
CA LYS C 249 -16.80 12.59 17.40
C LYS C 249 -17.07 11.11 17.64
N LEU C 250 -16.01 10.35 17.94
CA LEU C 250 -16.18 8.93 18.21
C LEU C 250 -16.99 8.71 19.49
N PHE C 251 -16.79 9.55 20.51
CA PHE C 251 -17.58 9.42 21.73
C PHE C 251 -19.06 9.64 21.46
N ALA C 252 -19.39 10.66 20.67
CA ALA C 252 -20.78 10.88 20.31
C ALA C 252 -21.35 9.68 19.55
N LYS C 253 -20.57 9.14 18.61
CA LYS C 253 -21.03 7.99 17.83
C LYS C 253 -21.27 6.77 18.72
N ASP C 254 -20.38 6.53 19.70
CA ASP C 254 -20.54 5.38 20.57
C ASP C 254 -21.73 5.54 21.52
N LEU C 255 -21.92 6.75 22.06
CA LEU C 255 -23.11 7.04 22.84
C LEU C 255 -24.37 6.73 22.04
N LEU C 256 -24.39 7.12 20.76
CA LEU C 256 -25.51 6.73 19.90
C LEU C 256 -25.59 5.23 19.72
N ASP C 257 -24.43 4.57 19.61
CA ASP C 257 -24.38 3.12 19.44
C ASP C 257 -25.03 2.39 20.60
N GLN C 258 -25.05 2.99 21.79
CA GLN C 258 -25.59 2.27 22.94
C GLN C 258 -27.12 2.21 22.97
N ALA C 259 -27.81 2.83 22.02
CA ALA C 259 -29.28 2.78 22.01
C ALA C 259 -29.76 1.37 21.71
N ARG C 260 -30.81 0.95 22.41
CA ARG C 260 -31.30 -0.42 22.32
C ARG C 260 -32.74 -0.54 21.83
N SER C 261 -33.40 0.56 21.51
CA SER C 261 -34.76 0.51 20.98
C SER C 261 -35.00 1.71 20.08
N SER C 262 -35.99 1.58 19.20
CA SER C 262 -36.31 2.68 18.30
C SER C 262 -36.89 3.87 19.04
N ARG C 263 -37.59 3.63 20.15
CA ARG C 263 -38.10 4.73 20.96
C ARG C 263 -36.97 5.61 21.48
N GLU C 264 -35.91 4.97 22.00
CA GLU C 264 -34.76 5.74 22.48
C GLU C 264 -34.11 6.52 21.36
N LEU C 265 -33.94 5.90 20.19
CA LEU C 265 -33.30 6.57 19.07
C LEU C 265 -34.11 7.77 18.60
N GLU C 266 -35.43 7.61 18.53
CA GLU C 266 -36.29 8.73 18.15
C GLU C 266 -36.24 9.85 19.19
N ILE C 267 -36.21 9.50 20.48
CA ILE C 267 -36.10 10.50 21.52
C ILE C 267 -34.80 11.27 21.38
N ILE C 268 -33.70 10.56 21.11
CA ILE C 268 -32.40 11.22 20.98
C ILE C 268 -32.40 12.16 19.78
N LEU C 269 -32.82 11.67 18.62
CA LEU C 269 -32.67 12.46 17.40
C LEU C 269 -33.69 13.60 17.31
N ASN C 270 -34.78 13.54 18.06
CA ASN C 270 -35.81 14.57 18.00
C ASN C 270 -35.70 15.60 19.11
N HIS C 271 -34.67 15.52 19.95
CA HIS C 271 -34.57 16.42 21.09
C HIS C 271 -34.27 17.85 20.65
N ARG C 272 -34.94 18.81 21.29
CA ARG C 272 -34.73 20.22 21.04
C ARG C 272 -33.94 20.82 22.20
N ASP C 273 -32.83 21.49 21.88
CA ASP C 273 -32.02 22.12 22.91
C ASP C 273 -32.60 23.47 23.31
N ASP C 286 -39.01 18.01 12.94
CA ASP C 286 -38.45 16.93 13.76
C ASP C 286 -37.00 16.67 13.38
N LEU C 287 -36.40 15.65 14.02
CA LEU C 287 -34.99 15.31 13.81
C LEU C 287 -34.09 16.50 14.10
N ALA C 288 -34.38 17.22 15.18
CA ALA C 288 -33.65 18.46 15.48
C ALA C 288 -32.19 18.16 15.81
N LYS C 289 -31.94 17.20 16.69
CA LYS C 289 -30.56 16.87 17.04
C LYS C 289 -29.81 16.27 15.86
N LEU C 290 -30.52 15.58 14.97
CA LEU C 290 -29.89 15.13 13.73
C LEU C 290 -29.46 16.31 12.87
N LYS C 291 -30.31 17.34 12.78
CA LYS C 291 -29.94 18.54 12.05
C LYS C 291 -28.73 19.22 12.68
N VAL C 292 -28.68 19.26 14.02
CA VAL C 292 -27.52 19.84 14.70
C VAL C 292 -26.26 19.04 14.40
N ALA C 293 -26.36 17.70 14.41
CA ALA C 293 -25.22 16.87 14.07
C ALA C 293 -24.75 17.13 12.65
N ILE C 294 -25.70 17.31 11.72
CA ILE C 294 -25.33 17.65 10.35
C ILE C 294 -24.62 19.00 10.31
N LYS C 295 -25.07 19.94 11.14
CA LYS C 295 -24.47 21.28 11.16
C LYS C 295 -23.01 21.23 11.58
N TYR C 296 -22.69 20.41 12.59
CA TYR C 296 -21.33 20.30 13.10
C TYR C 296 -20.48 19.28 12.35
N HIS C 297 -20.95 18.79 11.20
CA HIS C 297 -20.20 17.86 10.36
C HIS C 297 -19.81 16.60 11.13
N GLN C 298 -20.77 16.05 11.86
CA GLN C 298 -20.57 14.80 12.62
C GLN C 298 -20.91 13.64 11.70
N LYS C 299 -19.96 13.34 10.79
CA LYS C 299 -20.22 12.36 9.74
C LYS C 299 -20.45 10.97 10.31
N GLU C 300 -19.65 10.57 11.32
CA GLU C 300 -19.82 9.24 11.90
C GLU C 300 -21.14 9.12 12.64
N PHE C 301 -21.56 10.18 13.34
CA PHE C 301 -22.83 10.16 14.04
C PHE C 301 -24.00 10.03 13.07
N VAL C 302 -23.94 10.76 11.95
CA VAL C 302 -25.03 10.74 10.99
C VAL C 302 -25.09 9.39 10.26
N ALA C 303 -23.93 8.84 9.90
CA ALA C 303 -23.86 7.57 9.18
C ALA C 303 -24.04 6.35 10.08
N GLN C 304 -24.55 6.55 11.28
CA GLN C 304 -24.85 5.44 12.17
C GLN C 304 -25.87 4.51 11.53
N PRO C 305 -25.66 3.18 11.59
CA PRO C 305 -26.61 2.27 10.93
C PRO C 305 -28.04 2.41 11.42
N ASN C 306 -28.25 2.65 12.71
CA ASN C 306 -29.62 2.81 13.21
C ASN C 306 -30.19 4.16 12.78
N CYS C 307 -29.37 5.21 12.81
CA CYS C 307 -29.80 6.50 12.27
C CYS C 307 -30.13 6.39 10.79
N GLN C 308 -29.30 5.69 10.03
CA GLN C 308 -29.57 5.50 8.62
C GLN C 308 -30.85 4.69 8.39
N GLN C 309 -31.09 3.68 9.23
CA GLN C 309 -32.30 2.89 9.10
C GLN C 309 -33.55 3.72 9.38
N LEU C 310 -33.51 4.57 10.42
CA LEU C 310 -34.63 5.45 10.68
C LEU C 310 -34.85 6.44 9.54
N LEU C 311 -33.76 7.00 9.02
CA LEU C 311 -33.89 7.94 7.90
C LEU C 311 -34.43 7.24 6.66
N ALA C 312 -34.06 5.98 6.45
CA ALA C 312 -34.59 5.22 5.33
C ALA C 312 -36.08 4.96 5.47
N THR C 313 -36.52 4.64 6.69
CA THR C 313 -37.97 4.47 6.91
C THR C 313 -38.70 5.77 6.64
N LEU C 314 -38.12 6.90 7.03
CA LEU C 314 -38.73 8.19 6.73
C LEU C 314 -38.70 8.48 5.23
N TRP C 315 -37.66 8.01 4.53
CA TRP C 315 -37.47 8.34 3.12
C TRP C 315 -38.48 7.62 2.24
N TYR C 316 -38.72 6.33 2.51
CA TYR C 316 -39.72 5.57 1.77
C TYR C 316 -41.03 5.55 2.53
N ASP C 317 -41.63 6.74 2.65
CA ASP C 317 -42.88 6.89 3.39
C ASP C 317 -44.01 6.11 2.72
N GLY C 318 -44.14 6.25 1.40
CA GLY C 318 -45.23 5.59 0.70
C GLY C 318 -45.07 4.08 0.63
N PHE C 319 -43.87 3.61 0.30
CA PHE C 319 -43.65 2.19 0.09
C PHE C 319 -43.15 1.54 1.37
N PRO C 320 -43.90 0.63 1.98
CA PRO C 320 -43.46 0.01 3.23
C PRO C 320 -42.41 -1.08 3.02
N GLY C 321 -42.45 -1.71 1.84
CA GLY C 321 -41.56 -2.82 1.57
C GLY C 321 -40.59 -2.58 0.42
N TRP C 322 -40.10 -1.35 0.29
CA TRP C 322 -39.12 -1.04 -0.75
C TRP C 322 -37.79 -1.72 -0.49
N ARG C 323 -37.49 -2.08 0.77
CA ARG C 323 -36.22 -2.72 1.09
C ARG C 323 -36.08 -4.08 0.41
N ARG C 324 -37.16 -4.86 0.38
CA ARG C 324 -37.15 -6.20 -0.18
C ARG C 324 -37.98 -6.20 -1.46
N LYS C 325 -37.33 -5.84 -2.57
CA LYS C 325 -37.97 -5.84 -3.88
C LYS C 325 -36.92 -6.16 -4.93
N HIS C 326 -37.38 -6.64 -6.08
CA HIS C 326 -36.48 -6.94 -7.17
C HIS C 326 -36.10 -5.66 -7.91
N TRP C 327 -35.00 -5.73 -8.67
CA TRP C 327 -34.53 -4.57 -9.41
C TRP C 327 -35.55 -4.13 -10.45
N VAL C 328 -36.18 -5.08 -11.14
CA VAL C 328 -37.15 -4.73 -12.18
C VAL C 328 -38.36 -4.04 -11.57
N VAL C 329 -38.82 -4.50 -10.40
CA VAL C 329 -39.98 -3.89 -9.76
C VAL C 329 -39.68 -2.44 -9.37
N LYS C 330 -38.51 -2.21 -8.77
CA LYS C 330 -38.13 -0.85 -8.40
C LYS C 330 -37.99 0.04 -9.62
N LEU C 331 -37.37 -0.48 -10.69
CA LEU C 331 -37.20 0.32 -11.90
C LEU C 331 -38.54 0.68 -12.51
N LEU C 332 -39.47 -0.28 -12.57
CA LEU C 332 -40.79 -0.01 -13.12
C LEU C 332 -41.55 1.00 -12.28
N THR C 333 -41.47 0.87 -10.95
CA THR C 333 -42.15 1.83 -10.08
C THR C 333 -41.58 3.24 -10.26
N CYS C 334 -40.25 3.35 -10.33
CA CYS C 334 -39.63 4.66 -10.53
C CYS C 334 -40.03 5.26 -11.86
N MET C 335 -40.04 4.45 -12.92
CA MET C 335 -40.45 4.96 -14.23
C MET C 335 -41.91 5.41 -14.22
N THR C 336 -42.78 4.64 -13.56
CA THR C 336 -44.19 5.00 -13.49
C THR C 336 -44.38 6.31 -12.75
N ILE C 337 -43.71 6.48 -11.61
CA ILE C 337 -43.86 7.71 -10.85
C ILE C 337 -43.28 8.89 -11.62
N GLY C 338 -42.15 8.68 -12.30
CA GLY C 338 -41.57 9.75 -13.09
C GLY C 338 -42.47 10.18 -14.24
N PHE C 339 -43.10 9.22 -14.92
CA PHE C 339 -44.00 9.56 -16.02
C PHE C 339 -45.29 10.19 -15.52
N LEU C 340 -45.67 9.96 -14.27
CA LEU C 340 -46.87 10.53 -13.69
C LEU C 340 -46.61 11.78 -12.86
N PHE C 341 -45.39 12.32 -12.90
CA PHE C 341 -45.08 13.51 -12.11
C PHE C 341 -45.97 14.71 -12.41
N PRO C 342 -46.32 15.03 -13.68
CA PRO C 342 -47.21 16.19 -13.88
C PRO C 342 -48.57 15.99 -13.23
N MET C 343 -49.10 14.77 -13.25
CA MET C 343 -50.38 14.50 -12.60
C MET C 343 -50.29 14.72 -11.10
N LEU C 344 -49.21 14.26 -10.48
CA LEU C 344 -49.04 14.46 -9.04
C LEU C 344 -48.90 15.94 -8.70
N SER C 345 -48.14 16.69 -9.51
CA SER C 345 -48.00 18.13 -9.28
C SER C 345 -49.34 18.84 -9.41
N ILE C 346 -50.13 18.49 -10.43
CA ILE C 346 -51.43 19.13 -10.62
C ILE C 346 -52.36 18.77 -9.47
N ALA C 347 -52.33 17.51 -9.03
CA ALA C 347 -53.17 17.09 -7.91
C ALA C 347 -52.81 17.84 -6.63
N TYR C 348 -51.52 18.03 -6.38
CA TYR C 348 -51.10 18.82 -5.23
C TYR C 348 -51.57 20.26 -5.35
N LEU C 349 -51.48 20.82 -6.57
CA LEU C 349 -51.93 22.20 -6.78
C LEU C 349 -53.42 22.35 -6.51
N ILE C 350 -54.23 21.40 -6.98
CA ILE C 350 -55.68 21.54 -6.88
C ILE C 350 -56.16 21.23 -5.47
N SER C 351 -55.94 20.01 -5.01
CA SER C 351 -56.41 19.57 -3.69
C SER C 351 -55.28 18.81 -2.98
N PRO C 352 -54.55 19.47 -2.08
CA PRO C 352 -53.46 18.77 -1.36
C PRO C 352 -53.95 17.62 -0.50
N ARG C 353 -55.23 17.61 -0.11
CA ARG C 353 -55.77 16.59 0.78
C ARG C 353 -56.53 15.55 -0.04
N SER C 354 -55.78 14.61 -0.60
CA SER C 354 -56.35 13.51 -1.37
C SER C 354 -55.30 12.42 -1.49
N ASN C 355 -55.71 11.29 -2.10
CA ASN C 355 -54.78 10.19 -2.30
C ASN C 355 -53.64 10.58 -3.22
N LEU C 356 -53.87 11.54 -4.12
CA LEU C 356 -52.83 12.04 -5.02
C LEU C 356 -52.30 13.40 -4.60
N GLY C 357 -53.08 14.19 -3.87
CA GLY C 357 -52.63 15.52 -3.49
C GLY C 357 -51.43 15.48 -2.57
N LEU C 358 -51.49 14.64 -1.53
CA LEU C 358 -50.41 14.51 -0.57
C LEU C 358 -49.44 13.38 -0.91
N PHE C 359 -49.68 12.67 -2.02
CA PHE C 359 -48.76 11.61 -2.42
C PHE C 359 -47.41 12.16 -2.88
N ILE C 360 -47.35 13.43 -3.28
CA ILE C 360 -46.09 14.02 -3.70
C ILE C 360 -45.27 14.54 -2.52
N LYS C 361 -45.91 14.78 -1.37
CA LYS C 361 -45.18 15.26 -0.21
C LYS C 361 -44.26 14.21 0.38
N LYS C 362 -44.41 12.94 -0.01
CA LYS C 362 -43.49 11.91 0.46
C LYS C 362 -42.10 12.15 -0.11
N PRO C 363 -41.05 11.96 0.70
CA PRO C 363 -39.70 12.36 0.26
C PRO C 363 -39.22 11.65 -1.00
N PHE C 364 -39.34 10.32 -1.05
CA PHE C 364 -38.88 9.60 -2.24
C PHE C 364 -39.71 9.96 -3.47
N ILE C 365 -41.03 10.09 -3.31
CA ILE C 365 -41.88 10.48 -4.43
C ILE C 365 -41.53 11.89 -4.89
N LYS C 366 -41.29 12.80 -3.95
CA LYS C 366 -40.90 14.17 -4.29
C LYS C 366 -39.58 14.17 -5.06
N PHE C 367 -38.61 13.38 -4.62
CA PHE C 367 -37.35 13.29 -5.33
C PHE C 367 -37.54 12.75 -6.74
N ILE C 368 -38.38 11.72 -6.89
CA ILE C 368 -38.63 11.15 -8.21
C ILE C 368 -39.27 12.18 -9.13
N CYS C 369 -40.25 12.93 -8.60
CA CYS C 369 -40.92 13.92 -9.43
C CYS C 369 -39.98 15.05 -9.84
N HIS C 370 -39.13 15.52 -8.92
CA HIS C 370 -38.18 16.56 -9.27
C HIS C 370 -37.18 16.07 -10.31
N THR C 371 -36.68 14.83 -10.15
CA THR C 371 -35.75 14.28 -11.13
C THR C 371 -36.43 14.14 -12.49
N ALA C 372 -37.68 13.69 -12.51
CA ALA C 372 -38.40 13.56 -13.78
C ALA C 372 -38.60 14.92 -14.45
N SER C 373 -38.93 15.94 -13.66
CA SER C 373 -39.09 17.28 -14.22
C SER C 373 -37.78 17.78 -14.82
N TYR C 374 -36.66 17.60 -14.12
CA TYR C 374 -35.38 18.02 -14.67
C TYR C 374 -35.03 17.23 -15.92
N LEU C 375 -35.36 15.93 -15.94
CA LEU C 375 -35.08 15.12 -17.13
C LEU C 375 -35.89 15.58 -18.33
N THR C 376 -37.16 15.94 -18.11
CA THR C 376 -37.96 16.49 -19.21
C THR C 376 -37.39 17.82 -19.69
N PHE C 377 -36.90 18.64 -18.75
CA PHE C 377 -36.25 19.90 -19.14
C PHE C 377 -35.03 19.64 -20.02
N LEU C 378 -34.21 18.66 -19.64
CA LEU C 378 -33.04 18.33 -20.45
C LEU C 378 -33.43 17.75 -21.80
N PHE C 379 -34.51 16.96 -21.84
CA PHE C 379 -35.00 16.43 -23.11
C PHE C 379 -35.46 17.56 -24.02
N MET C 380 -36.12 18.57 -23.46
CA MET C 380 -36.50 19.73 -24.28
C MET C 380 -35.28 20.52 -24.73
N LEU C 381 -34.25 20.61 -23.89
CA LEU C 381 -33.01 21.24 -24.31
C LEU C 381 -32.38 20.50 -25.48
N LEU C 382 -32.40 19.17 -25.45
CA LEU C 382 -31.91 18.38 -26.58
C LEU C 382 -32.76 18.62 -27.83
N LEU C 383 -34.09 18.67 -27.66
CA LEU C 383 -34.96 18.90 -28.80
C LEU C 383 -34.83 20.30 -29.38
N ALA C 384 -34.37 21.26 -28.59
CA ALA C 384 -34.25 22.64 -29.04
C ALA C 384 -33.22 22.84 -30.14
N SER C 385 -32.52 21.80 -30.57
CA SER C 385 -31.52 21.91 -31.62
C SER C 385 -31.86 21.04 -32.84
N GLN C 386 -33.13 20.72 -33.03
CA GLN C 386 -33.56 19.89 -34.14
C GLN C 386 -34.11 20.72 -35.29
N ASP C 392 -35.96 28.26 -40.36
CA ASP C 392 -35.20 29.38 -40.91
C ASP C 392 -34.24 29.95 -39.88
N LEU C 393 -32.97 30.07 -40.26
CA LEU C 393 -31.93 30.58 -39.38
C LEU C 393 -31.42 31.96 -39.80
N HIS C 394 -31.91 32.52 -40.90
CA HIS C 394 -31.44 33.80 -41.39
C HIS C 394 -32.16 34.99 -40.76
N VAL C 395 -33.17 34.75 -39.93
CA VAL C 395 -33.92 35.82 -39.29
C VAL C 395 -33.08 36.40 -38.17
N GLN C 396 -32.89 37.71 -38.19
CA GLN C 396 -32.16 38.40 -37.13
C GLN C 396 -33.12 38.68 -35.98
N GLY C 397 -32.88 38.04 -34.84
CA GLY C 397 -33.78 38.13 -33.71
C GLY C 397 -35.14 37.53 -34.00
N PRO C 398 -35.19 36.21 -34.18
CA PRO C 398 -36.47 35.56 -34.47
C PRO C 398 -37.32 35.44 -33.23
N PRO C 399 -38.63 35.33 -33.37
CA PRO C 399 -39.47 35.06 -32.21
C PRO C 399 -39.18 33.68 -31.66
N PRO C 400 -39.33 33.48 -30.34
CA PRO C 400 -39.06 32.15 -29.76
C PRO C 400 -39.98 31.09 -30.34
N THR C 401 -39.42 29.90 -30.53
CA THR C 401 -40.16 28.79 -31.12
C THR C 401 -41.00 28.10 -30.05
N VAL C 402 -41.71 27.04 -30.46
CA VAL C 402 -42.54 26.29 -29.51
C VAL C 402 -41.69 25.63 -28.45
N VAL C 403 -40.53 25.07 -28.85
CA VAL C 403 -39.64 24.43 -27.89
C VAL C 403 -39.10 25.47 -26.89
N GLU C 404 -38.72 26.65 -27.38
CA GLU C 404 -38.25 27.70 -26.48
C GLU C 404 -39.38 28.19 -25.57
N TRP C 405 -40.60 28.29 -26.09
CA TRP C 405 -41.73 28.67 -25.26
C TRP C 405 -42.00 27.64 -24.18
N MET C 406 -41.76 26.35 -24.46
CA MET C 406 -41.90 25.33 -23.43
C MET C 406 -40.73 25.37 -22.44
N ILE C 407 -39.54 25.76 -22.91
CA ILE C 407 -38.38 25.82 -22.03
C ILE C 407 -38.52 26.97 -21.05
N LEU C 408 -39.09 28.10 -21.48
CA LEU C 408 -39.13 29.30 -20.65
C LEU C 408 -39.73 29.10 -19.26
N PRO C 409 -40.88 28.44 -19.08
CA PRO C 409 -41.39 28.25 -17.72
C PRO C 409 -40.46 27.46 -16.82
N TRP C 410 -39.71 26.50 -17.36
CA TRP C 410 -38.73 25.78 -16.54
C TRP C 410 -37.63 26.71 -16.05
N VAL C 411 -37.15 27.60 -16.91
CA VAL C 411 -36.11 28.56 -16.50
C VAL C 411 -36.66 29.50 -15.44
N LEU C 412 -37.89 29.99 -15.63
CA LEU C 412 -38.50 30.86 -14.63
C LEU C 412 -38.67 30.13 -13.31
N GLY C 413 -39.08 28.87 -13.35
CA GLY C 413 -39.20 28.08 -12.14
C GLY C 413 -37.87 27.87 -11.44
N PHE C 414 -36.81 27.64 -12.22
CA PHE C 414 -35.48 27.50 -11.62
C PHE C 414 -35.07 28.77 -10.91
N ILE C 415 -35.27 29.92 -11.55
CA ILE C 415 -34.89 31.19 -10.93
C ILE C 415 -35.71 31.44 -9.67
N TRP C 416 -37.02 31.21 -9.74
CA TRP C 416 -37.89 31.42 -8.59
C TRP C 416 -37.53 30.48 -7.45
N GLY C 417 -37.24 29.21 -7.76
CA GLY C 417 -36.85 28.28 -6.71
C GLY C 417 -35.52 28.65 -6.08
N GLU C 418 -34.57 29.14 -6.88
CA GLU C 418 -33.30 29.58 -6.33
C GLU C 418 -33.49 30.74 -5.36
N ILE C 419 -34.26 31.76 -5.78
CA ILE C 419 -34.44 32.91 -4.88
C ILE C 419 -35.28 32.52 -3.67
N LYS C 420 -36.24 31.60 -3.82
CA LYS C 420 -37.03 31.16 -2.68
C LYS C 420 -36.18 30.40 -1.68
N GLU C 421 -35.29 29.52 -2.17
CA GLU C 421 -34.36 28.85 -1.27
C GLU C 421 -33.43 29.86 -0.59
N MET C 422 -32.98 30.86 -1.34
CA MET C 422 -32.14 31.91 -0.77
C MET C 422 -32.85 32.63 0.37
N TRP C 423 -34.13 32.94 0.18
CA TRP C 423 -34.90 33.63 1.22
C TRP C 423 -35.16 32.73 2.42
N ASP C 424 -35.60 31.49 2.18
CA ASP C 424 -36.03 30.62 3.28
C ASP C 424 -34.85 30.11 4.09
N GLY C 425 -33.78 29.68 3.43
CA GLY C 425 -32.64 29.13 4.14
C GLY C 425 -31.77 30.17 4.80
N GLY C 426 -31.35 31.17 4.04
CA GLY C 426 -30.48 32.22 4.52
C GLY C 426 -29.39 32.51 3.53
N PHE C 427 -28.41 33.31 3.95
CA PHE C 427 -27.30 33.68 3.09
C PHE C 427 -26.11 32.74 3.28
N THR C 428 -25.64 32.58 4.52
CA THR C 428 -24.45 31.77 4.76
C THR C 428 -24.66 30.32 4.36
N GLU C 429 -25.82 29.75 4.69
CA GLU C 429 -26.11 28.38 4.27
C GLU C 429 -26.17 28.26 2.76
N TYR C 430 -26.77 29.25 2.09
CA TYR C 430 -26.85 29.22 0.64
C TYR C 430 -25.46 29.29 -0.01
N ILE C 431 -24.60 30.17 0.50
CA ILE C 431 -23.27 30.32 -0.10
C ILE C 431 -22.33 29.18 0.30
N HIS C 432 -22.64 28.44 1.36
CA HIS C 432 -21.78 27.33 1.74
C HIS C 432 -21.90 26.15 0.78
N ASP C 433 -23.06 26.00 0.14
CA ASP C 433 -23.26 24.94 -0.85
C ASP C 433 -22.57 25.34 -2.15
N TRP C 434 -21.61 24.52 -2.60
CA TRP C 434 -20.87 24.85 -3.80
C TRP C 434 -21.71 24.67 -5.06
N TRP C 435 -22.62 23.69 -5.06
CA TRP C 435 -23.48 23.46 -6.22
C TRP C 435 -24.27 24.71 -6.57
N ASN C 436 -24.67 25.48 -5.56
CA ASN C 436 -25.40 26.72 -5.81
C ASN C 436 -24.65 27.63 -6.77
N LEU C 437 -23.31 27.65 -6.67
CA LEU C 437 -22.51 28.45 -7.60
C LEU C 437 -22.88 28.10 -9.03
N MET C 438 -22.83 26.80 -9.36
CA MET C 438 -23.22 26.38 -10.71
C MET C 438 -24.62 26.85 -11.03
N ASP C 439 -25.56 26.65 -10.09
CA ASP C 439 -26.92 27.12 -10.30
C ASP C 439 -26.92 28.60 -10.66
N PHE C 440 -26.23 29.41 -9.85
CA PHE C 440 -26.16 30.84 -10.14
C PHE C 440 -25.69 31.06 -11.57
N ALA C 441 -24.56 30.44 -11.93
CA ALA C 441 -24.05 30.59 -13.29
C ALA C 441 -25.14 30.27 -14.30
N MET C 442 -25.76 29.09 -14.17
CA MET C 442 -26.79 28.71 -15.13
C MET C 442 -27.85 29.80 -15.21
N ASN C 443 -28.41 30.19 -14.06
CA ASN C 443 -29.47 31.18 -14.09
C ASN C 443 -29.01 32.45 -14.78
N SER C 444 -27.83 32.95 -14.38
CA SER C 444 -27.33 34.18 -14.98
C SER C 444 -27.25 34.03 -16.49
N LEU C 445 -26.63 32.94 -16.95
CA LEU C 445 -26.50 32.75 -18.39
C LEU C 445 -27.87 32.74 -19.04
N TYR C 446 -28.82 31.97 -18.48
CA TYR C 446 -30.15 31.93 -19.06
C TYR C 446 -30.75 33.33 -19.11
N LEU C 447 -30.65 34.07 -18.01
CA LEU C 447 -31.16 35.44 -18.02
C LEU C 447 -30.52 36.24 -19.14
N ALA C 448 -29.18 36.17 -19.24
CA ALA C 448 -28.48 36.84 -20.32
C ALA C 448 -29.06 36.44 -21.66
N THR C 449 -29.24 35.14 -21.87
CA THR C 449 -29.81 34.67 -23.13
C THR C 449 -31.11 35.39 -23.41
N ILE C 450 -32.03 35.36 -22.44
CA ILE C 450 -33.32 35.99 -22.65
C ILE C 450 -33.13 37.44 -23.02
N SER C 451 -32.32 38.16 -22.25
CA SER C 451 -32.09 39.58 -22.52
C SER C 451 -31.64 39.76 -23.96
N LEU C 452 -30.61 39.02 -24.36
CA LEU C 452 -30.07 39.20 -25.70
C LEU C 452 -31.13 38.89 -26.75
N LYS C 453 -31.89 37.80 -26.55
CA LYS C 453 -32.94 37.49 -27.50
C LYS C 453 -33.88 38.67 -27.66
N ILE C 454 -34.34 39.22 -26.53
CA ILE C 454 -35.24 40.36 -26.59
C ILE C 454 -34.59 41.50 -27.38
N VAL C 455 -33.33 41.79 -27.07
CA VAL C 455 -32.64 42.85 -27.79
C VAL C 455 -32.65 42.56 -29.28
N ALA C 456 -32.25 41.33 -29.66
CA ALA C 456 -32.19 41.00 -31.08
C ALA C 456 -33.58 41.05 -31.71
N TYR C 457 -34.62 40.79 -30.92
CA TYR C 457 -35.97 40.86 -31.47
C TYR C 457 -36.38 42.30 -31.73
N VAL C 458 -35.98 43.24 -30.87
CA VAL C 458 -36.48 44.60 -31.00
C VAL C 458 -35.58 45.45 -31.90
N LYS C 459 -34.29 45.12 -31.98
CA LYS C 459 -33.34 45.93 -32.72
C LYS C 459 -33.21 45.51 -34.18
N TYR C 460 -33.69 44.33 -34.55
CA TYR C 460 -33.55 43.82 -35.90
C TYR C 460 -34.88 43.29 -36.41
N ASN C 461 -35.18 43.58 -37.68
CA ASN C 461 -36.41 43.11 -38.30
C ASN C 461 -36.12 42.37 -39.60
N GLY C 462 -35.08 42.80 -40.31
CA GLY C 462 -34.76 42.19 -41.58
C GLY C 462 -34.14 40.81 -41.43
N SER C 463 -34.17 40.07 -42.53
CA SER C 463 -33.65 38.71 -42.59
C SER C 463 -32.38 38.72 -43.45
N ARG C 464 -31.24 38.97 -42.80
CA ARG C 464 -29.93 38.98 -43.43
C ARG C 464 -29.22 37.66 -43.19
N PRO C 465 -28.56 37.09 -44.21
CA PRO C 465 -27.88 35.80 -44.02
C PRO C 465 -26.78 35.90 -42.97
N ARG C 466 -26.61 34.81 -42.23
CA ARG C 466 -25.67 34.79 -41.12
C ARG C 466 -24.22 34.98 -41.55
N GLU C 467 -23.93 34.76 -42.84
CA GLU C 467 -22.54 34.89 -43.31
C GLU C 467 -22.02 36.30 -43.12
N GLU C 468 -22.86 37.31 -43.37
CA GLU C 468 -22.45 38.70 -43.29
C GLU C 468 -22.88 39.38 -41.99
N TRP C 469 -23.28 38.61 -40.99
CA TRP C 469 -23.59 39.19 -39.70
C TRP C 469 -22.32 39.71 -39.01
N GLU C 470 -22.51 40.63 -38.09
CA GLU C 470 -21.40 41.12 -37.27
C GLU C 470 -20.90 40.00 -36.37
N MET C 471 -19.62 40.09 -36.01
CA MET C 471 -19.04 39.11 -35.08
C MET C 471 -19.74 39.16 -33.73
N TRP C 472 -20.04 40.37 -33.24
CA TRP C 472 -20.71 40.57 -31.95
C TRP C 472 -22.20 40.82 -32.11
N HIS C 473 -22.82 40.18 -33.11
CA HIS C 473 -24.26 40.29 -33.28
C HIS C 473 -24.97 39.69 -32.06
N PRO C 474 -26.08 40.29 -31.62
CA PRO C 474 -26.74 39.78 -30.40
C PRO C 474 -27.18 38.32 -30.51
N THR C 475 -27.62 37.89 -31.69
CA THR C 475 -28.10 36.52 -31.84
C THR C 475 -26.96 35.51 -31.61
N LEU C 476 -25.78 35.80 -32.15
CA LEU C 476 -24.65 34.88 -31.98
C LEU C 476 -24.25 34.76 -30.51
N ILE C 477 -24.18 35.89 -29.81
CA ILE C 477 -23.84 35.86 -28.40
C ILE C 477 -24.91 35.12 -27.60
N ALA C 478 -26.18 35.37 -27.91
CA ALA C 478 -27.26 34.67 -27.23
C ALA C 478 -27.17 33.17 -27.43
N GLU C 479 -26.89 32.73 -28.66
CA GLU C 479 -26.79 31.31 -28.94
C GLU C 479 -25.60 30.69 -28.23
N ALA C 480 -24.46 31.38 -28.20
CA ALA C 480 -23.31 30.87 -27.46
C ALA C 480 -23.62 30.72 -25.97
N LEU C 481 -24.26 31.74 -25.39
CA LEU C 481 -24.62 31.67 -23.98
C LEU C 481 -25.60 30.54 -23.71
N PHE C 482 -26.57 30.35 -24.62
CA PHE C 482 -27.54 29.27 -24.45
C PHE C 482 -26.86 27.91 -24.53
N ALA C 483 -25.88 27.76 -25.42
CA ALA C 483 -25.14 26.50 -25.51
C ALA C 483 -24.35 26.23 -24.23
N ILE C 484 -23.69 27.26 -23.70
CA ILE C 484 -22.97 27.08 -22.43
C ILE C 484 -23.95 26.70 -21.32
N SER C 485 -25.12 27.34 -21.30
CA SER C 485 -26.13 27.00 -20.30
C SER C 485 -26.59 25.56 -20.44
N ASN C 486 -26.76 25.08 -21.67
CA ASN C 486 -27.14 23.70 -21.89
C ASN C 486 -26.07 22.75 -21.35
N ILE C 487 -24.80 23.06 -21.60
CA ILE C 487 -23.72 22.23 -21.07
C ILE C 487 -23.79 22.17 -19.55
N LEU C 488 -23.93 23.33 -18.90
CA LEU C 488 -23.99 23.35 -17.44
C LEU C 488 -25.22 22.64 -16.92
N SER C 489 -26.37 22.81 -17.59
CA SER C 489 -27.60 22.16 -17.15
C SER C 489 -27.46 20.65 -17.19
N SER C 490 -26.88 20.11 -18.27
CA SER C 490 -26.69 18.67 -18.34
C SER C 490 -25.63 18.21 -17.35
N LEU C 491 -24.61 19.03 -17.08
CA LEU C 491 -23.59 18.66 -16.11
C LEU C 491 -24.11 18.72 -14.68
N ARG C 492 -25.22 19.42 -14.44
CA ARG C 492 -25.79 19.50 -13.11
C ARG C 492 -26.29 18.16 -12.59
N LEU C 493 -26.43 17.16 -13.46
CA LEU C 493 -26.93 15.85 -13.05
C LEU C 493 -25.95 15.07 -12.17
N ILE C 494 -24.71 15.56 -12.03
CA ILE C 494 -23.73 14.86 -11.19
C ILE C 494 -24.22 14.80 -9.75
N SER C 495 -24.88 15.85 -9.28
CA SER C 495 -25.33 15.90 -7.89
C SER C 495 -26.32 14.80 -7.56
N LEU C 496 -27.00 14.22 -8.56
CA LEU C 496 -27.93 13.13 -8.29
C LEU C 496 -27.23 11.79 -8.09
N PHE C 497 -25.92 11.69 -8.37
CA PHE C 497 -25.20 10.46 -8.10
C PHE C 497 -25.17 10.13 -6.61
N THR C 498 -25.44 11.12 -5.75
CA THR C 498 -25.47 10.87 -4.31
C THR C 498 -26.58 9.92 -3.91
N ALA C 499 -27.72 9.97 -4.62
CA ALA C 499 -28.87 9.13 -4.30
C ALA C 499 -28.64 7.66 -4.59
N ASN C 500 -27.57 7.31 -5.29
CA ASN C 500 -27.31 5.93 -5.71
C ASN C 500 -26.21 5.30 -4.86
N SER C 501 -26.37 4.01 -4.59
CA SER C 501 -25.39 3.29 -3.77
C SER C 501 -24.08 3.08 -4.52
N HIS C 502 -24.16 2.79 -5.82
CA HIS C 502 -22.96 2.50 -6.60
C HIS C 502 -22.28 3.78 -7.11
N LEU C 503 -23.05 4.85 -7.30
CA LEU C 503 -22.52 6.09 -7.85
C LEU C 503 -22.14 7.11 -6.79
N GLY C 504 -22.65 6.98 -5.57
CA GLY C 504 -22.42 7.94 -4.53
C GLY C 504 -20.97 8.04 -4.08
N PRO C 505 -20.43 6.96 -3.53
CA PRO C 505 -19.02 6.99 -3.10
C PRO C 505 -18.05 7.26 -4.23
N LEU C 506 -18.37 6.86 -5.45
CA LEU C 506 -17.54 7.22 -6.59
C LEU C 506 -17.49 8.73 -6.79
N GLN C 507 -18.66 9.38 -6.72
CA GLN C 507 -18.69 10.83 -6.82
C GLN C 507 -17.93 11.49 -5.68
N ILE C 508 -18.04 10.93 -4.46
CA ILE C 508 -17.27 11.46 -3.34
C ILE C 508 -15.78 11.39 -3.62
N SER C 509 -15.32 10.25 -4.14
CA SER C 509 -13.91 10.07 -4.45
C SER C 509 -13.44 11.06 -5.51
N LEU C 510 -14.23 11.24 -6.57
CA LEU C 510 -13.84 12.15 -7.64
C LEU C 510 -13.83 13.59 -7.14
N GLY C 511 -14.82 13.97 -6.33
CA GLY C 511 -14.83 15.31 -5.78
C GLY C 511 -13.63 15.58 -4.89
N ARG C 512 -13.21 14.58 -4.10
CA ARG C 512 -12.05 14.76 -3.26
C ARG C 512 -10.76 14.84 -4.08
N MET C 513 -10.67 14.07 -5.17
CA MET C 513 -9.50 14.16 -6.04
C MET C 513 -9.45 15.47 -6.83
N LEU C 514 -10.59 16.14 -7.00
CA LEU C 514 -10.57 17.45 -7.64
C LEU C 514 -9.70 18.44 -6.88
N LEU C 515 -9.53 18.25 -5.57
CA LEU C 515 -8.63 19.11 -4.81
C LEU C 515 -7.18 18.93 -5.23
N ASP C 516 -6.75 17.68 -5.41
CA ASP C 516 -5.40 17.44 -5.92
C ASP C 516 -5.24 17.98 -7.32
N ILE C 517 -6.28 17.86 -8.15
CA ILE C 517 -6.22 18.41 -9.50
C ILE C 517 -6.03 19.93 -9.44
N LEU C 518 -6.78 20.60 -8.57
CA LEU C 518 -6.64 22.05 -8.41
C LEU C 518 -5.24 22.42 -7.94
N LYS C 519 -4.69 21.65 -7.00
CA LYS C 519 -3.34 21.92 -6.51
C LYS C 519 -2.32 21.81 -7.64
N PHE C 520 -2.44 20.77 -8.48
CA PHE C 520 -1.50 20.58 -9.58
C PHE C 520 -1.68 21.65 -10.67
N LEU C 521 -2.90 22.15 -10.84
CA LEU C 521 -3.16 23.12 -11.90
C LEU C 521 -2.35 24.40 -11.72
N PHE C 522 -2.05 24.78 -10.48
CA PHE C 522 -1.30 26.00 -10.24
C PHE C 522 0.11 25.92 -10.83
N ILE C 523 0.83 24.85 -10.51
CA ILE C 523 2.18 24.70 -11.04
C ILE C 523 2.16 24.47 -12.55
N TYR C 524 1.15 23.74 -13.04
CA TYR C 524 1.05 23.59 -14.48
C TYR C 524 0.88 24.95 -15.17
N CYS C 525 0.02 25.81 -14.60
CA CYS C 525 -0.21 27.12 -15.20
C CYS C 525 1.04 27.98 -15.12
N LEU C 526 1.80 27.88 -14.04
CA LEU C 526 3.05 28.62 -13.96
C LEU C 526 3.99 28.20 -15.08
N VAL C 527 4.16 26.89 -15.29
CA VAL C 527 5.05 26.41 -16.35
C VAL C 527 4.53 26.84 -17.72
N LEU C 528 3.22 26.72 -17.94
CA LEU C 528 2.62 27.09 -19.21
C LEU C 528 2.83 28.57 -19.51
N LEU C 529 2.63 29.43 -18.50
CA LEU C 529 2.82 30.86 -18.70
C LEU C 529 4.28 31.18 -19.00
N ALA C 530 5.21 30.52 -18.30
CA ALA C 530 6.63 30.75 -18.55
C ALA C 530 6.97 30.42 -20.00
N PHE C 531 6.61 29.22 -20.46
CA PHE C 531 6.96 28.85 -21.82
C PHE C 531 6.20 29.67 -22.86
N ALA C 532 4.97 30.09 -22.56
CA ALA C 532 4.24 30.96 -23.47
C ALA C 532 4.95 32.30 -23.62
N ASN C 533 5.42 32.87 -22.50
CA ASN C 533 6.17 34.12 -22.56
C ASN C 533 7.43 33.95 -23.42
N GLY C 534 8.15 32.85 -23.21
CA GLY C 534 9.37 32.64 -23.98
C GLY C 534 9.12 32.46 -25.47
N LEU C 535 8.14 31.62 -25.83
CA LEU C 535 7.84 31.37 -27.22
C LEU C 535 7.33 32.62 -27.93
N ASN C 536 6.45 33.38 -27.25
CA ASN C 536 5.98 34.63 -27.85
C ASN C 536 7.12 35.62 -28.04
N GLN C 537 7.98 35.74 -27.03
CA GLN C 537 9.14 36.63 -27.16
C GLN C 537 9.99 36.23 -28.35
N LEU C 538 10.14 34.94 -28.59
CA LEU C 538 10.98 34.50 -29.71
C LEU C 538 10.30 34.70 -31.06
N TYR C 539 8.99 34.45 -31.15
CA TYR C 539 8.32 34.33 -32.44
C TYR C 539 7.51 35.56 -32.86
N PHE C 540 7.33 36.56 -31.99
CA PHE C 540 6.43 37.64 -32.36
C PHE C 540 6.97 38.51 -33.50
N TYR C 541 8.24 38.36 -33.87
CA TYR C 541 8.78 39.16 -34.96
C TYR C 541 8.26 38.70 -36.32
N TYR C 542 7.93 37.41 -36.47
CA TYR C 542 7.54 36.85 -37.75
C TYR C 542 6.03 36.73 -37.90
N GLU C 543 5.28 37.65 -37.29
CA GLU C 543 3.82 37.63 -37.43
C GLU C 543 3.42 38.02 -38.84
N THR C 544 2.50 37.26 -39.42
CA THR C 544 2.06 37.46 -40.79
C THR C 544 0.58 37.80 -40.82
N ARG C 545 0.18 38.59 -41.81
CA ARG C 545 -1.21 38.98 -41.96
C ARG C 545 -2.05 37.80 -42.45
N ALA C 546 -3.35 37.87 -42.16
CA ALA C 546 -4.26 36.80 -42.56
C ALA C 546 -4.39 36.70 -44.08
N ILE C 547 -4.18 37.81 -44.80
CA ILE C 547 -4.25 37.78 -46.25
C ILE C 547 -3.15 36.90 -46.84
N ASP C 548 -1.95 36.96 -46.25
CA ASP C 548 -0.83 36.18 -46.73
C ASP C 548 -1.05 34.68 -46.56
N GLU C 549 -1.96 34.28 -45.69
CA GLU C 549 -2.22 32.87 -45.46
C GLU C 549 -2.91 32.24 -46.68
N PRO C 550 -2.70 30.95 -46.91
CA PRO C 550 -3.24 30.33 -48.13
C PRO C 550 -4.75 30.41 -48.26
N ASN C 551 -5.49 30.34 -47.16
CA ASN C 551 -6.95 30.35 -47.19
C ASN C 551 -7.53 31.55 -46.45
N ASN C 552 -6.74 32.62 -46.28
CA ASN C 552 -7.14 33.81 -45.53
C ASN C 552 -7.51 33.49 -44.08
N CYS C 553 -6.99 32.39 -43.55
CA CYS C 553 -7.26 31.98 -42.17
C CYS C 553 -5.97 32.09 -41.38
N LYS C 554 -6.04 32.78 -40.25
CA LYS C 554 -4.90 32.98 -39.37
C LYS C 554 -5.18 32.34 -38.02
N GLY C 555 -4.17 31.69 -37.46
CA GLY C 555 -4.27 31.03 -36.17
C GLY C 555 -4.05 29.54 -36.31
N ILE C 556 -4.30 28.83 -35.19
CA ILE C 556 -4.08 27.40 -35.16
C ILE C 556 -5.31 26.58 -35.50
N ARG C 557 -6.48 27.21 -35.59
CA ARG C 557 -7.72 26.51 -35.94
C ARG C 557 -7.96 26.48 -37.44
N CYS C 558 -6.91 26.68 -38.24
CA CYS C 558 -7.00 26.55 -39.69
C CYS C 558 -6.50 25.17 -40.12
N GLU C 559 -6.81 24.80 -41.36
CA GLU C 559 -6.39 23.51 -41.87
C GLU C 559 -4.87 23.40 -41.87
N LYS C 560 -4.19 24.46 -42.30
CA LYS C 560 -2.75 24.59 -42.13
C LYS C 560 -2.51 25.58 -40.99
N GLN C 561 -2.00 25.08 -39.87
CA GLN C 561 -1.79 25.92 -38.70
C GLN C 561 -0.69 26.94 -38.97
N ASN C 562 -0.91 28.17 -38.52
CA ASN C 562 0.04 29.25 -38.74
C ASN C 562 -0.09 30.26 -37.61
N ASN C 563 0.98 31.04 -37.42
CA ASN C 563 1.03 32.06 -36.37
C ASN C 563 0.68 31.47 -35.01
N ALA C 564 1.25 30.29 -34.72
CA ALA C 564 0.96 29.61 -33.46
C ALA C 564 1.48 30.40 -32.27
N PHE C 565 2.61 31.09 -32.41
CA PHE C 565 3.25 31.77 -31.30
C PHE C 565 3.41 33.27 -31.54
N SER C 566 2.57 33.86 -32.39
CA SER C 566 2.75 35.28 -32.73
C SER C 566 2.32 36.19 -31.59
N THR C 567 1.19 35.88 -30.95
CA THR C 567 0.69 36.69 -29.85
C THR C 567 0.62 35.84 -28.58
N LEU C 568 0.59 36.52 -27.44
CA LEU C 568 0.58 35.81 -26.16
C LEU C 568 -0.67 34.97 -26.00
N PHE C 569 -1.83 35.49 -26.41
CA PHE C 569 -3.07 34.73 -26.35
C PHE C 569 -2.99 33.50 -27.26
N GLU C 570 -2.54 33.70 -28.50
CA GLU C 570 -2.40 32.57 -29.42
C GLU C 570 -1.33 31.60 -28.95
N THR C 571 -0.25 32.09 -28.33
CA THR C 571 0.76 31.20 -27.78
C THR C 571 0.19 30.35 -26.64
N LEU C 572 -0.63 30.96 -25.77
CA LEU C 572 -1.28 30.19 -24.72
C LEU C 572 -2.17 29.11 -25.31
N GLN C 573 -2.96 29.46 -26.33
CA GLN C 573 -3.83 28.47 -26.95
C GLN C 573 -3.03 27.35 -27.62
N SER C 574 -1.93 27.70 -28.29
CA SER C 574 -1.10 26.69 -28.94
C SER C 574 -0.49 25.73 -27.91
N LEU C 575 0.04 26.29 -26.82
CA LEU C 575 0.64 25.44 -25.80
C LEU C 575 -0.42 24.58 -25.10
N PHE C 576 -1.63 25.10 -24.96
CA PHE C 576 -2.71 24.27 -24.42
C PHE C 576 -3.02 23.10 -25.37
N TRP C 577 -3.23 23.40 -26.66
CA TRP C 577 -3.61 22.34 -27.59
C TRP C 577 -2.48 21.35 -27.85
N SER C 578 -1.23 21.75 -27.60
CA SER C 578 -0.13 20.81 -27.72
C SER C 578 -0.17 19.71 -26.66
N VAL C 579 -0.86 19.95 -25.54
CA VAL C 579 -1.02 18.91 -24.53
C VAL C 579 -1.78 17.73 -25.11
N PHE C 580 -2.75 18.00 -25.97
CA PHE C 580 -3.56 16.95 -26.59
C PHE C 580 -3.06 16.58 -27.97
N GLY C 581 -1.93 17.15 -28.41
CA GLY C 581 -1.32 16.77 -29.67
C GLY C 581 -1.93 17.37 -30.90
N LEU C 582 -2.86 18.32 -30.76
CA LEU C 582 -3.52 18.90 -31.92
C LEU C 582 -2.71 20.00 -32.58
N LEU C 583 -1.57 20.38 -32.01
CA LEU C 583 -0.68 21.37 -32.58
C LEU C 583 0.41 20.66 -33.38
N ASN C 584 0.50 20.96 -34.68
CA ASN C 584 1.47 20.30 -35.54
C ASN C 584 2.86 20.92 -35.37
N LEU C 585 3.87 20.16 -35.79
CA LEU C 585 5.25 20.56 -35.53
C LEU C 585 5.68 21.71 -36.43
N TYR C 586 5.21 21.74 -37.67
CA TYR C 586 5.66 22.76 -38.62
C TYR C 586 5.29 24.18 -38.17
N VAL C 587 4.54 24.34 -37.09
CA VAL C 587 4.24 25.67 -36.58
C VAL C 587 5.48 26.32 -35.98
N THR C 588 6.51 25.54 -35.64
CA THR C 588 7.77 26.12 -35.17
C THR C 588 8.68 26.53 -36.32
N ASN C 589 8.13 26.70 -37.51
CA ASN C 589 8.90 27.03 -38.70
C ASN C 589 8.53 28.44 -39.16
N VAL C 590 9.52 29.18 -39.65
CA VAL C 590 9.31 30.54 -40.11
C VAL C 590 9.74 30.65 -41.57
N LYS C 591 9.16 31.63 -42.26
CA LYS C 591 9.41 31.79 -43.70
C LYS C 591 10.85 32.15 -43.96
N ALA C 592 11.46 32.98 -43.12
CA ALA C 592 12.86 33.32 -43.27
C ALA C 592 13.74 32.09 -43.03
N ARG C 593 14.99 32.17 -43.47
CA ARG C 593 15.94 31.08 -43.29
C ARG C 593 16.74 31.24 -42.00
N HIS C 594 16.03 31.43 -40.89
CA HIS C 594 16.65 31.57 -39.57
C HIS C 594 16.59 30.21 -38.88
N GLU C 595 17.52 29.34 -39.26
CA GLU C 595 17.51 27.98 -38.74
C GLU C 595 17.82 27.94 -37.25
N PHE C 596 18.69 28.84 -36.76
CA PHE C 596 18.95 28.89 -35.32
C PHE C 596 17.69 29.27 -34.54
N THR C 597 16.96 30.28 -35.04
CA THR C 597 15.73 30.69 -34.37
C THR C 597 14.69 29.56 -34.39
N GLU C 598 14.55 28.89 -35.53
CA GLU C 598 13.61 27.77 -35.61
C GLU C 598 14.00 26.65 -34.67
N PHE C 599 15.30 26.34 -34.60
CA PHE C 599 15.74 25.28 -33.70
C PHE C 599 15.50 25.65 -32.24
N VAL C 600 15.78 26.90 -31.87
CA VAL C 600 15.55 27.31 -30.48
C VAL C 600 14.07 27.28 -30.14
N GLY C 601 13.22 27.75 -31.05
CA GLY C 601 11.78 27.66 -30.81
C GLY C 601 11.30 26.22 -30.70
N ALA C 602 11.81 25.35 -31.56
CA ALA C 602 11.46 23.93 -31.48
C ALA C 602 11.95 23.31 -30.18
N THR C 603 13.12 23.73 -29.71
CA THR C 603 13.64 23.21 -28.44
C THR C 603 12.79 23.68 -27.27
N MET C 604 12.35 24.95 -27.29
CA MET C 604 11.43 25.42 -26.26
C MET C 604 10.13 24.63 -26.27
N PHE C 605 9.59 24.40 -27.47
CA PHE C 605 8.37 23.62 -27.60
C PHE C 605 8.56 22.20 -27.08
N GLY C 606 9.71 21.59 -27.41
CA GLY C 606 9.98 20.23 -26.96
C GLY C 606 10.18 20.15 -25.46
N THR C 607 10.85 21.13 -24.87
CA THR C 607 11.00 21.16 -23.41
C THR C 607 9.65 21.34 -22.73
N TYR C 608 8.78 22.20 -23.28
CA TYR C 608 7.44 22.32 -22.75
C TYR C 608 6.70 20.99 -22.83
N ASN C 609 6.80 20.30 -23.97
CA ASN C 609 6.15 19.00 -24.11
C ASN C 609 6.66 18.02 -23.06
N VAL C 610 7.99 17.94 -22.90
CA VAL C 610 8.58 17.00 -21.96
C VAL C 610 8.06 17.28 -20.55
N ILE C 611 8.11 18.55 -20.13
CA ILE C 611 7.68 18.90 -18.78
C ILE C 611 6.20 18.57 -18.60
N SER C 612 5.35 19.14 -19.46
CA SER C 612 3.91 19.05 -19.24
C SER C 612 3.42 17.62 -19.32
N LEU C 613 3.97 16.80 -20.23
CA LEU C 613 3.44 15.47 -20.42
C LEU C 613 4.21 14.42 -19.62
N VAL C 614 5.52 14.35 -19.81
CA VAL C 614 6.29 13.28 -19.17
C VAL C 614 6.37 13.50 -17.67
N VAL C 615 6.60 14.74 -17.24
CA VAL C 615 6.86 15.01 -15.83
C VAL C 615 5.56 15.35 -15.10
N LEU C 616 4.90 16.44 -15.51
CA LEU C 616 3.77 16.94 -14.75
C LEU C 616 2.60 15.97 -14.77
N LEU C 617 2.31 15.35 -15.91
CA LEU C 617 1.13 14.48 -15.99
C LEU C 617 1.32 13.20 -15.17
N ASN C 618 2.52 12.63 -15.20
CA ASN C 618 2.78 11.44 -14.39
C ASN C 618 2.77 11.77 -12.90
N MET C 619 3.28 12.95 -12.52
CA MET C 619 3.21 13.36 -11.12
C MET C 619 1.76 13.56 -10.69
N LEU C 620 0.93 14.10 -11.60
CA LEU C 620 -0.50 14.22 -11.32
C LEU C 620 -1.14 12.85 -11.12
N ILE C 621 -0.77 11.88 -11.96
CA ILE C 621 -1.29 10.52 -11.79
C ILE C 621 -0.88 9.93 -10.44
N ALA C 622 0.38 10.14 -10.05
CA ALA C 622 0.84 9.63 -8.76
C ALA C 622 0.08 10.28 -7.60
N MET C 623 -0.11 11.60 -7.68
CA MET C 623 -0.88 12.30 -6.64
C MET C 623 -2.31 11.78 -6.56
N MET C 624 -2.94 11.55 -7.72
CA MET C 624 -4.30 11.04 -7.72
C MET C 624 -4.36 9.64 -7.13
N ASN C 625 -3.37 8.79 -7.44
CA ASN C 625 -3.31 7.46 -6.84
C ASN C 625 -3.23 7.56 -5.32
N ASN C 626 -2.31 8.38 -4.82
CA ASN C 626 -2.14 8.48 -3.37
C ASN C 626 -3.42 9.01 -2.71
N SER C 627 -4.03 10.04 -3.29
CA SER C 627 -5.23 10.63 -2.68
C SER C 627 -6.39 9.65 -2.72
N TYR C 628 -6.57 8.92 -3.83
CA TYR C 628 -7.66 7.96 -3.92
C TYR C 628 -7.49 6.83 -2.92
N GLN C 629 -6.26 6.32 -2.76
CA GLN C 629 -6.00 5.31 -1.75
C GLN C 629 -6.29 5.85 -0.36
N LEU C 630 -5.92 7.11 -0.10
CA LEU C 630 -6.16 7.71 1.21
C LEU C 630 -7.64 7.83 1.50
N ILE C 631 -8.43 8.22 0.51
CA ILE C 631 -9.85 8.50 0.74
C ILE C 631 -10.75 7.31 0.49
N ALA C 632 -10.20 6.17 0.07
CA ALA C 632 -11.04 4.99 -0.15
C ALA C 632 -11.59 4.43 1.15
N ASP C 633 -10.88 4.64 2.28
CA ASP C 633 -11.33 4.06 3.54
C ASP C 633 -12.61 4.71 4.05
N HIS C 634 -12.71 6.04 3.93
CA HIS C 634 -13.83 6.80 4.49
C HIS C 634 -14.88 7.15 3.44
N ALA C 635 -14.85 6.49 2.27
CA ALA C 635 -15.79 6.82 1.21
C ALA C 635 -17.23 6.54 1.63
N ASP C 636 -17.46 5.44 2.35
CA ASP C 636 -18.82 5.09 2.74
C ASP C 636 -19.42 6.10 3.70
N ILE C 637 -18.66 6.54 4.70
CA ILE C 637 -19.18 7.50 5.68
C ILE C 637 -19.46 8.84 5.01
N GLU C 638 -18.54 9.30 4.17
CA GLU C 638 -18.76 10.54 3.43
C GLU C 638 -19.99 10.45 2.55
N TRP C 639 -20.14 9.33 1.83
CA TRP C 639 -21.30 9.17 0.95
C TRP C 639 -22.59 9.15 1.76
N LYS C 640 -22.60 8.46 2.90
CA LYS C 640 -23.82 8.38 3.68
C LYS C 640 -24.18 9.74 4.28
N PHE C 641 -23.17 10.53 4.67
CA PHE C 641 -23.45 11.88 5.14
C PHE C 641 -24.04 12.73 4.02
N ALA C 642 -23.46 12.66 2.82
CA ALA C 642 -23.97 13.43 1.69
C ALA C 642 -25.39 13.00 1.32
N ARG C 643 -25.64 11.69 1.31
CA ARG C 643 -26.97 11.18 0.99
C ARG C 643 -27.97 11.56 2.07
N THR C 644 -27.56 11.59 3.33
CA THR C 644 -28.44 12.05 4.38
C THR C 644 -28.82 13.51 4.18
N LYS C 645 -27.85 14.35 3.80
CA LYS C 645 -28.17 15.74 3.49
C LYS C 645 -29.16 15.82 2.32
N LEU C 646 -28.95 15.00 1.29
CA LEU C 646 -29.87 15.01 0.15
C LEU C 646 -31.28 14.61 0.58
N TRP C 647 -31.39 13.56 1.40
CA TRP C 647 -32.68 13.10 1.88
C TRP C 647 -33.36 14.17 2.74
N MET C 648 -32.60 14.80 3.62
CA MET C 648 -33.16 15.85 4.47
C MET C 648 -33.65 17.03 3.65
N SER C 649 -32.99 17.33 2.53
CA SER C 649 -33.44 18.42 1.68
C SER C 649 -34.85 18.19 1.14
N TYR C 650 -35.31 16.94 1.08
CA TYR C 650 -36.64 16.62 0.58
C TYR C 650 -37.65 16.38 1.69
N PHE C 651 -37.29 16.63 2.95
CA PHE C 651 -38.25 16.47 4.04
C PHE C 651 -39.09 17.72 4.28
N ASP C 652 -38.66 18.87 3.78
CA ASP C 652 -39.33 20.13 4.08
C ASP C 652 -40.58 20.32 3.21
N GLU C 653 -41.54 21.08 3.73
CA GLU C 653 -42.73 21.40 2.97
C GLU C 653 -42.41 22.31 1.78
N GLY C 654 -41.51 23.28 1.98
CA GLY C 654 -41.19 24.20 0.91
C GLY C 654 -40.47 23.52 -0.25
N GLY C 655 -40.75 23.99 -1.45
CA GLY C 655 -40.17 23.41 -2.64
C GLY C 655 -40.73 22.06 -3.03
N THR C 656 -41.97 21.76 -2.61
CA THR C 656 -42.58 20.47 -2.95
C THR C 656 -42.77 20.34 -4.46
N LEU C 657 -43.31 21.38 -5.10
CA LEU C 657 -43.60 21.33 -6.53
C LEU C 657 -42.32 21.62 -7.32
N PRO C 658 -41.94 20.74 -8.24
CA PRO C 658 -40.79 21.03 -9.10
C PRO C 658 -41.17 22.01 -10.19
N PRO C 659 -40.18 22.64 -10.84
CA PRO C 659 -40.50 23.54 -11.95
C PRO C 659 -41.12 22.76 -13.10
N PRO C 660 -42.03 23.38 -13.86
CA PRO C 660 -42.45 24.78 -13.74
C PRO C 660 -43.62 25.01 -12.80
N PHE C 661 -44.06 23.96 -12.10
CA PHE C 661 -45.24 24.07 -11.25
C PHE C 661 -45.02 24.93 -10.01
N ASN C 662 -43.79 25.28 -9.68
CA ASN C 662 -43.53 26.08 -8.49
C ASN C 662 -43.91 27.54 -8.66
N ILE C 663 -44.08 28.02 -9.89
CA ILE C 663 -44.44 29.42 -10.13
C ILE C 663 -45.94 29.62 -10.33
N ILE C 664 -46.70 28.56 -10.54
CA ILE C 664 -48.14 28.67 -10.76
C ILE C 664 -48.85 29.09 -9.48
N SER C 706 -42.19 20.68 26.61
CA SER C 706 -40.74 20.83 26.57
C SER C 706 -40.08 20.20 27.80
N LEU C 707 -40.71 20.40 28.96
CA LEU C 707 -40.17 19.83 30.19
C LEU C 707 -40.21 18.30 30.17
N ILE C 708 -41.31 17.72 29.69
CA ILE C 708 -41.42 16.28 29.62
C ILE C 708 -40.45 15.72 28.58
N GLN C 709 -40.28 16.43 27.46
CA GLN C 709 -39.28 16.04 26.48
C GLN C 709 -37.88 16.05 27.08
N ASN C 710 -37.57 17.09 27.85
CA ASN C 710 -36.26 17.16 28.50
C ASN C 710 -36.07 16.03 29.49
N GLN C 711 -37.11 15.68 30.25
CA GLN C 711 -37.00 14.57 31.20
C GLN C 711 -36.78 13.24 30.48
N HIS C 712 -37.52 13.00 29.39
CA HIS C 712 -37.33 11.78 28.61
C HIS C 712 -35.92 11.72 28.04
N TYR C 713 -35.43 12.84 27.51
CA TYR C 713 -34.08 12.87 26.97
C TYR C 713 -33.03 12.62 28.06
N GLN C 714 -33.24 13.19 29.25
CA GLN C 714 -32.29 12.96 30.34
C GLN C 714 -32.29 11.50 30.78
N GLU C 715 -33.46 10.87 30.85
CA GLU C 715 -33.53 9.46 31.21
C GLU C 715 -32.81 8.59 30.18
N VAL C 716 -33.07 8.85 28.89
CA VAL C 716 -32.41 8.08 27.84
C VAL C 716 -30.90 8.31 27.87
N ILE C 717 -30.49 9.55 28.14
CA ILE C 717 -29.05 9.86 28.20
C ILE C 717 -28.40 9.16 29.38
N ARG C 718 -29.09 9.09 30.52
CA ARG C 718 -28.55 8.36 31.67
C ARG C 718 -28.35 6.89 31.33
N ASN C 719 -29.35 6.28 30.68
CA ASN C 719 -29.20 4.88 30.27
C ASN C 719 -28.03 4.71 29.30
N LEU C 720 -27.92 5.60 28.32
CA LEU C 720 -26.84 5.51 27.34
C LEU C 720 -25.48 5.68 28.00
N VAL C 721 -25.37 6.60 28.96
CA VAL C 721 -24.10 6.82 29.64
C VAL C 721 -23.70 5.59 30.44
N LYS C 722 -24.64 4.99 31.15
CA LYS C 722 -24.32 3.78 31.91
C LYS C 722 -23.84 2.68 30.96
N ARG C 723 -24.57 2.46 29.87
CA ARG C 723 -24.20 1.40 28.93
C ARG C 723 -22.83 1.69 28.30
N TYR C 724 -22.57 2.95 27.94
CA TYR C 724 -21.30 3.31 27.33
C TYR C 724 -20.14 3.09 28.29
N VAL C 725 -20.31 3.50 29.56
CA VAL C 725 -19.25 3.32 30.54
C VAL C 725 -18.95 1.83 30.72
N ALA C 726 -20.00 1.02 30.87
CA ALA C 726 -19.79 -0.41 31.04
C ALA C 726 -19.11 -1.02 29.81
N ALA C 727 -19.55 -0.64 28.62
CA ALA C 727 -18.97 -1.20 27.40
C ALA C 727 -17.51 -0.81 27.24
N MET C 728 -17.17 0.44 27.55
CA MET C 728 -15.78 0.88 27.38
C MET C 728 -14.89 0.26 28.43
N ILE C 729 -15.38 0.08 29.65
CA ILE C 729 -14.60 -0.65 30.66
C ILE C 729 -14.36 -2.08 30.23
N ARG C 730 -15.40 -2.73 29.69
CA ARG C 730 -15.24 -4.10 29.19
C ARG C 730 -14.22 -4.16 28.05
N ASN C 731 -14.29 -3.20 27.12
CA ASN C 731 -13.35 -3.19 25.99
C ASN C 731 -11.92 -2.96 26.46
N SER C 732 -11.72 -2.05 27.41
CA SER C 732 -10.38 -1.81 27.93
C SER C 732 -9.83 -3.03 28.65
N LYS C 733 -10.67 -3.70 29.45
CA LYS C 733 -10.22 -4.92 30.14
C LYS C 733 -9.92 -6.04 29.16
N THR C 734 -10.75 -6.20 28.13
CA THR C 734 -10.53 -7.24 27.13
C THR C 734 -9.61 -6.74 26.02
N THR C 739 1.70 -5.24 29.54
CA THR C 739 2.72 -4.24 29.84
C THR C 739 3.75 -4.77 30.83
N GLU C 740 4.92 -4.14 30.85
CA GLU C 740 5.97 -4.54 31.79
C GLU C 740 5.58 -4.21 33.23
N GLU C 741 4.80 -3.14 33.43
CA GLU C 741 4.42 -2.76 34.78
C GLU C 741 3.53 -3.81 35.44
N ASN C 742 2.73 -4.53 34.64
CA ASN C 742 1.92 -5.61 35.21
C ASN C 742 2.81 -6.72 35.76
N PHE C 743 3.86 -7.09 35.03
CA PHE C 743 4.78 -8.10 35.53
C PHE C 743 5.55 -7.58 36.74
N LYS C 744 5.88 -6.30 36.75
CA LYS C 744 6.53 -5.71 37.93
C LYS C 744 5.61 -5.80 39.15
N GLU C 745 4.32 -5.51 38.97
CA GLU C 745 3.37 -5.61 40.07
C GLU C 745 3.21 -7.07 40.54
N LEU C 746 3.19 -8.01 39.60
CA LEU C 746 3.13 -9.42 39.96
C LEU C 746 4.33 -9.84 40.79
N LYS C 747 5.53 -9.43 40.36
CA LYS C 747 6.74 -9.71 41.13
C LYS C 747 6.67 -9.07 42.51
N GLN C 748 6.16 -7.84 42.58
CA GLN C 748 6.04 -7.15 43.87
C GLN C 748 5.11 -7.90 44.80
N ASP C 749 3.96 -8.36 44.30
CA ASP C 749 3.03 -9.11 45.13
C ASP C 749 3.66 -10.41 45.62
N ILE C 750 4.33 -11.14 44.71
CA ILE C 750 4.96 -12.40 45.10
C ILE C 750 6.04 -12.17 46.16
N SER C 751 6.86 -11.14 45.97
CA SER C 751 7.93 -10.85 46.93
C SER C 751 7.36 -10.44 48.29
N SER C 752 6.30 -9.63 48.29
CA SER C 752 5.69 -9.23 49.56
C SER C 752 5.11 -10.43 50.29
N PHE C 753 4.44 -11.33 49.56
CA PHE C 753 3.92 -12.54 50.17
C PHE C 753 5.05 -13.41 50.72
N ARG C 754 6.14 -13.51 49.97
CA ARG C 754 7.28 -14.32 50.41
C ARG C 754 7.89 -13.76 51.69
N TYR C 755 8.08 -12.44 51.75
CA TYR C 755 8.64 -11.84 52.95
C TYR C 755 7.70 -12.00 54.14
N GLU C 756 6.40 -11.84 53.92
CA GLU C 756 5.45 -12.03 55.01
C GLU C 756 5.49 -13.46 55.55
N VAL C 757 5.53 -14.45 54.64
CA VAL C 757 5.58 -15.84 55.09
C VAL C 757 6.87 -16.13 55.84
N LEU C 758 8.01 -15.66 55.30
CA LEU C 758 9.29 -15.91 55.96
C LEU C 758 9.35 -15.26 57.33
N ASP C 759 8.78 -14.06 57.47
CA ASP C 759 8.73 -13.41 58.78
C ASP C 759 7.82 -14.17 59.74
N LEU C 760 6.66 -14.63 59.25
CA LEU C 760 5.71 -15.32 60.13
C LEU C 760 6.27 -16.65 60.61
N LEU C 761 6.88 -17.40 59.72
CA LEU C 761 7.45 -18.70 60.07
C LEU C 761 8.69 -18.54 60.94
N GLY C 762 9.78 -18.10 60.32
CA GLY C 762 11.03 -17.90 61.04
C GLY C 762 10.87 -17.02 62.25
N ARG D 17 16.23 -45.09 4.82
CA ARG D 17 16.21 -44.34 6.06
C ARG D 17 17.42 -43.43 6.19
N ILE D 18 17.25 -42.31 6.88
CA ILE D 18 18.33 -41.36 7.14
C ILE D 18 18.77 -41.55 8.60
N PRO D 19 19.95 -42.09 8.84
CA PRO D 19 20.44 -42.20 10.23
C PRO D 19 20.75 -40.81 10.79
N LEU D 20 20.25 -40.55 12.01
CA LEU D 20 20.46 -39.27 12.68
C LEU D 20 21.31 -39.51 13.92
N GLN D 21 22.45 -38.82 13.99
CA GLN D 21 23.38 -38.95 15.11
C GLN D 21 23.91 -37.55 15.42
N ILE D 22 24.94 -37.49 16.25
CA ILE D 22 25.56 -36.22 16.64
C ILE D 22 26.87 -36.12 15.88
N VAL D 23 26.88 -35.34 14.80
CA VAL D 23 28.09 -35.17 14.01
C VAL D 23 29.15 -34.41 14.81
N ARG D 24 28.74 -33.34 15.49
CA ARG D 24 29.64 -32.53 16.31
C ARG D 24 29.36 -32.86 17.77
N ALA D 25 30.01 -33.92 18.25
CA ALA D 25 29.78 -34.39 19.61
C ALA D 25 30.41 -33.45 20.63
N GLU D 26 29.84 -33.45 21.83
CA GLU D 26 30.38 -32.69 22.95
C GLU D 26 30.54 -33.59 24.17
N THR D 27 30.87 -33.01 25.32
CA THR D 27 31.04 -33.76 26.56
C THR D 27 29.73 -33.74 27.33
N GLU D 28 29.11 -34.92 27.48
CA GLU D 28 27.85 -35.01 28.20
C GLU D 28 28.07 -34.85 29.70
N LEU D 29 27.03 -34.39 30.39
CA LEU D 29 27.06 -34.24 31.84
C LEU D 29 26.78 -35.57 32.51
N SER D 30 27.26 -35.71 33.74
CA SER D 30 26.95 -36.87 34.55
C SER D 30 25.55 -36.72 35.15
N ALA D 31 25.09 -37.77 35.83
CA ALA D 31 23.77 -37.70 36.47
C ALA D 31 23.73 -36.64 37.56
N GLU D 32 24.77 -36.57 38.38
CA GLU D 32 24.80 -35.61 39.48
C GLU D 32 24.90 -34.19 38.96
N GLU D 33 25.69 -33.96 37.90
CA GLU D 33 25.78 -32.63 37.32
C GLU D 33 24.46 -32.19 36.72
N LYS D 34 23.76 -33.10 36.03
CA LYS D 34 22.44 -32.78 35.50
C LYS D 34 21.45 -32.48 36.62
N ALA D 35 21.50 -33.25 37.70
CA ALA D 35 20.61 -32.99 38.84
C ALA D 35 20.92 -31.63 39.46
N PHE D 36 22.19 -31.29 39.60
CA PHE D 36 22.57 -29.99 40.16
C PHE D 36 22.10 -28.85 39.27
N LEU D 37 22.26 -28.99 37.95
CA LEU D 37 21.81 -27.94 37.04
C LEU D 37 20.29 -27.82 37.06
N ASN D 38 19.58 -28.94 37.17
CA ASN D 38 18.12 -28.89 37.29
C ASN D 38 17.71 -28.20 38.58
N ALA D 39 18.42 -28.46 39.68
CA ALA D 39 18.13 -27.79 40.94
C ALA D 39 18.37 -26.28 40.82
N VAL D 40 19.44 -25.89 40.13
CA VAL D 40 19.71 -24.47 39.92
C VAL D 40 18.61 -23.84 39.07
N GLU D 41 18.18 -24.54 38.01
CA GLU D 41 17.11 -24.02 37.16
C GLU D 41 15.80 -23.85 37.94
N LYS D 42 15.46 -24.83 38.76
CA LYS D 42 14.23 -24.75 39.54
C LYS D 42 14.32 -23.75 40.70
N GLY D 43 15.52 -23.30 41.05
CA GLY D 43 15.68 -22.31 42.09
C GLY D 43 15.66 -22.85 43.51
N ASP D 44 15.78 -24.16 43.68
CA ASP D 44 15.79 -24.76 45.02
C ASP D 44 17.11 -24.41 45.70
N TYR D 45 17.07 -23.43 46.60
CA TYR D 45 18.29 -22.94 47.23
C TYR D 45 18.95 -24.01 48.10
N ALA D 46 18.14 -24.78 48.84
CA ALA D 46 18.69 -25.74 49.79
C ALA D 46 19.49 -26.84 49.10
N THR D 47 18.93 -27.40 48.02
CA THR D 47 19.61 -28.48 47.32
C THR D 47 20.89 -27.98 46.64
N VAL D 48 20.85 -26.78 46.07
CA VAL D 48 22.05 -26.21 45.45
C VAL D 48 23.13 -25.98 46.48
N LYS D 49 22.76 -25.44 47.65
CA LYS D 49 23.73 -25.23 48.72
C LYS D 49 24.33 -26.55 49.20
N GLN D 50 23.48 -27.57 49.36
CA GLN D 50 23.97 -28.88 49.75
C GLN D 50 24.92 -29.45 48.70
N ALA D 51 24.58 -29.28 47.42
CA ALA D 51 25.43 -29.79 46.34
C ALA D 51 26.78 -29.11 46.34
N LEU D 52 26.81 -27.79 46.56
CA LEU D 52 28.08 -27.08 46.62
C LEU D 52 28.92 -27.53 47.81
N GLN D 53 28.29 -27.64 48.99
CA GLN D 53 29.01 -28.07 50.18
C GLN D 53 29.55 -29.48 50.02
N GLU D 54 28.81 -30.36 49.34
CA GLU D 54 29.24 -31.72 49.10
C GLU D 54 30.32 -31.79 48.03
N ALA D 55 30.26 -30.91 47.03
CA ALA D 55 31.31 -30.86 46.02
C ALA D 55 32.63 -30.39 46.61
N GLU D 56 32.57 -29.55 47.63
CA GLU D 56 33.79 -29.13 48.31
C GLU D 56 34.52 -30.32 48.95
N ILE D 57 33.78 -31.32 49.41
CA ILE D 57 34.35 -32.43 50.18
C ILE D 57 34.65 -33.63 49.29
N TYR D 58 33.69 -34.04 48.46
CA TYR D 58 33.81 -35.26 47.67
C TYR D 58 34.33 -35.02 46.25
N TYR D 59 34.24 -33.79 45.74
CA TYR D 59 34.69 -33.46 44.40
C TYR D 59 34.02 -34.33 43.34
N ASN D 60 32.72 -34.58 43.52
CA ASN D 60 31.97 -35.41 42.60
C ASN D 60 31.21 -34.64 41.54
N VAL D 61 30.95 -33.35 41.77
CA VAL D 61 30.20 -32.51 40.85
C VAL D 61 31.07 -31.34 40.43
N ASN D 62 31.16 -31.12 39.12
CA ASN D 62 31.89 -29.96 38.59
C ASN D 62 30.95 -28.76 38.60
N ILE D 63 31.27 -27.76 39.43
CA ILE D 63 30.41 -26.59 39.56
C ILE D 63 30.41 -25.72 38.32
N ASN D 64 31.40 -25.88 37.43
CA ASN D 64 31.52 -25.07 36.24
C ASN D 64 31.02 -25.78 34.99
N CYS D 65 30.33 -26.91 35.14
CA CYS D 65 29.86 -27.66 33.99
C CYS D 65 28.80 -26.88 33.22
N MET D 66 28.81 -27.02 31.89
CA MET D 66 27.84 -26.35 31.04
C MET D 66 26.56 -27.18 30.98
N ASP D 67 25.63 -26.78 30.12
CA ASP D 67 24.42 -27.54 29.87
C ASP D 67 24.36 -27.83 28.37
N PRO D 68 23.37 -28.57 27.87
CA PRO D 68 23.29 -28.77 26.41
C PRO D 68 23.16 -27.47 25.63
N LEU D 69 22.77 -26.37 26.27
CA LEU D 69 22.71 -25.06 25.62
C LEU D 69 23.95 -24.22 25.86
N GLY D 70 24.95 -24.74 26.58
CA GLY D 70 26.18 -24.02 26.83
C GLY D 70 26.20 -23.18 28.09
N ARG D 71 25.07 -23.01 28.76
CA ARG D 71 25.00 -22.20 29.96
C ARG D 71 25.53 -22.97 31.17
N SER D 72 26.25 -22.27 32.04
CA SER D 72 26.74 -22.84 33.28
C SER D 72 25.75 -22.55 34.40
N ALA D 73 26.09 -22.93 35.64
CA ALA D 73 25.19 -22.64 36.75
C ALA D 73 25.04 -21.14 36.98
N LEU D 74 26.13 -20.40 36.88
CA LEU D 74 26.06 -18.96 37.08
C LEU D 74 25.21 -18.29 36.00
N LEU D 75 25.35 -18.73 34.75
CA LEU D 75 24.54 -18.16 33.68
C LEU D 75 23.06 -18.51 33.84
N ILE D 76 22.77 -19.72 34.33
CA ILE D 76 21.39 -20.09 34.61
C ILE D 76 20.82 -19.21 35.71
N ALA D 77 21.60 -18.98 36.77
CA ALA D 77 21.13 -18.13 37.87
C ALA D 77 20.90 -16.69 37.39
N ILE D 78 21.79 -16.18 36.55
CA ILE D 78 21.63 -14.83 36.02
C ILE D 78 20.39 -14.74 35.14
N GLU D 79 20.17 -15.74 34.29
CA GLU D 79 19.06 -15.69 33.35
C GLU D 79 17.71 -15.77 34.08
N ASN D 80 17.67 -16.36 35.27
CA ASN D 80 16.44 -16.47 36.04
C ASN D 80 16.26 -15.32 37.03
N GLU D 81 17.18 -14.35 37.05
CA GLU D 81 17.16 -13.24 38.00
C GLU D 81 17.11 -13.74 39.44
N ASN D 82 17.83 -14.83 39.71
CA ASN D 82 17.88 -15.41 41.05
C ASN D 82 19.12 -14.85 41.74
N LEU D 83 18.93 -13.76 42.47
CA LEU D 83 20.05 -13.10 43.14
C LEU D 83 20.60 -13.93 44.28
N GLU D 84 19.74 -14.66 45.00
CA GLU D 84 20.20 -15.49 46.11
C GLU D 84 21.12 -16.60 45.63
N ILE D 85 20.69 -17.34 44.60
CA ILE D 85 21.52 -18.41 44.06
C ILE D 85 22.76 -17.84 43.40
N MET D 86 22.63 -16.67 42.75
CA MET D 86 23.80 -16.01 42.18
C MET D 86 24.86 -15.73 43.25
N GLU D 87 24.43 -15.16 44.37
CA GLU D 87 25.36 -14.84 45.45
C GLU D 87 25.92 -16.10 46.08
N LEU D 88 25.10 -17.16 46.19
CA LEU D 88 25.60 -18.41 46.72
C LEU D 88 26.68 -19.01 45.83
N LEU D 89 26.48 -18.97 44.51
CA LEU D 89 27.49 -19.46 43.58
C LEU D 89 28.74 -18.60 43.63
N LEU D 90 28.59 -17.27 43.72
CA LEU D 90 29.75 -16.40 43.79
C LEU D 90 30.56 -16.63 45.06
N ASN D 91 29.89 -16.89 46.18
CA ASN D 91 30.59 -17.16 47.43
C ASN D 91 31.38 -18.47 47.39
N HIS D 92 31.03 -19.38 46.48
CA HIS D 92 31.75 -20.63 46.31
C HIS D 92 32.81 -20.56 45.22
N SER D 93 33.05 -19.37 44.67
CA SER D 93 34.12 -19.12 43.70
C SER D 93 33.95 -19.98 42.45
N VAL D 94 32.86 -19.74 41.74
CA VAL D 94 32.62 -20.37 40.44
C VAL D 94 33.25 -19.50 39.36
N TYR D 95 33.44 -20.10 38.18
CA TYR D 95 34.00 -19.34 37.06
C TYR D 95 33.04 -18.22 36.68
N VAL D 96 33.59 -17.01 36.53
CA VAL D 96 32.81 -15.80 36.34
C VAL D 96 33.09 -15.10 35.02
N GLY D 97 33.96 -15.67 34.18
CA GLY D 97 34.32 -15.04 32.92
C GLY D 97 33.15 -14.73 32.02
N ASP D 98 33.06 -13.47 31.58
CA ASP D 98 32.01 -12.96 30.70
C ASP D 98 30.62 -13.03 31.32
N ALA D 99 30.51 -13.36 32.61
CA ALA D 99 29.21 -13.34 33.26
C ALA D 99 28.66 -11.92 33.37
N LEU D 100 29.54 -10.94 33.54
CA LEU D 100 29.10 -9.55 33.63
C LEU D 100 28.42 -9.12 32.33
N LEU D 101 28.92 -9.58 31.19
CA LEU D 101 28.28 -9.24 29.92
C LEU D 101 26.87 -9.81 29.84
N TYR D 102 26.68 -11.05 30.28
CA TYR D 102 25.34 -11.62 30.29
C TYR D 102 24.42 -10.88 31.25
N ALA D 103 24.94 -10.49 32.42
CA ALA D 103 24.14 -9.71 33.36
C ALA D 103 23.72 -8.38 32.76
N ILE D 104 24.65 -7.71 32.07
CA ILE D 104 24.33 -6.42 31.45
C ILE D 104 23.31 -6.60 30.33
N ARG D 105 23.49 -7.61 29.48
CA ARG D 105 22.55 -7.83 28.39
C ARG D 105 21.15 -8.18 28.92
N LYS D 106 21.10 -8.96 30.01
CA LYS D 106 19.82 -9.25 30.65
C LYS D 106 19.17 -8.01 31.23
N GLU D 107 19.94 -6.92 31.41
CA GLU D 107 19.44 -5.68 31.99
C GLU D 107 18.88 -5.89 33.38
N VAL D 108 19.68 -6.52 34.24
CA VAL D 108 19.33 -6.78 35.63
C VAL D 108 20.31 -6.02 36.51
N VAL D 109 19.80 -5.03 37.25
CA VAL D 109 20.66 -4.18 38.06
C VAL D 109 21.31 -4.96 39.19
N GLY D 110 20.54 -5.84 39.84
CA GLY D 110 21.08 -6.60 40.95
C GLY D 110 22.24 -7.50 40.54
N ALA D 111 22.11 -8.18 39.40
CA ALA D 111 23.19 -9.01 38.91
C ALA D 111 24.43 -8.19 38.59
N VAL D 112 24.25 -7.02 37.97
CA VAL D 112 25.39 -6.17 37.63
C VAL D 112 26.11 -5.72 38.89
N GLU D 113 25.35 -5.29 39.90
CA GLU D 113 25.98 -4.83 41.15
C GLU D 113 26.69 -5.98 41.85
N LEU D 114 26.06 -7.16 41.90
CA LEU D 114 26.70 -8.33 42.51
C LEU D 114 28.01 -8.68 41.81
N LEU D 115 28.02 -8.65 40.47
CA LEU D 115 29.24 -9.02 39.76
C LEU D 115 30.30 -7.93 39.82
N LEU D 116 29.88 -6.66 39.91
CA LEU D 116 30.84 -5.58 40.06
C LEU D 116 31.53 -5.62 41.42
N SER D 117 30.79 -6.00 42.46
CA SER D 117 31.43 -6.15 43.77
C SER D 117 32.20 -7.46 43.92
N TYR D 118 32.02 -8.40 42.99
CA TYR D 118 32.69 -9.71 43.03
C TYR D 118 32.46 -10.43 44.36
N THR D 134 39.98 -20.73 25.31
CA THR D 134 38.95 -19.80 24.85
C THR D 134 37.59 -20.48 24.74
N GLN D 135 36.77 -20.34 25.78
CA GLN D 135 35.45 -20.97 25.78
C GLN D 135 34.51 -20.22 24.83
N PHE D 136 33.40 -20.87 24.53
CA PHE D 136 32.37 -20.25 23.70
C PHE D 136 31.73 -19.07 24.42
N SER D 137 31.47 -18.00 23.67
CA SER D 137 30.83 -16.81 24.21
C SER D 137 29.85 -16.26 23.19
N GLU D 138 28.75 -15.68 23.69
CA GLU D 138 27.77 -15.03 22.82
C GLU D 138 28.16 -13.60 22.47
N PHE D 139 29.27 -13.10 23.01
CA PHE D 139 29.73 -11.74 22.77
C PHE D 139 31.10 -11.78 22.09
N THR D 140 31.28 -10.89 21.12
CA THR D 140 32.54 -10.83 20.40
C THR D 140 33.66 -10.34 21.33
N PRO D 141 34.91 -10.69 21.04
CA PRO D 141 36.00 -10.32 21.97
C PRO D 141 36.16 -8.83 22.20
N ASP D 142 35.77 -8.00 21.23
CA ASP D 142 35.93 -6.56 21.38
C ASP D 142 34.88 -5.92 22.29
N ILE D 143 33.82 -6.65 22.65
CA ILE D 143 32.79 -6.10 23.51
C ILE D 143 33.32 -5.96 24.92
N THR D 144 33.13 -4.77 25.51
CA THR D 144 33.50 -4.45 26.88
C THR D 144 32.25 -4.13 27.67
N PRO D 145 32.31 -4.20 29.01
CA PRO D 145 31.10 -3.95 29.80
C PRO D 145 30.43 -2.61 29.53
N ILE D 146 31.22 -1.53 29.45
CA ILE D 146 30.64 -0.22 29.19
C ILE D 146 30.04 -0.16 27.79
N MET D 147 30.73 -0.76 26.81
CA MET D 147 30.22 -0.80 25.45
C MET D 147 28.91 -1.58 25.37
N LEU D 148 28.83 -2.73 26.05
CA LEU D 148 27.60 -3.50 26.04
C LEU D 148 26.47 -2.76 26.74
N ALA D 149 26.78 -2.10 27.86
CA ALA D 149 25.76 -1.31 28.55
C ALA D 149 25.24 -0.19 27.66
N ALA D 150 26.13 0.46 26.92
CA ALA D 150 25.69 1.48 25.97
C ALA D 150 24.83 0.87 24.87
N HIS D 151 25.19 -0.33 24.40
CA HIS D 151 24.38 -1.01 23.40
C HIS D 151 22.97 -1.29 23.93
N THR D 152 22.85 -1.68 25.20
CA THR D 152 21.55 -1.93 25.79
C THR D 152 20.79 -0.64 26.10
N ASN D 153 21.49 0.50 26.13
CA ASN D 153 20.87 1.82 26.37
C ASN D 153 20.11 1.82 27.69
N ASN D 154 20.63 1.14 28.70
CA ASN D 154 20.01 1.06 30.01
C ASN D 154 20.67 2.10 30.91
N TYR D 155 19.90 3.12 31.29
CA TYR D 155 20.48 4.28 31.99
C TYR D 155 21.07 3.88 33.34
N GLU D 156 20.43 2.96 34.06
CA GLU D 156 20.92 2.56 35.37
C GLU D 156 22.29 1.91 35.28
N ILE D 157 22.43 0.90 34.40
CA ILE D 157 23.68 0.17 34.30
C ILE D 157 24.77 1.04 33.69
N ILE D 158 24.42 1.86 32.69
CA ILE D 158 25.38 2.79 32.10
C ILE D 158 25.90 3.74 33.17
N LYS D 159 25.01 4.28 33.99
CA LYS D 159 25.44 5.17 35.07
C LYS D 159 26.31 4.44 36.07
N LEU D 160 25.96 3.20 36.42
CA LEU D 160 26.78 2.43 37.35
C LEU D 160 28.19 2.23 36.82
N LEU D 161 28.32 1.90 35.53
CA LEU D 161 29.64 1.67 34.95
C LEU D 161 30.41 2.97 34.78
N VAL D 162 29.73 4.07 34.46
CA VAL D 162 30.41 5.36 34.33
C VAL D 162 30.80 5.91 35.70
N GLN D 163 30.19 5.42 36.78
CA GLN D 163 30.62 5.81 38.12
C GLN D 163 32.09 5.46 38.36
N LYS D 164 32.56 4.38 37.74
CA LYS D 164 33.97 4.03 37.82
C LYS D 164 34.74 4.79 36.73
N ARG D 165 35.99 4.42 36.50
CA ARG D 165 36.82 5.05 35.47
C ARG D 165 36.83 4.14 34.25
N VAL D 166 35.85 4.32 33.37
CA VAL D 166 35.72 3.52 32.16
C VAL D 166 35.93 4.43 30.95
N THR D 167 36.48 3.85 29.89
CA THR D 167 36.78 4.59 28.66
C THR D 167 36.35 3.76 27.46
N ILE D 168 36.07 4.46 26.36
CA ILE D 168 35.74 3.85 25.08
C ILE D 168 36.77 4.32 24.07
N PRO D 169 37.39 3.41 23.30
CA PRO D 169 38.41 3.84 22.34
C PRO D 169 37.86 4.79 21.30
N ARG D 170 38.67 5.75 20.89
CA ARG D 170 38.26 6.74 19.90
C ARG D 170 38.33 6.13 18.50
N PRO D 171 37.23 6.12 17.75
CA PRO D 171 37.33 5.74 16.34
C PRO D 171 38.13 6.76 15.55
N HIS D 172 38.86 6.28 14.55
CA HIS D 172 39.70 7.14 13.74
C HIS D 172 38.84 7.91 12.73
N GLN D 173 39.49 8.65 11.84
CA GLN D 173 38.77 9.40 10.82
C GLN D 173 38.06 8.45 9.86
N ILE D 174 36.97 8.95 9.27
CA ILE D 174 36.20 8.16 8.32
C ILE D 174 37.07 7.73 7.14
N ARG D 175 37.94 8.63 6.68
CA ARG D 175 38.86 8.35 5.60
C ARG D 175 40.31 8.37 6.10
N CYS D 176 40.54 7.83 7.29
CA CYS D 176 41.88 7.79 7.86
C CYS D 176 42.77 6.84 7.08
N ASN D 177 44.04 7.21 6.94
CA ASN D 177 45.01 6.43 6.17
C ASN D 177 46.28 6.17 6.98
N CYS D 178 46.17 6.09 8.30
CA CYS D 178 47.33 5.81 9.11
C CYS D 178 47.72 4.33 8.99
N VAL D 179 48.90 4.00 9.52
CA VAL D 179 49.42 2.64 9.40
C VAL D 179 48.54 1.66 10.17
N GLU D 180 48.04 2.06 11.35
CA GLU D 180 47.26 1.15 12.17
C GLU D 180 45.96 0.75 11.48
N CYS D 181 45.26 1.72 10.88
CA CYS D 181 43.97 1.43 10.24
C CYS D 181 44.15 0.48 9.07
N VAL D 182 45.13 0.76 8.19
CA VAL D 182 45.33 -0.09 7.03
C VAL D 182 45.83 -1.47 7.45
N SER D 183 46.69 -1.53 8.47
CA SER D 183 47.16 -2.82 8.95
C SER D 183 46.02 -3.66 9.50
N SER D 184 45.14 -3.05 10.30
CA SER D 184 44.00 -3.78 10.85
C SER D 184 43.04 -4.21 9.75
N SER D 185 42.81 -3.34 8.76
CA SER D 185 41.92 -3.69 7.66
C SER D 185 42.46 -4.85 6.84
N GLU D 186 43.77 -4.85 6.57
CA GLU D 186 44.34 -5.93 5.77
C GLU D 186 44.43 -7.23 6.56
N VAL D 187 44.77 -7.15 7.85
CA VAL D 187 44.90 -8.36 8.66
C VAL D 187 43.54 -9.02 8.85
N ASP D 188 42.53 -8.24 9.24
CA ASP D 188 41.18 -8.77 9.44
C ASP D 188 40.19 -7.65 9.20
N SER D 189 39.61 -7.61 7.99
CA SER D 189 38.63 -6.58 7.67
C SER D 189 37.34 -6.79 8.46
N LEU D 190 36.91 -8.04 8.63
CA LEU D 190 35.67 -8.32 9.35
C LEU D 190 35.76 -7.86 10.79
N ARG D 191 36.85 -8.20 11.48
CA ARG D 191 37.02 -7.82 12.88
C ARG D 191 37.09 -6.31 13.03
N HIS D 192 37.84 -5.64 12.15
CA HIS D 192 37.97 -4.18 12.23
C HIS D 192 36.63 -3.49 12.01
N SER D 193 35.88 -3.92 11.00
CA SER D 193 34.58 -3.33 10.73
C SER D 193 33.61 -3.59 11.88
N ARG D 194 33.63 -4.80 12.45
CA ARG D 194 32.75 -5.11 13.57
C ARG D 194 33.09 -4.25 14.78
N SER D 195 34.38 -4.07 15.06
CA SER D 195 34.77 -3.26 16.20
C SER D 195 34.38 -1.80 16.00
N ARG D 196 34.56 -1.26 14.78
CA ARG D 196 34.14 0.11 14.52
C ARG D 196 32.64 0.27 14.71
N LEU D 197 31.85 -0.68 14.20
CA LEU D 197 30.42 -0.61 14.36
C LEU D 197 30.01 -0.70 15.83
N ASN D 198 30.68 -1.55 16.60
CA ASN D 198 30.36 -1.65 18.03
C ASN D 198 30.68 -0.36 18.76
N ILE D 199 31.83 0.26 18.44
CA ILE D 199 32.18 1.52 19.08
C ILE D 199 31.14 2.60 18.74
N TYR D 200 30.73 2.68 17.48
CA TYR D 200 29.75 3.71 17.12
C TYR D 200 28.37 3.41 17.69
N LYS D 201 28.03 2.14 17.87
CA LYS D 201 26.80 1.80 18.58
C LYS D 201 26.87 2.24 20.04
N ALA D 202 28.04 2.09 20.66
CA ALA D 202 28.20 2.53 22.04
C ALA D 202 28.08 4.03 22.17
N LEU D 203 28.80 4.77 21.31
CA LEU D 203 28.82 6.23 21.43
C LEU D 203 27.46 6.85 21.14
N ALA D 204 26.74 6.29 20.16
CA ALA D 204 25.44 6.81 19.77
C ALA D 204 24.31 6.39 20.71
N SER D 205 24.63 5.91 21.90
CA SER D 205 23.61 5.54 22.87
C SER D 205 23.01 6.78 23.50
N PRO D 206 21.69 6.99 23.43
CA PRO D 206 21.09 8.20 24.01
C PRO D 206 21.39 8.35 25.49
N SER D 207 21.39 7.26 26.25
CA SER D 207 21.73 7.34 27.67
C SER D 207 23.18 7.72 27.87
N LEU D 208 24.08 7.17 27.05
CA LEU D 208 25.49 7.52 27.18
C LEU D 208 25.77 8.94 26.71
N ILE D 209 24.90 9.52 25.88
CA ILE D 209 25.05 10.92 25.52
C ILE D 209 24.46 11.81 26.61
N ALA D 210 23.38 11.36 27.26
CA ALA D 210 22.79 12.14 28.34
C ALA D 210 23.79 12.35 29.47
N LEU D 211 24.52 11.29 29.84
CA LEU D 211 25.68 11.43 30.70
C LEU D 211 26.92 11.68 29.86
N SER D 212 28.03 12.01 30.53
CA SER D 212 29.36 12.01 29.92
C SER D 212 29.40 12.81 28.62
N SER D 213 28.76 13.98 28.62
CA SER D 213 28.74 14.82 27.43
C SER D 213 28.46 16.25 27.84
N GLU D 214 29.38 17.17 27.50
CA GLU D 214 29.19 18.58 27.87
C GLU D 214 27.94 19.15 27.23
N ASP D 215 27.79 18.98 25.92
CA ASP D 215 26.65 19.48 25.16
C ASP D 215 25.98 18.30 24.46
N PRO D 216 24.95 17.70 25.07
CA PRO D 216 24.29 16.55 24.44
C PRO D 216 23.71 16.88 23.07
N ILE D 217 23.20 18.09 22.88
CA ILE D 217 22.56 18.44 21.60
C ILE D 217 23.61 18.52 20.49
N LEU D 218 24.71 19.23 20.73
CA LEU D 218 25.76 19.34 19.73
C LEU D 218 26.42 17.99 19.48
N THR D 219 26.63 17.21 20.54
CA THR D 219 27.16 15.87 20.38
C THR D 219 26.26 15.01 19.51
N ALA D 220 24.95 15.07 19.75
CA ALA D 220 24.01 14.31 18.93
C ALA D 220 24.06 14.77 17.48
N PHE D 221 24.12 16.08 17.25
CA PHE D 221 24.18 16.60 15.88
C PHE D 221 25.40 16.06 15.15
N ARG D 222 26.60 16.23 15.75
CA ARG D 222 27.82 15.85 15.04
C ARG D 222 27.95 14.33 14.94
N LEU D 223 27.50 13.59 15.96
CA LEU D 223 27.54 12.14 15.89
C LEU D 223 26.61 11.62 14.80
N GLY D 224 25.41 12.19 14.68
CA GLY D 224 24.54 11.80 13.59
C GLY D 224 25.11 12.12 12.23
N TRP D 225 25.74 13.30 12.11
CA TRP D 225 26.37 13.64 10.83
C TRP D 225 27.48 12.65 10.48
N GLU D 226 28.32 12.30 11.46
CA GLU D 226 29.41 11.38 11.20
C GLU D 226 28.89 9.98 10.87
N LEU D 227 27.81 9.56 11.53
CA LEU D 227 27.21 8.27 11.21
C LEU D 227 26.63 8.25 9.80
N LYS D 228 26.02 9.37 9.37
CA LYS D 228 25.54 9.46 7.99
C LYS D 228 26.69 9.39 7.00
N GLU D 229 27.81 10.06 7.31
CA GLU D 229 28.98 9.99 6.44
C GLU D 229 29.53 8.57 6.37
N LEU D 230 29.57 7.87 7.51
CA LEU D 230 30.01 6.47 7.51
C LEU D 230 29.09 5.59 6.69
N SER D 231 27.78 5.84 6.79
CA SER D 231 26.82 5.10 5.97
C SER D 231 27.08 5.32 4.48
N LYS D 232 27.37 6.56 4.09
CA LYS D 232 27.74 6.83 2.71
C LYS D 232 29.00 6.08 2.31
N VAL D 233 30.04 6.15 3.16
CA VAL D 233 31.32 5.54 2.83
C VAL D 233 31.23 4.02 2.84
N GLU D 234 30.62 3.45 3.88
CA GLU D 234 30.53 2.00 4.03
C GLU D 234 29.38 1.50 3.17
N ASN D 235 29.69 0.89 2.03
CA ASN D 235 28.65 0.33 1.18
C ASN D 235 27.90 -0.77 1.90
N GLU D 236 28.61 -1.66 2.60
CA GLU D 236 27.99 -2.60 3.51
C GLU D 236 27.85 -1.96 4.89
N PHE D 237 26.97 -2.53 5.71
CA PHE D 237 26.58 -1.97 7.00
C PHE D 237 25.93 -0.59 6.86
N LYS D 238 25.40 -0.28 5.68
CA LYS D 238 24.79 1.03 5.45
C LYS D 238 23.54 1.21 6.30
N ALA D 239 22.70 0.18 6.40
CA ALA D 239 21.45 0.30 7.13
C ALA D 239 21.69 0.55 8.62
N GLU D 240 22.68 -0.13 9.20
CA GLU D 240 22.95 0.04 10.63
C GLU D 240 23.43 1.45 10.95
N TYR D 241 24.33 2.00 10.14
CA TYR D 241 24.76 3.38 10.36
C TYR D 241 23.63 4.36 10.12
N GLU D 242 22.78 4.09 9.12
CA GLU D 242 21.62 4.96 8.89
C GLU D 242 20.69 4.97 10.09
N GLU D 243 20.43 3.80 10.68
CA GLU D 243 19.53 3.76 11.83
C GLU D 243 20.17 4.36 13.08
N LEU D 244 21.49 4.22 13.23
CA LEU D 244 22.16 4.88 14.35
C LEU D 244 22.10 6.41 14.21
N SER D 245 22.32 6.92 13.00
CA SER D 245 22.19 8.36 12.77
C SER D 245 20.76 8.84 13.02
N GLN D 246 19.77 8.06 12.57
CA GLN D 246 18.38 8.43 12.81
C GLN D 246 18.08 8.43 14.31
N GLN D 247 18.67 7.49 15.04
CA GLN D 247 18.48 7.43 16.49
C GLN D 247 19.08 8.67 17.17
N CYS D 248 20.25 9.12 16.72
CA CYS D 248 20.83 10.34 17.29
C CYS D 248 19.96 11.56 16.98
N LYS D 249 19.44 11.64 15.75
CA LYS D 249 18.55 12.74 15.39
C LYS D 249 17.31 12.74 16.27
N LEU D 250 16.72 11.55 16.49
CA LEU D 250 15.54 11.45 17.33
C LEU D 250 15.86 11.83 18.78
N PHE D 251 17.05 11.47 19.27
CA PHE D 251 17.43 11.86 20.63
C PHE D 251 17.51 13.38 20.77
N ALA D 252 18.12 14.04 19.79
CA ALA D 252 18.17 15.50 19.82
C ALA D 252 16.76 16.09 19.80
N LYS D 253 15.89 15.54 18.95
CA LYS D 253 14.52 16.05 18.86
C LYS D 253 13.77 15.87 20.17
N ASP D 254 13.95 14.73 20.85
CA ASP D 254 13.25 14.49 22.11
C ASP D 254 13.79 15.38 23.23
N LEU D 255 15.12 15.56 23.29
CA LEU D 255 15.69 16.52 24.23
C LEU D 255 15.07 17.89 24.03
N LEU D 256 14.90 18.32 22.78
CA LEU D 256 14.21 19.58 22.53
C LEU D 256 12.75 19.51 22.97
N ASP D 257 12.11 18.35 22.78
CA ASP D 257 10.72 18.17 23.18
C ASP D 257 10.52 18.36 24.67
N GLN D 258 11.55 18.13 25.47
CA GLN D 258 11.37 18.23 26.92
C GLN D 258 11.33 19.67 27.44
N ALA D 259 11.50 20.68 26.58
CA ALA D 259 11.45 22.05 27.05
C ALA D 259 10.03 22.43 27.48
N ARG D 260 9.93 23.18 28.59
CA ARG D 260 8.64 23.49 29.18
C ARG D 260 8.32 24.98 29.24
N SER D 261 9.20 25.84 28.74
CA SER D 261 8.93 27.28 28.72
C SER D 261 9.66 27.90 27.54
N SER D 262 9.18 29.08 27.13
CA SER D 262 9.81 29.78 26.02
C SER D 262 11.20 30.28 26.39
N ARG D 263 11.44 30.60 27.66
CA ARG D 263 12.78 31.01 28.09
C ARG D 263 13.78 29.89 27.85
N GLU D 264 13.42 28.66 28.23
CA GLU D 264 14.32 27.53 28.00
C GLU D 264 14.58 27.32 26.52
N LEU D 265 13.53 27.41 25.69
CA LEU D 265 13.69 27.19 24.26
C LEU D 265 14.61 28.25 23.65
N GLU D 266 14.41 29.51 24.04
CA GLU D 266 15.28 30.58 23.55
C GLU D 266 16.73 30.37 23.99
N ILE D 267 16.93 29.95 25.25
CA ILE D 267 18.28 29.68 25.73
C ILE D 267 18.92 28.58 24.91
N ILE D 268 18.16 27.52 24.61
CA ILE D 268 18.71 26.41 23.84
C ILE D 268 19.09 26.86 22.43
N LEU D 269 18.16 27.53 21.74
CA LEU D 269 18.40 27.83 20.33
C LEU D 269 19.39 28.96 20.12
N ASN D 270 19.64 29.79 21.13
CA ASN D 270 20.54 30.92 21.00
C ASN D 270 21.94 30.63 21.53
N HIS D 271 22.21 29.41 21.96
CA HIS D 271 23.50 29.11 22.59
C HIS D 271 24.63 29.13 21.55
N ARG D 272 25.75 29.71 21.94
CA ARG D 272 26.95 29.76 21.11
C ARG D 272 27.97 28.76 21.65
N ASP D 273 28.45 27.88 20.77
CA ASP D 273 29.45 26.90 21.17
C ASP D 273 30.85 27.52 21.16
N ASP D 286 21.61 35.82 16.25
CA ASP D 286 20.96 34.91 17.21
C ASP D 286 20.57 33.60 16.53
N LEU D 287 19.90 32.73 17.30
CA LEU D 287 19.52 31.40 16.82
C LEU D 287 20.72 30.61 16.33
N ALA D 288 21.82 30.68 17.08
CA ALA D 288 23.07 30.06 16.64
C ALA D 288 22.94 28.54 16.59
N LYS D 289 22.42 27.93 17.65
CA LYS D 289 22.27 26.48 17.66
C LYS D 289 21.25 26.03 16.63
N LEU D 290 20.24 26.86 16.35
CA LEU D 290 19.33 26.55 15.25
C LEU D 290 20.05 26.53 13.90
N LYS D 291 20.96 27.49 13.69
CA LYS D 291 21.76 27.50 12.48
C LYS D 291 22.64 26.26 12.39
N VAL D 292 23.22 25.85 13.52
CA VAL D 292 24.03 24.62 13.54
C VAL D 292 23.19 23.41 13.20
N ALA D 293 21.98 23.33 13.76
CA ALA D 293 21.07 22.23 13.44
C ALA D 293 20.73 22.21 11.95
N ILE D 294 20.51 23.39 11.37
CA ILE D 294 20.26 23.47 9.94
C ILE D 294 21.48 22.98 9.15
N LYS D 295 22.68 23.30 9.66
CA LYS D 295 23.90 22.90 8.97
C LYS D 295 24.04 21.38 8.90
N TYR D 296 23.70 20.69 9.99
CA TYR D 296 23.82 19.24 10.07
C TYR D 296 22.59 18.51 9.55
N HIS D 297 21.67 19.22 8.88
CA HIS D 297 20.48 18.62 8.29
C HIS D 297 19.65 17.86 9.32
N GLN D 298 19.43 18.51 10.47
CA GLN D 298 18.60 17.94 11.54
C GLN D 298 17.16 18.37 11.30
N LYS D 299 16.53 17.69 10.34
CA LYS D 299 15.20 18.10 9.89
C LYS D 299 14.16 17.99 11.00
N GLU D 300 14.22 16.90 11.77
CA GLU D 300 13.24 16.72 12.85
C GLU D 300 13.43 17.75 13.94
N PHE D 301 14.68 18.09 14.27
CA PHE D 301 14.94 19.11 15.28
C PHE D 301 14.43 20.47 14.84
N VAL D 302 14.64 20.82 13.57
CA VAL D 302 14.22 22.12 13.07
C VAL D 302 12.70 22.21 12.98
N ALA D 303 12.04 21.13 12.53
CA ALA D 303 10.59 21.11 12.37
C ALA D 303 9.85 20.87 13.69
N GLN D 304 10.53 21.05 14.81
CA GLN D 304 9.86 20.94 16.10
C GLN D 304 8.75 21.97 16.22
N PRO D 305 7.57 21.59 16.72
CA PRO D 305 6.45 22.56 16.80
C PRO D 305 6.78 23.80 17.62
N ASN D 306 7.52 23.67 18.70
CA ASN D 306 7.88 24.85 19.49
C ASN D 306 8.93 25.69 18.78
N CYS D 307 9.90 25.03 18.13
CA CYS D 307 10.86 25.75 17.30
C CYS D 307 10.16 26.48 16.16
N GLN D 308 9.20 25.81 15.52
CA GLN D 308 8.46 26.43 14.44
C GLN D 308 7.62 27.61 14.95
N GLN D 309 7.04 27.47 16.15
CA GLN D 309 6.26 28.56 16.72
C GLN D 309 7.13 29.78 17.02
N LEU D 310 8.32 29.56 17.58
CA LEU D 310 9.24 30.66 17.82
C LEU D 310 9.67 31.32 16.51
N LEU D 311 9.98 30.50 15.50
CA LEU D 311 10.37 31.05 14.21
C LEU D 311 9.22 31.83 13.56
N ALA D 312 7.99 31.37 13.76
CA ALA D 312 6.84 32.09 13.24
C ALA D 312 6.66 33.43 13.92
N THR D 313 6.86 33.48 15.25
CA THR D 313 6.79 34.77 15.94
C THR D 313 7.86 35.71 15.43
N LEU D 314 9.06 35.19 15.15
CA LEU D 314 10.10 36.03 14.58
C LEU D 314 9.77 36.45 13.15
N TRP D 315 9.05 35.60 12.40
CA TRP D 315 8.78 35.85 10.99
C TRP D 315 7.76 36.97 10.82
N TYR D 316 6.69 36.96 11.63
CA TYR D 316 5.69 38.01 11.59
C TYR D 316 5.98 39.05 12.66
N ASP D 317 7.12 39.74 12.48
CA ASP D 317 7.54 40.73 13.45
C ASP D 317 6.56 41.90 13.52
N GLY D 318 6.15 42.41 12.37
CA GLY D 318 5.26 43.56 12.34
C GLY D 318 3.85 43.24 12.82
N PHE D 319 3.29 42.13 12.36
CA PHE D 319 1.91 41.79 12.65
C PHE D 319 1.84 40.88 13.86
N PRO D 320 1.25 41.31 14.98
CA PRO D 320 1.20 40.45 16.17
C PRO D 320 0.12 39.38 16.08
N GLY D 321 -0.93 39.66 15.31
CA GLY D 321 -2.06 38.74 15.23
C GLY D 321 -2.30 38.18 13.85
N TRP D 322 -1.23 37.90 13.10
CA TRP D 322 -1.37 37.30 11.79
C TRP D 322 -1.88 35.87 11.87
N ARG D 323 -1.70 35.20 13.00
CA ARG D 323 -2.15 33.81 13.14
C ARG D 323 -3.66 33.69 13.03
N ARG D 324 -4.39 34.63 13.65
CA ARG D 324 -5.85 34.61 13.69
C ARG D 324 -6.37 35.76 12.81
N LYS D 325 -6.49 35.49 11.52
CA LYS D 325 -7.03 36.46 10.57
C LYS D 325 -7.74 35.72 9.46
N HIS D 326 -8.65 36.42 8.79
CA HIS D 326 -9.37 35.83 7.67
C HIS D 326 -8.50 35.84 6.42
N TRP D 327 -8.88 34.99 5.46
CA TRP D 327 -8.12 34.90 4.21
C TRP D 327 -8.14 36.22 3.45
N VAL D 328 -9.30 36.89 3.42
CA VAL D 328 -9.41 38.15 2.68
C VAL D 328 -8.53 39.22 3.32
N VAL D 329 -8.47 39.26 4.65
CA VAL D 329 -7.66 40.28 5.32
C VAL D 329 -6.19 40.07 5.01
N LYS D 330 -5.71 38.81 5.08
CA LYS D 330 -4.33 38.52 4.77
C LYS D 330 -4.01 38.84 3.30
N LEU D 331 -4.91 38.48 2.39
CA LEU D 331 -4.68 38.76 0.98
C LEU D 331 -4.61 40.26 0.72
N LEU D 332 -5.52 41.03 1.33
CA LEU D 332 -5.50 42.48 1.14
C LEU D 332 -4.23 43.10 1.72
N THR D 333 -3.80 42.63 2.89
CA THR D 333 -2.57 43.16 3.49
C THR D 333 -1.36 42.84 2.62
N CYS D 334 -1.29 41.62 2.10
CA CYS D 334 -0.17 41.25 1.24
C CYS D 334 -0.16 42.08 -0.04
N MET D 335 -1.34 42.29 -0.64
CA MET D 335 -1.41 43.11 -1.85
C MET D 335 -1.00 44.54 -1.57
N THR D 336 -1.44 45.09 -0.42
CA THR D 336 -1.08 46.45 -0.07
C THR D 336 0.42 46.61 0.13
N ILE D 337 1.04 45.67 0.85
CA ILE D 337 2.48 45.75 1.08
C ILE D 337 3.24 45.56 -0.23
N GLY D 338 2.78 44.66 -1.10
CA GLY D 338 3.42 44.47 -2.38
C GLY D 338 3.35 45.70 -3.27
N PHE D 339 2.18 46.36 -3.29
CA PHE D 339 2.06 47.57 -4.09
C PHE D 339 2.83 48.74 -3.51
N LEU D 340 3.13 48.72 -2.21
CA LEU D 340 3.88 49.78 -1.57
C LEU D 340 5.36 49.46 -1.41
N PHE D 341 5.84 48.38 -2.04
CA PHE D 341 7.25 48.01 -1.91
C PHE D 341 8.22 49.10 -2.36
N PRO D 342 8.00 49.82 -3.48
CA PRO D 342 8.97 50.88 -3.82
C PRO D 342 9.05 51.97 -2.77
N MET D 343 7.92 52.31 -2.15
CA MET D 343 7.93 53.31 -1.09
C MET D 343 8.75 52.84 0.11
N LEU D 344 8.59 51.57 0.50
CA LEU D 344 9.37 51.04 1.61
C LEU D 344 10.85 51.00 1.29
N SER D 345 11.21 50.61 0.06
CA SER D 345 12.61 50.59 -0.34
C SER D 345 13.21 51.99 -0.32
N ILE D 346 12.48 52.98 -0.83
CA ILE D 346 12.97 54.36 -0.83
C ILE D 346 13.11 54.88 0.60
N ALA D 347 12.14 54.56 1.46
CA ALA D 347 12.21 55.00 2.85
C ALA D 347 13.42 54.39 3.55
N TYR D 348 13.69 53.11 3.30
CA TYR D 348 14.89 52.50 3.88
C TYR D 348 16.16 53.16 3.34
N LEU D 349 16.17 53.49 2.05
CA LEU D 349 17.33 54.15 1.46
C LEU D 349 17.59 55.52 2.09
N ILE D 350 16.53 56.30 2.30
CA ILE D 350 16.68 57.67 2.79
C ILE D 350 16.98 57.68 4.28
N SER D 351 16.04 57.20 5.09
CA SER D 351 16.18 57.21 6.54
C SER D 351 15.80 55.84 7.10
N PRO D 352 16.76 54.98 7.42
CA PRO D 352 16.42 53.67 7.97
C PRO D 352 15.72 53.73 9.32
N ARG D 353 15.86 54.85 10.05
CA ARG D 353 15.30 54.97 11.40
C ARG D 353 14.02 55.79 11.31
N SER D 354 12.93 55.11 10.97
CA SER D 354 11.61 55.73 10.89
C SER D 354 10.55 54.63 10.89
N ASN D 355 9.29 55.05 10.93
CA ASN D 355 8.20 54.07 10.89
C ASN D 355 8.18 53.30 9.58
N LEU D 356 8.69 53.89 8.51
CA LEU D 356 8.78 53.22 7.21
C LEU D 356 10.19 52.76 6.88
N GLY D 357 11.21 53.42 7.45
CA GLY D 357 12.58 53.04 7.13
C GLY D 357 12.93 51.64 7.58
N LEU D 358 12.58 51.30 8.82
CA LEU D 358 12.86 49.98 9.37
C LEU D 358 11.69 49.02 9.22
N PHE D 359 10.59 49.46 8.60
CA PHE D 359 9.46 48.56 8.38
C PHE D 359 9.78 47.48 7.35
N ILE D 360 10.77 47.70 6.50
CA ILE D 360 11.15 46.69 5.51
C ILE D 360 12.10 45.65 6.09
N LYS D 361 12.80 45.96 7.19
CA LYS D 361 13.71 45.01 7.80
C LYS D 361 12.99 43.83 8.43
N LYS D 362 11.68 43.92 8.62
CA LYS D 362 10.93 42.79 9.16
C LYS D 362 10.92 41.65 8.14
N PRO D 363 11.08 40.40 8.60
CA PRO D 363 11.27 39.29 7.64
C PRO D 363 10.12 39.09 6.68
N PHE D 364 8.88 39.05 7.17
CA PHE D 364 7.74 38.85 6.29
C PHE D 364 7.56 40.03 5.33
N ILE D 365 7.73 41.25 5.82
CA ILE D 365 7.63 42.43 4.96
C ILE D 365 8.73 42.41 3.91
N LYS D 366 9.95 42.03 4.31
CA LYS D 366 11.05 41.94 3.35
C LYS D 366 10.75 40.90 2.27
N PHE D 367 10.21 39.75 2.67
CA PHE D 367 9.84 38.73 1.70
C PHE D 367 8.77 39.25 0.74
N ILE D 368 7.76 39.95 1.27
CA ILE D 368 6.71 40.48 0.42
C ILE D 368 7.27 41.48 -0.57
N CYS D 369 8.15 42.36 -0.12
CA CYS D 369 8.74 43.36 -1.01
C CYS D 369 9.60 42.72 -2.10
N HIS D 370 10.41 41.72 -1.74
CA HIS D 370 11.22 41.04 -2.74
C HIS D 370 10.34 40.31 -3.77
N THR D 371 9.29 39.64 -3.30
CA THR D 371 8.38 38.97 -4.21
C THR D 371 7.70 39.96 -5.14
N ALA D 372 7.28 41.11 -4.60
CA ALA D 372 6.64 42.13 -5.43
C ALA D 372 7.60 42.68 -6.47
N SER D 373 8.86 42.91 -6.08
CA SER D 373 9.85 43.38 -7.03
C SER D 373 10.06 42.38 -8.16
N TYR D 374 10.18 41.10 -7.82
CA TYR D 374 10.35 40.08 -8.85
C TYR D 374 9.12 40.00 -9.75
N LEU D 375 7.92 40.14 -9.16
CA LEU D 375 6.70 40.11 -9.96
C LEU D 375 6.63 41.27 -10.93
N THR D 376 7.04 42.47 -10.49
CA THR D 376 7.09 43.60 -11.42
C THR D 376 8.12 43.36 -12.52
N PHE D 377 9.24 42.74 -12.18
CA PHE D 377 10.23 42.40 -13.19
C PHE D 377 9.64 41.45 -14.24
N LEU D 378 8.90 40.43 -13.78
CA LEU D 378 8.28 39.50 -14.72
C LEU D 378 7.19 40.18 -15.55
N PHE D 379 6.46 41.11 -14.94
CA PHE D 379 5.45 41.87 -15.69
C PHE D 379 6.10 42.70 -16.79
N MET D 380 7.25 43.31 -16.49
CA MET D 380 7.98 44.04 -17.53
C MET D 380 8.51 43.11 -18.60
N LEU D 381 8.94 41.91 -18.21
CA LEU D 381 9.36 40.92 -19.21
C LEU D 381 8.20 40.57 -20.14
N LEU D 382 7.00 40.40 -19.59
CA LEU D 382 5.83 40.15 -20.42
C LEU D 382 5.53 41.34 -21.33
N LEU D 383 5.64 42.55 -20.80
CA LEU D 383 5.37 43.74 -21.61
C LEU D 383 6.42 43.97 -22.69
N ALA D 384 7.62 43.41 -22.52
CA ALA D 384 8.70 43.61 -23.48
C ALA D 384 8.44 42.96 -24.83
N SER D 385 7.31 42.27 -25.02
CA SER D 385 6.97 41.64 -26.29
C SER D 385 5.70 42.19 -26.90
N GLN D 386 5.32 43.42 -26.55
CA GLN D 386 4.10 44.02 -27.06
C GLN D 386 4.40 44.98 -28.21
N ASP D 392 9.20 49.13 -34.98
CA ASP D 392 10.00 48.70 -36.12
C ASP D 392 10.94 47.57 -35.74
N LEU D 393 10.90 46.49 -36.51
CA LEU D 393 11.73 45.32 -36.26
C LEU D 393 12.81 45.11 -37.32
N HIS D 394 12.88 45.97 -38.34
CA HIS D 394 13.85 45.83 -39.41
C HIS D 394 15.19 46.48 -39.10
N VAL D 395 15.30 47.18 -37.98
CA VAL D 395 16.55 47.85 -37.61
C VAL D 395 17.53 46.82 -37.11
N GLN D 396 18.72 46.80 -37.70
CA GLN D 396 19.79 45.90 -37.27
C GLN D 396 20.51 46.53 -36.08
N GLY D 397 20.38 45.90 -34.92
CA GLY D 397 20.92 46.45 -33.70
C GLY D 397 20.26 47.75 -33.30
N PRO D 398 18.98 47.68 -32.92
CA PRO D 398 18.26 48.89 -32.53
C PRO D 398 18.67 49.33 -31.14
N PRO D 399 18.50 50.62 -30.82
CA PRO D 399 18.72 51.06 -29.44
C PRO D 399 17.69 50.45 -28.52
N PRO D 400 18.05 50.20 -27.26
CA PRO D 400 17.08 49.61 -26.32
C PRO D 400 15.87 50.51 -26.13
N THR D 401 14.69 49.88 -26.01
CA THR D 401 13.45 50.61 -25.86
C THR D 401 13.25 51.02 -24.40
N VAL D 402 12.11 51.67 -24.13
CA VAL D 402 11.81 52.10 -22.76
C VAL D 402 11.64 50.90 -21.84
N VAL D 403 10.98 49.85 -22.32
CA VAL D 403 10.80 48.65 -21.52
C VAL D 403 12.14 47.99 -21.22
N GLU D 404 13.02 47.91 -22.22
CA GLU D 404 14.34 47.35 -21.99
C GLU D 404 15.16 48.23 -21.05
N TRP D 405 15.03 49.55 -21.16
CA TRP D 405 15.72 50.45 -20.24
C TRP D 405 15.22 50.27 -18.82
N MET D 406 13.93 49.95 -18.64
CA MET D 406 13.42 49.66 -17.31
C MET D 406 13.87 48.29 -16.82
N ILE D 407 14.02 47.33 -17.74
CA ILE D 407 14.45 45.99 -17.36
C ILE D 407 15.91 45.99 -16.91
N LEU D 408 16.76 46.80 -17.55
CA LEU D 408 18.19 46.77 -17.28
C LEU D 408 18.58 46.92 -15.80
N PRO D 409 18.03 47.87 -15.04
CA PRO D 409 18.42 47.96 -13.62
C PRO D 409 18.08 46.72 -12.83
N TRP D 410 16.98 46.04 -13.15
CA TRP D 410 16.66 44.79 -12.47
C TRP D 410 17.71 43.72 -12.73
N VAL D 411 18.17 43.61 -13.98
CA VAL D 411 19.21 42.64 -14.31
C VAL D 411 20.51 42.98 -13.59
N LEU D 412 20.88 44.26 -13.57
CA LEU D 412 22.07 44.68 -12.86
C LEU D 412 21.95 44.38 -11.37
N GLY D 413 20.77 44.61 -10.79
CA GLY D 413 20.56 44.29 -9.39
C GLY D 413 20.65 42.81 -9.10
N PHE D 414 20.12 41.99 -10.02
CA PHE D 414 20.23 40.54 -9.85
C PHE D 414 21.70 40.11 -9.86
N ILE D 415 22.49 40.63 -10.80
CA ILE D 415 23.90 40.25 -10.86
C ILE D 415 24.64 40.72 -9.61
N TRP D 416 24.39 41.96 -9.19
CA TRP D 416 25.06 42.49 -8.00
C TRP D 416 24.66 41.71 -6.76
N GLY D 417 23.39 41.35 -6.63
CA GLY D 417 22.96 40.56 -5.48
C GLY D 417 23.56 39.18 -5.47
N GLU D 418 23.68 38.56 -6.65
CA GLU D 418 24.31 37.25 -6.73
C GLU D 418 25.77 37.31 -6.30
N ILE D 419 26.53 38.28 -6.81
CA ILE D 419 27.94 38.36 -6.42
C ILE D 419 28.08 38.76 -4.96
N LYS D 420 27.18 39.60 -4.44
CA LYS D 420 27.24 39.98 -3.03
C LYS D 420 26.95 38.79 -2.13
N GLU D 421 25.96 37.96 -2.49
CA GLU D 421 25.72 36.74 -1.73
C GLU D 421 26.92 35.80 -1.82
N MET D 422 27.53 35.71 -3.00
CA MET D 422 28.72 34.89 -3.16
C MET D 422 29.84 35.34 -2.24
N TRP D 423 30.03 36.66 -2.12
CA TRP D 423 31.09 37.17 -1.25
C TRP D 423 30.76 36.97 0.22
N ASP D 424 29.53 37.30 0.62
CA ASP D 424 29.18 37.30 2.04
C ASP D 424 29.05 35.88 2.58
N GLY D 425 28.39 34.99 1.85
CA GLY D 425 28.18 33.63 2.33
C GLY D 425 29.40 32.75 2.23
N GLY D 426 30.01 32.71 1.05
CA GLY D 426 31.17 31.87 0.80
C GLY D 426 31.03 31.14 -0.51
N PHE D 427 31.93 30.20 -0.75
CA PHE D 427 31.92 29.42 -1.98
C PHE D 427 31.14 28.13 -1.83
N THR D 428 31.50 27.31 -0.84
CA THR D 428 30.87 26.01 -0.68
C THR D 428 29.38 26.14 -0.40
N GLU D 429 28.99 27.07 0.46
CA GLU D 429 27.57 27.29 0.73
C GLU D 429 26.84 27.76 -0.52
N TYR D 430 27.48 28.63 -1.30
CA TYR D 430 26.85 29.12 -2.53
C TYR D 430 26.65 27.99 -3.53
N ILE D 431 27.67 27.13 -3.71
CA ILE D 431 27.56 26.06 -4.69
C ILE D 431 26.69 24.91 -4.20
N HIS D 432 26.45 24.81 -2.89
CA HIS D 432 25.59 23.74 -2.39
C HIS D 432 24.12 23.99 -2.74
N ASP D 433 23.72 25.24 -2.88
CA ASP D 433 22.35 25.56 -3.26
C ASP D 433 22.18 25.32 -4.76
N TRP D 434 21.26 24.44 -5.12
CA TRP D 434 21.07 24.10 -6.54
C TRP D 434 20.38 25.24 -7.29
N TRP D 435 19.48 25.97 -6.63
CA TRP D 435 18.80 27.09 -7.30
C TRP D 435 19.80 28.10 -7.83
N ASN D 436 20.92 28.30 -7.13
CA ASN D 436 21.95 29.22 -7.61
C ASN D 436 22.38 28.88 -9.03
N LEU D 437 22.45 27.59 -9.36
CA LEU D 437 22.79 27.19 -10.72
C LEU D 437 21.89 27.89 -11.72
N MET D 438 20.57 27.78 -11.52
CA MET D 438 19.62 28.47 -12.39
C MET D 438 19.93 29.96 -12.43
N ASP D 439 20.12 30.56 -11.25
CA ASP D 439 20.47 31.97 -11.19
C ASP D 439 21.66 32.26 -12.07
N PHE D 440 22.75 31.48 -11.90
CA PHE D 440 23.93 31.67 -12.73
C PHE D 440 23.55 31.65 -14.20
N ALA D 441 22.82 30.61 -14.62
CA ALA D 441 22.41 30.53 -16.01
C ALA D 441 21.72 31.81 -16.44
N MET D 442 20.68 32.20 -15.68
CA MET D 442 19.94 33.41 -16.04
C MET D 442 20.90 34.58 -16.21
N ASN D 443 21.73 34.83 -15.20
CA ASN D 443 22.62 35.98 -15.27
C ASN D 443 23.49 35.90 -16.50
N SER D 444 24.12 34.72 -16.72
CA SER D 444 24.99 34.58 -17.87
C SER D 444 24.24 34.90 -19.15
N LEU D 445 23.07 34.30 -19.32
CA LEU D 445 22.29 34.55 -20.53
C LEU D 445 22.01 36.04 -20.67
N TYR D 446 21.55 36.68 -19.60
CA TYR D 446 21.27 38.11 -19.67
C TYR D 446 22.51 38.88 -20.08
N LEU D 447 23.65 38.56 -19.45
CA LEU D 447 24.89 39.23 -19.82
C LEU D 447 25.16 39.04 -21.31
N ALA D 448 25.05 37.78 -21.77
CA ALA D 448 25.24 37.50 -23.19
C ALA D 448 24.33 38.38 -24.02
N THR D 449 23.04 38.44 -23.64
CA THR D 449 22.11 39.27 -24.39
C THR D 449 22.65 40.68 -24.51
N ILE D 450 23.01 41.28 -23.37
CA ILE D 450 23.50 42.66 -23.39
C ILE D 450 24.67 42.76 -24.35
N SER D 451 25.65 41.87 -24.19
CA SER D 451 26.82 41.91 -25.06
C SER D 451 26.41 41.91 -26.52
N LEU D 452 25.56 40.94 -26.90
CA LEU D 452 25.18 40.82 -28.29
C LEU D 452 24.48 42.09 -28.75
N LYS D 453 23.56 42.61 -27.93
CA LYS D 453 22.88 43.83 -28.31
C LYS D 453 23.90 44.92 -28.62
N ILE D 454 24.86 45.12 -27.70
CA ILE D 454 25.88 46.15 -27.93
C ILE D 454 26.58 45.89 -29.25
N VAL D 455 26.99 44.64 -29.48
CA VAL D 455 27.66 44.31 -30.74
C VAL D 455 26.78 44.71 -31.91
N ALA D 456 25.52 44.28 -31.89
CA ALA D 456 24.63 44.58 -33.01
C ALA D 456 24.41 46.08 -33.15
N TYR D 457 24.49 46.81 -32.04
CA TYR D 457 24.33 48.27 -32.13
C TYR D 457 25.54 48.92 -32.80
N VAL D 458 26.74 48.40 -32.53
CA VAL D 458 27.93 49.09 -33.02
C VAL D 458 28.35 48.60 -34.40
N LYS D 459 28.02 47.35 -34.75
CA LYS D 459 28.45 46.75 -36.00
C LYS D 459 27.48 46.98 -37.15
N TYR D 460 26.25 47.40 -36.86
CA TYR D 460 25.22 47.57 -37.88
C TYR D 460 24.54 48.92 -37.71
N ASN D 461 24.27 49.59 -38.83
CA ASN D 461 23.59 50.88 -38.81
C ASN D 461 22.39 50.87 -39.74
N GLY D 462 22.49 50.14 -40.85
CA GLY D 462 21.41 50.11 -41.81
C GLY D 462 20.22 49.30 -41.33
N SER D 463 19.09 49.54 -41.99
CA SER D 463 17.82 48.88 -41.67
C SER D 463 17.50 47.92 -42.82
N ARG D 464 17.99 46.69 -42.71
CA ARG D 464 17.74 45.61 -43.66
C ARG D 464 16.64 44.70 -43.15
N PRO D 465 15.71 44.30 -44.02
CA PRO D 465 14.61 43.43 -43.57
C PRO D 465 15.13 42.10 -43.03
N ARG D 466 14.43 41.58 -42.02
CA ARG D 466 14.87 40.37 -41.33
C ARG D 466 14.88 39.15 -42.23
N GLU D 467 14.15 39.19 -43.35
CA GLU D 467 14.08 38.03 -44.23
C GLU D 467 15.45 37.66 -44.77
N GLU D 468 16.26 38.65 -45.13
CA GLU D 468 17.56 38.43 -45.73
C GLU D 468 18.72 38.55 -44.73
N TRP D 469 18.43 38.56 -43.43
CA TRP D 469 19.48 38.57 -42.44
C TRP D 469 20.24 37.24 -42.43
N GLU D 470 21.46 37.28 -41.93
CA GLU D 470 22.24 36.06 -41.76
C GLU D 470 21.59 35.18 -40.69
N MET D 471 21.82 33.86 -40.81
CA MET D 471 21.31 32.94 -39.80
C MET D 471 21.91 33.23 -38.43
N TRP D 472 23.21 33.54 -38.38
CA TRP D 472 23.90 33.84 -37.13
C TRP D 472 24.07 35.33 -36.91
N HIS D 473 23.08 36.12 -37.33
CA HIS D 473 23.10 37.55 -37.09
C HIS D 473 23.05 37.81 -35.59
N PRO D 474 23.78 38.82 -35.08
CA PRO D 474 23.81 39.04 -33.62
C PRO D 474 22.44 39.31 -33.02
N THR D 475 21.56 40.01 -33.75
CA THR D 475 20.24 40.31 -33.20
C THR D 475 19.42 39.05 -32.95
N LEU D 476 19.46 38.11 -33.89
CA LEU D 476 18.70 36.87 -33.73
C LEU D 476 19.18 36.06 -32.54
N ILE D 477 20.51 35.95 -32.39
CA ILE D 477 21.06 35.21 -31.26
C ILE D 477 20.71 35.91 -29.95
N ALA D 478 20.79 37.25 -29.93
CA ALA D 478 20.45 38.00 -28.73
C ALA D 478 18.99 37.78 -28.35
N GLU D 479 18.09 37.80 -29.34
CA GLU D 479 16.67 37.60 -29.05
C GLU D 479 16.39 36.18 -28.56
N ALA D 480 17.05 35.18 -29.16
CA ALA D 480 16.88 33.81 -28.67
C ALA D 480 17.35 33.68 -27.23
N LEU D 481 18.52 34.25 -26.92
CA LEU D 481 19.03 34.19 -25.56
C LEU D 481 18.11 34.91 -24.58
N PHE D 482 17.56 36.06 -24.99
CA PHE D 482 16.64 36.79 -24.13
C PHE D 482 15.38 35.99 -23.88
N ALA D 483 14.88 35.29 -24.90
CA ALA D 483 13.69 34.45 -24.72
C ALA D 483 13.97 33.31 -23.74
N ILE D 484 15.13 32.67 -23.87
CA ILE D 484 15.48 31.60 -22.93
C ILE D 484 15.59 32.17 -21.52
N SER D 485 16.17 33.36 -21.38
CA SER D 485 16.28 34.00 -20.08
C SER D 485 14.90 34.29 -19.49
N ASN D 486 13.96 34.73 -20.33
CA ASN D 486 12.60 34.98 -19.87
C ASN D 486 11.95 33.69 -19.36
N ILE D 487 12.15 32.60 -20.09
CA ILE D 487 11.62 31.30 -19.65
C ILE D 487 12.17 30.95 -18.28
N LEU D 488 13.49 31.05 -18.12
CA LEU D 488 14.12 30.69 -16.84
C LEU D 488 13.68 31.63 -15.73
N SER D 489 13.56 32.93 -16.02
CA SER D 489 13.13 33.88 -15.01
C SER D 489 11.73 33.58 -14.50
N SER D 490 10.82 33.26 -15.41
CA SER D 490 9.47 32.91 -14.98
C SER D 490 9.45 31.58 -14.25
N LEU D 491 10.31 30.64 -14.66
CA LEU D 491 10.38 29.35 -13.99
C LEU D 491 11.02 29.44 -12.60
N ARG D 492 11.75 30.53 -12.32
CA ARG D 492 12.37 30.71 -11.03
C ARG D 492 11.35 30.86 -9.90
N LEU D 493 10.08 31.11 -10.22
CA LEU D 493 9.06 31.30 -9.20
C LEU D 493 8.71 30.02 -8.45
N ILE D 494 9.21 28.87 -8.89
CA ILE D 494 8.92 27.61 -8.19
C ILE D 494 9.44 27.67 -6.77
N SER D 495 10.60 28.30 -6.56
CA SER D 495 11.21 28.34 -5.24
C SER D 495 10.35 29.05 -4.21
N LEU D 496 9.41 29.90 -4.64
CA LEU D 496 8.51 30.57 -3.71
C LEU D 496 7.37 29.69 -3.23
N PHE D 497 7.18 28.50 -3.84
CA PHE D 497 6.16 27.58 -3.34
C PHE D 497 6.47 27.10 -1.93
N THR D 498 7.72 27.25 -1.48
CA THR D 498 8.09 26.83 -0.13
C THR D 498 7.36 27.66 0.93
N ALA D 499 7.13 28.95 0.64
CA ALA D 499 6.50 29.84 1.60
C ALA D 499 5.03 29.52 1.85
N ASN D 500 4.43 28.64 1.05
CA ASN D 500 3.00 28.34 1.13
C ASN D 500 2.78 26.98 1.78
N SER D 501 1.71 26.88 2.58
CA SER D 501 1.39 25.64 3.25
C SER D 501 0.89 24.57 2.28
N HIS D 502 0.10 24.97 1.29
CA HIS D 502 -0.48 24.01 0.35
C HIS D 502 0.47 23.68 -0.79
N LEU D 503 1.38 24.60 -1.14
CA LEU D 503 2.28 24.39 -2.26
C LEU D 503 3.65 23.88 -1.86
N GLY D 504 4.03 24.00 -0.59
CA GLY D 504 5.34 23.61 -0.12
C GLY D 504 5.61 22.12 -0.22
N PRO D 505 4.84 21.31 0.51
CA PRO D 505 5.06 19.86 0.45
C PRO D 505 4.85 19.28 -0.93
N LEU D 506 3.98 19.88 -1.75
CA LEU D 506 3.84 19.45 -3.14
C LEU D 506 5.14 19.66 -3.90
N GLN D 507 5.77 20.83 -3.74
CA GLN D 507 7.05 21.08 -4.38
C GLN D 507 8.12 20.12 -3.88
N ILE D 508 8.10 19.81 -2.57
CA ILE D 508 9.05 18.84 -2.03
C ILE D 508 8.87 17.49 -2.71
N SER D 509 7.62 17.05 -2.87
CA SER D 509 7.34 15.77 -3.50
C SER D 509 7.81 15.75 -4.95
N LEU D 510 7.53 16.82 -5.69
CA LEU D 510 7.93 16.86 -7.10
C LEU D 510 9.45 16.90 -7.23
N GLY D 511 10.12 17.65 -6.36
CA GLY D 511 11.58 17.68 -6.40
C GLY D 511 12.19 16.33 -6.10
N ARG D 512 11.58 15.59 -5.16
CA ARG D 512 12.11 14.26 -4.86
C ARG D 512 11.85 13.28 -5.99
N MET D 513 10.70 13.40 -6.67
CA MET D 513 10.43 12.55 -7.82
C MET D 513 11.31 12.88 -9.03
N LEU D 514 11.84 14.11 -9.09
CA LEU D 514 12.77 14.44 -10.16
C LEU D 514 13.98 13.51 -10.15
N LEU D 515 14.36 12.96 -8.99
CA LEU D 515 15.46 12.00 -8.94
C LEU D 515 15.12 10.71 -9.68
N ASP D 516 13.91 10.20 -9.49
CA ASP D 516 13.49 9.02 -10.24
C ASP D 516 13.41 9.34 -11.73
N ILE D 517 12.95 10.54 -12.08
CA ILE D 517 12.91 10.94 -13.48
C ILE D 517 14.32 10.93 -14.08
N LEU D 518 15.28 11.50 -13.35
CA LEU D 518 16.67 11.50 -13.81
C LEU D 518 17.19 10.08 -13.98
N LYS D 519 16.88 9.20 -13.04
CA LYS D 519 17.33 7.81 -13.13
C LYS D 519 16.77 7.14 -14.39
N PHE D 520 15.48 7.36 -14.67
CA PHE D 520 14.86 6.75 -15.85
C PHE D 520 15.40 7.35 -17.16
N LEU D 521 15.78 8.63 -17.12
CA LEU D 521 16.24 9.29 -18.34
C LEU D 521 17.47 8.64 -18.93
N PHE D 522 18.32 8.05 -18.09
CA PHE D 522 19.55 7.43 -18.59
C PHE D 522 19.23 6.25 -19.49
N ILE D 523 18.38 5.33 -19.03
CA ILE D 523 18.05 4.17 -19.85
C ILE D 523 17.22 4.60 -21.05
N TYR D 524 16.34 5.60 -20.89
CA TYR D 524 15.62 6.07 -22.07
C TYR D 524 16.57 6.61 -23.12
N CYS D 525 17.58 7.37 -22.70
CA CYS D 525 18.54 7.93 -23.66
C CYS D 525 19.37 6.83 -24.32
N LEU D 526 19.71 5.79 -23.56
CA LEU D 526 20.42 4.66 -24.18
C LEU D 526 19.59 4.03 -25.28
N VAL D 527 18.31 3.76 -25.00
CA VAL D 527 17.44 3.15 -26.00
C VAL D 527 17.27 4.08 -27.20
N LEU D 528 17.07 5.37 -26.94
CA LEU D 528 16.89 6.35 -28.01
C LEU D 528 18.12 6.42 -28.90
N LEU D 529 19.31 6.45 -28.31
CA LEU D 529 20.54 6.50 -29.10
C LEU D 529 20.71 5.23 -29.92
N ALA D 530 20.41 4.07 -29.34
CA ALA D 530 20.50 2.82 -30.09
C ALA D 530 19.62 2.85 -31.33
N PHE D 531 18.34 3.18 -31.15
CA PHE D 531 17.43 3.17 -32.30
C PHE D 531 17.76 4.29 -33.28
N ALA D 532 18.26 5.43 -32.80
CA ALA D 532 18.68 6.48 -33.71
C ALA D 532 19.85 6.03 -34.58
N ASN D 533 20.82 5.35 -33.98
CA ASN D 533 21.93 4.81 -34.74
C ASN D 533 21.44 3.83 -35.80
N GLY D 534 20.51 2.94 -35.42
CA GLY D 534 20.01 1.97 -36.39
C GLY D 534 19.25 2.60 -37.53
N LEU D 535 18.33 3.52 -37.20
CA LEU D 535 17.52 4.17 -38.24
C LEU D 535 18.38 5.02 -39.16
N ASN D 536 19.36 5.75 -38.62
CA ASN D 536 20.25 6.54 -39.46
C ASN D 536 21.07 5.63 -40.36
N GLN D 537 21.61 4.54 -39.81
CA GLN D 537 22.36 3.59 -40.61
C GLN D 537 21.52 3.06 -41.77
N LEU D 538 20.23 2.82 -41.52
CA LEU D 538 19.37 2.28 -42.57
C LEU D 538 19.01 3.33 -43.61
N TYR D 539 18.75 4.57 -43.19
CA TYR D 539 18.12 5.54 -44.06
C TYR D 539 19.05 6.59 -44.65
N PHE D 540 20.32 6.65 -44.23
CA PHE D 540 21.15 7.76 -44.70
C PHE D 540 21.48 7.68 -46.19
N TYR D 541 21.19 6.55 -46.84
CA TYR D 541 21.47 6.43 -48.27
C TYR D 541 20.50 7.26 -49.11
N TYR D 542 19.27 7.44 -48.64
CA TYR D 542 18.22 8.10 -49.42
C TYR D 542 18.06 9.57 -49.04
N GLU D 543 19.14 10.22 -48.62
CA GLU D 543 19.07 11.65 -48.29
C GLU D 543 18.84 12.46 -49.55
N THR D 544 17.91 13.42 -49.47
CA THR D 544 17.53 14.25 -50.61
C THR D 544 17.82 15.70 -50.31
N ARG D 545 18.14 16.46 -51.35
CA ARG D 545 18.43 17.88 -51.20
C ARG D 545 17.15 18.66 -50.92
N ALA D 546 17.32 19.83 -50.29
CA ALA D 546 16.18 20.67 -49.95
C ALA D 546 15.47 21.20 -51.19
N ILE D 547 16.19 21.34 -52.31
CA ILE D 547 15.57 21.81 -53.55
C ILE D 547 14.54 20.82 -54.04
N ASP D 548 14.84 19.52 -53.93
CA ASP D 548 13.92 18.48 -54.39
C ASP D 548 12.62 18.45 -53.58
N GLU D 549 12.61 19.04 -52.39
CA GLU D 549 11.42 19.03 -51.56
C GLU D 549 10.35 19.95 -52.17
N PRO D 550 9.07 19.65 -51.93
CA PRO D 550 8.00 20.42 -52.60
C PRO D 550 8.02 21.91 -52.28
N ASN D 551 8.42 22.30 -51.06
CA ASN D 551 8.40 23.70 -50.64
C ASN D 551 9.80 24.20 -50.29
N ASN D 552 10.85 23.53 -50.79
CA ASN D 552 12.23 23.85 -50.48
C ASN D 552 12.53 23.76 -48.99
N CYS D 553 11.75 22.98 -48.25
CA CYS D 553 11.93 22.79 -46.82
C CYS D 553 12.36 21.36 -46.56
N LYS D 554 13.47 21.20 -45.83
CA LYS D 554 14.01 19.90 -45.50
C LYS D 554 13.97 19.70 -43.99
N GLY D 555 13.61 18.50 -43.56
CA GLY D 555 13.53 18.15 -42.17
C GLY D 555 12.11 17.79 -41.76
N ILE D 556 11.92 17.63 -40.45
CA ILE D 556 10.62 17.22 -39.92
C ILE D 556 9.74 18.39 -39.53
N ARG D 557 10.28 19.61 -39.49
CA ARG D 557 9.50 20.79 -39.14
C ARG D 557 8.85 21.44 -40.35
N CYS D 558 8.71 20.69 -41.45
CA CYS D 558 7.99 21.15 -42.63
C CYS D 558 6.57 20.63 -42.62
N GLU D 559 5.73 21.23 -43.46
CA GLU D 559 4.33 20.79 -43.53
C GLU D 559 4.23 19.33 -43.96
N LYS D 560 5.02 18.94 -44.95
CA LYS D 560 5.22 17.54 -45.30
C LYS D 560 6.59 17.12 -44.76
N GLN D 561 6.59 16.26 -43.75
CA GLN D 561 7.84 15.84 -43.13
C GLN D 561 8.66 15.00 -44.10
N ASN D 562 9.97 15.24 -44.12
CA ASN D 562 10.87 14.54 -45.02
C ASN D 562 12.25 14.48 -44.39
N ASN D 563 13.05 13.52 -44.86
CA ASN D 563 14.40 13.30 -44.36
C ASN D 563 14.41 13.17 -42.83
N ALA D 564 13.47 12.40 -42.31
CA ALA D 564 13.36 12.25 -40.86
C ALA D 564 14.56 11.51 -40.28
N PHE D 565 15.13 10.56 -41.02
CA PHE D 565 16.22 9.73 -40.51
C PHE D 565 17.48 9.83 -41.36
N SER D 566 17.68 10.95 -42.07
CA SER D 566 18.83 11.05 -42.97
C SER D 566 20.13 11.27 -42.20
N THR D 567 20.12 12.12 -41.18
CA THR D 567 21.30 12.40 -40.37
C THR D 567 21.03 12.00 -38.93
N LEU D 568 22.12 11.79 -38.19
CA LEU D 568 21.99 11.35 -36.81
C LEU D 568 21.28 12.38 -35.95
N PHE D 569 21.60 13.67 -36.16
CA PHE D 569 20.91 14.73 -35.42
C PHE D 569 19.43 14.77 -35.76
N GLU D 570 19.11 14.71 -37.05
CA GLU D 570 17.70 14.68 -37.45
C GLU D 570 17.00 13.40 -37.00
N THR D 571 17.72 12.28 -36.98
CA THR D 571 17.12 11.04 -36.47
C THR D 571 16.82 11.16 -34.98
N LEU D 572 17.73 11.77 -34.22
CA LEU D 572 17.45 12.00 -32.79
C LEU D 572 16.22 12.88 -32.61
N GLN D 573 16.11 13.95 -33.40
CA GLN D 573 14.96 14.83 -33.29
C GLN D 573 13.66 14.12 -33.68
N SER D 574 13.71 13.30 -34.74
CA SER D 574 12.53 12.55 -35.16
C SER D 574 12.08 11.57 -34.09
N LEU D 575 13.03 10.83 -33.51
CA LEU D 575 12.68 9.87 -32.48
C LEU D 575 12.17 10.56 -31.23
N PHE D 576 12.69 11.75 -30.92
CA PHE D 576 12.15 12.52 -29.81
C PHE D 576 10.72 12.93 -30.07
N TRP D 577 10.46 13.53 -31.24
CA TRP D 577 9.10 14.00 -31.53
C TRP D 577 8.11 12.88 -31.72
N SER D 578 8.57 11.67 -32.04
CA SER D 578 7.66 10.54 -32.12
C SER D 578 7.10 10.15 -30.76
N VAL D 579 7.78 10.52 -29.67
CA VAL D 579 7.24 10.26 -28.33
C VAL D 579 5.92 10.98 -28.15
N PHE D 580 5.81 12.19 -28.70
CA PHE D 580 4.60 12.99 -28.59
C PHE D 580 3.69 12.86 -29.81
N GLY D 581 4.04 11.98 -30.74
CA GLY D 581 3.18 11.69 -31.88
C GLY D 581 3.22 12.70 -32.99
N LEU D 582 4.14 13.67 -32.96
CA LEU D 582 4.20 14.70 -33.99
C LEU D 582 4.94 14.24 -35.24
N LEU D 583 5.52 13.05 -35.24
CA LEU D 583 6.19 12.49 -36.40
C LEU D 583 5.21 11.59 -37.14
N ASN D 584 4.96 11.90 -38.41
CA ASN D 584 4.01 11.14 -39.21
C ASN D 584 4.65 9.85 -39.72
N LEU D 585 3.78 8.90 -40.11
CA LEU D 585 4.25 7.58 -40.46
C LEU D 585 4.95 7.56 -41.82
N TYR D 586 4.46 8.36 -42.78
CA TYR D 586 5.02 8.33 -44.12
C TYR D 586 6.48 8.74 -44.18
N VAL D 587 7.08 9.17 -43.06
CA VAL D 587 8.49 9.48 -43.04
C VAL D 587 9.33 8.22 -43.16
N THR D 588 8.77 7.04 -42.87
CA THR D 588 9.49 5.79 -43.08
C THR D 588 9.40 5.30 -44.51
N ASN D 589 9.06 6.17 -45.45
CA ASN D 589 8.89 5.82 -46.84
C ASN D 589 9.97 6.47 -47.68
N VAL D 590 10.45 5.76 -48.70
CA VAL D 590 11.51 6.27 -49.56
C VAL D 590 11.01 6.28 -51.00
N LYS D 591 11.63 7.16 -51.80
CA LYS D 591 11.19 7.34 -53.19
C LYS D 591 11.41 6.07 -54.02
N ALA D 592 12.51 5.38 -53.78
CA ALA D 592 12.76 4.13 -54.49
C ALA D 592 11.75 3.07 -54.05
N ARG D 593 11.65 2.02 -54.87
CA ARG D 593 10.72 0.92 -54.58
C ARG D 593 11.39 -0.19 -53.77
N HIS D 594 12.03 0.20 -52.66
CA HIS D 594 12.69 -0.73 -51.76
C HIS D 594 11.74 -1.05 -50.61
N GLU D 595 10.78 -1.94 -50.89
CA GLU D 595 9.76 -2.25 -49.90
C GLU D 595 10.34 -2.97 -48.68
N PHE D 596 11.36 -3.81 -48.87
CA PHE D 596 11.99 -4.45 -47.73
C PHE D 596 12.66 -3.42 -46.81
N THR D 597 13.37 -2.46 -47.40
CA THR D 597 14.01 -1.42 -46.60
C THR D 597 12.98 -0.58 -45.86
N GLU D 598 11.89 -0.21 -46.54
CA GLU D 598 10.84 0.57 -45.91
C GLU D 598 10.19 -0.22 -44.78
N PHE D 599 9.95 -1.51 -44.98
CA PHE D 599 9.35 -2.33 -43.93
C PHE D 599 10.28 -2.45 -42.73
N VAL D 600 11.57 -2.66 -42.98
CA VAL D 600 12.53 -2.78 -41.87
C VAL D 600 12.62 -1.48 -41.10
N GLY D 601 12.67 -0.34 -41.80
CA GLY D 601 12.68 0.94 -41.12
C GLY D 601 11.43 1.19 -40.32
N ALA D 602 10.27 0.83 -40.88
CA ALA D 602 9.02 0.97 -40.16
C ALA D 602 8.98 0.06 -38.94
N THR D 603 9.55 -1.14 -39.05
CA THR D 603 9.61 -2.05 -37.91
C THR D 603 10.51 -1.51 -36.81
N MET D 604 11.65 -0.92 -37.18
CA MET D 604 12.51 -0.28 -36.19
C MET D 604 11.78 0.86 -35.51
N PHE D 605 11.07 1.69 -36.28
CA PHE D 605 10.31 2.78 -35.71
C PHE D 605 9.21 2.27 -34.77
N GLY D 606 8.53 1.19 -35.18
CA GLY D 606 7.49 0.63 -34.34
C GLY D 606 8.02 0.01 -33.06
N THR D 607 9.17 -0.67 -33.14
CA THR D 607 9.79 -1.21 -31.94
C THR D 607 10.21 -0.09 -31.00
N TYR D 608 10.76 0.99 -31.54
CA TYR D 608 11.10 2.14 -30.71
C TYR D 608 9.86 2.70 -30.03
N ASN D 609 8.76 2.83 -30.79
CA ASN D 609 7.51 3.32 -30.21
C ASN D 609 7.05 2.42 -29.08
N VAL D 610 7.04 1.11 -29.32
CA VAL D 610 6.58 0.15 -28.31
C VAL D 610 7.40 0.28 -27.04
N ILE D 611 8.72 0.29 -27.18
CA ILE D 611 9.59 0.37 -26.01
C ILE D 611 9.38 1.68 -25.28
N SER D 612 9.54 2.80 -25.99
CA SER D 612 9.54 4.09 -25.32
C SER D 612 8.19 4.40 -24.68
N LEU D 613 7.09 4.03 -25.33
CA LEU D 613 5.78 4.42 -24.80
C LEU D 613 5.16 3.33 -23.94
N VAL D 614 5.02 2.12 -24.47
CA VAL D 614 4.30 1.07 -23.75
C VAL D 614 5.12 0.60 -22.55
N VAL D 615 6.43 0.42 -22.73
CA VAL D 615 7.26 -0.18 -21.69
C VAL D 615 7.86 0.89 -20.78
N LEU D 616 8.67 1.77 -21.36
CA LEU D 616 9.45 2.71 -20.55
C LEU D 616 8.55 3.70 -19.82
N LEU D 617 7.52 4.22 -20.49
CA LEU D 617 6.69 5.25 -19.87
C LEU D 617 5.86 4.68 -18.72
N ASN D 618 5.33 3.46 -18.88
CA ASN D 618 4.58 2.85 -17.80
C ASN D 618 5.48 2.49 -16.62
N MET D 619 6.71 2.04 -16.91
CA MET D 619 7.66 1.78 -15.84
C MET D 619 8.02 3.06 -15.10
N LEU D 620 8.14 4.16 -15.83
CA LEU D 620 8.35 5.46 -15.20
C LEU D 620 7.18 5.84 -14.30
N ILE D 621 5.96 5.59 -14.76
CA ILE D 621 4.78 5.87 -13.93
C ILE D 621 4.80 5.03 -12.66
N ALA D 622 5.15 3.75 -12.78
CA ALA D 622 5.21 2.89 -11.60
C ALA D 622 6.28 3.36 -10.62
N MET D 623 7.45 3.75 -11.14
CA MET D 623 8.51 4.27 -10.28
C MET D 623 8.05 5.53 -9.56
N MET D 624 7.39 6.44 -10.28
CA MET D 624 6.90 7.67 -9.66
C MET D 624 5.87 7.38 -8.59
N ASN D 625 4.97 6.42 -8.84
CA ASN D 625 4.01 6.02 -7.82
C ASN D 625 4.71 5.54 -6.56
N ASN D 626 5.67 4.63 -6.73
CA ASN D 626 6.36 4.08 -5.56
C ASN D 626 7.10 5.18 -4.80
N SER D 627 7.81 6.04 -5.52
CA SER D 627 8.58 7.08 -4.85
C SER D 627 7.68 8.09 -4.14
N TYR D 628 6.56 8.46 -4.77
CA TYR D 628 5.64 9.41 -4.14
C TYR D 628 5.02 8.81 -2.88
N GLN D 629 4.63 7.54 -2.94
CA GLN D 629 4.11 6.88 -1.73
C GLN D 629 5.17 6.83 -0.65
N LEU D 630 6.43 6.57 -1.03
CA LEU D 630 7.51 6.51 -0.05
C LEU D 630 7.74 7.86 0.62
N ILE D 631 7.68 8.95 -0.15
CA ILE D 631 8.04 10.26 0.37
C ILE D 631 6.84 11.03 0.90
N ALA D 632 5.63 10.48 0.80
CA ALA D 632 4.46 11.18 1.32
C ALA D 632 4.48 11.28 2.85
N ASP D 633 5.13 10.32 3.53
CA ASP D 633 5.12 10.31 4.98
C ASP D 633 5.92 11.47 5.56
N HIS D 634 7.08 11.77 4.98
CA HIS D 634 8.00 12.77 5.51
C HIS D 634 7.89 14.11 4.79
N ALA D 635 6.81 14.33 4.02
CA ALA D 635 6.68 15.56 3.26
C ALA D 635 6.59 16.78 4.17
N ASP D 636 5.88 16.65 5.30
CA ASP D 636 5.71 17.79 6.19
C ASP D 636 7.02 18.23 6.82
N ILE D 637 7.84 17.28 7.29
CA ILE D 637 9.10 17.63 7.93
C ILE D 637 10.05 18.25 6.91
N GLU D 638 10.14 17.67 5.71
CA GLU D 638 10.97 18.24 4.66
C GLU D 638 10.53 19.65 4.31
N TRP D 639 9.21 19.85 4.16
CA TRP D 639 8.70 21.17 3.82
C TRP D 639 9.01 22.17 4.92
N LYS D 640 8.85 21.77 6.18
CA LYS D 640 9.09 22.71 7.27
C LYS D 640 10.57 23.06 7.37
N PHE D 641 11.46 22.09 7.10
CA PHE D 641 12.87 22.40 7.06
C PHE D 641 13.20 23.38 5.95
N ALA D 642 12.64 23.16 4.76
CA ALA D 642 12.87 24.06 3.63
C ALA D 642 12.32 25.46 3.91
N ARG D 643 11.12 25.53 4.49
CA ARG D 643 10.53 26.82 4.82
C ARG D 643 11.31 27.53 5.91
N THR D 644 11.86 26.78 6.87
CA THR D 644 12.71 27.38 7.88
C THR D 644 13.96 27.98 7.25
N LYS D 645 14.56 27.28 6.30
CA LYS D 645 15.70 27.86 5.59
C LYS D 645 15.31 29.13 4.85
N LEU D 646 14.14 29.11 4.20
CA LEU D 646 13.67 30.31 3.49
C LEU D 646 13.48 31.47 4.46
N TRP D 647 12.85 31.20 5.60
CA TRP D 647 12.63 32.25 6.60
C TRP D 647 13.95 32.80 7.14
N MET D 648 14.90 31.90 7.43
CA MET D 648 16.20 32.33 7.94
C MET D 648 16.93 33.19 6.91
N SER D 649 16.75 32.90 5.62
CA SER D 649 17.40 33.71 4.60
C SER D 649 16.97 35.18 4.65
N TYR D 650 15.80 35.46 5.22
CA TYR D 650 15.30 36.83 5.32
C TYR D 650 15.53 37.46 6.69
N PHE D 651 16.28 36.79 7.57
CA PHE D 651 16.58 37.37 8.88
C PHE D 651 17.81 38.27 8.87
N ASP D 652 18.65 38.15 7.85
CA ASP D 652 19.93 38.87 7.83
C ASP D 652 19.74 40.32 7.38
N GLU D 653 20.64 41.18 7.83
CA GLU D 653 20.63 42.58 7.42
C GLU D 653 20.97 42.71 5.94
N GLY D 654 21.93 41.94 5.45
CA GLY D 654 22.34 42.04 4.06
C GLY D 654 21.24 41.60 3.11
N GLY D 655 21.18 42.27 1.96
CA GLY D 655 20.17 41.96 0.97
C GLY D 655 18.78 42.44 1.34
N THR D 656 18.67 43.45 2.19
CA THR D 656 17.36 43.96 2.58
C THR D 656 16.62 44.55 1.38
N LEU D 657 17.31 45.38 0.60
CA LEU D 657 16.67 46.04 -0.54
C LEU D 657 16.61 45.10 -1.74
N PRO D 658 15.44 44.87 -2.31
CA PRO D 658 15.35 44.05 -3.52
C PRO D 658 15.81 44.84 -4.74
N PRO D 659 16.12 44.17 -5.85
CA PRO D 659 16.48 44.90 -7.06
C PRO D 659 15.30 45.70 -7.57
N PRO D 660 15.55 46.87 -8.19
CA PRO D 660 16.87 47.40 -8.50
C PRO D 660 17.46 48.30 -7.41
N PHE D 661 16.80 48.37 -6.25
CA PHE D 661 17.23 49.28 -5.21
C PHE D 661 18.52 48.84 -4.52
N ASN D 662 18.99 47.61 -4.76
CA ASN D 662 20.20 47.14 -4.11
C ASN D 662 21.48 47.73 -4.71
N ILE D 663 21.40 48.30 -5.91
CA ILE D 663 22.58 48.89 -6.55
C ILE D 663 22.68 50.39 -6.34
N ILE D 664 21.62 51.05 -5.88
CA ILE D 664 21.62 52.49 -5.67
C ILE D 664 22.54 52.86 -4.51
N SER D 706 29.62 35.35 28.07
CA SER D 706 29.76 34.01 27.53
C SER D 706 29.68 32.96 28.64
N LEU D 707 30.33 33.25 29.77
CA LEU D 707 30.31 32.32 30.89
C LEU D 707 28.91 32.17 31.48
N ILE D 708 28.19 33.29 31.62
CA ILE D 708 26.84 33.22 32.16
C ILE D 708 25.90 32.51 31.17
N GLN D 709 26.10 32.76 29.87
CA GLN D 709 25.34 32.03 28.86
C GLN D 709 25.61 30.54 28.95
N ASN D 710 26.87 30.15 29.12
CA ASN D 710 27.21 28.74 29.26
C ASN D 710 26.57 28.13 30.50
N GLN D 711 26.56 28.87 31.61
CA GLN D 711 25.93 28.35 32.83
C GLN D 711 24.43 28.18 32.66
N HIS D 712 23.77 29.16 32.03
CA HIS D 712 22.33 29.03 31.77
C HIS D 712 22.05 27.84 30.86
N TYR D 713 22.86 27.67 29.82
CA TYR D 713 22.67 26.53 28.92
C TYR D 713 22.88 25.21 29.64
N GLN D 714 23.89 25.14 30.52
CA GLN D 714 24.13 23.91 31.26
C GLN D 714 22.98 23.60 32.21
N GLU D 715 22.43 24.62 32.87
CA GLU D 715 21.29 24.39 33.76
C GLU D 715 20.07 23.89 32.97
N VAL D 716 19.78 24.53 31.84
CA VAL D 716 18.66 24.10 31.01
C VAL D 716 18.88 22.68 30.49
N ILE D 717 20.13 22.36 30.12
CA ILE D 717 20.44 21.03 29.61
C ILE D 717 20.28 19.98 30.71
N ARG D 718 20.68 20.32 31.94
CA ARG D 718 20.48 19.39 33.05
C ARG D 718 19.00 19.10 33.26
N ASN D 719 18.18 20.15 33.24
CA ASN D 719 16.74 19.95 33.39
C ASN D 719 16.19 19.09 32.26
N LEU D 720 16.61 19.38 31.02
CA LEU D 720 16.12 18.61 29.87
C LEU D 720 16.55 17.15 29.97
N VAL D 721 17.78 16.90 30.40
CA VAL D 721 18.27 15.53 30.51
C VAL D 721 17.47 14.76 31.57
N LYS D 722 17.21 15.39 32.71
CA LYS D 722 16.41 14.71 33.73
C LYS D 722 15.02 14.37 33.19
N ARG D 723 14.37 15.35 32.55
CA ARG D 723 13.03 15.11 32.03
C ARG D 723 13.03 14.03 30.96
N TYR D 724 14.05 14.05 30.08
CA TYR D 724 14.12 13.05 29.02
C TYR D 724 14.33 11.65 29.57
N VAL D 725 15.21 11.51 30.57
CA VAL D 725 15.45 10.21 31.17
C VAL D 725 14.18 9.68 31.81
N ALA D 726 13.49 10.54 32.58
CA ALA D 726 12.25 10.11 33.22
C ALA D 726 11.19 9.72 32.18
N ALA D 727 11.05 10.52 31.13
CA ALA D 727 10.04 10.24 30.11
C ALA D 727 10.33 8.95 29.37
N MET D 728 11.61 8.70 29.05
CA MET D 728 11.95 7.49 28.30
C MET D 728 11.81 6.24 29.18
N ILE D 729 12.14 6.36 30.47
CA ILE D 729 11.90 5.24 31.38
C ILE D 729 10.41 4.95 31.47
N ARG D 730 9.59 5.99 31.59
CA ARG D 730 8.15 5.81 31.64
C ARG D 730 7.62 5.16 30.36
N ASN D 731 8.11 5.60 29.20
CA ASN D 731 7.66 5.03 27.93
C ASN D 731 8.08 3.56 27.80
N SER D 732 9.30 3.22 28.21
CA SER D 732 9.74 1.84 28.16
C SER D 732 8.91 0.97 29.10
N LYS D 733 8.62 1.45 30.31
CA LYS D 733 7.80 0.67 31.24
C LYS D 733 6.37 0.51 30.73
N THR D 734 5.80 1.57 30.15
CA THR D 734 4.45 1.52 29.62
C THR D 734 4.45 1.00 28.18
N THR D 739 7.29 -10.54 27.18
CA THR D 739 8.33 -11.47 26.73
C THR D 739 8.25 -12.80 27.49
N GLU D 740 8.84 -13.84 26.90
CA GLU D 740 8.87 -15.14 27.55
C GLU D 740 9.75 -15.14 28.79
N GLU D 741 10.81 -14.33 28.79
CA GLU D 741 11.71 -14.28 29.94
C GLU D 741 11.02 -13.74 31.18
N ASN D 742 10.04 -12.86 31.02
CA ASN D 742 9.27 -12.39 32.18
C ASN D 742 8.48 -13.53 32.82
N PHE D 743 7.85 -14.37 32.00
CA PHE D 743 7.14 -15.52 32.55
C PHE D 743 8.10 -16.53 33.16
N LYS D 744 9.30 -16.68 32.57
CA LYS D 744 10.30 -17.55 33.17
C LYS D 744 10.72 -17.03 34.54
N GLU D 745 10.90 -15.72 34.67
CA GLU D 745 11.25 -15.12 35.96
C GLU D 745 10.12 -15.29 36.97
N LEU D 746 8.88 -15.14 36.53
CA LEU D 746 7.74 -15.35 37.42
C LEU D 746 7.71 -16.78 37.93
N LYS D 747 7.90 -17.74 37.02
CA LYS D 747 7.96 -19.15 37.43
C LYS D 747 9.11 -19.40 38.40
N GLN D 748 10.27 -18.77 38.14
CA GLN D 748 11.41 -18.93 39.02
C GLN D 748 11.11 -18.41 40.42
N ASP D 749 10.49 -17.23 40.51
CA ASP D 749 10.13 -16.67 41.81
C ASP D 749 9.14 -17.57 42.55
N ILE D 750 8.12 -18.05 41.84
CA ILE D 750 7.12 -18.92 42.47
C ILE D 750 7.77 -20.20 42.97
N SER D 751 8.64 -20.81 42.15
CA SER D 751 9.30 -22.04 42.55
C SER D 751 10.22 -21.83 43.75
N SER D 752 10.97 -20.72 43.76
CA SER D 752 11.85 -20.44 44.90
C SER D 752 11.03 -20.26 46.17
N PHE D 753 9.93 -19.52 46.09
CA PHE D 753 9.06 -19.35 47.26
C PHE D 753 8.50 -20.70 47.72
N ARG D 754 8.10 -21.55 46.76
CA ARG D 754 7.55 -22.85 47.12
C ARG D 754 8.59 -23.71 47.83
N TYR D 755 9.81 -23.74 47.31
CA TYR D 755 10.85 -24.54 47.94
C TYR D 755 11.20 -24.00 49.33
N GLU D 756 11.24 -22.68 49.48
CA GLU D 756 11.52 -22.10 50.79
C GLU D 756 10.42 -22.47 51.80
N VAL D 757 9.16 -22.39 51.39
CA VAL D 757 8.06 -22.74 52.29
C VAL D 757 8.12 -24.21 52.66
N LEU D 758 8.33 -25.09 51.66
CA LEU D 758 8.37 -26.52 51.94
C LEU D 758 9.53 -26.88 52.86
N ASP D 759 10.68 -26.23 52.69
CA ASP D 759 11.80 -26.46 53.60
C ASP D 759 11.50 -25.96 55.00
N LEU D 760 10.88 -24.78 55.11
CA LEU D 760 10.61 -24.20 56.42
C LEU D 760 9.60 -25.04 57.20
N LEU D 761 8.53 -25.47 56.53
CA LEU D 761 7.50 -26.28 57.16
C LEU D 761 8.00 -27.68 57.47
N GLY D 762 8.16 -28.49 56.42
CA GLY D 762 8.63 -29.85 56.58
C GLY D 762 9.94 -29.92 57.35
#